data_9MU9
#
_entry.id   9MU9
#
_cell.length_a   1.00
_cell.length_b   1.00
_cell.length_c   1.00
_cell.angle_alpha   90.00
_cell.angle_beta   90.00
_cell.angle_gamma   90.00
#
_symmetry.space_group_name_H-M   'P 1'
#
loop_
_entity.id
_entity.type
_entity.pdbx_description
1 polymer RNA
2 polymer 'Template DNA'
3 polymer 'Non-template DNA'
4 polymer 'Histone H2A'
5 polymer 'Histone H2B'
6 polymer 'Histone H3'
7 polymer 'Histone H4'
8 polymer 'DNA-directed RNA polymerase II subunit RPB1'
9 polymer 'DNA-directed RNA polymerase II subunit RPB2'
10 polymer 'DNA-directed RNA polymerase II subunit RPB3'
11 polymer 'DNA-directed RNA polymerases I, II, and III subunit RPABC2'
12 polymer 'DNA-directed RNA polymerases I, II, and III subunit RPABC3'
13 polymer 'DNA-directed RNA polymerase II subunit RPB9'
14 polymer 'DNA-directed RNA polymerases I, II, and III subunit RPABC5'
15 polymer 'DNA-directed RNA polymerase II subunit RPB11'
16 polymer 'DNA-directed RNA polymerase II subunit RPB12'
17 polymer 'DNA-directed RNA polymerase II subunit RPB5'
18 non-polymer 'ZINC ION'
#
loop_
_entity_poly.entity_id
_entity_poly.type
_entity_poly.pdbx_seq_one_letter_code
_entity_poly.pdbx_strand_id
1 'polyribonucleotide' AAAAAAAAAA R
2 'polydeoxyribonucleotide'
;(DA)(DT)(DC)(DA)(DG)(DA)(DA)(DT)(DC)(DC)(DC)(DG)(DG)(DT)(DG)(DC)(DC)(DG)(DA)(DG)
(DG)(DC)(DC)(DG)(DC)(DT)(DC)(DA)(DA)(DT)(DT)(DG)(DG)(DT)(DC)(DG)(DT)(DA)(DG)(DA)
(DC)(DA)(DG)(DC)(DT)(DC)(DT)(DA)(DG)(DC)(DA)(DC)(DC)(DG)(DC)(DT)(DT)(DA)(DA)(DA)
(DC)(DG)(DC)(DA)(DC)(DG)(DT)(DA)(DC)(DG)(DC)(DG)(DC)(DT)(DG)(DT)(DC)(DC)(DC)(DC)
(DC)(DG)(DC)(DG)(DT)(DT)(DT)(DT)(DA)(DA)(DC)(DC)(DG)(DC)(DC)(DA)(DA)(DG)(DG)(DG)
(DG)(DA)(DT)(DT)(DA)(DC)(DT)(DC)(DC)(DC)(DT)(DA)(DG)(DT)(DC)(DT)(DC)(DC)(DA)(DG)
(DG)(DC)(DA)(DC)(DG)(DT)(DG)(DT)(DT)(DT)(DT)(DT)(DT)(DT)(DT)(DT)(DT)(DT)(DT)(DT)
(DT)(DT)(DT)(DT)(DT)(DT)(DT)(DT)(DT)(DT)(DT)(DT)(DT)(DT)(DT)(DT)(DC)(DC)(DT)(DT)
(DT)(DT)(DT)(DT)(DT)(DT)(DT)(DT)(DT)(DT)(DT)(DT)(DT)(DT)
;
T
3 'polydeoxyribonucleotide'
;(DA)(DA)(DA)(DA)(DA)(DA)(DA)(DA)(DA)(DA)(DA)(DA)(DA)(DA)(DA)(DA)(DA)(DA)(DA)(DA)
(DA)(DA)(DA)(DA)(DA)(DA)(DA)(DA)(DA)(DA)(DA)(DA)(DA)(DA)(DA)(DA)(DC)(DA)(DC)(DG)
(DT)(DG)(DC)(DC)(DT)(DG)(DG)(DA)(DG)(DA)(DC)(DT)(DA)(DG)(DG)(DG)(DA)(DG)(DT)(DA)
(DA)(DT)(DC)(DC)(DC)(DC)(DT)(DT)(DG)(DG)(DC)(DG)(DG)(DT)(DT)(DA)(DA)(DA)(DA)(DC)
(DG)(DC)(DG)(DG)(DG)(DG)(DG)(DA)(DC)(DA)(DG)(DC)(DG)(DC)(DG)(DT)(DA)(DC)(DG)(DT)
(DG)(DC)(DG)(DT)(DT)(DT)(DA)(DA)(DG)(DC)(DG)(DG)(DT)(DG)(DC)(DT)(DA)(DG)(DA)(DG)
(DC)(DT)(DG)(DT)(DC)(DT)(DA)(DC)(DG)(DA)(DC)(DC)(DA)(DA)(DT)(DT)(DG)(DA)(DG)(DC)
(DG)(DG)(DC)(DC)(DT)(DC)(DG)(DG)(DC)(DA)(DC)(DC)(DG)(DG)(DG)(DA)(DT)(DT)(DC)(DT)
(DG)(DA)(DT)
;
N
4 'polypeptide(L)'
;AKSRSNRAGLQFPVGRIHRLLRKGNYAERVGAGAPVYLAAVMEYLAAEVLELAGNAARDNKKTRIIPRHLQLAIRNDEEL
NKLLSGVTIAQGGVLPNIQAVLLPKK
;
g,c
5 'polypeptide(L)'
;KKRKRKESYAIYIYKVLKQVHPDTGISSKAMSIMNSFVNDIFERIAAEASRLAHYNKRSTITSREIQTAVRLLLPGELAK
HAVSEGTKAVTKYTSSK
;
h,d
6 'polypeptide(L)'
;KKPHRYRPGTVALREIRRYQKSTELLIRKLPFQRLVREIAQDFKTDLRFQSSAVMALQEASEAYLVGLFEDTNLCAIHAK
RVTIMPKDIQLARRIRGERA
;
e,a
7 'polypeptide(L)' RDNIQGITKPAIRRLARRGGVKRISGLIYEETRGVLKVFLENVIRDAVTYTEHAKRKTVTAMDVVYALKRQGRTLYGFGG f,b
8 'polypeptide(L)'
;SKAPLRQVKRVQFGILSPDEIRRMSVTEGGVQFAETMEGGRPKLGGLMDPRQGVIDRTSRCQTCAGNMTECPGHFGHIDL
AKPVFHIGFITKTIKILRCVCFYCSKMLVSPHNPKIKEIVMKSRGQPRKRLAYVYDLCKGKTICEGGEDMDLTKENQQPD
PNKKPGHGGCGHYQPSIRRTGLDLTAEWKHQNEDSQEKKIVVSAERVWEILKHITDEECFILGMDPKYARPDWMIVTVLP
VPPLAVRPAVVMFGAAKNQDDLTHKLSDIIKANNELRKNEASGAAAHVIQENIKMLQFHVATLVDNDMPGMPRAMQKSGK
PLKAIKARLKGKEGRIRGNLMGKRVDFSARTVITPDPNLRIDQVGVPRSIAQNLTFPELVTPFNIDRMQELVRRGNSQYP
GAKYIVRDNGERIDLRFHPKSSDLHLQCGYKVERHLRDDDLVIFNRQPTLHKMSMMGHRVKVLPWSTFRMNLSCTSPYNA
DFDGDEMNLHVPQSMETRAEVENIHITPRQIITPQANKPVMGIVQDTLTAVRKMTKRDVFITREQVMNLLMFLPTWDAKM
PQPCILKPRPLWTGKQIFSLIIPGNVNMIRTHSTHPDEEDEGPYKWISPGDTKVMVEHGELIMGILCKKSLGTSAGSLLH
ICFLELGHDIAGRFYGNIQTVINNWLLFEGHSIGIGDTIADPQTYNEIQQAIKKAKDDVINVIQKAHNMELEPTPGNTLR
QTFENKVNRILNDARDKTGGSAKKSLTEYNNLKAMVVSGSKGSNINISQVIACVGQQNVEGKRIPYGFRKRTLPHFIKDD
YGPESRGFVENSYLAGLTPSEFYFHAMGGREGLIDTAVKTAETGYIQRRLIKAMESVMVNYDGTVRNSVGQLIQLRYGED
GLCGELVEFQNMPTVKLSNKSFEKRFKFDWSNERLMKKVFTDDVIKEMTDSSEAIQELEAEWDRLVSDRDSLRQIFPNGE
SKVVLPCNLQRMIWNVQKIFHINKRLPTDLSPIRVIKGVKTLLERCVIVTGNDRISKQANENATLLFQCLIRSTLCTKYV
SEEFRLSTEAFEWLVGEIETRFQQAQANPGEMVGALAAQSLGEPATQMTLNTFHFAGVSSKNVTLGVPRLKEIINISKKP
KAPSLTVFLTGGAARDAEKAKNVLCRLEHTTLRKVTANTAIYYDPDPQRTVISEDQEFVNVYYEMPDFDPTRISPWLLRI
ELDRKRMTDKKLTMEQIAEKINVGFGEDLNCIFNDDNADKLVLRIRIMNNEENKFQDEDEAVDKMEDDMFLRCIEANMLS
DMTLQGIEAIGKVYMHLPQTDSKKRIVITETGEFKAIGEWLLETDGTSMMKVLSERDVDPIRTSSNDICEIFQVLGIEAV
RKSVEKEMNAVLQFYGLYVNYRHLALLCDVMTAKGHLMAITRHGINRQDTGALMRCSFEETVDVLMDAAAHAETDPMRGV
SENIIMGQLPKMGTGCFDLLLDAEKCRFGI
;
A
9 'polypeptide(L)'
;ENAEEISHELWQEACWIVINAYFDEKGLVRQQLDSFDEFIQMSVQRIVEDSPAIELQAEAQHTSGEVETPPRFSLKFEQI
YLSKPTHWEKDGSPSPMMPNEARLRNLTYSAPLYVDITKTKNVEGLDPVETQHQKTFIGKIPIMLRSTYCLLSQLTDRDL
TELNECPLDPGGYFIINGSEKVLIAQEKMATNTVYVFSMKDGKYAFKTEIRSCLEHSSRPTSTLWVNMMARGSQNIKKSA
IGQRIIAILPYIKQEIPIMIVFRALGFVADRDILEHIIYDFDDPEMMEMVKPSLDEAFVVQEQNVALNFIGARGARPGVT
KDKRIKYAKEILQKEMLPHVGVSDFCETKKAYFLGYMVHRLLLASLGRRELDDRDHYGNKRLDLAGPLLAFLFRGLFKNL
MKEVRMYTQKFIDRGKDFNLELAIKTNIITDGLRYSLATGNWGDQKKAHQARAGVSQVLNRLTFASTLSHLRRVNSPIGR
DGKLAKPRQLHNTLWGMLCPAETPEGAAVGLVKNLALMAYISVGSQPSPILEFLEEWSMENLEEIAPSAIADATKIFVNG
CWVGIHRDPEQLMATLRKLRRQMDIIVSEVSMIRDIRDREIRIYTDAGRICRPLLIVENGSLLLKKTHVEMLKERDYNNY
SWQVLVASGVVEYIDTLEEETVMIAMSPYDLKQDKDYAYCTTYTHCEIHPAMILGVCASIIPFPDHNQSPRNTYQSAMGK
QAMGVYITNFHVRMDTLAHVLYYPMKPLVTTRSMEYLRFRELPAGINSIVAILCYTGYNQEDSVILNASAVERGFFRSVF
YRSYKDSENKRVGDQEENFEKPHRGTCQGMRNAHYDKLDDDGIIAPGIRVSGDDVVIGKTITLPENDDELDSNTKRFSKR
DASTFLRNSETGIVDQVMLTLNSEGYKFCKIRVRSVRIPQIGDKFASRHGQKGTCGIQYRQEDMAFTCEGLAPDIIINPH
AIPSRMTIGHLIECLQGKLGSNKGEIGDATPFNDAVNVQKISTFLQEYGYHLRGNEVMYNGHTGRKINAQVFLGPTYYQR
LKHMVDDKIHSRARGPVQILVRQPMEGRARDGGLRFGEMERDCQISHGAAQFLRERLFEVSDPYRVHICNFCGLIAIANL
RNNTFECKGCKNKTQISQVRLPYAAKLLFQELMSMNIAPRLMVT
;
B
10 'polypeptide(L)'
;PYANQPSVQITELTDDNVKFVLEDTELSVANSLRRVFIAETPTLAIDWVQLEANSTVLSDEFLAHRIGLIPLISDDVVER
LQYTRDCICLDFCPECSVEFTLDVKCSEEQTRHVTTADLKSSNAKVLPVTSRNQGEEDNEYGESNDEILIIKLRKGQELK
LRAYAKKGFGKEHAKWNPTAGVCFEYDPDNSMRHTLYPKPDEWPKSEHTELEDDQYEAPYNWEAKPNKFFFNVESAGALK
PENIVVMGVQVLKNKLSNLQTQLSHESQN
;
C
11 'polypeptide(L)'
;GGVPKSKRITTKYMTKYERARVLGTRALQIAMCAPIMVELDGETDPLQIAMKELKQKKIPIIIRRYLPDHSYEDWSIDEL
IMVD
;
F
12 'polypeptide(L)'
;AGVLFEDIFNVKDMDPEGKKFDRVSRLHCESESFKMDLILDINSWLYPMELGDKFRLVLATTLREDGCPDSGEYNPMEHE
GTRADSFEYVMYGKIYRIEGDEAHNEASRLSAYVSFGGLLMRLQGDANNLHGFEVDQHMYLLMKRLA
;
H
13 'polypeptide(L)'
;GFVGIRFCQECNNMLYPKEDKENKILLYACRNCDYKQEADSNCIYVNKIMHEIDELTHIVPDVISDPTLPRTEDHACPKC
SHREAVFFQAQTRRAEEEMRLYYVCTNQNCTHRWTE
;
I
14 'polypeptide(L)' MIIPIRCFTCGKVIGNKWESYLGLLQAEYTEGDALDALGLKRYCCRRMLLGHVDLIEKLLNYAPLEK J
15 'polypeptide(L)'
;MNAPPTFESFLLYEGEKKIIKELDTKVTNAAIFTINKEDHTLGNMIRNQLLKDPNVLFAGYKVPHPLEHKFVIRIQTTAD
YSPQEAFMNAITDLLAELSLFEERFKDAIKEKKEGG
;
K
16 'polypeptide(L)' TAMTYICGECHHENEMRPRDPIRCRECGYRIMYKKRTKRLVVFDAR L
17 'polypeptide(L)'
;MDDEAETYKLWRIRKTIMQLSHDRGYLVTQDELDQTLEQFKEMFGDKPSEKRPARSDLIVLVAHNDDPTDQMFVFFPEEP
KIGIKTIKTYCTRMQEENIHRAIVVVQGGMTPSAKQSLVDMAPKYILEQFLESELLINITEHELVPEHVVMTVEEKQELL
SRYKLKENMLMRIQAGDPVARYFGLKRGQVVKIIRSSETAGRYISYRLVC
;
E
#
# COMPACT_ATOMS: atom_id res chain seq x y z
N ALA D 1 -14.36 -27.69 -131.12
CA ALA D 1 -15.76 -27.83 -131.48
C ALA D 1 -16.61 -26.73 -130.85
N LYS D 2 -17.11 -27.00 -129.64
CA LYS D 2 -17.93 -26.04 -128.90
C LYS D 2 -17.17 -25.58 -127.67
N SER D 3 -17.05 -24.26 -127.51
CA SER D 3 -16.40 -23.70 -126.34
C SER D 3 -17.32 -23.79 -125.12
N ARG D 4 -16.72 -23.70 -123.94
CA ARG D 4 -17.49 -23.75 -122.71
C ARG D 4 -18.27 -22.46 -122.47
N SER D 5 -17.89 -21.36 -123.12
CA SER D 5 -18.64 -20.12 -122.99
C SER D 5 -19.99 -20.22 -123.68
N ASN D 6 -20.01 -20.74 -124.91
CA ASN D 6 -21.26 -20.96 -125.61
C ASN D 6 -22.01 -22.18 -125.08
N ARG D 7 -21.32 -23.10 -124.40
CA ARG D 7 -22.00 -24.22 -123.77
C ARG D 7 -22.88 -23.75 -122.61
N ALA D 8 -22.39 -22.80 -121.82
CA ALA D 8 -23.17 -22.21 -120.74
C ALA D 8 -23.86 -20.93 -121.14
N GLY D 9 -23.69 -20.49 -122.39
CA GLY D 9 -24.34 -19.27 -122.85
C GLY D 9 -23.80 -17.98 -122.28
N LEU D 10 -22.59 -18.01 -121.72
CA LEU D 10 -22.00 -16.84 -121.11
C LEU D 10 -21.03 -16.17 -122.08
N GLN D 11 -21.06 -14.83 -122.11
CA GLN D 11 -20.17 -14.09 -122.97
C GLN D 11 -18.73 -14.15 -122.47
N PHE D 12 -18.53 -14.17 -121.16
CA PHE D 12 -17.20 -14.16 -120.58
C PHE D 12 -16.52 -15.52 -120.76
N PRO D 13 -15.20 -15.54 -120.94
CA PRO D 13 -14.52 -16.81 -121.21
C PRO D 13 -14.47 -17.72 -119.99
N VAL D 14 -14.40 -19.02 -120.25
CA VAL D 14 -14.29 -20.03 -119.21
C VAL D 14 -12.90 -20.65 -119.18
N GLY D 15 -12.29 -20.88 -120.36
CA GLY D 15 -10.97 -21.46 -120.41
C GLY D 15 -9.89 -20.54 -119.88
N ARG D 16 -10.02 -19.24 -120.15
CA ARG D 16 -9.07 -18.26 -119.62
C ARG D 16 -9.17 -18.15 -118.09
N ILE D 17 -10.40 -18.16 -117.57
CA ILE D 17 -10.60 -18.11 -116.13
C ILE D 17 -10.10 -19.38 -115.46
N HIS D 18 -10.34 -20.53 -116.09
CA HIS D 18 -9.86 -21.80 -115.56
C HIS D 18 -8.33 -21.88 -115.59
N ARG D 19 -7.71 -21.37 -116.65
CA ARG D 19 -6.24 -21.32 -116.72
C ARG D 19 -5.66 -20.38 -115.68
N LEU D 20 -6.32 -19.23 -115.46
CA LEU D 20 -5.86 -18.30 -114.43
C LEU D 20 -6.04 -18.86 -113.03
N LEU D 21 -7.08 -19.67 -112.81
CA LEU D 21 -7.27 -20.31 -111.52
C LEU D 21 -6.26 -21.43 -111.31
N ARG D 22 -5.91 -22.16 -112.38
CA ARG D 22 -4.96 -23.25 -112.25
C ARG D 22 -3.54 -22.73 -112.06
N LYS D 23 -3.15 -21.70 -112.80
CA LYS D 23 -1.79 -21.18 -112.74
C LYS D 23 -1.64 -20.03 -111.76
N GLY D 24 -2.69 -19.67 -111.04
CA GLY D 24 -2.65 -18.59 -110.08
C GLY D 24 -2.20 -18.98 -108.69
N ASN D 25 -1.79 -20.24 -108.49
CA ASN D 25 -1.37 -20.80 -107.21
C ASN D 25 -2.44 -20.64 -106.13
N TYR D 26 -3.69 -20.90 -106.50
CA TYR D 26 -4.81 -20.78 -105.57
C TYR D 26 -5.11 -22.10 -104.87
N ALA D 27 -5.21 -23.19 -105.62
CA ALA D 27 -5.48 -24.49 -105.05
C ALA D 27 -4.81 -25.56 -105.90
N GLU D 28 -4.58 -26.72 -105.27
CA GLU D 28 -4.00 -27.85 -106.00
C GLU D 28 -4.99 -28.42 -107.01
N ARG D 29 -6.25 -28.57 -106.61
CA ARG D 29 -7.30 -29.09 -107.47
C ARG D 29 -8.33 -28.01 -107.74
N VAL D 30 -8.61 -27.77 -109.02
CA VAL D 30 -9.53 -26.73 -109.45
C VAL D 30 -10.75 -27.39 -110.06
N GLY D 31 -11.94 -26.95 -109.63
CA GLY D 31 -13.17 -27.52 -110.13
C GLY D 31 -13.52 -27.08 -111.54
N ALA D 32 -14.58 -27.68 -112.07
CA ALA D 32 -15.05 -27.41 -113.41
C ALA D 32 -16.18 -26.39 -113.47
N GLY D 33 -17.15 -26.48 -112.55
CA GLY D 33 -18.24 -25.53 -112.53
C GLY D 33 -17.91 -24.20 -111.89
N ALA D 34 -16.84 -24.14 -111.10
CA ALA D 34 -16.41 -22.88 -110.50
C ALA D 34 -15.94 -21.82 -111.51
N PRO D 35 -15.16 -22.13 -112.58
CA PRO D 35 -14.95 -21.09 -113.60
C PRO D 35 -16.21 -20.63 -114.31
N VAL D 36 -17.20 -21.52 -114.51
CA VAL D 36 -18.47 -21.13 -115.09
C VAL D 36 -19.22 -20.18 -114.16
N TYR D 37 -19.20 -20.48 -112.86
CA TYR D 37 -19.80 -19.61 -111.85
C TYR D 37 -19.11 -18.24 -111.82
N LEU D 38 -17.78 -18.24 -111.88
CA LEU D 38 -17.02 -17.00 -111.86
C LEU D 38 -17.27 -16.17 -113.12
N ALA D 39 -17.36 -16.83 -114.28
CA ALA D 39 -17.67 -16.13 -115.52
C ALA D 39 -19.06 -15.53 -115.50
N ALA D 40 -20.04 -16.25 -114.94
CA ALA D 40 -21.39 -15.72 -114.82
C ALA D 40 -21.45 -14.52 -113.87
N VAL D 41 -20.73 -14.60 -112.74
CA VAL D 41 -20.68 -13.50 -111.78
C VAL D 41 -20.01 -12.27 -112.38
N MET D 42 -18.90 -12.47 -113.10
CA MET D 42 -18.22 -11.36 -113.77
C MET D 42 -19.08 -10.76 -114.86
N GLU D 43 -19.82 -11.59 -115.60
CA GLU D 43 -20.70 -11.10 -116.65
C GLU D 43 -21.84 -10.26 -116.08
N TYR D 44 -22.43 -10.70 -114.98
CA TYR D 44 -23.54 -9.94 -114.38
C TYR D 44 -23.03 -8.64 -113.74
N LEU D 45 -21.86 -8.68 -113.09
CA LEU D 45 -21.29 -7.46 -112.52
C LEU D 45 -20.93 -6.46 -113.60
N ALA D 46 -20.36 -6.95 -114.71
CA ALA D 46 -20.03 -6.09 -115.85
C ALA D 46 -21.29 -5.52 -116.47
N ALA D 47 -22.35 -6.34 -116.60
CA ALA D 47 -23.61 -5.87 -117.18
C ALA D 47 -24.27 -4.82 -116.31
N GLU D 48 -24.24 -5.00 -114.99
CA GLU D 48 -24.79 -4.00 -114.08
C GLU D 48 -24.00 -2.70 -114.12
N VAL D 49 -22.66 -2.80 -114.18
CA VAL D 49 -21.81 -1.61 -114.23
C VAL D 49 -22.04 -0.84 -115.52
N LEU D 50 -22.09 -1.54 -116.66
CA LEU D 50 -22.31 -0.84 -117.92
C LEU D 50 -23.75 -0.38 -118.06
N GLU D 51 -24.70 -1.03 -117.40
CA GLU D 51 -26.08 -0.56 -117.43
C GLU D 51 -26.23 0.74 -116.66
N LEU D 52 -25.62 0.84 -115.48
CA LEU D 52 -25.64 2.08 -114.73
C LEU D 52 -24.84 3.18 -115.44
N ALA D 53 -23.74 2.79 -116.10
CA ALA D 53 -22.96 3.75 -116.88
C ALA D 53 -23.75 4.26 -118.09
N GLY D 54 -24.51 3.38 -118.74
CA GLY D 54 -25.36 3.81 -119.84
C GLY D 54 -26.50 4.69 -119.40
N ASN D 55 -27.05 4.43 -118.20
CA ASN D 55 -28.06 5.30 -117.64
C ASN D 55 -27.48 6.69 -117.34
N ALA D 56 -26.26 6.74 -116.80
CA ALA D 56 -25.60 8.02 -116.56
C ALA D 56 -25.24 8.73 -117.86
N ALA D 57 -24.90 7.97 -118.90
CA ALA D 57 -24.54 8.57 -120.19
C ALA D 57 -25.77 9.12 -120.90
N ARG D 58 -26.89 8.39 -120.86
CA ARG D 58 -28.13 8.89 -121.42
C ARG D 58 -28.72 10.01 -120.58
N ASP D 59 -28.36 10.09 -119.30
CA ASP D 59 -28.70 11.27 -118.51
C ASP D 59 -27.94 12.49 -119.00
N ASN D 60 -26.70 12.30 -119.45
CA ASN D 60 -25.83 13.40 -119.87
C ASN D 60 -25.77 13.55 -121.38
N LYS D 61 -26.68 12.89 -122.12
CA LYS D 61 -26.80 12.98 -123.58
C LYS D 61 -25.52 12.59 -124.31
N LYS D 62 -24.87 11.53 -123.83
CA LYS D 62 -23.63 11.04 -124.41
C LYS D 62 -23.79 9.58 -124.80
N THR D 63 -23.20 9.20 -125.93
CA THR D 63 -23.22 7.82 -126.40
C THR D 63 -21.90 7.09 -126.16
N ARG D 64 -20.98 7.71 -125.42
CA ARG D 64 -19.70 7.09 -125.08
C ARG D 64 -19.51 7.19 -123.57
N ILE D 65 -19.06 6.11 -122.96
CA ILE D 65 -18.94 6.03 -121.50
C ILE D 65 -17.64 6.69 -121.09
N ILE D 66 -17.74 7.86 -120.46
CA ILE D 66 -16.60 8.56 -119.89
C ILE D 66 -16.44 8.08 -118.45
N PRO D 67 -15.27 8.23 -117.82
CA PRO D 67 -15.15 7.85 -116.40
C PRO D 67 -15.98 8.69 -115.45
N ARG D 68 -16.44 9.87 -115.85
CA ARG D 68 -17.38 10.63 -115.03
C ARG D 68 -18.72 9.92 -114.94
N HIS D 69 -19.14 9.25 -116.02
CA HIS D 69 -20.34 8.41 -115.97
C HIS D 69 -20.17 7.24 -115.02
N LEU D 70 -18.97 6.64 -115.01
CA LEU D 70 -18.68 5.56 -114.07
C LEU D 70 -18.67 6.05 -112.62
N GLN D 71 -18.17 7.27 -112.40
CA GLN D 71 -18.17 7.86 -111.06
C GLN D 71 -19.59 8.16 -110.59
N LEU D 72 -20.43 8.67 -111.49
CA LEU D 72 -21.83 8.93 -111.15
C LEU D 72 -22.64 7.65 -111.04
N ALA D 73 -22.18 6.55 -111.65
CA ALA D 73 -22.90 5.30 -111.61
C ALA D 73 -22.57 4.45 -110.39
N ILE D 74 -21.29 4.34 -110.05
CA ILE D 74 -20.86 3.47 -108.95
C ILE D 74 -21.25 4.07 -107.60
N ARG D 75 -20.95 5.36 -107.40
CA ARG D 75 -21.14 5.97 -106.10
C ARG D 75 -22.61 6.25 -105.78
N ASN D 76 -23.46 6.36 -106.79
CA ASN D 76 -24.89 6.55 -106.53
C ASN D 76 -25.55 5.26 -106.06
N ASP D 77 -25.14 4.12 -106.62
CA ASP D 77 -25.65 2.83 -106.17
C ASP D 77 -25.07 2.49 -104.81
N GLU D 78 -25.94 2.12 -103.86
CA GLU D 78 -25.48 1.89 -102.49
C GLU D 78 -24.72 0.58 -102.36
N GLU D 79 -25.03 -0.41 -103.19
CA GLU D 79 -24.29 -1.67 -103.16
C GLU D 79 -22.89 -1.49 -103.75
N LEU D 80 -22.78 -0.72 -104.83
CA LEU D 80 -21.47 -0.44 -105.42
C LEU D 80 -20.67 0.51 -104.55
N ASN D 81 -21.34 1.41 -103.83
CA ASN D 81 -20.62 2.28 -102.91
C ASN D 81 -20.14 1.52 -101.68
N LYS D 82 -20.93 0.54 -101.21
CA LYS D 82 -20.53 -0.24 -100.06
C LYS D 82 -19.42 -1.23 -100.41
N LEU D 83 -19.55 -1.92 -101.55
CA LEU D 83 -18.56 -2.91 -101.93
C LEU D 83 -17.27 -2.26 -102.41
N LEU D 84 -17.38 -1.25 -103.27
CA LEU D 84 -16.21 -0.52 -103.76
C LEU D 84 -16.05 0.77 -102.96
N SER D 85 -15.74 0.59 -101.67
CA SER D 85 -15.64 1.73 -100.77
C SER D 85 -14.32 2.49 -100.97
N GLY D 86 -13.20 1.77 -100.90
CA GLY D 86 -11.90 2.37 -101.05
C GLY D 86 -11.38 2.45 -102.47
N VAL D 87 -12.24 2.21 -103.46
CA VAL D 87 -11.82 2.19 -104.86
C VAL D 87 -11.76 3.62 -105.37
N THR D 88 -10.60 3.99 -105.93
CA THR D 88 -10.40 5.28 -106.57
C THR D 88 -10.52 5.10 -108.07
N ILE D 89 -11.43 5.86 -108.68
CA ILE D 89 -11.69 5.78 -110.12
C ILE D 89 -10.88 6.87 -110.81
N ALA D 90 -10.06 6.47 -111.78
CA ALA D 90 -9.24 7.42 -112.52
C ALA D 90 -10.11 8.29 -113.42
N GLN D 91 -9.69 9.55 -113.56
CA GLN D 91 -10.36 10.58 -114.38
C GLN D 91 -11.82 10.77 -113.96
N GLY D 92 -12.07 10.74 -112.66
CA GLY D 92 -13.42 10.89 -112.14
C GLY D 92 -13.56 12.08 -111.23
N GLY D 93 -14.35 11.92 -110.16
CA GLY D 93 -14.56 12.99 -109.21
C GLY D 93 -15.45 12.57 -108.06
N VAL D 94 -16.41 13.42 -107.70
CA VAL D 94 -17.35 13.15 -106.62
C VAL D 94 -18.77 13.39 -107.13
N LEU D 95 -19.73 12.87 -106.37
CA LEU D 95 -21.13 13.13 -106.64
C LEU D 95 -21.46 14.60 -106.35
N PRO D 96 -22.44 15.17 -107.06
CA PRO D 96 -22.86 16.54 -106.73
C PRO D 96 -23.60 16.59 -105.40
N ASN D 97 -22.94 17.09 -104.37
CA ASN D 97 -23.50 17.11 -103.02
C ASN D 97 -23.02 18.35 -102.30
N ILE D 98 -23.96 19.19 -101.88
CA ILE D 98 -23.67 20.39 -101.10
C ILE D 98 -24.45 20.28 -99.79
N GLN D 99 -23.76 20.56 -98.68
CA GLN D 99 -24.36 20.41 -97.36
C GLN D 99 -25.41 21.49 -97.12
N ALA D 100 -26.30 21.20 -96.17
CA ALA D 100 -27.45 22.07 -95.92
C ALA D 100 -27.02 23.39 -95.28
N VAL D 101 -26.07 23.36 -94.35
CA VAL D 101 -25.61 24.59 -93.72
C VAL D 101 -24.67 25.36 -94.65
N LEU D 102 -24.08 24.70 -95.64
CA LEU D 102 -23.28 25.38 -96.64
C LEU D 102 -24.11 26.01 -97.74
N LEU D 103 -25.42 25.74 -97.78
CA LEU D 103 -26.31 26.40 -98.72
C LEU D 103 -26.46 27.87 -98.35
N PRO D 104 -26.66 28.75 -99.34
CA PRO D 104 -26.89 30.16 -99.03
C PRO D 104 -28.23 30.37 -98.34
N LYS D 105 -28.25 31.30 -97.40
CA LYS D 105 -29.45 31.56 -96.62
C LYS D 105 -30.46 32.36 -97.43
N LYS D 106 -31.71 31.94 -97.38
CA LYS D 106 -32.78 32.61 -98.11
C LYS D 106 -33.46 33.64 -97.24
N ALA E 1 18.86 -36.57 -88.37
CA ALA E 1 20.14 -36.56 -87.66
C ALA E 1 20.41 -35.20 -87.03
N LYS E 2 20.57 -34.19 -87.86
CA LYS E 2 20.83 -32.83 -87.42
C LYS E 2 19.74 -31.91 -87.94
N SER E 3 19.12 -31.16 -87.04
CA SER E 3 18.03 -30.27 -87.43
C SER E 3 18.57 -29.03 -88.15
N ARG E 4 17.74 -28.47 -89.02
CA ARG E 4 18.11 -27.25 -89.72
C ARG E 4 17.93 -26.00 -88.86
N SER E 5 17.24 -26.10 -87.73
CA SER E 5 17.04 -24.95 -86.86
C SER E 5 18.34 -24.56 -86.16
N ASN E 6 19.04 -25.54 -85.58
CA ASN E 6 20.28 -25.26 -84.89
C ASN E 6 21.43 -25.01 -85.87
N ARG E 7 21.36 -25.59 -87.07
CA ARG E 7 22.35 -25.29 -88.09
C ARG E 7 22.22 -23.87 -88.61
N ALA E 8 21.01 -23.34 -88.62
CA ALA E 8 20.79 -21.93 -88.96
C ALA E 8 21.00 -21.00 -87.77
N GLY E 9 21.28 -21.54 -86.59
CA GLY E 9 21.49 -20.74 -85.41
C GLY E 9 20.23 -20.29 -84.70
N LEU E 10 19.06 -20.67 -85.20
CA LEU E 10 17.80 -20.28 -84.61
C LEU E 10 17.30 -21.41 -83.71
N GLN E 11 16.06 -21.28 -83.21
CA GLN E 11 15.44 -22.32 -82.41
C GLN E 11 14.07 -22.75 -82.93
N PHE E 12 13.40 -21.93 -83.74
CA PHE E 12 12.09 -22.28 -84.27
C PHE E 12 12.24 -23.33 -85.37
N PRO E 13 11.24 -24.23 -85.51
CA PRO E 13 11.37 -25.31 -86.51
C PRO E 13 11.33 -24.81 -87.95
N VAL E 14 12.48 -24.86 -88.62
CA VAL E 14 12.57 -24.47 -90.02
C VAL E 14 11.82 -25.46 -90.90
N GLY E 15 11.85 -26.75 -90.53
CA GLY E 15 11.16 -27.76 -91.30
C GLY E 15 9.64 -27.60 -91.26
N ARG E 16 9.11 -27.23 -90.09
CA ARG E 16 7.67 -26.99 -89.97
C ARG E 16 7.23 -25.79 -90.78
N ILE E 17 8.03 -24.72 -90.76
CA ILE E 17 7.72 -23.51 -91.53
C ILE E 17 7.81 -23.79 -93.03
N HIS E 18 8.81 -24.57 -93.44
CA HIS E 18 8.97 -24.94 -94.84
C HIS E 18 7.82 -25.86 -95.31
N ARG E 19 7.39 -26.77 -94.44
CA ARG E 19 6.25 -27.63 -94.77
C ARG E 19 4.96 -26.83 -94.87
N LEU E 20 4.77 -25.85 -93.99
CA LEU E 20 3.60 -24.98 -94.06
C LEU E 20 3.63 -24.11 -95.30
N LEU E 21 4.80 -23.65 -95.72
CA LEU E 21 4.90 -22.85 -96.93
C LEU E 21 4.74 -23.68 -98.19
N ARG E 22 5.11 -24.97 -98.13
CA ARG E 22 5.07 -25.81 -99.33
C ARG E 22 3.63 -26.18 -99.70
N LYS E 23 2.82 -26.58 -98.72
CA LYS E 23 1.44 -26.94 -98.96
C LYS E 23 0.48 -25.80 -98.65
N GLY E 24 1.00 -24.61 -98.32
CA GLY E 24 0.16 -23.45 -98.18
C GLY E 24 -0.23 -22.78 -99.48
N ASN E 25 0.31 -23.29 -100.60
CA ASN E 25 0.00 -22.86 -101.96
C ASN E 25 0.29 -21.36 -102.17
N TYR E 26 1.55 -21.00 -101.88
CA TYR E 26 2.03 -19.66 -102.13
C TYR E 26 2.91 -19.56 -103.37
N ALA E 27 3.61 -20.64 -103.71
CA ALA E 27 4.44 -20.70 -104.92
C ALA E 27 4.59 -22.15 -105.32
N GLU E 28 5.02 -22.35 -106.58
CA GLU E 28 5.28 -23.70 -107.06
C GLU E 28 6.53 -24.29 -106.40
N ARG E 29 7.59 -23.50 -106.31
CA ARG E 29 8.83 -23.91 -105.67
C ARG E 29 9.13 -22.97 -104.51
N VAL E 30 9.61 -23.54 -103.40
CA VAL E 30 9.96 -22.78 -102.22
C VAL E 30 11.47 -22.89 -102.01
N GLY E 31 12.12 -21.75 -101.81
CA GLY E 31 13.55 -21.72 -101.61
C GLY E 31 13.94 -22.20 -100.22
N ALA E 32 15.26 -22.28 -100.02
CA ALA E 32 15.80 -22.76 -98.76
C ALA E 32 15.99 -21.65 -97.73
N GLY E 33 16.51 -20.50 -98.15
CA GLY E 33 16.77 -19.41 -97.23
C GLY E 33 15.57 -18.58 -96.84
N ALA E 34 14.49 -18.67 -97.64
CA ALA E 34 13.27 -17.91 -97.31
C ALA E 34 12.59 -18.37 -96.01
N PRO E 35 12.37 -19.68 -95.74
CA PRO E 35 11.83 -20.01 -94.41
C PRO E 35 12.79 -19.74 -93.26
N VAL E 36 14.10 -19.78 -93.51
CA VAL E 36 15.07 -19.41 -92.49
C VAL E 36 14.96 -17.92 -92.15
N TYR E 37 14.84 -17.08 -93.17
CA TYR E 37 14.64 -15.65 -92.96
C TYR E 37 13.31 -15.37 -92.28
N LEU E 38 12.26 -16.11 -92.64
CA LEU E 38 10.95 -15.97 -91.99
C LEU E 38 11.04 -16.34 -90.52
N ALA E 39 11.73 -17.43 -90.21
CA ALA E 39 11.89 -17.87 -88.82
C ALA E 39 12.70 -16.86 -88.02
N ALA E 40 13.73 -16.28 -88.63
CA ALA E 40 14.51 -15.23 -87.96
C ALA E 40 13.68 -13.99 -87.68
N VAL E 41 12.84 -13.58 -88.64
CA VAL E 41 12.01 -12.39 -88.47
C VAL E 41 10.96 -12.61 -87.39
N MET E 42 10.27 -13.75 -87.42
CA MET E 42 9.26 -14.00 -86.39
C MET E 42 9.89 -14.28 -85.04
N GLU E 43 11.12 -14.81 -85.00
CA GLU E 43 11.81 -14.99 -83.73
C GLU E 43 12.22 -13.64 -83.13
N TYR E 44 12.67 -12.70 -83.96
CA TYR E 44 12.97 -11.36 -83.46
C TYR E 44 11.71 -10.65 -82.98
N LEU E 45 10.60 -10.80 -83.71
CA LEU E 45 9.33 -10.20 -83.29
C LEU E 45 8.84 -10.82 -81.99
N ALA E 46 8.98 -12.14 -81.84
CA ALA E 46 8.59 -12.82 -80.61
C ALA E 46 9.47 -12.39 -79.44
N ALA E 47 10.78 -12.23 -79.68
CA ALA E 47 11.68 -11.76 -78.63
C ALA E 47 11.35 -10.34 -78.19
N GLU E 48 11.03 -9.46 -79.15
CA GLU E 48 10.66 -8.08 -78.81
C GLU E 48 9.34 -8.03 -78.04
N VAL E 49 8.35 -8.81 -78.48
CA VAL E 49 7.04 -8.85 -77.81
C VAL E 49 7.19 -9.42 -76.40
N LEU E 50 7.97 -10.48 -76.25
CA LEU E 50 8.13 -11.11 -74.94
C LEU E 50 8.99 -10.26 -74.00
N GLU E 51 9.97 -9.53 -74.52
CA GLU E 51 10.75 -8.65 -73.64
C GLU E 51 9.95 -7.42 -73.23
N LEU E 52 9.07 -6.91 -74.10
CA LEU E 52 8.18 -5.83 -73.67
C LEU E 52 7.13 -6.34 -72.69
N ALA E 53 6.69 -7.59 -72.86
CA ALA E 53 5.79 -8.21 -71.89
C ALA E 53 6.47 -8.41 -70.55
N GLY E 54 7.76 -8.75 -70.55
CA GLY E 54 8.51 -8.82 -69.31
C GLY E 54 8.72 -7.47 -68.65
N ASN E 55 8.90 -6.41 -69.47
CA ASN E 55 8.91 -5.04 -68.96
C ASN E 55 7.60 -4.72 -68.23
N ALA E 56 6.47 -5.00 -68.89
CA ALA E 56 5.16 -4.75 -68.29
C ALA E 56 4.89 -5.66 -67.09
N ALA E 57 5.49 -6.84 -67.06
CA ALA E 57 5.32 -7.75 -65.93
C ALA E 57 6.11 -7.27 -64.73
N ARG E 58 7.31 -6.73 -64.93
CA ARG E 58 8.04 -6.19 -63.80
C ARG E 58 7.59 -4.77 -63.44
N ASP E 59 6.76 -4.14 -64.27
CA ASP E 59 6.13 -2.89 -63.84
C ASP E 59 5.14 -3.11 -62.70
N ASN E 60 4.36 -4.19 -62.76
CA ASN E 60 3.31 -4.44 -61.77
C ASN E 60 3.65 -5.61 -60.84
N LYS E 61 4.94 -5.98 -60.77
CA LYS E 61 5.47 -6.99 -59.84
C LYS E 61 4.81 -8.36 -60.02
N LYS E 62 4.75 -8.82 -61.26
CA LYS E 62 4.18 -10.12 -61.59
C LYS E 62 5.25 -11.02 -62.18
N THR E 63 5.38 -12.22 -61.63
CA THR E 63 6.33 -13.21 -62.12
C THR E 63 5.75 -14.10 -63.21
N ARG E 64 4.51 -13.85 -63.62
CA ARG E 64 3.88 -14.60 -64.70
C ARG E 64 3.29 -13.60 -65.69
N ILE E 65 3.61 -13.78 -66.97
CA ILE E 65 3.17 -12.85 -68.00
C ILE E 65 1.73 -13.16 -68.38
N ILE E 66 0.85 -12.17 -68.24
CA ILE E 66 -0.56 -12.29 -68.55
C ILE E 66 -0.83 -11.48 -69.81
N PRO E 67 -1.95 -11.68 -70.52
CA PRO E 67 -2.28 -10.81 -71.66
C PRO E 67 -2.53 -9.36 -71.32
N ARG E 68 -2.71 -9.00 -70.04
CA ARG E 68 -2.70 -7.59 -69.65
C ARG E 68 -1.33 -6.96 -69.92
N HIS E 69 -0.26 -7.71 -69.65
CA HIS E 69 1.08 -7.24 -69.98
C HIS E 69 1.25 -7.11 -71.49
N LEU E 70 0.68 -8.05 -72.26
CA LEU E 70 0.73 -7.97 -73.71
C LEU E 70 -0.04 -6.77 -74.25
N GLN E 71 -1.19 -6.47 -73.63
CA GLN E 71 -1.97 -5.31 -74.05
C GLN E 71 -1.26 -4.00 -73.70
N LEU E 72 -0.66 -3.93 -72.51
CA LEU E 72 0.06 -2.72 -72.13
C LEU E 72 1.39 -2.58 -72.87
N ALA E 73 1.94 -3.67 -73.40
CA ALA E 73 3.22 -3.64 -74.09
C ALA E 73 3.09 -3.57 -75.61
N ILE E 74 1.90 -3.84 -76.16
CA ILE E 74 1.70 -3.72 -77.60
C ILE E 74 1.20 -2.35 -78.00
N ARG E 75 0.77 -1.52 -77.05
CA ARG E 75 0.22 -0.21 -77.34
C ARG E 75 1.12 0.95 -76.92
N ASN E 76 2.02 0.75 -75.96
CA ASN E 76 2.94 1.81 -75.58
C ASN E 76 3.99 2.05 -76.67
N ASP E 77 4.42 0.99 -77.34
CA ASP E 77 5.35 1.14 -78.46
C ASP E 77 4.63 1.72 -79.66
N GLU E 78 5.20 2.79 -80.22
CA GLU E 78 4.59 3.44 -81.37
C GLU E 78 4.69 2.58 -82.62
N GLU E 79 5.82 1.90 -82.81
CA GLU E 79 6.01 1.08 -84.00
C GLU E 79 5.13 -0.17 -83.97
N LEU E 80 5.01 -0.82 -82.81
CA LEU E 80 4.17 -1.99 -82.71
C LEU E 80 2.69 -1.65 -82.81
N ASN E 81 2.30 -0.47 -82.31
CA ASN E 81 0.92 -0.02 -82.47
C ASN E 81 0.64 0.38 -83.92
N LYS E 82 1.65 0.91 -84.62
CA LYS E 82 1.50 1.21 -86.04
C LYS E 82 1.36 -0.06 -86.87
N LEU E 83 2.15 -1.09 -86.54
CA LEU E 83 2.04 -2.36 -87.24
C LEU E 83 0.74 -3.08 -86.87
N LEU E 84 0.43 -3.14 -85.57
CA LEU E 84 -0.80 -3.77 -85.09
C LEU E 84 -1.78 -2.66 -84.73
N SER E 85 -2.48 -2.17 -85.74
CA SER E 85 -3.42 -1.06 -85.57
C SER E 85 -4.83 -1.56 -85.22
N GLY E 86 -5.40 -2.40 -86.07
CA GLY E 86 -6.73 -2.91 -85.84
C GLY E 86 -6.75 -4.24 -85.11
N VAL E 87 -5.64 -4.56 -84.45
CA VAL E 87 -5.51 -5.83 -83.76
C VAL E 87 -6.21 -5.74 -82.41
N THR E 88 -7.13 -6.68 -82.16
CA THR E 88 -7.86 -6.77 -80.91
C THR E 88 -7.26 -7.88 -80.05
N ILE E 89 -6.99 -7.57 -78.79
CA ILE E 89 -6.39 -8.51 -77.86
C ILE E 89 -7.48 -9.01 -76.92
N ALA E 90 -7.62 -10.34 -76.81
CA ALA E 90 -8.59 -10.93 -75.91
C ALA E 90 -8.18 -10.67 -74.46
N GLN E 91 -9.19 -10.40 -73.62
CA GLN E 91 -9.03 -9.98 -72.22
C GLN E 91 -8.11 -8.77 -72.10
N GLY E 92 -8.27 -7.83 -73.02
CA GLY E 92 -7.46 -6.63 -73.09
C GLY E 92 -8.20 -5.40 -72.60
N GLY E 93 -7.95 -4.28 -73.28
CA GLY E 93 -8.59 -3.03 -72.94
C GLY E 93 -7.95 -1.84 -73.62
N VAL E 94 -7.80 -0.75 -72.89
CA VAL E 94 -7.17 0.46 -73.40
C VAL E 94 -6.10 0.91 -72.41
N LEU E 95 -5.18 1.73 -72.90
CA LEU E 95 -4.17 2.33 -72.04
C LEU E 95 -4.80 3.33 -71.10
N PRO E 96 -4.22 3.53 -69.91
CA PRO E 96 -4.72 4.60 -69.03
C PRO E 96 -4.39 5.97 -69.58
N ASN E 97 -5.40 6.66 -70.11
CA ASN E 97 -5.20 7.96 -70.74
C ASN E 97 -6.44 8.81 -70.48
N ILE E 98 -6.21 10.06 -70.13
CA ILE E 98 -7.27 11.01 -69.87
C ILE E 98 -6.92 12.32 -70.57
N GLN E 99 -7.91 12.91 -71.24
CA GLN E 99 -7.70 14.16 -71.96
C GLN E 99 -7.54 15.32 -70.98
N ALA E 100 -6.96 16.41 -71.49
CA ALA E 100 -6.65 17.57 -70.64
C ALA E 100 -7.91 18.32 -70.22
N VAL E 101 -8.93 18.35 -71.09
CA VAL E 101 -10.16 19.05 -70.74
C VAL E 101 -11.01 18.23 -69.76
N LEU E 102 -10.76 16.92 -69.66
CA LEU E 102 -11.47 16.09 -68.70
C LEU E 102 -10.87 16.18 -67.29
N LEU E 103 -9.71 16.80 -67.14
CA LEU E 103 -9.11 16.96 -65.82
C LEU E 103 -9.89 17.99 -65.02
N PRO E 104 -10.01 17.80 -63.69
CA PRO E 104 -10.66 18.82 -62.87
C PRO E 104 -9.81 20.08 -62.76
N LYS E 105 -10.49 21.21 -62.58
CA LYS E 105 -9.81 22.50 -62.51
C LYS E 105 -9.57 22.92 -61.06
N LYS F 1 6.91 -7.14 -136.38
CA LYS F 1 7.50 -7.66 -135.15
C LYS F 1 6.70 -7.22 -133.93
N LYS F 2 5.77 -8.07 -133.50
CA LYS F 2 4.96 -7.77 -132.33
C LYS F 2 5.79 -7.92 -131.06
N ARG F 3 5.38 -7.19 -130.02
CA ARG F 3 6.09 -7.22 -128.75
C ARG F 3 5.70 -8.44 -127.93
N LYS F 4 4.43 -8.54 -127.55
CA LYS F 4 3.95 -9.63 -126.73
C LYS F 4 2.46 -9.81 -126.94
N ARG F 5 1.95 -10.95 -126.49
CA ARG F 5 0.52 -11.25 -126.53
C ARG F 5 -0.05 -10.96 -125.14
N LYS F 6 -0.77 -9.86 -125.02
CA LYS F 6 -1.31 -9.44 -123.74
C LYS F 6 -2.58 -10.22 -123.42
N GLU F 7 -3.12 -9.98 -122.22
CA GLU F 7 -4.36 -10.59 -121.78
C GLU F 7 -5.32 -9.51 -121.32
N SER F 8 -6.51 -9.48 -121.91
CA SER F 8 -7.52 -8.48 -121.58
C SER F 8 -8.88 -9.02 -121.94
N TYR F 9 -9.92 -8.27 -121.58
CA TYR F 9 -11.29 -8.66 -121.87
C TYR F 9 -11.97 -7.61 -122.74
N ALA F 10 -11.26 -7.13 -123.78
CA ALA F 10 -11.80 -6.05 -124.61
C ALA F 10 -12.97 -6.52 -125.46
N ILE F 11 -12.98 -7.81 -125.83
CA ILE F 11 -14.06 -8.31 -126.67
C ILE F 11 -15.29 -8.65 -125.85
N TYR F 12 -15.09 -9.22 -124.66
CA TYR F 12 -16.21 -9.75 -123.87
C TYR F 12 -17.06 -8.62 -123.27
N ILE F 13 -16.40 -7.60 -122.72
CA ILE F 13 -17.11 -6.48 -122.13
C ILE F 13 -17.84 -5.68 -123.21
N TYR F 14 -17.22 -5.55 -124.39
CA TYR F 14 -17.91 -4.92 -125.52
C TYR F 14 -19.09 -5.75 -126.00
N LYS F 15 -18.97 -7.08 -125.95
CA LYS F 15 -20.08 -7.95 -126.33
C LYS F 15 -21.26 -7.80 -125.36
N VAL F 16 -20.98 -7.73 -124.06
CA VAL F 16 -22.05 -7.52 -123.09
C VAL F 16 -22.63 -6.11 -123.23
N LEU F 17 -21.78 -5.13 -123.56
CA LEU F 17 -22.23 -3.76 -123.80
C LEU F 17 -23.19 -3.68 -124.98
N LYS F 18 -22.83 -4.33 -126.09
CA LYS F 18 -23.73 -4.35 -127.24
C LYS F 18 -24.94 -5.24 -127.02
N GLN F 19 -24.84 -6.21 -126.09
CA GLN F 19 -26.01 -6.98 -125.69
C GLN F 19 -27.02 -6.12 -124.95
N VAL F 20 -26.55 -5.24 -124.07
CA VAL F 20 -27.46 -4.45 -123.25
C VAL F 20 -27.76 -3.11 -123.92
N HIS F 21 -26.72 -2.34 -124.26
CA HIS F 21 -26.87 -1.01 -124.84
C HIS F 21 -26.22 -1.00 -126.22
N PRO F 22 -26.96 -1.30 -127.28
CA PRO F 22 -26.35 -1.40 -128.62
C PRO F 22 -25.93 -0.06 -129.21
N ASP F 23 -26.43 1.06 -128.68
CA ASP F 23 -26.13 2.38 -129.22
C ASP F 23 -25.13 3.15 -128.37
N THR F 24 -24.46 2.48 -127.43
CA THR F 24 -23.54 3.15 -126.51
C THR F 24 -22.13 2.65 -126.75
N GLY F 25 -21.20 3.58 -126.99
CA GLY F 25 -19.80 3.27 -127.11
C GLY F 25 -19.07 3.42 -125.78
N ILE F 26 -17.76 3.19 -125.83
CA ILE F 26 -16.92 3.28 -124.64
C ILE F 26 -15.51 3.64 -125.08
N SER F 27 -14.78 4.32 -124.20
CA SER F 27 -13.42 4.75 -124.49
C SER F 27 -12.40 3.72 -123.99
N SER F 28 -11.15 3.91 -124.42
CA SER F 28 -10.09 3.00 -124.03
C SER F 28 -9.66 3.19 -122.58
N LYS F 29 -9.76 4.41 -122.06
CA LYS F 29 -9.49 4.64 -120.64
C LYS F 29 -10.51 3.94 -119.77
N ALA F 30 -11.79 4.01 -120.14
CA ALA F 30 -12.82 3.27 -119.43
C ALA F 30 -12.66 1.76 -119.63
N MET F 31 -12.14 1.34 -120.78
CA MET F 31 -11.80 -0.06 -120.98
C MET F 31 -10.71 -0.53 -120.02
N SER F 32 -9.68 0.30 -119.83
CA SER F 32 -8.62 -0.05 -118.89
C SER F 32 -9.12 -0.07 -117.45
N ILE F 33 -9.98 0.90 -117.09
CA ILE F 33 -10.57 0.94 -115.75
C ILE F 33 -11.44 -0.29 -115.51
N MET F 34 -12.24 -0.67 -116.51
CA MET F 34 -13.12 -1.83 -116.38
C MET F 34 -12.34 -3.13 -116.32
N ASN F 35 -11.24 -3.23 -117.09
CA ASN F 35 -10.39 -4.41 -117.05
C ASN F 35 -9.68 -4.53 -115.71
N SER F 36 -9.24 -3.40 -115.15
CA SER F 36 -8.64 -3.42 -113.81
C SER F 36 -9.65 -3.81 -112.75
N PHE F 37 -10.90 -3.34 -112.89
CA PHE F 37 -11.97 -3.73 -111.98
C PHE F 37 -12.26 -5.22 -112.03
N VAL F 38 -12.34 -5.77 -113.26
CA VAL F 38 -12.61 -7.20 -113.44
C VAL F 38 -11.47 -8.04 -112.87
N ASN F 39 -10.22 -7.63 -113.13
CA ASN F 39 -9.06 -8.35 -112.62
C ASN F 39 -8.99 -8.29 -111.10
N ASP F 40 -9.31 -7.13 -110.51
CA ASP F 40 -9.25 -6.99 -109.05
C ASP F 40 -10.33 -7.81 -108.36
N ILE F 41 -11.56 -7.78 -108.88
CA ILE F 41 -12.63 -8.58 -108.27
C ILE F 41 -12.38 -10.07 -108.48
N PHE F 42 -11.79 -10.44 -109.63
CA PHE F 42 -11.39 -11.82 -109.86
C PHE F 42 -10.32 -12.27 -108.87
N GLU F 43 -9.34 -11.40 -108.59
CA GLU F 43 -8.31 -11.71 -107.60
C GLU F 43 -8.90 -11.83 -106.19
N ARG F 44 -9.87 -10.97 -105.87
CA ARG F 44 -10.53 -11.03 -104.57
C ARG F 44 -11.30 -12.33 -104.39
N ILE F 45 -12.05 -12.73 -105.42
CA ILE F 45 -12.84 -13.97 -105.35
C ILE F 45 -11.93 -15.20 -105.33
N ALA F 46 -10.83 -15.15 -106.10
CA ALA F 46 -9.88 -16.26 -106.09
C ALA F 46 -9.17 -16.40 -104.75
N ALA F 47 -8.80 -15.28 -104.13
CA ALA F 47 -8.19 -15.31 -102.81
C ALA F 47 -9.18 -15.80 -101.75
N GLU F 48 -10.44 -15.38 -101.86
CA GLU F 48 -11.47 -15.85 -100.93
C GLU F 48 -11.71 -17.34 -101.09
N ALA F 49 -11.71 -17.84 -102.33
CA ALA F 49 -11.91 -19.26 -102.59
C ALA F 49 -10.73 -20.09 -102.08
N SER F 50 -9.51 -19.59 -102.27
CA SER F 50 -8.33 -20.29 -101.75
C SER F 50 -8.32 -20.30 -100.22
N ARG F 51 -8.68 -19.18 -99.59
CA ARG F 51 -8.75 -19.11 -98.14
C ARG F 51 -9.87 -19.99 -97.59
N LEU F 52 -10.97 -20.12 -98.32
CA LEU F 52 -12.04 -21.00 -97.88
C LEU F 52 -11.70 -22.47 -98.09
N ALA F 53 -10.92 -22.79 -99.13
CA ALA F 53 -10.43 -24.15 -99.31
C ALA F 53 -9.45 -24.53 -98.20
N HIS F 54 -8.58 -23.60 -97.81
CA HIS F 54 -7.70 -23.83 -96.67
C HIS F 54 -8.46 -23.81 -95.35
N TYR F 55 -9.64 -23.17 -95.32
CA TYR F 55 -10.46 -23.14 -94.12
C TYR F 55 -11.07 -24.50 -93.81
N ASN F 56 -11.42 -25.27 -94.84
CA ASN F 56 -11.97 -26.60 -94.67
C ASN F 56 -10.90 -27.68 -94.77
N LYS F 57 -9.62 -27.30 -94.78
CA LYS F 57 -8.47 -28.21 -94.96
C LYS F 57 -8.59 -29.02 -96.24
N ARG F 58 -9.01 -28.36 -97.32
CA ARG F 58 -9.28 -29.01 -98.59
C ARG F 58 -8.37 -28.47 -99.67
N SER F 59 -7.91 -29.37 -100.54
CA SER F 59 -7.08 -29.02 -101.68
C SER F 59 -7.89 -28.85 -102.96
N THR F 60 -9.22 -28.95 -102.87
CA THR F 60 -10.09 -28.87 -104.04
C THR F 60 -11.09 -27.75 -103.83
N ILE F 61 -11.23 -26.89 -104.84
CA ILE F 61 -12.23 -25.83 -104.84
C ILE F 61 -13.37 -26.28 -105.74
N THR F 62 -14.56 -26.42 -105.16
CA THR F 62 -15.76 -26.79 -105.89
C THR F 62 -16.61 -25.55 -106.14
N SER F 63 -17.81 -25.76 -106.67
CA SER F 63 -18.74 -24.65 -106.88
C SER F 63 -19.30 -24.11 -105.57
N ARG F 64 -19.33 -24.92 -104.52
CA ARG F 64 -19.86 -24.46 -103.24
C ARG F 64 -18.94 -23.44 -102.58
N GLU F 65 -17.63 -23.57 -102.78
CA GLU F 65 -16.68 -22.60 -102.24
C GLU F 65 -16.86 -21.23 -102.87
N ILE F 66 -17.02 -21.18 -104.19
CA ILE F 66 -17.25 -19.89 -104.84
C ILE F 66 -18.68 -19.39 -104.60
N GLN F 67 -19.64 -20.29 -104.33
CA GLN F 67 -20.96 -19.87 -103.86
C GLN F 67 -20.87 -19.13 -102.53
N THR F 68 -20.11 -19.70 -101.59
CA THR F 68 -19.93 -19.06 -100.29
C THR F 68 -19.13 -17.77 -100.42
N ALA F 69 -18.14 -17.74 -101.32
CA ALA F 69 -17.35 -16.53 -101.53
C ALA F 69 -18.19 -15.40 -102.11
N VAL F 70 -19.10 -15.72 -103.03
CA VAL F 70 -20.00 -14.70 -103.57
C VAL F 70 -21.00 -14.25 -102.50
N ARG F 71 -21.49 -15.19 -101.68
CA ARG F 71 -22.41 -14.84 -100.60
C ARG F 71 -21.75 -13.98 -99.53
N LEU F 72 -20.45 -14.12 -99.33
CA LEU F 72 -19.75 -13.34 -98.31
C LEU F 72 -19.28 -11.99 -98.83
N LEU F 73 -18.63 -11.97 -100.01
CA LEU F 73 -18.02 -10.73 -100.50
C LEU F 73 -19.06 -9.74 -101.00
N LEU F 74 -20.11 -10.22 -101.64
CA LEU F 74 -21.11 -9.29 -102.19
C LEU F 74 -22.24 -9.08 -101.19
N PRO F 75 -22.57 -7.84 -100.84
CA PRO F 75 -23.76 -7.57 -100.04
C PRO F 75 -24.98 -7.32 -100.92
N GLY F 76 -26.12 -7.17 -100.26
CA GLY F 76 -27.35 -6.83 -100.95
C GLY F 76 -27.94 -7.99 -101.74
N GLU F 77 -28.88 -7.63 -102.62
CA GLU F 77 -29.58 -8.59 -103.46
C GLU F 77 -28.74 -9.08 -104.62
N LEU F 78 -27.61 -8.43 -104.92
CA LEU F 78 -26.74 -8.88 -105.99
C LEU F 78 -26.10 -10.22 -105.66
N ALA F 79 -25.89 -10.51 -104.37
CA ALA F 79 -25.35 -11.79 -103.96
C ALA F 79 -26.30 -12.94 -104.28
N LYS F 80 -27.58 -12.79 -103.93
CA LYS F 80 -28.53 -13.85 -104.23
C LYS F 80 -28.88 -13.91 -105.70
N HIS F 81 -28.80 -12.78 -106.41
CA HIS F 81 -28.94 -12.79 -107.87
C HIS F 81 -27.81 -13.56 -108.52
N ALA F 82 -26.57 -13.36 -108.05
CA ALA F 82 -25.44 -14.11 -108.57
C ALA F 82 -25.51 -15.58 -108.19
N VAL F 83 -26.06 -15.89 -107.00
CA VAL F 83 -26.25 -17.28 -106.60
C VAL F 83 -27.26 -17.97 -107.52
N SER F 84 -28.37 -17.31 -107.82
CA SER F 84 -29.40 -17.88 -108.68
C SER F 84 -28.88 -18.08 -110.11
N GLU F 85 -28.19 -17.06 -110.66
CA GLU F 85 -27.66 -17.19 -112.00
C GLU F 85 -26.52 -18.20 -112.07
N GLY F 86 -25.76 -18.38 -110.98
CA GLY F 86 -24.72 -19.38 -110.99
C GLY F 86 -25.24 -20.78 -110.88
N THR F 87 -26.30 -20.98 -110.10
CA THR F 87 -26.95 -22.29 -110.05
C THR F 87 -27.56 -22.66 -111.38
N LYS F 88 -28.25 -21.71 -112.03
CA LYS F 88 -28.84 -22.04 -113.33
C LYS F 88 -27.77 -22.20 -114.41
N ALA F 89 -26.63 -21.49 -114.29
CA ALA F 89 -25.53 -21.69 -115.21
C ALA F 89 -24.88 -23.06 -115.03
N VAL F 90 -24.76 -23.52 -113.79
CA VAL F 90 -24.19 -24.84 -113.52
C VAL F 90 -25.11 -25.94 -114.06
N THR F 91 -26.43 -25.82 -113.83
CA THR F 91 -27.34 -26.83 -114.37
C THR F 91 -27.43 -26.79 -115.89
N LYS F 92 -27.37 -25.62 -116.51
CA LYS F 92 -27.39 -25.59 -117.97
C LYS F 92 -26.05 -25.99 -118.59
N TYR F 93 -24.95 -25.88 -117.83
CA TYR F 93 -23.67 -26.37 -118.31
C TYR F 93 -23.56 -27.89 -118.19
N THR F 94 -24.07 -28.44 -117.08
CA THR F 94 -24.05 -29.88 -116.91
C THR F 94 -25.10 -30.57 -117.77
N SER F 95 -26.19 -29.88 -118.08
CA SER F 95 -27.18 -30.44 -119.00
C SER F 95 -26.64 -30.47 -120.43
N SER F 96 -25.84 -29.47 -120.80
CA SER F 96 -25.18 -29.44 -122.10
C SER F 96 -23.88 -30.21 -122.11
N LYS F 97 -23.45 -30.75 -120.97
CA LYS F 97 -22.23 -31.55 -120.89
C LYS F 97 -22.43 -32.91 -121.53
N LYS G 1 -6.60 -42.62 -75.63
CA LYS G 1 -7.15 -42.41 -76.97
C LYS G 1 -7.23 -40.92 -77.28
N LYS G 2 -6.14 -40.37 -77.82
CA LYS G 2 -6.10 -38.96 -78.19
C LYS G 2 -6.92 -38.71 -79.45
N ARG G 3 -7.43 -37.49 -79.57
CA ARG G 3 -8.23 -37.13 -80.74
C ARG G 3 -7.35 -36.77 -81.93
N LYS G 4 -6.52 -35.74 -81.77
CA LYS G 4 -5.64 -35.29 -82.83
C LYS G 4 -4.46 -34.55 -82.23
N ARG G 5 -3.41 -34.41 -83.04
CA ARG G 5 -2.22 -33.67 -82.62
C ARG G 5 -2.39 -32.20 -82.95
N LYS G 6 -2.06 -31.34 -82.00
CA LYS G 6 -2.18 -29.90 -82.23
C LYS G 6 -1.02 -29.40 -83.10
N GLU G 7 -1.19 -28.19 -83.62
CA GLU G 7 -0.18 -27.52 -84.45
C GLU G 7 -0.03 -26.10 -83.91
N SER G 8 0.87 -25.93 -82.96
CA SER G 8 1.10 -24.64 -82.33
C SER G 8 2.60 -24.46 -82.09
N TYR G 9 2.96 -23.45 -81.32
CA TYR G 9 4.35 -23.14 -81.04
C TYR G 9 4.57 -22.85 -79.56
N ALA G 10 3.76 -23.45 -78.69
CA ALA G 10 3.75 -23.09 -77.27
C ALA G 10 5.03 -23.51 -76.57
N ILE G 11 5.60 -24.65 -76.94
CA ILE G 11 6.87 -25.08 -76.37
C ILE G 11 8.00 -24.17 -76.84
N TYR G 12 7.96 -23.76 -78.11
CA TYR G 12 8.94 -22.79 -78.61
C TYR G 12 8.74 -21.41 -78.00
N ILE G 13 7.49 -21.04 -77.73
CA ILE G 13 7.19 -19.79 -77.03
C ILE G 13 7.78 -19.81 -75.62
N TYR G 14 7.62 -20.94 -74.92
CA TYR G 14 8.18 -21.09 -73.59
C TYR G 14 9.71 -21.10 -73.61
N LYS G 15 10.30 -21.70 -74.65
CA LYS G 15 11.76 -21.70 -74.78
C LYS G 15 12.29 -20.30 -75.05
N VAL G 16 11.61 -19.53 -75.92
CA VAL G 16 12.00 -18.15 -76.20
C VAL G 16 11.87 -17.30 -74.93
N LEU G 17 10.80 -17.52 -74.17
CA LEU G 17 10.64 -16.88 -72.86
C LEU G 17 11.77 -17.26 -71.91
N LYS G 18 12.22 -18.51 -71.96
CA LYS G 18 13.32 -18.95 -71.10
C LYS G 18 14.65 -18.33 -71.50
N GLN G 19 14.89 -18.10 -72.80
CA GLN G 19 16.10 -17.36 -73.15
C GLN G 19 16.00 -15.88 -72.77
N VAL G 20 14.81 -15.29 -72.86
CA VAL G 20 14.69 -13.87 -72.54
C VAL G 20 14.50 -13.64 -71.05
N HIS G 21 13.53 -14.33 -70.44
CA HIS G 21 13.23 -14.18 -69.01
C HIS G 21 13.34 -15.54 -68.33
N PRO G 22 14.48 -15.86 -67.72
CA PRO G 22 14.62 -17.17 -67.05
C PRO G 22 13.80 -17.31 -65.78
N ASP G 23 13.28 -16.22 -65.22
CA ASP G 23 12.57 -16.26 -63.96
C ASP G 23 11.09 -15.88 -64.05
N THR G 24 10.60 -15.54 -65.24
CA THR G 24 9.23 -15.09 -65.43
C THR G 24 8.43 -16.16 -66.15
N GLY G 25 7.22 -16.46 -65.63
CA GLY G 25 6.37 -17.48 -66.20
C GLY G 25 5.39 -16.93 -67.22
N ILE G 26 4.58 -17.84 -67.75
CA ILE G 26 3.60 -17.53 -68.79
C ILE G 26 2.29 -18.22 -68.41
N SER G 27 1.18 -17.69 -68.91
CA SER G 27 -0.12 -18.31 -68.75
C SER G 27 -0.56 -18.95 -70.07
N SER G 28 -1.64 -19.74 -69.99
CA SER G 28 -2.08 -20.52 -71.15
C SER G 28 -2.72 -19.64 -72.22
N LYS G 29 -3.58 -18.70 -71.81
CA LYS G 29 -4.24 -17.84 -72.78
C LYS G 29 -3.26 -16.82 -73.37
N ALA G 30 -2.19 -16.48 -72.63
CA ALA G 30 -1.12 -15.67 -73.21
C ALA G 30 -0.40 -16.41 -74.32
N MET G 31 -0.16 -17.72 -74.12
CA MET G 31 0.44 -18.52 -75.19
C MET G 31 -0.51 -18.70 -76.36
N SER G 32 -1.81 -18.78 -76.10
CA SER G 32 -2.78 -18.86 -77.19
C SER G 32 -2.81 -17.57 -78.01
N ILE G 33 -2.78 -16.42 -77.33
CA ILE G 33 -2.74 -15.13 -78.01
C ILE G 33 -1.44 -14.97 -78.79
N MET G 34 -0.33 -15.41 -78.20
CA MET G 34 0.97 -15.33 -78.87
C MET G 34 1.04 -16.25 -80.09
N ASN G 35 0.44 -17.44 -79.99
CA ASN G 35 0.38 -18.35 -81.14
C ASN G 35 -0.51 -17.80 -82.25
N SER G 36 -1.61 -17.13 -81.87
CA SER G 36 -2.44 -16.46 -82.87
C SER G 36 -1.69 -15.34 -83.56
N PHE G 37 -0.88 -14.59 -82.79
CA PHE G 37 -0.03 -13.55 -83.37
C PHE G 37 1.00 -14.13 -84.32
N VAL G 38 1.61 -15.26 -83.93
CA VAL G 38 2.59 -15.94 -84.78
C VAL G 38 1.97 -16.40 -86.09
N ASN G 39 0.77 -17.00 -86.00
CA ASN G 39 0.09 -17.49 -87.19
C ASN G 39 -0.35 -16.34 -88.10
N ASP G 40 -0.82 -15.22 -87.50
CA ASP G 40 -1.22 -14.07 -88.30
C ASP G 40 -0.03 -13.42 -89.01
N ILE G 41 1.10 -13.28 -88.31
CA ILE G 41 2.29 -12.70 -88.94
C ILE G 41 2.84 -13.63 -90.03
N PHE G 42 2.81 -14.94 -89.78
CA PHE G 42 3.24 -15.91 -90.78
C PHE G 42 2.36 -15.86 -92.02
N GLU G 43 1.04 -15.77 -91.83
CA GLU G 43 0.12 -15.68 -92.96
C GLU G 43 0.28 -14.37 -93.72
N ARG G 44 0.52 -13.26 -93.01
CA ARG G 44 0.73 -11.97 -93.66
C ARG G 44 1.99 -11.97 -94.51
N ILE G 45 3.10 -12.47 -93.96
CA ILE G 45 4.37 -12.48 -94.69
C ILE G 45 4.31 -13.47 -95.85
N ALA G 46 3.64 -14.62 -95.65
CA ALA G 46 3.50 -15.60 -96.73
C ALA G 46 2.63 -15.08 -97.87
N ALA G 47 1.53 -14.38 -97.53
CA ALA G 47 0.67 -13.82 -98.55
C ALA G 47 1.36 -12.68 -99.31
N GLU G 48 2.12 -11.84 -98.59
CA GLU G 48 2.87 -10.77 -99.26
C GLU G 48 3.96 -11.34 -100.17
N ALA G 49 4.64 -12.40 -99.73
CA ALA G 49 5.67 -13.02 -100.56
C ALA G 49 5.05 -13.70 -101.78
N SER G 50 3.89 -14.34 -101.61
CA SER G 50 3.20 -14.95 -102.75
C SER G 50 2.74 -13.91 -103.75
N ARG G 51 2.20 -12.79 -103.27
CA ARG G 51 1.77 -11.72 -104.16
C ARG G 51 2.96 -11.10 -104.89
N LEU G 52 4.07 -10.89 -104.18
CA LEU G 52 5.26 -10.31 -104.81
C LEU G 52 5.90 -11.27 -105.81
N ALA G 53 5.83 -12.58 -105.56
CA ALA G 53 6.31 -13.55 -106.54
C ALA G 53 5.40 -13.59 -107.76
N HIS G 54 4.08 -13.41 -107.55
CA HIS G 54 3.17 -13.35 -108.68
C HIS G 54 3.32 -12.04 -109.47
N TYR G 55 3.82 -10.98 -108.84
CA TYR G 55 3.98 -9.71 -109.54
C TYR G 55 5.12 -9.77 -110.55
N ASN G 56 6.20 -10.46 -110.21
CA ASN G 56 7.37 -10.57 -111.07
C ASN G 56 7.33 -11.81 -111.97
N LYS G 57 6.17 -12.47 -112.05
CA LYS G 57 5.94 -13.64 -112.91
C LYS G 57 6.90 -14.79 -112.58
N ARG G 58 7.14 -14.99 -111.29
CA ARG G 58 8.05 -16.04 -110.81
C ARG G 58 7.29 -17.02 -109.94
N SER G 59 7.48 -18.31 -110.21
CA SER G 59 6.84 -19.37 -109.44
C SER G 59 7.72 -19.86 -108.30
N THR G 60 8.88 -19.26 -108.09
CA THR G 60 9.81 -19.67 -107.04
C THR G 60 10.04 -18.50 -106.09
N ILE G 61 9.85 -18.76 -104.80
CA ILE G 61 10.08 -17.75 -103.76
C ILE G 61 11.46 -17.99 -103.16
N THR G 62 12.32 -16.99 -103.23
CA THR G 62 13.65 -17.03 -102.66
C THR G 62 13.72 -16.12 -101.44
N SER G 63 14.93 -15.95 -100.89
CA SER G 63 15.10 -15.11 -99.72
C SER G 63 14.95 -13.63 -100.04
N ARG G 64 15.22 -13.23 -101.28
CA ARG G 64 15.09 -11.83 -101.66
C ARG G 64 13.64 -11.38 -101.67
N GLU G 65 12.73 -12.26 -102.11
CA GLU G 65 11.30 -11.96 -102.10
C GLU G 65 10.79 -11.73 -100.70
N ILE G 66 11.19 -12.58 -99.76
CA ILE G 66 10.69 -12.42 -98.40
C ILE G 66 11.43 -11.31 -97.66
N GLN G 67 12.67 -10.98 -98.07
CA GLN G 67 13.32 -9.77 -97.58
C GLN G 67 12.55 -8.52 -97.99
N THR G 68 12.13 -8.46 -99.25
CA THR G 68 11.32 -7.32 -99.72
C THR G 68 9.95 -7.31 -99.06
N ALA G 69 9.37 -8.48 -98.79
CA ALA G 69 8.09 -8.56 -98.09
C ALA G 69 8.21 -8.06 -96.65
N VAL G 70 9.32 -8.39 -95.98
CA VAL G 70 9.57 -7.90 -94.63
C VAL G 70 9.79 -6.39 -94.64
N ARG G 71 10.51 -5.89 -95.65
CA ARG G 71 10.72 -4.45 -95.80
C ARG G 71 9.41 -3.70 -96.04
N LEU G 72 8.52 -4.28 -96.86
CA LEU G 72 7.27 -3.60 -97.17
C LEU G 72 6.27 -3.67 -96.02
N LEU G 73 6.16 -4.84 -95.37
CA LEU G 73 5.13 -5.01 -94.34
C LEU G 73 5.50 -4.30 -93.04
N LEU G 74 6.77 -4.34 -92.65
CA LEU G 74 7.19 -3.78 -91.38
C LEU G 74 7.73 -2.37 -91.58
N PRO G 75 7.12 -1.36 -90.98
CA PRO G 75 7.70 -0.01 -91.01
C PRO G 75 8.75 0.12 -89.91
N GLY G 76 9.40 1.29 -89.88
CA GLY G 76 10.39 1.57 -88.87
C GLY G 76 11.68 0.78 -89.09
N GLU G 77 12.46 0.68 -88.02
CA GLU G 77 13.72 -0.05 -88.07
C GLU G 77 13.56 -1.54 -87.86
N LEU G 78 12.35 -1.99 -87.47
CA LEU G 78 12.11 -3.40 -87.19
C LEU G 78 12.29 -4.27 -88.44
N ALA G 79 11.98 -3.71 -89.61
CA ALA G 79 12.36 -4.39 -90.84
C ALA G 79 13.86 -4.34 -91.06
N LYS G 80 14.47 -3.15 -90.86
CA LYS G 80 15.86 -2.92 -91.25
C LYS G 80 16.82 -3.75 -90.42
N HIS G 81 16.58 -3.85 -89.11
CA HIS G 81 17.34 -4.77 -88.28
C HIS G 81 17.11 -6.22 -88.73
N ALA G 82 15.87 -6.55 -89.07
CA ALA G 82 15.57 -7.85 -89.66
C ALA G 82 16.16 -7.98 -91.06
N VAL G 83 16.49 -6.87 -91.71
CA VAL G 83 17.29 -6.92 -92.93
C VAL G 83 18.67 -7.50 -92.62
N SER G 84 19.25 -7.08 -91.50
CA SER G 84 20.63 -7.49 -91.19
C SER G 84 20.67 -8.91 -90.65
N GLU G 85 20.06 -9.14 -89.48
CA GLU G 85 20.28 -10.38 -88.72
C GLU G 85 19.71 -11.59 -89.44
N GLY G 86 18.55 -11.44 -90.09
CA GLY G 86 18.00 -12.52 -90.90
C GLY G 86 18.93 -12.90 -92.03
N THR G 87 19.61 -11.91 -92.62
CA THR G 87 20.63 -12.17 -93.62
C THR G 87 21.77 -13.01 -93.04
N LYS G 88 22.24 -12.67 -91.84
CA LYS G 88 23.26 -13.54 -91.27
C LYS G 88 22.65 -14.81 -90.72
N ALA G 89 21.34 -14.81 -90.45
CA ALA G 89 20.65 -16.06 -90.18
C ALA G 89 20.60 -16.94 -91.41
N VAL G 90 20.64 -16.32 -92.59
CA VAL G 90 20.88 -17.08 -93.82
C VAL G 90 22.32 -17.57 -93.86
N THR G 91 23.27 -16.71 -93.44
CA THR G 91 24.69 -16.92 -93.73
C THR G 91 25.25 -18.11 -92.96
N LYS G 92 24.99 -18.16 -91.65
CA LYS G 92 25.38 -19.35 -90.90
C LYS G 92 24.48 -20.54 -91.20
N TYR G 93 23.31 -20.32 -91.82
CA TYR G 93 22.59 -21.43 -92.44
C TYR G 93 23.37 -21.98 -93.62
N THR G 94 23.99 -21.10 -94.41
CA THR G 94 24.77 -21.56 -95.56
C THR G 94 26.16 -22.00 -95.16
N SER G 95 26.71 -21.44 -94.07
CA SER G 95 28.02 -21.82 -93.60
C SER G 95 28.03 -23.17 -92.89
N SER G 96 26.87 -23.66 -92.46
CA SER G 96 26.77 -24.95 -91.79
C SER G 96 26.55 -26.11 -92.75
N LYS G 97 26.49 -25.84 -94.05
CA LYS G 97 26.29 -26.90 -95.04
C LYS G 97 27.61 -27.32 -95.66
N GLY H 9 -19.17 14.10 -60.14
CA GLY H 9 -18.03 14.44 -60.97
C GLY H 9 -16.74 13.76 -60.54
N THR H 10 -16.46 13.80 -59.24
CA THR H 10 -15.22 13.23 -58.73
C THR H 10 -15.26 11.71 -58.74
N VAL H 11 -16.37 11.12 -58.30
CA VAL H 11 -16.48 9.67 -58.25
C VAL H 11 -16.58 9.08 -59.66
N ALA H 12 -17.13 9.86 -60.61
CA ALA H 12 -17.19 9.41 -62.00
C ALA H 12 -15.81 9.31 -62.61
N LEU H 13 -14.97 10.33 -62.42
CA LEU H 13 -13.60 10.27 -62.92
C LEU H 13 -12.76 9.26 -62.15
N ARG H 14 -13.07 9.05 -60.86
CA ARG H 14 -12.37 8.03 -60.08
C ARG H 14 -12.65 6.62 -60.62
N GLU H 15 -13.92 6.33 -60.94
CA GLU H 15 -14.19 5.02 -61.51
C GLU H 15 -13.79 4.95 -62.99
N ILE H 16 -13.64 6.09 -63.66
CA ILE H 16 -13.03 6.11 -64.99
C ILE H 16 -11.57 5.65 -64.90
N ARG H 17 -10.82 6.21 -63.92
CA ARG H 17 -9.45 5.81 -63.70
C ARG H 17 -9.34 4.36 -63.24
N ARG H 18 -10.33 3.88 -62.48
CA ARG H 18 -10.37 2.47 -62.13
C ARG H 18 -10.66 1.58 -63.34
N TYR H 19 -11.51 2.05 -64.25
CA TYR H 19 -11.97 1.25 -65.37
C TYR H 19 -11.03 1.30 -66.56
N GLN H 20 -10.08 2.23 -66.59
CA GLN H 20 -9.00 2.17 -67.56
C GLN H 20 -7.92 1.17 -67.18
N LYS H 21 -7.98 0.63 -65.96
CA LYS H 21 -7.10 -0.44 -65.49
C LYS H 21 -7.78 -1.81 -65.52
N SER H 22 -9.07 -1.85 -65.24
CA SER H 22 -9.81 -3.11 -65.17
C SER H 22 -10.01 -3.69 -66.57
N THR H 23 -10.34 -4.98 -66.61
CA THR H 23 -10.40 -5.70 -67.88
C THR H 23 -11.58 -6.67 -67.99
N GLU H 24 -12.47 -6.73 -67.00
CA GLU H 24 -13.55 -7.68 -67.05
C GLU H 24 -14.62 -7.25 -68.05
N LEU H 25 -15.42 -8.22 -68.48
CA LEU H 25 -16.49 -7.98 -69.44
C LEU H 25 -17.64 -7.26 -68.73
N LEU H 26 -17.87 -6.00 -69.10
CA LEU H 26 -18.89 -5.20 -68.44
C LEU H 26 -20.29 -5.63 -68.84
N ILE H 27 -20.46 -6.20 -70.03
CA ILE H 27 -21.75 -6.74 -70.43
C ILE H 27 -21.93 -8.11 -69.79
N ARG H 28 -23.08 -8.30 -69.13
CA ARG H 28 -23.41 -9.59 -68.54
C ARG H 28 -23.62 -10.62 -69.63
N LYS H 29 -23.01 -11.80 -69.46
CA LYS H 29 -22.88 -12.74 -70.58
C LYS H 29 -24.19 -13.44 -70.93
N LEU H 30 -25.11 -13.56 -69.98
CA LEU H 30 -26.37 -14.25 -70.28
C LEU H 30 -27.32 -13.41 -71.15
N PRO H 31 -27.59 -12.11 -70.88
CA PRO H 31 -28.39 -11.35 -71.86
C PRO H 31 -27.70 -11.15 -73.19
N PHE H 32 -26.36 -11.05 -73.21
CA PHE H 32 -25.64 -10.95 -74.47
C PHE H 32 -25.74 -12.25 -75.27
N GLN H 33 -25.68 -13.39 -74.58
CA GLN H 33 -25.87 -14.68 -75.22
C GLN H 33 -27.28 -14.82 -75.77
N ARG H 34 -28.27 -14.35 -75.01
CA ARG H 34 -29.65 -14.36 -75.48
C ARG H 34 -29.84 -13.47 -76.70
N LEU H 35 -29.18 -12.30 -76.72
CA LEU H 35 -29.25 -11.41 -77.88
C LEU H 35 -28.57 -12.02 -79.09
N VAL H 36 -27.44 -12.69 -78.88
CA VAL H 36 -26.74 -13.37 -79.98
C VAL H 36 -27.59 -14.49 -80.56
N ARG H 37 -28.24 -15.27 -79.71
CA ARG H 37 -29.14 -16.33 -80.18
C ARG H 37 -30.36 -15.75 -80.89
N GLU H 38 -30.88 -14.63 -80.39
CA GLU H 38 -32.03 -13.97 -81.01
C GLU H 38 -31.70 -13.45 -82.41
N ILE H 39 -30.51 -12.85 -82.57
CA ILE H 39 -30.10 -12.36 -83.88
C ILE H 39 -29.79 -13.52 -84.83
N ALA H 40 -29.13 -14.56 -84.32
CA ALA H 40 -28.81 -15.72 -85.15
C ALA H 40 -30.02 -16.56 -85.50
N GLN H 41 -31.12 -16.43 -84.75
CA GLN H 41 -32.37 -17.12 -85.08
C GLN H 41 -32.95 -16.63 -86.40
N ASP H 42 -32.73 -15.35 -86.73
CA ASP H 42 -33.26 -14.81 -87.98
C ASP H 42 -32.55 -15.38 -89.20
N PHE H 43 -31.24 -15.65 -89.07
CA PHE H 43 -30.49 -16.15 -90.22
C PHE H 43 -30.74 -17.65 -90.44
N LYS H 44 -30.42 -18.47 -89.45
CA LYS H 44 -30.62 -19.91 -89.55
C LYS H 44 -31.34 -20.40 -88.32
N THR H 45 -32.35 -21.26 -88.51
CA THR H 45 -33.11 -21.80 -87.40
C THR H 45 -32.36 -22.94 -86.73
N ASP H 46 -32.58 -23.08 -85.42
CA ASP H 46 -32.06 -24.14 -84.57
C ASP H 46 -30.52 -24.18 -84.61
N LEU H 47 -29.93 -23.12 -84.08
CA LEU H 47 -28.48 -22.94 -84.11
C LEU H 47 -27.89 -23.18 -82.73
N ARG H 48 -26.67 -23.73 -82.71
CA ARG H 48 -25.89 -23.90 -81.49
C ARG H 48 -24.67 -23.00 -81.53
N PHE H 49 -24.19 -22.62 -80.36
CA PHE H 49 -23.06 -21.72 -80.22
C PHE H 49 -22.09 -22.27 -79.20
N GLN H 50 -20.81 -22.31 -79.55
CA GLN H 50 -19.78 -22.61 -78.57
C GLN H 50 -19.62 -21.43 -77.61
N SER H 51 -19.19 -21.73 -76.38
CA SER H 51 -19.01 -20.70 -75.37
C SER H 51 -17.87 -19.76 -75.72
N SER H 52 -16.79 -20.30 -76.29
CA SER H 52 -15.67 -19.47 -76.71
C SER H 52 -16.04 -18.53 -77.84
N ALA H 53 -16.97 -18.95 -78.71
CA ALA H 53 -17.48 -18.08 -79.76
C ALA H 53 -18.24 -16.88 -79.17
N VAL H 54 -19.06 -17.14 -78.14
CA VAL H 54 -19.81 -16.07 -77.48
C VAL H 54 -18.85 -15.13 -76.74
N MET H 55 -17.82 -15.68 -76.10
CA MET H 55 -16.85 -14.84 -75.41
C MET H 55 -16.03 -13.99 -76.38
N ALA H 56 -15.65 -14.56 -77.52
CA ALA H 56 -14.91 -13.80 -78.54
C ALA H 56 -15.78 -12.71 -79.15
N LEU H 57 -17.06 -13.03 -79.41
CA LEU H 57 -18.00 -12.02 -79.91
C LEU H 57 -18.18 -10.89 -78.90
N GLN H 58 -18.30 -11.25 -77.62
CA GLN H 58 -18.47 -10.25 -76.57
C GLN H 58 -17.25 -9.34 -76.46
N GLU H 59 -16.05 -9.93 -76.47
CA GLU H 59 -14.82 -9.16 -76.35
C GLU H 59 -14.61 -8.26 -77.56
N ALA H 60 -14.85 -8.77 -78.77
CA ALA H 60 -14.65 -7.97 -79.97
C ALA H 60 -15.68 -6.85 -80.09
N SER H 61 -16.95 -7.15 -79.76
CA SER H 61 -17.99 -6.12 -79.80
C SER H 61 -17.72 -5.04 -78.75
N GLU H 62 -17.27 -5.44 -77.55
CA GLU H 62 -16.95 -4.47 -76.51
C GLU H 62 -15.77 -3.59 -76.91
N ALA H 63 -14.73 -4.19 -77.51
CA ALA H 63 -13.58 -3.39 -77.97
C ALA H 63 -13.97 -2.43 -79.08
N TYR H 64 -14.82 -2.89 -80.01
CA TYR H 64 -15.29 -2.02 -81.10
C TYR H 64 -16.12 -0.87 -80.58
N LEU H 65 -17.01 -1.13 -79.61
CA LEU H 65 -17.83 -0.03 -79.10
C LEU H 65 -17.03 0.88 -78.17
N VAL H 66 -15.99 0.38 -77.51
CA VAL H 66 -15.11 1.26 -76.73
C VAL H 66 -14.32 2.18 -77.66
N GLY H 67 -13.86 1.66 -78.80
CA GLY H 67 -13.25 2.52 -79.81
C GLY H 67 -14.21 3.55 -80.38
N LEU H 68 -15.46 3.15 -80.60
CA LEU H 68 -16.48 4.10 -81.03
C LEU H 68 -16.78 5.14 -79.95
N PHE H 69 -16.75 4.74 -78.68
CA PHE H 69 -17.02 5.66 -77.59
C PHE H 69 -15.90 6.68 -77.42
N GLU H 70 -14.64 6.24 -77.57
CA GLU H 70 -13.56 7.21 -77.46
C GLU H 70 -13.48 8.11 -78.69
N ASP H 71 -13.89 7.61 -79.87
CA ASP H 71 -14.05 8.48 -81.03
C ASP H 71 -15.15 9.51 -80.81
N THR H 72 -16.26 9.08 -80.19
CA THR H 72 -17.33 9.99 -79.83
C THR H 72 -16.87 11.03 -78.82
N ASN H 73 -16.04 10.61 -77.85
CA ASN H 73 -15.52 11.53 -76.84
C ASN H 73 -14.61 12.58 -77.45
N LEU H 74 -13.70 12.18 -78.35
CA LEU H 74 -12.83 13.16 -78.98
C LEU H 74 -13.60 14.06 -79.96
N CYS H 75 -14.66 13.52 -80.58
CA CYS H 75 -15.52 14.36 -81.42
C CYS H 75 -16.27 15.40 -80.58
N ALA H 76 -16.77 15.01 -79.41
CA ALA H 76 -17.49 15.95 -78.55
C ALA H 76 -16.54 16.98 -77.92
N ILE H 77 -15.31 16.56 -77.61
CA ILE H 77 -14.30 17.49 -77.12
C ILE H 77 -13.93 18.50 -78.20
N HIS H 78 -13.85 18.03 -79.46
CA HIS H 78 -13.59 18.93 -80.59
C HIS H 78 -14.73 19.91 -80.82
N ALA H 79 -15.95 19.55 -80.45
CA ALA H 79 -17.12 20.41 -80.63
C ALA H 79 -17.33 21.38 -79.47
N LYS H 80 -16.27 21.66 -78.70
CA LYS H 80 -16.28 22.56 -77.53
C LYS H 80 -17.31 22.12 -76.49
N ARG H 81 -17.46 20.82 -76.32
CA ARG H 81 -18.43 20.23 -75.40
C ARG H 81 -17.75 19.15 -74.58
N VAL H 82 -18.46 18.70 -73.54
CA VAL H 82 -18.02 17.54 -72.77
C VAL H 82 -19.08 16.46 -72.67
N THR H 83 -20.36 16.77 -72.89
CA THR H 83 -21.41 15.76 -72.95
C THR H 83 -21.53 15.28 -74.38
N ILE H 84 -21.49 13.96 -74.56
CA ILE H 84 -21.50 13.37 -75.90
C ILE H 84 -22.91 13.43 -76.48
N MET H 85 -22.98 13.42 -77.80
CA MET H 85 -24.21 13.54 -78.56
C MET H 85 -24.27 12.39 -79.57
N PRO H 86 -25.47 11.93 -79.93
CA PRO H 86 -25.58 10.93 -81.00
C PRO H 86 -25.04 11.39 -82.36
N LYS H 87 -25.05 12.70 -82.63
CA LYS H 87 -24.46 13.20 -83.87
C LYS H 87 -22.95 13.05 -83.90
N ASP H 88 -22.29 13.00 -82.72
CA ASP H 88 -20.87 12.65 -82.69
C ASP H 88 -20.65 11.20 -83.13
N ILE H 89 -21.54 10.30 -82.71
CA ILE H 89 -21.47 8.91 -83.14
C ILE H 89 -21.73 8.80 -84.65
N GLN H 90 -22.67 9.60 -85.16
CA GLN H 90 -22.96 9.62 -86.59
C GLN H 90 -21.76 10.13 -87.39
N LEU H 91 -21.10 11.19 -86.90
CA LEU H 91 -19.92 11.72 -87.57
C LEU H 91 -18.75 10.73 -87.52
N ALA H 92 -18.59 10.05 -86.37
CA ALA H 92 -17.53 9.06 -86.24
C ALA H 92 -17.75 7.87 -87.17
N ARG H 93 -19.00 7.42 -87.31
CA ARG H 93 -19.30 6.34 -88.24
C ARG H 93 -19.18 6.79 -89.69
N ARG H 94 -19.45 8.07 -89.98
CA ARG H 94 -19.33 8.55 -91.34
C ARG H 94 -17.88 8.69 -91.77
N ILE H 95 -17.03 9.25 -90.90
CA ILE H 95 -15.61 9.39 -91.23
C ILE H 95 -14.91 8.03 -91.19
N ARG H 96 -15.30 7.17 -90.24
CA ARG H 96 -14.71 5.84 -90.11
C ARG H 96 -15.07 4.91 -91.26
N GLY H 97 -16.12 5.22 -92.01
CA GLY H 97 -16.57 4.35 -93.07
C GLY H 97 -17.50 3.25 -92.64
N GLU H 98 -17.84 3.18 -91.35
CA GLU H 98 -18.76 2.17 -90.84
C GLU H 98 -20.22 2.53 -91.11
N ARG H 99 -20.50 3.75 -91.53
CA ARG H 99 -21.86 4.18 -91.84
C ARG H 99 -22.13 3.95 -93.33
N ALA H 100 -23.15 3.15 -93.63
CA ALA H 100 -23.50 2.85 -95.01
C ALA H 100 -24.20 4.02 -95.67
N LYS I 1 -19.69 54.88 -111.40
CA LYS I 1 -20.49 54.00 -110.57
C LYS I 1 -19.62 52.90 -109.94
N LYS I 2 -20.14 52.28 -108.89
CA LYS I 2 -19.41 51.22 -108.21
C LYS I 2 -19.42 49.95 -109.07
N PRO I 3 -18.33 49.19 -109.07
CA PRO I 3 -18.32 47.92 -109.81
C PRO I 3 -19.21 46.87 -109.16
N HIS I 4 -19.69 45.95 -109.98
CA HIS I 4 -20.56 44.87 -109.51
C HIS I 4 -19.72 43.82 -108.81
N ARG I 5 -19.85 43.72 -107.49
CA ARG I 5 -19.15 42.72 -106.70
C ARG I 5 -20.15 41.76 -106.10
N TYR I 6 -19.91 40.46 -106.28
CA TYR I 6 -20.76 39.46 -105.66
C TYR I 6 -20.46 39.34 -104.17
N ARG I 7 -21.36 38.70 -103.45
CA ARG I 7 -21.19 38.54 -102.01
C ARG I 7 -20.08 37.53 -101.72
N PRO I 8 -19.33 37.72 -100.61
CA PRO I 8 -18.29 36.75 -100.24
C PRO I 8 -18.88 35.42 -99.79
N GLY I 9 -18.61 34.37 -100.57
CA GLY I 9 -19.18 33.05 -100.34
C GLY I 9 -20.03 32.57 -101.51
N THR I 10 -20.70 33.49 -102.20
CA THR I 10 -21.46 33.13 -103.39
C THR I 10 -20.55 32.66 -104.52
N VAL I 11 -19.43 33.38 -104.72
CA VAL I 11 -18.44 32.96 -105.71
C VAL I 11 -17.80 31.64 -105.29
N ALA I 12 -17.53 31.47 -103.99
CA ALA I 12 -16.93 30.24 -103.49
C ALA I 12 -17.84 29.04 -103.75
N LEU I 13 -19.14 29.19 -103.47
CA LEU I 13 -20.09 28.12 -103.78
C LEU I 13 -20.26 27.94 -105.29
N ARG I 14 -20.06 29.01 -106.07
CA ARG I 14 -20.11 28.90 -107.52
C ARG I 14 -18.97 28.01 -108.04
N GLU I 15 -17.75 28.22 -107.56
CA GLU I 15 -16.70 27.30 -107.99
C GLU I 15 -16.77 25.93 -107.32
N ILE I 16 -17.43 25.79 -106.17
CA ILE I 16 -17.72 24.44 -105.65
C ILE I 16 -18.65 23.70 -106.61
N ARG I 17 -19.71 24.37 -107.07
CA ARG I 17 -20.62 23.76 -108.03
C ARG I 17 -19.95 23.52 -109.38
N ARG I 18 -18.97 24.35 -109.74
CA ARG I 18 -18.24 24.10 -110.99
C ARG I 18 -17.27 22.94 -110.85
N TYR I 19 -16.59 22.82 -109.71
CA TYR I 19 -15.55 21.81 -109.53
C TYR I 19 -16.10 20.46 -109.05
N GLN I 20 -17.35 20.40 -108.61
CA GLN I 20 -17.96 19.11 -108.29
C GLN I 20 -18.44 18.39 -109.54
N LYS I 21 -18.41 19.03 -110.70
CA LYS I 21 -18.78 18.43 -111.98
C LYS I 21 -17.64 18.55 -112.98
N SER I 22 -16.42 18.31 -112.52
CA SER I 22 -15.23 18.45 -113.36
C SER I 22 -14.32 17.24 -113.17
N THR I 23 -13.57 16.92 -114.21
CA THR I 23 -12.66 15.78 -114.24
C THR I 23 -11.28 16.20 -114.72
N GLU I 24 -10.76 17.30 -114.19
CA GLU I 24 -9.42 17.76 -114.51
C GLU I 24 -8.54 17.76 -113.27
N LEU I 25 -7.23 17.75 -113.50
CA LEU I 25 -6.25 17.75 -112.43
C LEU I 25 -5.97 19.18 -112.01
N LEU I 26 -6.33 19.52 -110.77
CA LEU I 26 -6.13 20.88 -110.27
C LEU I 26 -4.66 21.20 -110.05
N ILE I 27 -3.88 20.21 -109.65
CA ILE I 27 -2.44 20.39 -109.49
C ILE I 27 -1.78 20.35 -110.87
N ARG I 28 -0.82 21.25 -111.08
CA ARG I 28 -0.10 21.28 -112.35
C ARG I 28 0.81 20.07 -112.47
N LYS I 29 0.98 19.60 -113.71
CA LYS I 29 1.63 18.31 -113.96
C LYS I 29 3.13 18.38 -113.70
N LEU I 30 3.80 19.41 -114.19
CA LEU I 30 5.26 19.47 -114.08
C LEU I 30 5.79 19.82 -112.68
N PRO I 31 5.20 20.76 -111.90
CA PRO I 31 5.61 20.85 -110.50
C PRO I 31 5.31 19.59 -109.69
N PHE I 32 4.24 18.87 -109.98
CA PHE I 32 3.98 17.61 -109.30
C PHE I 32 4.99 16.55 -109.69
N GLN I 33 5.42 16.54 -110.96
CA GLN I 33 6.47 15.62 -111.40
C GLN I 33 7.80 15.94 -110.72
N ARG I 34 8.11 17.24 -110.59
CA ARG I 34 9.31 17.64 -109.85
C ARG I 34 9.23 17.24 -108.39
N LEU I 35 8.05 17.36 -107.78
CA LEU I 35 7.88 16.94 -106.39
C LEU I 35 8.02 15.43 -106.24
N VAL I 36 7.48 14.66 -107.18
CA VAL I 36 7.60 13.20 -107.15
C VAL I 36 9.05 12.78 -107.31
N ARG I 37 9.78 13.41 -108.23
CA ARG I 37 11.20 13.10 -108.40
C ARG I 37 12.03 13.52 -107.20
N GLU I 38 11.68 14.65 -106.58
CA GLU I 38 12.37 15.10 -105.36
C GLU I 38 12.13 14.13 -104.20
N ILE I 39 10.90 13.64 -104.06
CA ILE I 39 10.58 12.68 -103.00
C ILE I 39 11.30 11.35 -103.25
N ALA I 40 11.29 10.88 -104.50
CA ALA I 40 11.96 9.62 -104.84
C ALA I 40 13.48 9.73 -104.77
N GLN I 41 14.02 10.94 -104.86
CA GLN I 41 15.46 11.16 -104.68
C GLN I 41 15.92 10.86 -103.26
N ASP I 42 15.01 10.93 -102.28
CA ASP I 42 15.38 10.63 -100.90
C ASP I 42 15.63 9.14 -100.70
N PHE I 43 14.93 8.28 -101.43
CA PHE I 43 15.05 6.84 -101.23
C PHE I 43 16.10 6.22 -102.15
N LYS I 44 16.09 6.55 -103.43
CA LYS I 44 17.04 5.97 -104.38
C LYS I 44 17.30 6.96 -105.50
N THR I 45 18.57 7.23 -105.78
CA THR I 45 18.96 8.17 -106.81
C THR I 45 18.90 7.53 -108.20
N ASP I 46 19.05 8.39 -109.21
CA ASP I 46 18.91 8.12 -110.66
C ASP I 46 17.73 7.19 -110.99
N LEU I 47 16.57 7.53 -110.44
CA LEU I 47 15.34 6.79 -110.69
C LEU I 47 14.56 7.43 -111.83
N ARG I 48 14.16 6.62 -112.80
CA ARG I 48 13.35 7.06 -113.92
C ARG I 48 11.88 6.80 -113.64
N PHE I 49 11.02 7.59 -114.28
CA PHE I 49 9.59 7.54 -114.04
C PHE I 49 8.83 7.54 -115.36
N GLN I 50 7.75 6.77 -115.41
CA GLN I 50 6.81 6.86 -116.51
C GLN I 50 5.82 7.99 -116.23
N SER I 51 5.29 8.56 -117.32
CA SER I 51 4.31 9.63 -117.19
C SER I 51 2.99 9.11 -116.61
N SER I 52 2.63 7.86 -116.94
CA SER I 52 1.42 7.26 -116.39
C SER I 52 1.53 7.07 -114.89
N ALA I 53 2.73 6.78 -114.38
CA ALA I 53 2.94 6.68 -112.94
C ALA I 53 2.71 8.01 -112.25
N VAL I 54 3.19 9.10 -112.85
CA VAL I 54 3.01 10.44 -112.29
C VAL I 54 1.54 10.84 -112.33
N MET I 55 0.84 10.52 -113.43
CA MET I 55 -0.58 10.83 -113.52
C MET I 55 -1.41 10.02 -112.54
N ALA I 56 -1.07 8.74 -112.34
CA ALA I 56 -1.78 7.91 -111.37
C ALA I 56 -1.53 8.39 -109.94
N LEU I 57 -0.29 8.78 -109.65
CA LEU I 57 0.03 9.33 -108.32
C LEU I 57 -0.71 10.64 -108.08
N GLN I 58 -0.79 11.50 -109.10
CA GLN I 58 -1.50 12.76 -108.97
C GLN I 58 -2.99 12.55 -108.78
N GLU I 59 -3.59 11.61 -109.52
CA GLU I 59 -5.01 11.32 -109.37
C GLU I 59 -5.33 10.72 -108.02
N ALA I 60 -4.49 9.79 -107.53
CA ALA I 60 -4.71 9.19 -106.21
C ALA I 60 -4.53 10.22 -105.10
N SER I 61 -3.52 11.09 -105.22
CA SER I 61 -3.30 12.13 -104.23
C SER I 61 -4.44 13.15 -104.22
N GLU I 62 -4.94 13.51 -105.41
CA GLU I 62 -6.06 14.44 -105.49
C GLU I 62 -7.33 13.86 -104.92
N ALA I 63 -7.60 12.57 -105.18
CA ALA I 63 -8.78 11.93 -104.61
C ALA I 63 -8.68 11.79 -103.09
N TYR I 64 -7.49 11.46 -102.59
CA TYR I 64 -7.28 11.37 -101.15
C TYR I 64 -7.42 12.73 -100.48
N LEU I 65 -6.92 13.78 -101.13
CA LEU I 65 -7.04 15.14 -100.59
C LEU I 65 -8.48 15.62 -100.63
N VAL I 66 -9.24 15.23 -101.67
CA VAL I 66 -10.65 15.59 -101.75
C VAL I 66 -11.44 14.91 -100.64
N GLY I 67 -11.17 13.62 -100.39
CA GLY I 67 -11.81 12.93 -99.28
C GLY I 67 -11.44 13.51 -97.93
N LEU I 68 -10.17 13.89 -97.77
CA LEU I 68 -9.71 14.54 -96.54
C LEU I 68 -10.38 15.89 -96.34
N PHE I 69 -10.54 16.67 -97.42
CA PHE I 69 -11.24 17.94 -97.33
C PHE I 69 -12.72 17.75 -97.02
N GLU I 70 -13.33 16.69 -97.56
CA GLU I 70 -14.73 16.38 -97.23
C GLU I 70 -14.90 16.04 -95.76
N ASP I 71 -13.98 15.22 -95.21
CA ASP I 71 -14.05 14.89 -93.80
C ASP I 71 -13.75 16.09 -92.91
N THR I 72 -12.82 16.96 -93.37
CA THR I 72 -12.51 18.20 -92.65
C THR I 72 -13.71 19.14 -92.62
N ASN I 73 -14.42 19.24 -93.75
CA ASN I 73 -15.64 20.06 -93.81
C ASN I 73 -16.73 19.48 -92.93
N LEU I 74 -16.83 18.14 -92.86
CA LEU I 74 -17.78 17.50 -91.95
C LEU I 74 -17.45 17.80 -90.50
N CYS I 75 -16.17 17.78 -90.15
CA CYS I 75 -15.75 18.14 -88.79
C CYS I 75 -16.02 19.62 -88.48
N ALA I 76 -15.81 20.50 -89.45
CA ALA I 76 -16.04 21.92 -89.24
C ALA I 76 -17.52 22.23 -89.12
N ILE I 77 -18.37 21.55 -89.89
CA ILE I 77 -19.81 21.68 -89.77
C ILE I 77 -20.28 21.13 -88.43
N HIS I 78 -19.67 20.03 -87.98
CA HIS I 78 -19.98 19.47 -86.67
C HIS I 78 -19.59 20.41 -85.53
N ALA I 79 -18.56 21.24 -85.74
CA ALA I 79 -18.14 22.22 -84.76
C ALA I 79 -18.86 23.56 -84.92
N LYS I 80 -20.03 23.56 -85.59
CA LYS I 80 -20.89 24.73 -85.78
C LYS I 80 -20.17 25.88 -86.48
N ARG I 81 -19.37 25.55 -87.49
CA ARG I 81 -18.61 26.54 -88.24
C ARG I 81 -18.75 26.28 -89.73
N VAL I 82 -18.56 27.33 -90.51
CA VAL I 82 -18.47 27.22 -91.96
C VAL I 82 -17.05 27.35 -92.48
N THR I 83 -16.10 27.69 -91.61
CA THR I 83 -14.68 27.77 -91.98
C THR I 83 -13.96 26.57 -91.37
N ILE I 84 -13.20 25.86 -92.21
CA ILE I 84 -12.45 24.70 -91.74
C ILE I 84 -11.21 25.16 -90.98
N MET I 85 -10.73 24.30 -90.09
CA MET I 85 -9.61 24.57 -89.22
C MET I 85 -8.63 23.41 -89.28
N PRO I 86 -7.36 23.65 -88.93
CA PRO I 86 -6.39 22.54 -88.84
C PRO I 86 -6.76 21.47 -87.82
N LYS I 87 -7.44 21.86 -86.74
CA LYS I 87 -7.90 20.86 -85.77
C LYS I 87 -8.94 19.92 -86.37
N ASP I 88 -9.75 20.41 -87.33
CA ASP I 88 -10.64 19.53 -88.07
C ASP I 88 -9.87 18.52 -88.90
N ILE I 89 -8.75 18.95 -89.49
CA ILE I 89 -7.90 18.06 -90.29
C ILE I 89 -7.30 16.97 -89.42
N GLN I 90 -6.75 17.35 -88.26
CA GLN I 90 -6.16 16.35 -87.39
C GLN I 90 -7.22 15.47 -86.73
N LEU I 91 -8.44 15.99 -86.55
CA LEU I 91 -9.54 15.18 -86.04
C LEU I 91 -9.95 14.13 -87.05
N ALA I 92 -10.08 14.53 -88.32
CA ALA I 92 -10.43 13.57 -89.37
C ALA I 92 -9.32 12.54 -89.57
N ARG I 93 -8.06 12.96 -89.41
CA ARG I 93 -6.96 12.01 -89.51
C ARG I 93 -6.94 11.00 -88.37
N ARG I 94 -7.20 11.46 -87.14
CA ARG I 94 -7.17 10.52 -86.02
C ARG I 94 -8.43 9.66 -85.93
N ILE I 95 -9.57 10.11 -86.49
CA ILE I 95 -10.70 9.21 -86.65
C ILE I 95 -10.40 8.17 -87.74
N ARG I 96 -9.80 8.63 -88.86
CA ARG I 96 -9.42 7.72 -89.93
C ARG I 96 -8.27 6.79 -89.54
N GLY I 97 -7.52 7.13 -88.49
CA GLY I 97 -6.42 6.29 -88.07
C GLY I 97 -5.16 6.45 -88.88
N GLU I 98 -5.05 7.52 -89.66
CA GLU I 98 -3.88 7.73 -90.50
C GLU I 98 -2.70 8.31 -89.75
N ARG I 99 -2.89 8.74 -88.50
CA ARG I 99 -1.80 9.21 -87.66
C ARG I 99 -1.26 8.06 -86.84
N ALA I 100 0.02 7.73 -87.04
CA ALA I 100 0.65 6.63 -86.32
C ALA I 100 1.19 7.11 -84.98
N ARG J 1 -37.50 -13.72 -77.73
CA ARG J 1 -37.59 -12.48 -76.95
C ARG J 1 -36.62 -11.43 -77.46
N ASP J 2 -37.04 -10.17 -77.42
CA ASP J 2 -36.17 -9.07 -77.81
C ASP J 2 -35.19 -8.79 -76.67
N ASN J 3 -33.94 -9.16 -76.87
CA ASN J 3 -32.90 -9.01 -75.85
C ASN J 3 -31.97 -7.83 -76.13
N ILE J 4 -32.39 -6.89 -76.98
CA ILE J 4 -31.61 -5.68 -77.17
C ILE J 4 -31.72 -4.77 -75.95
N GLN J 5 -32.76 -4.92 -75.15
CA GLN J 5 -32.86 -4.20 -73.88
C GLN J 5 -32.09 -4.89 -72.77
N GLY J 6 -31.53 -6.08 -73.02
CA GLY J 6 -30.64 -6.71 -72.07
C GLY J 6 -29.32 -5.99 -71.90
N ILE J 7 -28.93 -5.18 -72.89
CA ILE J 7 -27.79 -4.28 -72.74
C ILE J 7 -28.29 -3.06 -72.00
N THR J 8 -28.25 -3.10 -70.68
CA THR J 8 -28.83 -2.06 -69.85
C THR J 8 -27.99 -0.78 -69.91
N LYS J 9 -28.65 0.34 -69.65
CA LYS J 9 -27.95 1.63 -69.64
C LYS J 9 -26.89 1.82 -68.54
N PRO J 10 -26.90 1.14 -67.37
CA PRO J 10 -25.66 1.12 -66.58
C PRO J 10 -24.51 0.39 -67.26
N ALA J 11 -24.78 -0.67 -68.03
CA ALA J 11 -23.70 -1.36 -68.73
C ALA J 11 -23.12 -0.48 -69.84
N ILE J 12 -23.99 0.20 -70.60
CA ILE J 12 -23.52 1.14 -71.62
C ILE J 12 -22.82 2.32 -70.96
N ARG J 13 -23.28 2.74 -69.78
CA ARG J 13 -22.59 3.80 -69.03
C ARG J 13 -21.20 3.38 -68.61
N ARG J 14 -21.04 2.15 -68.10
CA ARG J 14 -19.72 1.65 -67.72
C ARG J 14 -18.80 1.51 -68.93
N LEU J 15 -19.36 1.06 -70.05
CA LEU J 15 -18.56 0.93 -71.28
C LEU J 15 -18.15 2.28 -71.83
N ALA J 16 -19.03 3.29 -71.73
CA ALA J 16 -18.71 4.61 -72.25
C ALA J 16 -17.71 5.33 -71.36
N ARG J 17 -17.86 5.21 -70.04
CA ARG J 17 -16.87 5.80 -69.15
C ARG J 17 -15.56 5.02 -69.12
N ARG J 18 -15.58 3.75 -69.57
CA ARG J 18 -14.33 3.04 -69.82
C ARG J 18 -13.55 3.69 -70.95
N GLY J 19 -14.25 4.15 -71.99
CA GLY J 19 -13.60 4.80 -73.12
C GLY J 19 -13.14 6.22 -72.86
N GLY J 20 -13.52 6.81 -71.73
CA GLY J 20 -13.05 8.13 -71.38
C GLY J 20 -14.09 9.22 -71.53
N VAL J 21 -15.34 8.91 -71.21
CA VAL J 21 -16.45 9.86 -71.28
C VAL J 21 -16.93 10.12 -69.87
N LYS J 22 -17.09 11.40 -69.51
CA LYS J 22 -17.57 11.73 -68.17
C LYS J 22 -19.03 12.16 -68.15
N ARG J 23 -19.60 12.59 -69.27
CA ARG J 23 -21.01 12.95 -69.35
C ARG J 23 -21.64 12.25 -70.55
N ILE J 24 -22.63 11.41 -70.30
CA ILE J 24 -23.28 10.61 -71.34
C ILE J 24 -24.74 11.07 -71.44
N SER J 25 -25.16 11.40 -72.66
CA SER J 25 -26.54 11.77 -72.90
C SER J 25 -27.44 10.54 -72.85
N GLY J 26 -28.74 10.78 -72.66
CA GLY J 26 -29.70 9.69 -72.60
C GLY J 26 -29.99 9.04 -73.94
N LEU J 27 -29.74 9.75 -75.04
CA LEU J 27 -29.97 9.22 -76.37
C LEU J 27 -28.76 8.47 -76.94
N ILE J 28 -27.68 8.37 -76.16
CA ILE J 28 -26.50 7.61 -76.58
C ILE J 28 -26.82 6.13 -76.61
N TYR J 29 -27.64 5.65 -75.67
CA TYR J 29 -27.87 4.23 -75.47
C TYR J 29 -28.61 3.60 -76.65
N GLU J 30 -29.54 4.35 -77.26
CA GLU J 30 -30.33 3.81 -78.36
C GLU J 30 -29.47 3.58 -79.61
N GLU J 31 -28.64 4.58 -79.96
CA GLU J 31 -27.76 4.40 -81.10
C GLU J 31 -26.65 3.40 -80.79
N THR J 32 -26.23 3.29 -79.52
CA THR J 32 -25.26 2.27 -79.15
C THR J 32 -25.83 0.88 -79.33
N ARG J 33 -27.09 0.67 -78.93
CA ARG J 33 -27.76 -0.60 -79.15
C ARG J 33 -27.96 -0.88 -80.64
N GLY J 34 -28.25 0.18 -81.42
CA GLY J 34 -28.39 0.00 -82.86
C GLY J 34 -27.09 -0.39 -83.56
N VAL J 35 -25.98 0.23 -83.16
CA VAL J 35 -24.67 -0.09 -83.73
C VAL J 35 -24.24 -1.49 -83.31
N LEU J 36 -24.52 -1.87 -82.06
CA LEU J 36 -24.24 -3.22 -81.60
C LEU J 36 -25.07 -4.25 -82.36
N LYS J 37 -26.34 -3.92 -82.64
CA LYS J 37 -27.20 -4.82 -83.41
C LYS J 37 -26.73 -4.94 -84.85
N VAL J 38 -26.22 -3.85 -85.43
CA VAL J 38 -25.67 -3.91 -86.79
C VAL J 38 -24.41 -4.77 -86.83
N PHE J 39 -23.53 -4.61 -85.83
CA PHE J 39 -22.30 -5.38 -85.77
C PHE J 39 -22.58 -6.86 -85.56
N LEU J 40 -23.52 -7.19 -84.67
CA LEU J 40 -23.92 -8.57 -84.46
C LEU J 40 -24.85 -9.10 -85.54
N GLU J 41 -25.37 -8.24 -86.41
CA GLU J 41 -26.10 -8.68 -87.59
C GLU J 41 -25.19 -8.93 -88.77
N ASN J 42 -23.98 -8.37 -88.75
CA ASN J 42 -23.00 -8.64 -89.80
C ASN J 42 -22.09 -9.82 -89.45
N VAL J 43 -21.47 -9.78 -88.26
CA VAL J 43 -20.45 -10.76 -87.91
C VAL J 43 -21.06 -12.14 -87.69
N ILE J 44 -22.20 -12.20 -87.00
CA ILE J 44 -22.86 -13.48 -86.77
C ILE J 44 -23.45 -14.03 -88.07
N ARG J 45 -23.87 -13.15 -88.99
CA ARG J 45 -24.31 -13.61 -90.30
C ARG J 45 -23.16 -14.24 -91.09
N ASP J 46 -21.97 -13.63 -91.01
CA ASP J 46 -20.79 -14.21 -91.65
C ASP J 46 -20.41 -15.55 -91.02
N ALA J 47 -20.53 -15.64 -89.69
CA ALA J 47 -20.25 -16.90 -89.00
C ALA J 47 -21.28 -17.98 -89.36
N VAL J 48 -22.53 -17.58 -89.55
CA VAL J 48 -23.57 -18.50 -90.01
C VAL J 48 -23.26 -18.98 -91.42
N THR J 49 -22.73 -18.09 -92.27
CA THR J 49 -22.32 -18.48 -93.61
C THR J 49 -21.16 -19.48 -93.58
N TYR J 50 -20.19 -19.25 -92.68
CA TYR J 50 -19.09 -20.21 -92.52
C TYR J 50 -19.58 -21.56 -92.01
N THR J 51 -20.49 -21.55 -91.03
CA THR J 51 -20.97 -22.80 -90.43
C THR J 51 -21.85 -23.57 -91.41
N GLU J 52 -22.63 -22.86 -92.23
CA GLU J 52 -23.39 -23.49 -93.30
C GLU J 52 -22.48 -24.05 -94.37
N HIS J 53 -21.35 -23.37 -94.64
CA HIS J 53 -20.38 -23.88 -95.60
C HIS J 53 -19.65 -25.11 -95.05
N ALA J 54 -19.56 -25.24 -93.72
CA ALA J 54 -18.84 -26.34 -93.09
C ALA J 54 -19.74 -27.56 -92.84
N LYS J 55 -20.97 -27.54 -93.36
CA LYS J 55 -21.98 -28.60 -93.17
C LYS J 55 -22.26 -28.85 -91.69
N ARG J 56 -22.30 -27.78 -90.90
CA ARG J 56 -22.53 -27.84 -89.48
C ARG J 56 -23.60 -26.82 -89.10
N LYS J 57 -23.99 -26.83 -87.83
CA LYS J 57 -24.88 -25.81 -87.30
C LYS J 57 -24.43 -25.31 -85.92
N THR J 58 -23.26 -25.73 -85.45
CA THR J 58 -22.69 -25.22 -84.22
C THR J 58 -21.65 -24.16 -84.57
N VAL J 59 -21.88 -22.93 -84.11
CA VAL J 59 -21.00 -21.81 -84.46
C VAL J 59 -19.76 -21.89 -83.58
N THR J 60 -18.60 -22.06 -84.22
CA THR J 60 -17.34 -22.17 -83.51
C THR J 60 -16.70 -20.80 -83.33
N ALA J 61 -15.69 -20.74 -82.47
CA ALA J 61 -14.97 -19.49 -82.25
C ALA J 61 -14.05 -19.15 -83.41
N MET J 62 -13.59 -20.17 -84.15
CA MET J 62 -12.72 -19.90 -85.30
C MET J 62 -13.49 -19.27 -86.44
N ASP J 63 -14.77 -19.62 -86.61
CA ASP J 63 -15.63 -18.92 -87.56
C ASP J 63 -15.85 -17.48 -87.13
N VAL J 64 -15.96 -17.24 -85.83
CA VAL J 64 -16.13 -15.88 -85.31
C VAL J 64 -14.91 -15.03 -85.59
N VAL J 65 -13.72 -15.57 -85.30
CA VAL J 65 -12.49 -14.80 -85.54
C VAL J 65 -12.21 -14.68 -87.03
N TYR J 66 -12.70 -15.63 -87.84
CA TYR J 66 -12.62 -15.50 -89.30
C TYR J 66 -13.49 -14.35 -89.80
N ALA J 67 -14.70 -14.23 -89.25
CA ALA J 67 -15.57 -13.10 -89.59
C ALA J 67 -14.99 -11.77 -89.12
N LEU J 68 -14.30 -11.78 -87.97
CA LEU J 68 -13.70 -10.56 -87.47
C LEU J 68 -12.50 -10.12 -88.31
N LYS J 69 -11.65 -11.07 -88.70
CA LYS J 69 -10.51 -10.72 -89.55
C LYS J 69 -10.91 -10.44 -90.99
N ARG J 70 -12.08 -10.93 -91.42
CA ARG J 70 -12.58 -10.61 -92.75
C ARG J 70 -12.94 -9.13 -92.86
N GLN J 71 -13.51 -8.56 -91.80
CA GLN J 71 -13.90 -7.16 -91.78
C GLN J 71 -12.76 -6.24 -91.35
N GLY J 72 -11.58 -6.78 -91.07
CA GLY J 72 -10.44 -5.97 -90.71
C GLY J 72 -10.15 -5.83 -89.23
N ARG J 73 -10.84 -6.59 -88.38
CA ARG J 73 -10.64 -6.55 -86.94
C ARG J 73 -9.96 -7.85 -86.52
N THR J 74 -8.64 -7.86 -86.56
CA THR J 74 -7.88 -9.06 -86.22
C THR J 74 -7.92 -9.28 -84.71
N LEU J 75 -8.28 -10.50 -84.31
CA LEU J 75 -8.42 -10.85 -82.90
C LEU J 75 -7.46 -11.98 -82.55
N TYR J 76 -6.66 -11.78 -81.50
CA TYR J 76 -5.80 -12.82 -80.96
C TYR J 76 -6.44 -13.33 -79.67
N GLY J 77 -6.72 -14.62 -79.63
CA GLY J 77 -7.44 -15.19 -78.50
C GLY J 77 -7.93 -16.60 -78.73
N PHE J 78 -9.23 -16.82 -78.48
CA PHE J 78 -9.84 -18.12 -78.64
C PHE J 78 -9.85 -18.55 -80.10
N GLY J 79 -9.72 -19.86 -80.31
CA GLY J 79 -9.67 -20.42 -81.66
C GLY J 79 -8.29 -20.59 -82.23
N GLY J 80 -7.44 -19.58 -82.05
CA GLY J 80 -6.08 -19.63 -82.55
C GLY J 80 -5.89 -18.91 -83.88
N ARG K 1 15.74 20.55 -106.17
CA ARG K 1 15.17 21.70 -105.51
C ARG K 1 13.94 21.33 -104.69
N ASP K 2 13.56 22.19 -103.77
CA ASP K 2 12.37 21.97 -102.96
C ASP K 2 11.13 22.35 -103.74
N ASN K 3 10.14 21.46 -103.78
CA ASN K 3 8.90 21.68 -104.51
C ASN K 3 7.70 21.76 -103.57
N ILE K 4 7.90 22.27 -102.36
CA ILE K 4 6.77 22.53 -101.48
C ILE K 4 5.95 23.70 -101.98
N GLN K 5 6.57 24.63 -102.71
CA GLN K 5 5.86 25.74 -103.34
C GLN K 5 5.18 25.32 -104.65
N GLY K 6 5.48 24.12 -105.15
CA GLY K 6 4.78 23.63 -106.32
C GLY K 6 3.30 23.39 -106.08
N ILE K 7 2.95 22.95 -104.88
CA ILE K 7 1.55 22.85 -104.48
C ILE K 7 1.12 24.24 -104.03
N THR K 8 0.63 25.04 -104.96
CA THR K 8 0.33 26.44 -104.69
C THR K 8 -0.96 26.58 -103.89
N LYS K 9 -1.17 27.79 -103.36
CA LYS K 9 -2.39 28.09 -102.64
C LYS K 9 -3.67 27.97 -103.47
N PRO K 10 -3.76 28.44 -104.74
CA PRO K 10 -4.98 28.13 -105.50
C PRO K 10 -5.21 26.65 -105.80
N ALA K 11 -4.14 25.84 -105.84
CA ALA K 11 -4.32 24.40 -106.04
C ALA K 11 -5.00 23.76 -104.84
N ILE K 12 -4.54 24.09 -103.63
CA ILE K 12 -5.18 23.61 -102.41
C ILE K 12 -6.57 24.21 -102.25
N ARG K 13 -6.75 25.45 -102.71
CA ARG K 13 -8.07 26.08 -102.71
C ARG K 13 -9.06 25.33 -103.61
N ARG K 14 -8.61 24.95 -104.81
CA ARG K 14 -9.46 24.20 -105.72
C ARG K 14 -9.73 22.79 -105.20
N LEU K 15 -8.75 22.19 -104.53
CA LEU K 15 -8.96 20.88 -103.89
C LEU K 15 -9.95 20.97 -102.74
N ALA K 16 -9.97 22.09 -102.02
CA ALA K 16 -10.95 22.28 -100.95
C ALA K 16 -12.33 22.56 -101.52
N ARG K 17 -12.41 23.32 -102.62
CA ARG K 17 -13.70 23.57 -103.27
C ARG K 17 -14.28 22.30 -103.88
N ARG K 18 -13.42 21.42 -104.40
CA ARG K 18 -13.89 20.12 -104.87
C ARG K 18 -14.33 19.25 -103.71
N GLY K 19 -13.72 19.42 -102.53
CA GLY K 19 -14.18 18.77 -101.31
C GLY K 19 -15.36 19.43 -100.64
N GLY K 20 -15.84 20.56 -101.18
CA GLY K 20 -17.01 21.23 -100.65
C GLY K 20 -16.74 22.00 -99.38
N VAL K 21 -15.79 22.93 -99.43
CA VAL K 21 -15.42 23.74 -98.27
C VAL K 21 -15.85 25.18 -98.55
N LYS K 22 -16.68 25.73 -97.67
CA LYS K 22 -17.20 27.08 -97.88
C LYS K 22 -16.13 28.14 -97.65
N ARG K 23 -15.39 28.04 -96.54
CA ARG K 23 -14.36 29.00 -96.21
C ARG K 23 -13.10 28.27 -95.77
N ILE K 24 -11.95 28.73 -96.27
CA ILE K 24 -10.66 28.09 -96.03
C ILE K 24 -9.84 28.99 -95.12
N SER K 25 -9.31 28.42 -94.04
CA SER K 25 -8.40 29.15 -93.18
C SER K 25 -7.01 29.22 -93.82
N GLY K 26 -6.19 30.15 -93.32
CA GLY K 26 -4.86 30.33 -93.85
C GLY K 26 -3.88 29.24 -93.46
N LEU K 27 -4.14 28.52 -92.37
CA LEU K 27 -3.27 27.45 -91.91
C LEU K 27 -3.68 26.09 -92.43
N ILE K 28 -4.69 26.04 -93.32
CA ILE K 28 -5.10 24.78 -93.93
C ILE K 28 -4.01 24.26 -94.87
N TYR K 29 -3.35 25.19 -95.58
CA TYR K 29 -2.43 24.84 -96.67
C TYR K 29 -1.21 24.10 -96.15
N GLU K 30 -0.67 24.50 -95.00
CA GLU K 30 0.55 23.89 -94.47
C GLU K 30 0.31 22.45 -94.03
N GLU K 31 -0.78 22.22 -93.28
CA GLU K 31 -1.08 20.84 -92.87
C GLU K 31 -1.54 19.98 -94.05
N THR K 32 -2.21 20.58 -95.03
CA THR K 32 -2.60 19.85 -96.24
C THR K 32 -1.36 19.40 -97.01
N ARG K 33 -0.37 20.29 -97.14
CA ARG K 33 0.90 19.92 -97.77
C ARG K 33 1.63 18.87 -96.95
N GLY K 34 1.56 18.95 -95.62
CA GLY K 34 2.20 17.94 -94.79
C GLY K 34 1.58 16.56 -94.91
N VAL K 35 0.24 16.50 -94.97
CA VAL K 35 -0.46 15.23 -95.17
C VAL K 35 -0.18 14.68 -96.57
N LEU K 36 -0.07 15.58 -97.56
CA LEU K 36 0.34 15.17 -98.90
C LEU K 36 1.75 14.60 -98.91
N LYS K 37 2.66 15.21 -98.15
CA LYS K 37 4.02 14.70 -98.02
C LYS K 37 4.05 13.34 -97.34
N VAL K 38 3.21 13.15 -96.33
CA VAL K 38 3.17 11.87 -95.62
C VAL K 38 2.63 10.76 -96.53
N PHE K 39 1.55 11.04 -97.25
CA PHE K 39 0.97 10.05 -98.17
C PHE K 39 1.92 9.74 -99.31
N LEU K 40 2.59 10.76 -99.86
CA LEU K 40 3.54 10.53 -100.94
C LEU K 40 4.78 9.79 -100.45
N GLU K 41 5.29 10.13 -99.25
CA GLU K 41 6.47 9.44 -98.73
C GLU K 41 6.15 8.03 -98.25
N ASN K 42 4.87 7.68 -98.10
CA ASN K 42 4.52 6.27 -97.93
C ASN K 42 4.43 5.55 -99.28
N VAL K 43 3.63 6.09 -100.20
CA VAL K 43 3.29 5.39 -101.43
C VAL K 43 4.49 5.31 -102.36
N ILE K 44 5.23 6.42 -102.52
CA ILE K 44 6.41 6.45 -103.38
C ILE K 44 7.51 5.56 -102.82
N ARG K 45 7.67 5.52 -101.49
CA ARG K 45 8.67 4.63 -100.89
C ARG K 45 8.32 3.16 -101.12
N ASP K 46 7.04 2.82 -101.01
CA ASP K 46 6.61 1.45 -101.33
C ASP K 46 6.83 1.12 -102.80
N ALA K 47 6.61 2.11 -103.68
CA ALA K 47 6.87 1.91 -105.11
C ALA K 47 8.36 1.75 -105.40
N VAL K 48 9.22 2.49 -104.69
CA VAL K 48 10.67 2.33 -104.83
C VAL K 48 11.10 0.95 -104.37
N THR K 49 10.49 0.45 -103.28
CA THR K 49 10.79 -0.91 -102.82
C THR K 49 10.34 -1.96 -103.84
N TYR K 50 9.16 -1.75 -104.44
CA TYR K 50 8.67 -2.64 -105.49
C TYR K 50 9.56 -2.64 -106.72
N THR K 51 10.05 -1.45 -107.11
CA THR K 51 10.94 -1.34 -108.26
C THR K 51 12.32 -1.94 -107.96
N GLU K 52 12.79 -1.77 -106.72
CA GLU K 52 14.08 -2.32 -106.31
C GLU K 52 14.05 -3.84 -106.26
N HIS K 53 12.89 -4.42 -105.94
CA HIS K 53 12.79 -5.88 -106.03
C HIS K 53 12.82 -6.36 -107.47
N ALA K 54 12.32 -5.56 -108.41
CA ALA K 54 12.19 -5.97 -109.80
C ALA K 54 13.45 -5.76 -110.63
N LYS K 55 14.57 -5.42 -109.97
CA LYS K 55 15.88 -5.20 -110.60
C LYS K 55 15.82 -4.11 -111.68
N ARG K 56 15.06 -3.05 -111.40
CA ARG K 56 14.87 -1.96 -112.35
C ARG K 56 15.14 -0.63 -111.67
N LYS K 57 15.56 0.34 -112.48
CA LYS K 57 15.71 1.73 -112.02
C LYS K 57 14.67 2.64 -112.64
N THR K 58 13.67 2.08 -113.32
CA THR K 58 12.57 2.84 -113.91
C THR K 58 11.30 2.51 -113.14
N VAL K 59 10.67 3.54 -112.59
CA VAL K 59 9.46 3.36 -111.77
C VAL K 59 8.27 3.40 -112.70
N THR K 60 7.62 2.25 -112.87
CA THR K 60 6.46 2.15 -113.74
C THR K 60 5.19 2.41 -112.95
N ALA K 61 4.07 2.55 -113.68
CA ALA K 61 2.78 2.77 -113.06
C ALA K 61 2.23 1.52 -112.40
N MET K 62 2.70 0.33 -112.82
CA MET K 62 2.17 -0.91 -112.26
C MET K 62 2.63 -1.08 -110.82
N ASP K 63 3.87 -0.68 -110.52
CA ASP K 63 4.35 -0.65 -109.14
C ASP K 63 3.63 0.40 -108.31
N VAL K 64 3.19 1.50 -108.95
CA VAL K 64 2.39 2.50 -108.26
C VAL K 64 1.03 1.93 -107.87
N VAL K 65 0.43 1.14 -108.76
CA VAL K 65 -0.83 0.45 -108.45
C VAL K 65 -0.60 -0.60 -107.35
N TYR K 66 0.56 -1.26 -107.38
CA TYR K 66 0.93 -2.21 -106.32
C TYR K 66 1.03 -1.52 -104.96
N ALA K 67 1.70 -0.37 -104.92
CA ALA K 67 1.85 0.38 -103.68
C ALA K 67 0.53 0.96 -103.20
N LEU K 68 -0.35 1.34 -104.13
CA LEU K 68 -1.64 1.88 -103.72
C LEU K 68 -2.56 0.80 -103.18
N LYS K 69 -2.56 -0.39 -103.82
CA LYS K 69 -3.39 -1.49 -103.32
C LYS K 69 -2.79 -2.16 -102.09
N ARG K 70 -1.49 -1.96 -101.83
CA ARG K 70 -0.91 -2.44 -100.58
C ARG K 70 -1.46 -1.67 -99.39
N GLN K 71 -1.66 -0.37 -99.55
CA GLN K 71 -2.16 0.50 -98.49
C GLN K 71 -3.69 0.55 -98.43
N GLY K 72 -4.38 -0.22 -99.28
CA GLY K 72 -5.82 -0.23 -99.29
C GLY K 72 -6.48 0.76 -100.22
N ARG K 73 -5.70 1.63 -100.88
CA ARG K 73 -6.25 2.60 -101.81
C ARG K 73 -6.32 1.95 -103.19
N THR K 74 -7.44 1.31 -103.47
CA THR K 74 -7.60 0.62 -104.74
C THR K 74 -7.79 1.64 -105.86
N LEU K 75 -7.02 1.49 -106.94
CA LEU K 75 -7.07 2.40 -108.07
C LEU K 75 -7.25 1.59 -109.35
N TYR K 76 -8.23 1.98 -110.15
CA TYR K 76 -8.45 1.42 -111.48
C TYR K 76 -8.08 2.50 -112.48
N GLY K 77 -6.96 2.32 -113.17
CA GLY K 77 -6.43 3.36 -114.03
C GLY K 77 -5.24 2.92 -114.86
N PHE K 78 -4.20 3.75 -114.89
CA PHE K 78 -2.99 3.45 -115.65
C PHE K 78 -2.27 2.24 -115.06
N GLY K 79 -1.66 1.46 -115.94
CA GLY K 79 -0.93 0.28 -115.53
C GLY K 79 -1.73 -1.00 -115.51
N GLY K 80 -2.90 -0.98 -114.87
CA GLY K 80 -3.75 -2.14 -114.78
C GLY K 80 -3.84 -2.70 -113.38
N SER L 1 -25.55 -40.94 32.47
CA SER L 1 -25.39 -41.39 31.09
C SER L 1 -24.52 -42.63 31.01
N LYS L 2 -25.14 -43.76 30.64
CA LYS L 2 -24.42 -45.02 30.50
C LYS L 2 -23.98 -45.22 29.05
N ALA L 3 -23.19 -44.26 28.57
CA ALA L 3 -22.63 -44.29 27.23
C ALA L 3 -21.11 -44.33 27.30
N PRO L 4 -20.44 -45.06 26.40
CA PRO L 4 -18.98 -45.14 26.45
C PRO L 4 -18.33 -43.84 26.03
N LEU L 5 -17.50 -43.29 26.92
CA LEU L 5 -16.79 -42.05 26.67
C LEU L 5 -15.46 -42.40 25.99
N ARG L 6 -15.38 -42.18 24.68
CA ARG L 6 -14.18 -42.46 23.92
C ARG L 6 -13.73 -41.19 23.21
N GLN L 7 -12.48 -41.20 22.76
CA GLN L 7 -11.89 -40.06 22.07
C GLN L 7 -12.04 -40.25 20.57
N VAL L 8 -12.60 -39.25 19.89
CA VAL L 8 -12.73 -39.31 18.44
C VAL L 8 -11.36 -39.11 17.81
N LYS L 9 -11.15 -39.74 16.65
CA LYS L 9 -9.82 -39.79 16.04
C LYS L 9 -9.67 -38.87 14.83
N ARG L 10 -10.72 -38.67 14.05
CA ARG L 10 -10.63 -37.85 12.85
C ARG L 10 -12.00 -37.27 12.53
N VAL L 11 -12.00 -36.25 11.67
CA VAL L 11 -13.22 -35.56 11.26
C VAL L 11 -13.38 -35.77 9.76
N GLN L 12 -14.53 -36.31 9.35
CA GLN L 12 -14.85 -36.52 7.95
C GLN L 12 -15.88 -35.49 7.52
N PHE L 13 -15.48 -34.55 6.67
CA PHE L 13 -16.40 -33.56 6.16
C PHE L 13 -17.17 -34.12 4.96
N GLY L 14 -18.27 -33.45 4.64
CA GLY L 14 -19.10 -33.92 3.54
C GLY L 14 -20.29 -33.00 3.35
N ILE L 15 -21.17 -33.41 2.44
CA ILE L 15 -22.37 -32.67 2.11
C ILE L 15 -23.58 -33.50 2.54
N LEU L 16 -24.50 -32.87 3.27
CA LEU L 16 -25.69 -33.56 3.74
C LEU L 16 -26.64 -33.80 2.57
N SER L 17 -26.90 -35.07 2.25
CA SER L 17 -27.85 -35.40 1.21
C SER L 17 -29.26 -35.10 1.70
N PRO L 18 -30.17 -34.72 0.78
CA PRO L 18 -31.55 -34.41 1.20
C PRO L 18 -32.30 -35.57 1.83
N ASP L 19 -31.99 -36.81 1.44
CA ASP L 19 -32.52 -37.97 2.15
C ASP L 19 -32.00 -38.03 3.57
N GLU L 20 -30.71 -37.72 3.76
CA GLU L 20 -30.14 -37.69 5.11
C GLU L 20 -30.72 -36.52 5.92
N ILE L 21 -30.96 -35.38 5.25
CA ILE L 21 -31.58 -34.24 5.92
C ILE L 21 -33.00 -34.57 6.37
N ARG L 22 -33.77 -35.26 5.53
CA ARG L 22 -35.09 -35.71 5.92
C ARG L 22 -35.03 -36.77 7.02
N ARG L 23 -33.97 -37.58 7.05
CA ARG L 23 -33.83 -38.61 8.08
C ARG L 23 -33.40 -38.04 9.43
N MET L 24 -32.57 -36.99 9.44
CA MET L 24 -32.15 -36.38 10.70
C MET L 24 -33.30 -35.66 11.39
N SER L 25 -34.21 -35.09 10.62
CA SER L 25 -35.20 -34.16 11.17
C SER L 25 -36.26 -34.88 11.98
N VAL L 26 -36.52 -34.36 13.18
CA VAL L 26 -37.61 -34.88 14.02
C VAL L 26 -38.96 -34.29 13.65
N THR L 27 -39.00 -33.32 12.76
CA THR L 27 -40.24 -32.70 12.31
C THR L 27 -40.81 -33.56 11.19
N GLU L 28 -41.80 -34.39 11.53
CA GLU L 28 -42.42 -35.25 10.54
C GLU L 28 -43.34 -34.43 9.64
N GLY L 29 -43.19 -34.59 8.33
CA GLY L 29 -43.95 -33.84 7.37
C GLY L 29 -43.37 -32.50 7.00
N GLY L 30 -42.29 -32.08 7.65
CA GLY L 30 -41.65 -30.82 7.33
C GLY L 30 -42.26 -29.64 8.09
N VAL L 31 -41.51 -28.55 8.13
CA VAL L 31 -41.98 -27.33 8.77
C VAL L 31 -42.83 -26.56 7.76
N GLN L 32 -44.11 -26.36 8.10
CA GLN L 32 -45.07 -25.78 7.17
C GLN L 32 -45.54 -24.39 7.56
N PHE L 33 -45.49 -24.03 8.83
CA PHE L 33 -46.04 -22.78 9.32
C PHE L 33 -44.92 -21.85 9.80
N ALA L 34 -45.03 -20.58 9.43
CA ALA L 34 -44.07 -19.57 9.86
C ALA L 34 -44.43 -18.95 11.21
N GLU L 35 -45.58 -19.29 11.77
CA GLU L 35 -46.00 -18.73 13.04
C GLU L 35 -45.35 -19.49 14.19
N THR L 36 -44.79 -18.74 15.14
CA THR L 36 -44.09 -19.35 16.28
C THR L 36 -45.04 -19.67 17.43
N MET L 37 -45.96 -18.76 17.74
CA MET L 37 -46.89 -18.92 18.86
C MET L 37 -48.29 -19.14 18.31
N GLU L 38 -48.98 -20.14 18.86
CA GLU L 38 -50.35 -20.48 18.46
C GLU L 38 -51.19 -20.67 19.71
N GLY L 39 -51.79 -19.58 20.19
CA GLY L 39 -52.69 -19.62 21.33
C GLY L 39 -52.05 -19.97 22.65
N GLY L 40 -50.87 -19.44 22.93
CA GLY L 40 -50.20 -19.71 24.18
C GLY L 40 -49.45 -21.02 24.26
N ARG L 41 -49.45 -21.80 23.18
CA ARG L 41 -48.76 -23.09 23.13
C ARG L 41 -47.90 -23.14 21.89
N PRO L 42 -46.79 -23.90 21.93
CA PRO L 42 -46.00 -24.11 20.72
C PRO L 42 -46.76 -24.92 19.68
N LYS L 43 -46.52 -24.59 18.42
CA LYS L 43 -47.21 -25.22 17.29
C LYS L 43 -46.27 -26.21 16.62
N LEU L 44 -46.76 -27.44 16.46
CA LEU L 44 -46.01 -28.46 15.73
C LEU L 44 -45.94 -28.09 14.25
N GLY L 45 -44.77 -28.31 13.65
CA GLY L 45 -44.55 -27.89 12.29
C GLY L 45 -44.27 -26.42 12.12
N GLY L 46 -43.93 -25.70 13.19
CA GLY L 46 -43.61 -24.30 13.13
C GLY L 46 -42.17 -24.01 13.49
N LEU L 47 -41.90 -22.72 13.67
CA LEU L 47 -40.56 -22.26 14.02
C LEU L 47 -40.25 -22.40 15.51
N MET L 48 -41.25 -22.71 16.33
CA MET L 48 -41.04 -22.86 17.76
C MET L 48 -41.53 -24.25 18.12
N ASP L 49 -41.09 -25.24 17.35
CA ASP L 49 -41.53 -26.61 17.54
C ASP L 49 -40.94 -27.19 18.82
N PRO L 50 -41.75 -27.82 19.68
CA PRO L 50 -41.19 -28.46 20.88
C PRO L 50 -40.33 -29.67 20.59
N ARG L 51 -40.46 -30.29 19.41
CA ARG L 51 -39.61 -31.42 19.07
C ARG L 51 -38.19 -30.97 18.74
N GLN L 52 -38.01 -29.72 18.33
CA GLN L 52 -36.68 -29.22 18.01
C GLN L 52 -35.85 -28.95 19.25
N GLY L 53 -36.49 -28.55 20.35
CA GLY L 53 -35.76 -28.20 21.55
C GLY L 53 -36.68 -27.66 22.62
N VAL L 54 -36.11 -26.87 23.52
CA VAL L 54 -36.83 -26.32 24.65
C VAL L 54 -37.14 -24.84 24.39
N ILE L 55 -37.98 -24.26 25.25
CA ILE L 55 -38.43 -22.88 25.09
C ILE L 55 -37.81 -21.98 26.16
N ASP L 56 -38.11 -22.24 27.43
CA ASP L 56 -37.59 -21.43 28.52
C ASP L 56 -37.02 -22.33 29.61
N ARG L 57 -36.71 -21.73 30.76
CA ARG L 57 -36.01 -22.42 31.83
C ARG L 57 -36.86 -23.46 32.55
N THR L 58 -38.18 -23.42 32.40
CA THR L 58 -39.05 -24.37 33.07
C THR L 58 -39.57 -25.48 32.16
N SER L 59 -39.36 -25.38 30.84
CA SER L 59 -39.90 -26.34 29.90
C SER L 59 -38.93 -27.50 29.67
N ARG L 60 -39.45 -28.54 29.03
CA ARG L 60 -38.68 -29.73 28.68
C ARG L 60 -38.82 -30.01 27.19
N CYS L 61 -37.82 -30.71 26.65
CA CYS L 61 -37.85 -31.07 25.23
C CYS L 61 -38.89 -32.16 24.98
N GLN L 62 -39.54 -32.10 23.83
CA GLN L 62 -40.50 -33.12 23.45
C GLN L 62 -39.82 -34.41 23.03
N THR L 63 -38.57 -34.35 22.57
CA THR L 63 -37.85 -35.50 22.05
C THR L 63 -36.98 -36.18 23.10
N CYS L 64 -36.03 -35.44 23.68
CA CYS L 64 -35.05 -36.02 24.59
C CYS L 64 -35.40 -35.81 26.06
N ALA L 65 -36.47 -35.04 26.35
CA ALA L 65 -37.00 -34.81 27.70
C ALA L 65 -35.95 -34.20 28.64
N GLY L 66 -35.31 -33.12 28.19
CA GLY L 66 -34.26 -32.47 28.95
C GLY L 66 -34.48 -30.98 29.05
N ASN L 67 -33.65 -30.34 29.87
CA ASN L 67 -33.62 -28.90 30.03
C ASN L 67 -32.70 -28.29 28.97
N MET L 68 -32.29 -27.03 29.17
CA MET L 68 -31.35 -26.39 28.25
C MET L 68 -30.00 -27.09 28.28
N THR L 69 -29.53 -27.46 29.46
CA THR L 69 -28.22 -28.06 29.61
C THR L 69 -28.19 -29.51 29.14
N GLU L 70 -29.34 -30.17 29.09
CA GLU L 70 -29.41 -31.57 28.68
C GLU L 70 -29.75 -31.72 27.19
N CYS L 71 -30.67 -30.92 26.68
CA CYS L 71 -31.04 -31.02 25.27
C CYS L 71 -30.00 -30.32 24.41
N PRO L 72 -29.38 -31.02 23.45
CA PRO L 72 -28.47 -30.35 22.51
C PRO L 72 -29.17 -29.67 21.36
N GLY L 73 -30.49 -29.82 21.24
CA GLY L 73 -31.21 -29.28 20.11
C GLY L 73 -31.30 -30.27 18.97
N HIS L 74 -32.46 -30.35 18.33
CA HIS L 74 -32.70 -31.30 17.25
C HIS L 74 -33.17 -30.54 16.01
N PHE L 75 -32.65 -30.96 14.86
CA PHE L 75 -32.83 -30.23 13.61
C PHE L 75 -34.19 -30.54 12.98
N GLY L 76 -34.62 -29.63 12.11
CA GLY L 76 -35.81 -29.83 11.31
C GLY L 76 -35.47 -29.80 9.83
N HIS L 77 -36.50 -29.96 9.00
CA HIS L 77 -36.32 -29.88 7.57
C HIS L 77 -37.52 -29.20 6.92
N ILE L 78 -37.26 -28.52 5.82
CA ILE L 78 -38.30 -27.90 5.01
C ILE L 78 -38.18 -28.48 3.60
N ASP L 79 -39.27 -29.08 3.12
CA ASP L 79 -39.32 -29.66 1.78
C ASP L 79 -39.69 -28.55 0.81
N LEU L 80 -38.71 -28.02 0.09
CA LEU L 80 -38.98 -27.02 -0.93
C LEU L 80 -39.65 -27.67 -2.14
N ALA L 81 -40.61 -26.95 -2.73
CA ALA L 81 -41.31 -27.47 -3.89
C ALA L 81 -40.39 -27.53 -5.11
N LYS L 82 -39.51 -26.54 -5.26
CA LYS L 82 -38.56 -26.51 -6.35
C LYS L 82 -37.16 -26.28 -5.80
N PRO L 83 -36.15 -26.97 -6.35
CA PRO L 83 -34.79 -26.79 -5.85
C PRO L 83 -34.20 -25.43 -6.19
N VAL L 84 -33.31 -24.97 -5.32
CA VAL L 84 -32.67 -23.67 -5.46
C VAL L 84 -31.16 -23.82 -5.28
N PHE L 85 -30.43 -22.85 -5.81
CA PHE L 85 -28.98 -22.86 -5.69
C PHE L 85 -28.53 -22.54 -4.28
N HIS L 86 -27.44 -23.18 -3.87
CA HIS L 86 -26.66 -22.74 -2.71
C HIS L 86 -25.58 -21.79 -3.22
N ILE L 87 -25.60 -20.54 -2.74
CA ILE L 87 -24.78 -19.49 -3.35
C ILE L 87 -23.29 -19.73 -3.10
N GLY L 88 -22.93 -20.17 -1.89
CA GLY L 88 -21.53 -20.41 -1.58
C GLY L 88 -20.94 -21.55 -2.38
N PHE L 89 -21.74 -22.57 -2.67
CA PHE L 89 -21.33 -23.68 -3.53
C PHE L 89 -21.31 -23.31 -5.00
N ILE L 90 -21.79 -22.12 -5.37
CA ILE L 90 -21.85 -21.69 -6.78
C ILE L 90 -20.46 -21.63 -7.39
N THR L 91 -19.49 -21.09 -6.63
CA THR L 91 -18.10 -21.05 -7.06
C THR L 91 -17.50 -22.44 -7.21
N LYS L 92 -18.07 -23.46 -6.55
CA LYS L 92 -17.70 -24.83 -6.86
C LYS L 92 -18.48 -25.39 -8.04
N THR L 93 -19.77 -25.01 -8.15
CA THR L 93 -20.71 -25.70 -9.05
C THR L 93 -20.32 -25.55 -10.51
N ILE L 94 -19.92 -24.33 -10.91
CA ILE L 94 -19.46 -24.09 -12.27
C ILE L 94 -18.20 -24.89 -12.58
N LYS L 95 -17.37 -25.14 -11.56
CA LYS L 95 -16.19 -25.99 -11.72
C LYS L 95 -16.57 -27.42 -12.07
N ILE L 96 -17.75 -27.88 -11.67
CA ILE L 96 -18.26 -29.14 -12.21
C ILE L 96 -18.97 -28.89 -13.53
N LEU L 97 -19.66 -27.75 -13.66
CA LEU L 97 -20.49 -27.49 -14.83
C LEU L 97 -19.67 -27.22 -16.08
N ARG L 98 -18.45 -26.70 -15.92
CA ARG L 98 -17.54 -26.53 -17.05
C ARG L 98 -16.74 -27.79 -17.35
N CYS L 99 -16.90 -28.84 -16.54
CA CYS L 99 -16.20 -30.10 -16.76
C CYS L 99 -17.12 -31.23 -17.19
N VAL L 100 -18.43 -31.13 -16.97
CA VAL L 100 -19.36 -32.15 -17.38
C VAL L 100 -20.22 -31.61 -18.52
N CYS L 101 -20.84 -32.53 -19.25
CA CYS L 101 -21.60 -32.16 -20.43
C CYS L 101 -22.94 -31.55 -20.05
N PHE L 102 -23.41 -30.63 -20.90
CA PHE L 102 -24.69 -29.96 -20.67
C PHE L 102 -25.89 -30.81 -21.08
N TYR L 103 -25.70 -31.81 -21.93
CA TYR L 103 -26.81 -32.58 -22.48
C TYR L 103 -26.81 -34.03 -21.99
N CYS L 104 -25.73 -34.77 -22.24
CA CYS L 104 -25.66 -36.17 -21.83
C CYS L 104 -25.05 -36.35 -20.46
N SER L 105 -24.63 -35.25 -19.81
CA SER L 105 -24.08 -35.22 -18.44
C SER L 105 -22.86 -36.11 -18.28
N LYS L 106 -22.04 -36.21 -19.33
CA LYS L 106 -20.83 -37.02 -19.30
C LYS L 106 -19.62 -36.10 -19.25
N MET L 107 -18.44 -36.71 -19.22
CA MET L 107 -17.21 -35.99 -18.96
C MET L 107 -16.59 -35.54 -20.28
N LEU L 108 -16.01 -34.33 -20.30
CA LEU L 108 -15.50 -33.75 -21.55
C LEU L 108 -14.26 -34.47 -22.06
N VAL L 109 -13.49 -35.08 -21.18
CA VAL L 109 -12.35 -35.91 -21.57
C VAL L 109 -12.54 -37.31 -20.97
N SER L 110 -12.29 -38.33 -21.79
CA SER L 110 -12.66 -39.70 -21.42
C SER L 110 -11.76 -40.23 -20.31
N PRO L 111 -12.32 -40.91 -19.30
CA PRO L 111 -11.57 -41.21 -18.07
C PRO L 111 -10.44 -42.22 -18.23
N HIS L 112 -10.33 -42.91 -19.36
CA HIS L 112 -9.18 -43.77 -19.62
C HIS L 112 -8.03 -43.04 -20.29
N ASN L 113 -8.04 -41.71 -20.26
CA ASN L 113 -6.94 -40.93 -20.84
C ASN L 113 -5.68 -41.09 -19.98
N PRO L 114 -4.51 -41.21 -20.61
CA PRO L 114 -3.26 -41.28 -19.83
C PRO L 114 -2.97 -40.02 -19.03
N LYS L 115 -3.38 -38.85 -19.51
CA LYS L 115 -3.22 -37.62 -18.73
C LYS L 115 -4.10 -37.65 -17.47
N ILE L 116 -5.32 -38.18 -17.60
CA ILE L 116 -6.21 -38.33 -16.45
C ILE L 116 -5.63 -39.30 -15.43
N LYS L 117 -5.07 -40.42 -15.91
CA LYS L 117 -4.44 -41.39 -15.03
C LYS L 117 -3.20 -40.81 -14.35
N GLU L 118 -2.42 -40.01 -15.08
CA GLU L 118 -1.25 -39.36 -14.49
C GLU L 118 -1.66 -38.35 -13.42
N ILE L 119 -2.77 -37.64 -13.64
CA ILE L 119 -3.30 -36.74 -12.62
C ILE L 119 -3.80 -37.54 -11.40
N VAL L 120 -4.42 -38.69 -11.65
CA VAL L 120 -4.98 -39.50 -10.57
C VAL L 120 -3.88 -40.09 -9.69
N MET L 121 -2.85 -40.68 -10.30
CA MET L 121 -1.73 -41.18 -9.50
C MET L 121 -0.86 -40.05 -8.96
N LYS L 122 -0.89 -38.88 -9.59
CA LYS L 122 -0.11 -37.76 -9.06
C LYS L 122 -0.79 -37.14 -7.84
N SER L 123 -2.11 -37.05 -7.84
CA SER L 123 -2.86 -36.34 -6.82
C SER L 123 -3.65 -37.28 -5.91
N ARG L 124 -3.03 -38.39 -5.51
CA ARG L 124 -3.68 -39.30 -4.57
C ARG L 124 -3.77 -38.66 -3.19
N GLY L 125 -4.97 -38.59 -2.64
CA GLY L 125 -5.20 -37.95 -1.37
C GLY L 125 -5.31 -36.44 -1.43
N GLN L 126 -5.26 -35.84 -2.61
CA GLN L 126 -5.35 -34.39 -2.79
C GLN L 126 -6.48 -34.12 -3.77
N PRO L 127 -7.73 -34.07 -3.28
CA PRO L 127 -8.87 -33.94 -4.19
C PRO L 127 -9.05 -32.53 -4.77
N ARG L 128 -8.62 -31.52 -4.02
CA ARG L 128 -8.75 -30.13 -4.49
C ARG L 128 -7.80 -29.85 -5.64
N LYS L 129 -6.55 -30.30 -5.53
CA LYS L 129 -5.60 -30.19 -6.63
C LYS L 129 -6.01 -31.07 -7.80
N ARG L 130 -6.65 -32.21 -7.53
CA ARG L 130 -7.17 -33.06 -8.59
C ARG L 130 -8.27 -32.35 -9.38
N LEU L 131 -9.19 -31.67 -8.69
CA LEU L 131 -10.23 -30.90 -9.37
C LEU L 131 -9.65 -29.71 -10.12
N ALA L 132 -8.61 -29.09 -9.56
CA ALA L 132 -7.93 -28.00 -10.25
C ALA L 132 -7.26 -28.46 -11.54
N TYR L 133 -6.62 -29.63 -11.50
CA TYR L 133 -5.99 -30.17 -12.70
C TYR L 133 -7.02 -30.60 -13.73
N VAL L 134 -8.15 -31.15 -13.27
CA VAL L 134 -9.25 -31.53 -14.17
C VAL L 134 -9.83 -30.29 -14.86
N TYR L 135 -10.04 -29.21 -14.09
CA TYR L 135 -10.55 -27.98 -14.67
C TYR L 135 -9.55 -27.31 -15.61
N ASP L 136 -8.25 -27.44 -15.32
CA ASP L 136 -7.24 -26.94 -16.25
C ASP L 136 -7.19 -27.77 -17.53
N LEU L 137 -7.42 -29.08 -17.43
CA LEU L 137 -7.46 -29.91 -18.62
C LEU L 137 -8.71 -29.67 -19.45
N CYS L 138 -9.83 -29.32 -18.81
CA CYS L 138 -11.11 -29.16 -19.49
C CYS L 138 -11.45 -27.71 -19.79
N LYS L 139 -10.49 -26.79 -19.64
CA LYS L 139 -10.76 -25.39 -19.95
C LYS L 139 -10.87 -25.17 -21.45
N GLY L 140 -10.11 -25.90 -22.25
CA GLY L 140 -10.10 -25.76 -23.69
C GLY L 140 -11.05 -26.65 -24.45
N LYS L 141 -11.91 -27.40 -23.77
CA LYS L 141 -12.84 -28.31 -24.44
C LYS L 141 -14.17 -27.61 -24.66
N THR L 142 -14.60 -27.57 -25.92
CA THR L 142 -15.86 -26.92 -26.28
C THR L 142 -16.86 -27.85 -26.96
N ILE L 143 -16.48 -29.07 -27.31
CA ILE L 143 -17.34 -30.00 -28.04
C ILE L 143 -17.34 -31.35 -27.33
N CYS L 144 -18.53 -31.93 -27.19
CA CYS L 144 -18.68 -33.26 -26.60
C CYS L 144 -18.40 -34.29 -27.67
N GLU L 145 -16.97 -34.47 -27.91
CA GLU L 145 -16.50 -35.39 -28.94
C GLU L 145 -16.55 -36.82 -28.42
N GLY L 146 -17.11 -37.72 -29.23
CA GLY L 146 -17.17 -39.11 -28.85
C GLY L 146 -17.77 -39.95 -29.97
N GLY L 147 -17.80 -41.25 -29.74
CA GLY L 147 -18.32 -42.19 -30.71
C GLY L 147 -17.35 -43.31 -31.02
N GLU L 148 -17.84 -44.56 -30.94
CA GLU L 148 -16.99 -45.71 -31.24
C GLU L 148 -16.70 -45.86 -32.73
N ASP L 149 -17.53 -45.29 -33.59
CA ASP L 149 -17.35 -45.36 -35.04
C ASP L 149 -16.76 -44.08 -35.61
N MET L 150 -16.11 -43.27 -34.80
CA MET L 150 -15.50 -42.02 -35.24
C MET L 150 -14.02 -42.18 -35.60
N ASP L 151 -13.48 -43.40 -35.51
CA ASP L 151 -12.09 -43.66 -35.88
C ASP L 151 -11.98 -44.59 -37.09
N LEU L 152 -12.99 -44.56 -37.96
CA LEU L 152 -13.00 -45.40 -39.16
C LEU L 152 -12.31 -44.66 -40.31
N THR L 153 -10.99 -44.55 -40.18
CA THR L 153 -10.16 -43.92 -41.20
C THR L 153 -9.40 -44.94 -42.05
N LYS L 154 -9.33 -46.20 -41.61
CA LYS L 154 -8.64 -47.24 -42.34
C LYS L 154 -9.59 -47.93 -43.32
N GLU L 155 -9.00 -48.56 -44.34
CA GLU L 155 -9.74 -49.27 -45.37
C GLU L 155 -9.46 -50.76 -45.26
N ASN L 156 -10.54 -51.56 -45.41
CA ASN L 156 -10.51 -53.03 -45.32
C ASN L 156 -9.97 -53.50 -43.98
N GLN L 157 -10.42 -52.85 -42.91
CA GLN L 157 -9.99 -53.16 -41.56
C GLN L 157 -11.02 -54.07 -40.89
N GLN L 158 -10.59 -55.23 -40.43
CA GLN L 158 -11.48 -56.14 -39.74
C GLN L 158 -11.80 -55.59 -38.35
N PRO L 159 -13.06 -55.61 -37.93
CA PRO L 159 -13.39 -55.13 -36.57
C PRO L 159 -12.83 -56.04 -35.49
N ASP L 160 -12.46 -55.42 -34.38
CA ASP L 160 -11.79 -56.12 -33.29
C ASP L 160 -12.80 -56.43 -32.19
N PRO L 161 -13.08 -57.70 -31.88
CA PRO L 161 -13.99 -58.01 -30.76
C PRO L 161 -13.40 -57.75 -29.39
N ASN L 162 -12.07 -57.59 -29.29
CA ASN L 162 -11.41 -57.28 -28.04
C ASN L 162 -11.11 -55.80 -27.89
N LYS L 163 -11.75 -54.96 -28.70
CA LYS L 163 -11.53 -53.52 -28.63
C LYS L 163 -12.18 -52.93 -27.38
N LYS L 164 -11.48 -51.98 -26.76
CA LYS L 164 -12.04 -51.28 -25.63
C LYS L 164 -13.15 -50.34 -26.09
N PRO L 165 -14.10 -49.99 -25.21
CA PRO L 165 -15.10 -48.98 -25.57
C PRO L 165 -14.47 -47.60 -25.72
N GLY L 166 -15.01 -46.83 -26.66
CA GLY L 166 -14.54 -45.48 -26.91
C GLY L 166 -15.29 -44.45 -26.09
N HIS L 167 -15.11 -43.18 -26.47
CA HIS L 167 -15.75 -42.07 -25.69
C HIS L 167 -17.20 -41.90 -26.14
N GLY L 168 -18.06 -41.44 -25.23
CA GLY L 168 -19.47 -41.17 -25.59
C GLY L 168 -19.73 -39.69 -25.76
N GLY L 169 -19.80 -39.21 -27.01
CA GLY L 169 -20.01 -37.77 -27.27
C GLY L 169 -21.34 -37.53 -27.95
N CYS L 170 -22.27 -36.84 -27.29
CA CYS L 170 -23.59 -36.62 -27.85
C CYS L 170 -23.57 -35.69 -29.06
N GLY L 171 -22.39 -35.25 -29.48
CA GLY L 171 -22.27 -34.35 -30.63
C GLY L 171 -22.83 -32.97 -30.39
N HIS L 172 -22.68 -32.44 -29.19
CA HIS L 172 -23.22 -31.14 -28.83
C HIS L 172 -22.11 -30.24 -28.29
N TYR L 173 -22.25 -28.94 -28.55
CA TYR L 173 -21.28 -27.95 -28.12
C TYR L 173 -21.62 -27.48 -26.72
N GLN L 174 -20.64 -27.47 -25.84
CA GLN L 174 -20.86 -27.03 -24.47
C GLN L 174 -20.88 -25.51 -24.39
N PRO L 175 -21.93 -24.91 -23.83
CA PRO L 175 -22.03 -23.45 -23.81
C PRO L 175 -21.10 -22.82 -22.78
N SER L 176 -20.70 -21.59 -23.09
CA SER L 176 -20.03 -20.75 -22.10
C SER L 176 -21.04 -20.30 -21.05
N ILE L 177 -20.61 -20.35 -19.78
CA ILE L 177 -21.48 -20.09 -18.64
C ILE L 177 -21.09 -18.75 -18.05
N ARG L 178 -22.05 -17.84 -17.96
CA ARG L 178 -21.85 -16.51 -17.38
C ARG L 178 -22.80 -16.31 -16.22
N ARG L 179 -22.45 -15.38 -15.34
CA ARG L 179 -23.19 -15.18 -14.11
C ARG L 179 -23.06 -13.73 -13.65
N THR L 180 -24.18 -13.14 -13.22
CA THR L 180 -24.24 -11.79 -12.68
C THR L 180 -24.95 -11.79 -11.34
N GLY L 181 -24.57 -12.72 -10.47
CA GLY L 181 -25.22 -12.86 -9.18
C GLY L 181 -25.69 -14.28 -8.93
N LEU L 182 -27.02 -14.46 -8.83
CA LEU L 182 -27.59 -15.79 -8.72
C LEU L 182 -28.08 -16.34 -10.04
N ASP L 183 -28.35 -15.46 -11.02
CA ASP L 183 -28.78 -15.92 -12.33
C ASP L 183 -27.62 -16.52 -13.10
N LEU L 184 -27.91 -17.60 -13.83
CA LEU L 184 -26.92 -18.31 -14.63
C LEU L 184 -27.36 -18.30 -16.09
N THR L 185 -26.49 -17.85 -16.98
CA THR L 185 -26.78 -17.79 -18.40
C THR L 185 -25.81 -18.67 -19.16
N ALA L 186 -26.29 -19.28 -20.24
CA ALA L 186 -25.48 -20.12 -21.11
C ALA L 186 -25.57 -19.59 -22.53
N GLU L 187 -24.41 -19.42 -23.17
CA GLU L 187 -24.33 -18.91 -24.52
C GLU L 187 -23.55 -19.90 -25.38
N TRP L 188 -24.09 -20.18 -26.57
CA TRP L 188 -23.43 -21.06 -27.54
C TRP L 188 -22.79 -20.19 -28.62
N LYS L 189 -21.46 -20.17 -28.67
CA LYS L 189 -20.77 -19.43 -29.72
C LYS L 189 -20.90 -20.13 -31.07
N HIS L 190 -21.00 -21.46 -31.06
CA HIS L 190 -21.28 -22.24 -32.27
C HIS L 190 -22.69 -22.82 -32.14
N GLN L 191 -23.48 -22.69 -33.19
CA GLN L 191 -24.89 -23.05 -33.12
C GLN L 191 -25.08 -24.57 -33.14
N ASN L 192 -25.91 -25.05 -32.22
CA ASN L 192 -26.36 -26.43 -32.19
C ASN L 192 -27.53 -26.64 -33.14
N GLU L 193 -28.27 -27.73 -32.95
CA GLU L 193 -29.48 -28.00 -33.72
C GLU L 193 -30.51 -26.90 -33.52
N ASP L 194 -31.38 -26.73 -34.52
CA ASP L 194 -32.26 -25.58 -34.63
C ASP L 194 -33.33 -25.50 -33.55
N SER L 195 -33.57 -26.58 -32.81
CA SER L 195 -34.49 -26.54 -31.68
C SER L 195 -33.89 -25.86 -30.46
N GLN L 196 -32.58 -25.62 -30.44
CA GLN L 196 -31.90 -24.97 -29.34
C GLN L 196 -31.45 -23.58 -29.76
N GLU L 197 -31.81 -22.58 -28.96
CA GLU L 197 -31.41 -21.20 -29.23
C GLU L 197 -30.07 -20.88 -28.57
N LYS L 198 -29.48 -19.77 -29.01
CA LYS L 198 -28.08 -19.49 -28.67
C LYS L 198 -27.91 -18.97 -27.24
N LYS L 199 -28.90 -18.25 -26.70
CA LYS L 199 -28.80 -17.71 -25.35
C LYS L 199 -29.93 -18.26 -24.50
N ILE L 200 -29.58 -18.93 -23.40
CA ILE L 200 -30.57 -19.51 -22.51
C ILE L 200 -30.23 -19.11 -21.08
N VAL L 201 -31.23 -19.10 -20.22
CA VAL L 201 -31.05 -18.98 -18.78
C VAL L 201 -31.24 -20.37 -18.17
N VAL L 202 -30.35 -20.74 -17.25
CA VAL L 202 -30.33 -22.07 -16.68
C VAL L 202 -30.75 -21.97 -15.21
N SER L 203 -31.86 -22.61 -14.87
CA SER L 203 -32.34 -22.62 -13.51
C SER L 203 -31.63 -23.70 -12.70
N ALA L 204 -31.99 -23.81 -11.42
CA ALA L 204 -31.40 -24.83 -10.56
C ALA L 204 -31.89 -26.24 -10.90
N GLU L 205 -33.05 -26.35 -11.55
CA GLU L 205 -33.59 -27.66 -11.88
C GLU L 205 -32.79 -28.33 -13.00
N ARG L 206 -32.36 -27.55 -14.00
CA ARG L 206 -31.55 -28.09 -15.08
C ARG L 206 -30.18 -28.53 -14.57
N VAL L 207 -29.57 -27.73 -13.69
CA VAL L 207 -28.29 -28.10 -13.09
C VAL L 207 -28.46 -29.32 -12.19
N TRP L 208 -29.59 -29.42 -11.48
CA TRP L 208 -29.87 -30.57 -10.63
C TRP L 208 -30.02 -31.85 -11.46
N GLU L 209 -30.69 -31.75 -12.60
CA GLU L 209 -30.84 -32.91 -13.48
C GLU L 209 -29.53 -33.26 -14.17
N ILE L 210 -28.68 -32.27 -14.45
CA ILE L 210 -27.37 -32.54 -15.06
C ILE L 210 -26.46 -33.25 -14.06
N LEU L 211 -26.40 -32.75 -12.82
CA LEU L 211 -25.54 -33.34 -11.81
C LEU L 211 -26.13 -34.62 -11.21
N LYS L 212 -27.41 -34.89 -11.43
CA LYS L 212 -28.01 -36.13 -10.94
C LYS L 212 -27.53 -37.33 -11.76
N HIS L 213 -27.37 -37.17 -13.07
CA HIS L 213 -27.06 -38.27 -13.97
C HIS L 213 -25.57 -38.46 -14.18
N ILE L 214 -24.74 -38.11 -13.21
CA ILE L 214 -23.29 -38.31 -13.28
C ILE L 214 -22.94 -39.52 -12.45
N THR L 215 -22.21 -40.47 -13.06
CA THR L 215 -21.81 -41.69 -12.37
C THR L 215 -20.73 -41.39 -11.33
N ASP L 216 -20.54 -42.35 -10.42
CA ASP L 216 -19.58 -42.18 -9.33
C ASP L 216 -18.14 -42.22 -9.84
N GLU L 217 -17.87 -42.95 -10.92
CA GLU L 217 -16.53 -43.03 -11.48
C GLU L 217 -16.08 -41.69 -12.05
N GLU L 218 -16.99 -40.97 -12.69
CA GLU L 218 -16.67 -39.61 -13.15
C GLU L 218 -16.54 -38.64 -11.99
N CYS L 219 -17.21 -38.91 -10.86
CA CYS L 219 -17.03 -38.08 -9.68
C CYS L 219 -15.70 -38.37 -9.01
N PHE L 220 -15.16 -39.58 -9.17
CA PHE L 220 -13.89 -39.93 -8.54
C PHE L 220 -12.73 -39.21 -9.20
N ILE L 221 -12.72 -39.15 -10.54
CA ILE L 221 -11.68 -38.41 -11.25
C ILE L 221 -11.86 -36.91 -11.04
N LEU L 222 -13.09 -36.47 -10.75
CA LEU L 222 -13.36 -35.09 -10.39
C LEU L 222 -12.86 -34.71 -9.00
N GLY L 223 -12.30 -35.65 -8.25
CA GLY L 223 -11.84 -35.36 -6.91
C GLY L 223 -12.93 -35.09 -5.92
N MET L 224 -14.05 -35.82 -5.99
CA MET L 224 -15.21 -35.50 -5.18
C MET L 224 -15.94 -36.80 -4.85
N ASP L 225 -15.86 -37.22 -3.58
CA ASP L 225 -16.23 -38.57 -3.17
C ASP L 225 -17.73 -38.79 -3.21
N PRO L 226 -18.24 -39.80 -3.94
CA PRO L 226 -19.69 -40.01 -4.03
C PRO L 226 -20.34 -40.54 -2.76
N LYS L 227 -19.57 -41.04 -1.79
CA LYS L 227 -20.16 -41.60 -0.57
C LYS L 227 -20.76 -40.52 0.31
N TYR L 228 -20.09 -39.38 0.42
CA TYR L 228 -20.55 -38.29 1.28
C TYR L 228 -20.75 -36.98 0.56
N ALA L 229 -20.24 -36.82 -0.66
CA ALA L 229 -20.16 -35.53 -1.35
C ALA L 229 -20.57 -35.67 -2.81
N ARG L 230 -21.75 -36.23 -3.06
CA ARG L 230 -22.25 -36.26 -4.44
C ARG L 230 -22.55 -34.85 -4.94
N PRO L 231 -22.30 -34.55 -6.22
CA PRO L 231 -22.44 -33.17 -6.71
C PRO L 231 -23.88 -32.68 -6.77
N ASP L 232 -24.86 -33.57 -6.88
CA ASP L 232 -26.25 -33.15 -6.92
C ASP L 232 -26.79 -32.71 -5.56
N TRP L 233 -26.04 -32.96 -4.48
CA TRP L 233 -26.48 -32.58 -3.14
C TRP L 233 -26.12 -31.15 -2.80
N MET L 234 -25.35 -30.46 -3.64
CA MET L 234 -25.03 -29.06 -3.40
C MET L 234 -26.19 -28.13 -3.69
N ILE L 235 -27.17 -28.57 -4.48
CA ILE L 235 -28.34 -27.76 -4.81
C ILE L 235 -29.39 -28.03 -3.74
N VAL L 236 -29.88 -26.96 -3.13
CA VAL L 236 -30.76 -27.06 -1.97
C VAL L 236 -32.14 -27.49 -2.44
N THR L 237 -32.52 -28.73 -2.14
CA THR L 237 -33.87 -29.22 -2.36
C THR L 237 -34.65 -29.37 -1.06
N VAL L 238 -34.00 -29.84 -0.01
CA VAL L 238 -34.56 -29.89 1.34
C VAL L 238 -33.68 -29.04 2.23
N LEU L 239 -34.25 -27.98 2.79
CA LEU L 239 -33.46 -27.03 3.58
C LEU L 239 -33.45 -27.44 5.04
N PRO L 240 -32.28 -27.61 5.66
CA PRO L 240 -32.25 -27.90 7.10
C PRO L 240 -32.65 -26.69 7.93
N VAL L 241 -33.29 -26.97 9.05
CA VAL L 241 -33.77 -25.96 9.99
C VAL L 241 -32.97 -26.12 11.28
N PRO L 242 -32.22 -25.10 11.71
CA PRO L 242 -31.44 -25.22 12.94
C PRO L 242 -32.35 -25.25 14.16
N PRO L 243 -31.91 -25.87 15.25
CA PRO L 243 -32.75 -25.93 16.46
C PRO L 243 -32.79 -24.61 17.23
N LEU L 244 -33.44 -24.62 18.39
CA LEU L 244 -33.54 -23.42 19.21
C LEU L 244 -32.23 -23.07 19.91
N ALA L 245 -31.27 -23.99 19.95
CA ALA L 245 -29.95 -23.65 20.49
C ALA L 245 -29.20 -22.72 19.56
N VAL L 246 -29.31 -22.94 18.25
CA VAL L 246 -28.66 -22.06 17.29
C VAL L 246 -29.36 -20.71 17.23
N ARG L 247 -30.69 -20.70 17.23
CA ARG L 247 -31.48 -19.47 17.23
C ARG L 247 -32.24 -19.35 18.55
N PRO L 248 -31.69 -18.62 19.52
CA PRO L 248 -32.33 -18.51 20.83
C PRO L 248 -33.51 -17.55 20.81
N ALA L 249 -34.43 -17.77 21.75
CA ALA L 249 -35.57 -16.87 21.93
C ALA L 249 -35.14 -15.73 22.83
N VAL L 250 -35.00 -14.54 22.27
CA VAL L 250 -34.53 -13.38 23.01
C VAL L 250 -35.68 -12.86 23.89
N VAL L 251 -35.49 -12.89 25.19
CA VAL L 251 -36.49 -12.43 26.14
C VAL L 251 -36.25 -10.96 26.45
N MET L 252 -37.31 -10.16 26.45
CA MET L 252 -37.24 -8.73 26.72
C MET L 252 -37.61 -8.42 28.17
N PHE L 253 -38.83 -8.77 28.58
CA PHE L 253 -39.30 -8.50 29.93
C PHE L 253 -40.37 -9.54 30.25
N GLY L 254 -40.00 -10.60 30.95
CA GLY L 254 -40.92 -11.66 31.27
C GLY L 254 -41.07 -12.69 30.16
N ALA L 255 -41.60 -12.25 29.01
CA ALA L 255 -41.82 -13.12 27.88
C ALA L 255 -40.99 -12.64 26.69
N ALA L 256 -40.65 -13.59 25.81
CA ALA L 256 -39.86 -13.29 24.63
C ALA L 256 -40.74 -12.61 23.59
N LYS L 257 -40.58 -11.30 23.44
CA LYS L 257 -41.42 -10.54 22.51
C LYS L 257 -40.93 -10.67 21.08
N ASN L 258 -39.62 -10.57 20.87
CA ASN L 258 -39.04 -10.65 19.53
C ASN L 258 -38.04 -11.79 19.46
N GLN L 259 -37.92 -12.37 18.27
CA GLN L 259 -36.95 -13.42 18.01
C GLN L 259 -35.68 -12.81 17.41
N ASP L 260 -34.74 -13.66 17.00
CA ASP L 260 -33.52 -13.18 16.38
C ASP L 260 -33.72 -13.03 14.88
N ASP L 261 -32.63 -12.75 14.16
CA ASP L 261 -32.72 -12.56 12.71
C ASP L 261 -32.91 -13.87 11.97
N LEU L 262 -32.38 -14.98 12.52
CA LEU L 262 -32.46 -16.26 11.84
C LEU L 262 -33.89 -16.81 11.83
N THR L 263 -34.63 -16.60 12.92
CA THR L 263 -36.03 -17.04 12.97
C THR L 263 -36.88 -16.25 11.97
N HIS L 264 -36.63 -14.95 11.84
CA HIS L 264 -37.36 -14.14 10.87
C HIS L 264 -36.98 -14.52 9.44
N LYS L 265 -35.71 -14.85 9.21
CA LYS L 265 -35.29 -15.28 7.88
C LYS L 265 -35.90 -16.63 7.52
N LEU L 266 -36.00 -17.54 8.50
CA LEU L 266 -36.66 -18.82 8.24
C LEU L 266 -38.17 -18.65 8.07
N SER L 267 -38.76 -17.66 8.74
CA SER L 267 -40.16 -17.32 8.48
C SER L 267 -40.36 -16.81 7.06
N ASP L 268 -39.41 -16.00 6.57
CA ASP L 268 -39.44 -15.57 5.17
C ASP L 268 -39.27 -16.76 4.23
N ILE L 269 -38.44 -17.73 4.61
CA ILE L 269 -38.24 -18.94 3.81
C ILE L 269 -39.53 -19.75 3.73
N ILE L 270 -40.21 -19.91 4.87
CA ILE L 270 -41.48 -20.66 4.92
C ILE L 270 -42.56 -19.94 4.11
N LYS L 271 -42.64 -18.62 4.24
CA LYS L 271 -43.61 -17.84 3.47
C LYS L 271 -43.33 -17.91 1.97
N ALA L 272 -42.04 -17.87 1.59
CA ALA L 272 -41.67 -17.98 0.19
C ALA L 272 -42.02 -19.34 -0.38
N ASN L 273 -41.75 -20.41 0.38
CA ASN L 273 -42.07 -21.76 -0.07
C ASN L 273 -43.57 -21.98 -0.17
N ASN L 274 -44.33 -21.43 0.79
CA ASN L 274 -45.78 -21.55 0.76
C ASN L 274 -46.38 -20.77 -0.41
N GLU L 275 -45.84 -19.58 -0.69
CA GLU L 275 -46.30 -18.80 -1.84
C GLU L 275 -45.98 -19.49 -3.15
N LEU L 276 -44.79 -20.09 -3.27
CA LEU L 276 -44.42 -20.81 -4.48
C LEU L 276 -45.29 -22.04 -4.69
N ARG L 277 -45.52 -22.82 -3.62
CA ARG L 277 -46.35 -24.02 -3.75
C ARG L 277 -47.83 -23.68 -3.92
N LYS L 278 -48.25 -22.48 -3.51
CA LYS L 278 -49.60 -22.04 -3.82
C LYS L 278 -49.73 -21.58 -5.26
N ASN L 279 -48.69 -20.93 -5.79
CA ASN L 279 -48.76 -20.41 -7.15
C ASN L 279 -48.62 -21.53 -8.18
N GLU L 280 -47.78 -22.54 -7.90
CA GLU L 280 -47.62 -23.62 -8.87
C GLU L 280 -48.81 -24.57 -8.87
N ALA L 281 -49.51 -24.71 -7.73
CA ALA L 281 -50.68 -25.56 -7.68
C ALA L 281 -51.89 -24.90 -8.35
N SER L 282 -51.91 -23.57 -8.38
CA SER L 282 -53.03 -22.83 -8.98
C SER L 282 -52.93 -22.74 -10.50
N GLY L 283 -51.84 -23.21 -11.10
CA GLY L 283 -51.64 -23.09 -12.53
C GLY L 283 -51.45 -21.66 -12.99
N ALA L 284 -50.62 -20.91 -12.25
CA ALA L 284 -50.41 -19.50 -12.54
C ALA L 284 -49.51 -19.32 -13.76
N ALA L 285 -49.26 -18.06 -14.11
CA ALA L 285 -48.47 -17.73 -15.28
C ALA L 285 -46.99 -18.02 -15.02
N ALA L 286 -46.22 -18.07 -16.11
CA ALA L 286 -44.81 -18.42 -16.02
C ALA L 286 -43.97 -17.33 -15.35
N HIS L 287 -44.34 -16.07 -15.55
CA HIS L 287 -43.58 -14.97 -14.93
C HIS L 287 -43.80 -14.92 -13.42
N VAL L 288 -44.97 -15.34 -12.94
CA VAL L 288 -45.23 -15.41 -11.51
C VAL L 288 -44.38 -16.49 -10.87
N ILE L 289 -44.26 -17.65 -11.53
CA ILE L 289 -43.43 -18.74 -11.04
C ILE L 289 -41.96 -18.34 -11.08
N GLN L 290 -41.55 -17.63 -12.13
CA GLN L 290 -40.16 -17.15 -12.24
C GLN L 290 -39.83 -16.14 -11.14
N GLU L 291 -40.77 -15.24 -10.85
CA GLU L 291 -40.59 -14.29 -9.76
C GLU L 291 -40.54 -14.98 -8.40
N ASN L 292 -41.37 -16.01 -8.20
CA ASN L 292 -41.36 -16.77 -6.96
C ASN L 292 -40.04 -17.51 -6.77
N ILE L 293 -39.52 -18.11 -7.86
CA ILE L 293 -38.23 -18.79 -7.81
C ILE L 293 -37.11 -17.79 -7.53
N LYS L 294 -37.17 -16.60 -8.14
CA LYS L 294 -36.17 -15.58 -7.92
C LYS L 294 -36.16 -15.08 -6.47
N MET L 295 -37.33 -14.85 -5.89
CA MET L 295 -37.36 -14.38 -4.50
C MET L 295 -37.04 -15.49 -3.51
N LEU L 296 -37.42 -16.73 -3.81
CA LEU L 296 -37.03 -17.86 -2.96
C LEU L 296 -35.52 -18.06 -2.98
N GLN L 297 -34.89 -17.93 -4.15
CA GLN L 297 -33.44 -18.00 -4.26
C GLN L 297 -32.78 -16.82 -3.54
N PHE L 298 -33.42 -15.65 -3.58
CA PHE L 298 -32.92 -14.49 -2.86
C PHE L 298 -32.94 -14.70 -1.35
N HIS L 299 -34.04 -15.25 -0.82
CA HIS L 299 -34.12 -15.55 0.61
C HIS L 299 -33.15 -16.65 1.02
N VAL L 300 -32.98 -17.68 0.18
CA VAL L 300 -32.02 -18.74 0.46
C VAL L 300 -30.59 -18.20 0.47
N ALA L 301 -30.24 -17.36 -0.51
CA ALA L 301 -28.90 -16.80 -0.58
C ALA L 301 -28.61 -15.85 0.58
N THR L 302 -29.59 -15.01 0.95
CA THR L 302 -29.40 -14.14 2.10
C THR L 302 -29.40 -14.88 3.42
N LEU L 303 -30.05 -16.05 3.48
CA LEU L 303 -29.85 -16.94 4.62
C LEU L 303 -28.43 -17.49 4.65
N VAL L 304 -27.88 -17.80 3.48
CA VAL L 304 -26.52 -18.33 3.43
C VAL L 304 -25.48 -17.21 3.51
N ASP L 305 -25.52 -16.29 2.54
CA ASP L 305 -24.46 -15.27 2.42
C ASP L 305 -25.10 -13.93 2.05
N ASN L 306 -25.02 -12.97 2.97
CA ASN L 306 -25.52 -11.63 2.73
C ASN L 306 -24.41 -10.67 2.30
N ASP L 307 -23.18 -11.14 2.14
CA ASP L 307 -22.05 -10.28 1.79
C ASP L 307 -21.64 -10.43 0.33
N MET L 308 -22.49 -11.01 -0.50
CA MET L 308 -22.15 -11.22 -1.92
C MET L 308 -22.29 -9.92 -2.69
N PRO L 309 -21.24 -9.44 -3.35
CA PRO L 309 -21.38 -8.25 -4.21
C PRO L 309 -22.19 -8.55 -5.45
N GLY L 310 -22.84 -7.51 -5.98
CA GLY L 310 -23.73 -7.66 -7.10
C GLY L 310 -25.00 -8.42 -6.78
N MET L 311 -25.42 -8.42 -5.52
CA MET L 311 -26.54 -9.20 -5.04
C MET L 311 -27.22 -8.28 -4.03
N PRO L 312 -28.55 -8.12 -4.12
CA PRO L 312 -29.23 -7.11 -3.29
C PRO L 312 -29.22 -7.48 -1.81
N ARG L 313 -28.83 -6.52 -0.99
CA ARG L 313 -28.66 -6.75 0.45
C ARG L 313 -30.01 -6.96 1.13
N ALA L 314 -30.03 -7.90 2.08
CA ALA L 314 -31.23 -8.19 2.83
C ALA L 314 -31.52 -7.05 3.81
N MET L 315 -32.79 -6.65 3.88
CA MET L 315 -33.19 -5.50 4.67
C MET L 315 -33.75 -5.97 6.01
N GLN L 316 -33.13 -5.55 7.10
CA GLN L 316 -33.63 -5.84 8.44
C GLN L 316 -34.53 -4.70 8.90
N LYS L 317 -35.21 -4.92 10.03
CA LYS L 317 -36.21 -3.97 10.51
C LYS L 317 -35.56 -2.72 11.10
N SER L 318 -34.30 -2.80 11.51
CA SER L 318 -33.62 -1.71 12.21
C SER L 318 -32.61 -0.98 11.33
N GLY L 319 -32.77 -1.03 10.01
CA GLY L 319 -31.87 -0.30 9.13
C GLY L 319 -30.50 -0.91 8.98
N LYS L 320 -30.36 -2.20 9.21
CA LYS L 320 -29.09 -2.91 9.16
C LYS L 320 -29.16 -4.03 8.12
N PRO L 321 -28.02 -4.50 7.62
CA PRO L 321 -28.03 -5.76 6.86
C PRO L 321 -28.27 -6.95 7.75
N LEU L 322 -28.80 -8.01 7.16
CA LEU L 322 -29.00 -9.27 7.88
C LEU L 322 -27.66 -9.92 8.19
N LYS L 323 -27.55 -10.47 9.39
CA LYS L 323 -26.34 -11.18 9.83
C LYS L 323 -26.52 -12.65 9.50
N ALA L 324 -25.84 -13.12 8.46
CA ALA L 324 -25.96 -14.50 8.02
C ALA L 324 -25.05 -15.41 8.83
N ILE L 325 -25.02 -16.69 8.46
CA ILE L 325 -24.16 -17.65 9.13
C ILE L 325 -22.69 -17.40 8.78
N LYS L 326 -22.42 -16.87 7.58
CA LYS L 326 -21.06 -16.50 7.21
C LYS L 326 -20.55 -15.35 8.07
N ALA L 327 -21.41 -14.39 8.41
CA ALA L 327 -21.02 -13.34 9.34
C ALA L 327 -20.85 -13.87 10.75
N ARG L 328 -21.54 -14.97 11.10
CA ARG L 328 -21.36 -15.57 12.42
C ARG L 328 -20.02 -16.27 12.52
N LEU L 329 -19.53 -16.85 11.42
CA LEU L 329 -18.28 -17.61 11.45
C LEU L 329 -17.08 -16.74 11.07
N LYS L 330 -17.10 -16.14 9.89
CA LYS L 330 -15.98 -15.34 9.42
C LYS L 330 -15.96 -13.99 10.14
N GLY L 331 -14.80 -13.64 10.68
CA GLY L 331 -14.62 -12.38 11.38
C GLY L 331 -13.78 -12.57 12.63
N LYS L 332 -13.23 -11.45 13.11
CA LYS L 332 -12.46 -11.45 14.36
C LYS L 332 -13.36 -11.76 15.55
N GLU L 333 -14.56 -11.20 15.58
CA GLU L 333 -15.54 -11.46 16.62
C GLU L 333 -16.48 -12.61 16.29
N GLY L 334 -16.10 -13.46 15.32
CA GLY L 334 -16.95 -14.54 14.88
C GLY L 334 -16.98 -15.72 15.84
N ARG L 335 -17.65 -16.78 15.38
CA ARG L 335 -17.75 -17.99 16.20
C ARG L 335 -16.44 -18.76 16.23
N ILE L 336 -15.59 -18.59 15.22
CA ILE L 336 -14.29 -19.25 15.23
C ILE L 336 -13.29 -18.44 16.04
N ARG L 337 -13.04 -17.19 15.63
CA ARG L 337 -11.98 -16.40 16.24
C ARG L 337 -12.38 -15.84 17.60
N GLY L 338 -13.64 -15.47 17.78
CA GLY L 338 -14.05 -14.85 19.03
C GLY L 338 -14.72 -15.78 20.02
N ASN L 339 -15.05 -17.00 19.61
CA ASN L 339 -15.76 -17.94 20.47
C ASN L 339 -15.10 -19.30 20.60
N LEU L 340 -14.29 -19.73 19.63
CA LEU L 340 -13.54 -20.98 19.74
C LEU L 340 -12.05 -20.73 19.91
N MET L 341 -11.49 -19.82 19.12
CA MET L 341 -10.09 -19.43 19.29
C MET L 341 -9.88 -18.68 20.60
N GLY L 342 -10.79 -17.76 20.94
CA GLY L 342 -10.59 -16.87 22.05
C GLY L 342 -11.70 -16.82 23.08
N LYS L 343 -12.24 -17.97 23.47
CA LYS L 343 -13.32 -18.01 24.45
C LYS L 343 -12.83 -17.58 25.83
N ARG L 344 -13.74 -16.97 26.59
CA ARG L 344 -13.40 -16.38 27.87
C ARG L 344 -13.28 -17.43 28.97
N VAL L 345 -12.39 -17.15 29.93
CA VAL L 345 -12.19 -18.04 31.06
C VAL L 345 -13.08 -17.58 32.22
N ASP L 346 -13.25 -18.48 33.20
CA ASP L 346 -14.08 -18.20 34.36
C ASP L 346 -13.27 -17.61 35.52
N PHE L 347 -12.27 -18.37 35.99
CA PHE L 347 -11.51 -18.01 37.18
C PHE L 347 -10.37 -17.09 36.76
N SER L 348 -10.61 -15.79 36.81
CA SER L 348 -9.63 -14.79 36.40
C SER L 348 -9.91 -13.47 37.11
N ALA L 349 -8.91 -12.60 37.09
CA ALA L 349 -9.02 -11.29 37.70
C ALA L 349 -8.12 -10.32 36.94
N ARG L 350 -8.39 -9.03 37.10
CA ARG L 350 -7.64 -8.00 36.38
C ARG L 350 -7.69 -6.70 37.16
N THR L 351 -6.53 -6.10 37.42
CA THR L 351 -6.49 -4.82 38.12
C THR L 351 -5.22 -4.07 37.75
N VAL L 352 -5.07 -2.87 38.33
CA VAL L 352 -3.94 -2.00 38.06
C VAL L 352 -2.77 -2.44 38.93
N ILE L 353 -1.58 -2.52 38.31
CA ILE L 353 -0.38 -3.03 38.98
C ILE L 353 0.39 -1.88 39.60
N THR L 354 1.02 -2.15 40.74
CA THR L 354 1.88 -1.24 41.47
C THR L 354 3.16 -1.96 41.88
N PRO L 355 4.28 -1.24 41.97
CA PRO L 355 5.55 -1.90 42.31
C PRO L 355 5.61 -2.39 43.75
N ASP L 356 6.47 -3.39 43.97
CA ASP L 356 6.77 -3.90 45.29
C ASP L 356 8.19 -4.44 45.28
N PRO L 357 9.17 -3.67 45.78
CA PRO L 357 10.58 -4.08 45.64
C PRO L 357 10.99 -5.23 46.55
N ASN L 358 10.44 -5.31 47.76
CA ASN L 358 10.91 -6.34 48.69
C ASN L 358 10.38 -7.74 48.37
N LEU L 359 9.36 -7.85 47.52
CA LEU L 359 8.91 -9.14 47.03
C LEU L 359 9.94 -9.73 46.08
N ARG L 360 10.11 -11.05 46.15
CA ARG L 360 10.90 -11.74 45.16
C ARG L 360 10.12 -11.86 43.86
N ILE L 361 10.84 -12.20 42.78
CA ILE L 361 10.26 -12.16 41.43
C ILE L 361 9.23 -13.27 41.24
N ASP L 362 9.41 -14.41 41.92
CA ASP L 362 8.47 -15.53 41.82
C ASP L 362 7.29 -15.39 42.77
N GLN L 363 6.96 -14.18 43.21
CA GLN L 363 5.82 -13.92 44.07
C GLN L 363 5.01 -12.76 43.49
N VAL L 364 3.70 -12.79 43.76
CA VAL L 364 2.79 -11.71 43.38
C VAL L 364 1.96 -11.35 44.61
N GLY L 365 1.78 -10.04 44.82
CA GLY L 365 0.91 -9.57 45.88
C GLY L 365 -0.53 -9.54 45.40
N VAL L 366 -1.41 -10.18 46.15
CA VAL L 366 -2.80 -10.38 45.75
C VAL L 366 -3.68 -9.64 46.74
N PRO L 367 -4.64 -8.84 46.28
CA PRO L 367 -5.58 -8.20 47.21
C PRO L 367 -6.48 -9.20 47.91
N ARG L 368 -7.00 -8.78 49.06
CA ARG L 368 -7.80 -9.67 49.90
C ARG L 368 -9.14 -10.00 49.28
N SER L 369 -9.78 -9.01 48.61
CA SER L 369 -11.08 -9.25 48.00
C SER L 369 -10.96 -10.17 46.79
N ILE L 370 -9.86 -10.05 46.03
CA ILE L 370 -9.62 -10.94 44.91
C ILE L 370 -9.35 -12.36 45.41
N ALA L 371 -8.57 -12.49 46.48
CA ALA L 371 -8.28 -13.80 47.05
C ALA L 371 -9.52 -14.43 47.69
N GLN L 372 -10.45 -13.61 48.18
CA GLN L 372 -11.71 -14.15 48.67
C GLN L 372 -12.65 -14.54 47.54
N ASN L 373 -12.66 -13.76 46.45
CA ASN L 373 -13.53 -14.07 45.32
C ASN L 373 -13.03 -15.28 44.55
N LEU L 374 -11.73 -15.32 44.24
CA LEU L 374 -11.16 -16.44 43.52
C LEU L 374 -10.91 -17.61 44.47
N THR L 375 -11.21 -18.81 44.02
CA THR L 375 -11.12 -20.01 44.84
C THR L 375 -10.21 -21.04 44.20
N PHE L 376 -9.49 -21.77 45.06
CA PHE L 376 -8.70 -22.91 44.65
C PHE L 376 -9.45 -24.19 44.99
N PRO L 377 -9.77 -25.03 44.02
CA PRO L 377 -10.47 -26.29 44.31
C PRO L 377 -9.54 -27.40 44.79
N GLU L 378 -9.26 -27.42 46.09
CA GLU L 378 -8.37 -28.41 46.66
C GLU L 378 -9.11 -29.72 46.98
N LEU L 379 -8.47 -30.84 46.69
CA LEU L 379 -9.01 -32.13 47.10
C LEU L 379 -8.84 -32.33 48.61
N VAL L 380 -9.65 -33.22 49.16
CA VAL L 380 -9.63 -33.53 50.59
C VAL L 380 -8.78 -34.77 50.80
N THR L 381 -7.73 -34.63 51.61
CA THR L 381 -6.79 -35.69 51.92
C THR L 381 -6.78 -35.94 53.43
N PRO L 382 -6.42 -37.16 53.86
CA PRO L 382 -6.23 -37.40 55.31
C PRO L 382 -5.06 -36.64 55.91
N PHE L 383 -4.12 -36.15 55.10
CA PHE L 383 -3.00 -35.37 55.62
C PHE L 383 -3.46 -34.03 56.19
N ASN L 384 -4.44 -33.40 55.55
CA ASN L 384 -4.93 -32.08 55.93
C ASN L 384 -6.44 -32.08 56.12
N ILE L 385 -6.97 -33.12 56.77
CA ILE L 385 -8.41 -33.22 57.00
C ILE L 385 -8.87 -32.17 58.01
N ASP L 386 -8.06 -31.92 59.05
CA ASP L 386 -8.44 -30.96 60.09
C ASP L 386 -8.38 -29.52 59.58
N ARG L 387 -7.41 -29.21 58.71
CA ARG L 387 -7.30 -27.85 58.20
C ARG L 387 -8.44 -27.52 57.24
N MET L 388 -8.81 -28.45 56.37
CA MET L 388 -9.95 -28.22 55.50
C MET L 388 -11.27 -28.25 56.28
N GLN L 389 -11.32 -29.02 57.37
CA GLN L 389 -12.49 -29.00 58.24
C GLN L 389 -12.65 -27.64 58.92
N GLU L 390 -11.55 -27.06 59.41
CA GLU L 390 -11.66 -25.74 60.02
C GLU L 390 -11.88 -24.67 58.96
N LEU L 391 -11.44 -24.90 57.72
CA LEU L 391 -11.71 -23.96 56.64
C LEU L 391 -13.19 -23.94 56.27
N VAL L 392 -13.82 -25.11 56.15
CA VAL L 392 -15.25 -25.15 55.86
C VAL L 392 -16.08 -24.81 57.09
N ARG L 393 -15.52 -24.89 58.30
CA ARG L 393 -16.21 -24.36 59.47
C ARG L 393 -16.16 -22.84 59.51
N ARG L 394 -15.04 -22.25 59.07
CA ARG L 394 -14.96 -20.79 58.97
C ARG L 394 -15.87 -20.27 57.87
N GLY L 395 -15.86 -20.91 56.71
CA GLY L 395 -16.75 -20.54 55.63
C GLY L 395 -16.33 -19.27 54.92
N ASN L 396 -17.24 -18.79 54.08
CA ASN L 396 -16.97 -17.61 53.26
C ASN L 396 -17.00 -16.31 54.06
N SER L 397 -17.55 -16.34 55.28
CA SER L 397 -17.67 -15.12 56.08
C SER L 397 -16.33 -14.64 56.63
N GLN L 398 -15.38 -15.54 56.83
CA GLN L 398 -14.09 -15.19 57.41
C GLN L 398 -12.97 -15.67 56.50
N TYR L 399 -11.91 -14.87 56.39
CA TYR L 399 -10.74 -15.24 55.62
C TYR L 399 -9.66 -15.80 56.53
N PRO L 400 -9.04 -16.94 56.21
CA PRO L 400 -9.29 -17.84 55.06
C PRO L 400 -10.52 -18.72 55.27
N GLY L 401 -11.11 -19.20 54.19
CA GLY L 401 -12.30 -20.03 54.28
C GLY L 401 -12.54 -20.78 52.99
N ALA L 402 -13.81 -21.06 52.72
CA ALA L 402 -14.19 -21.82 51.54
C ALA L 402 -15.59 -21.38 51.09
N LYS L 403 -15.91 -21.69 49.84
CA LYS L 403 -17.19 -21.33 49.26
C LYS L 403 -18.06 -22.51 48.87
N TYR L 404 -17.49 -23.63 48.47
CA TYR L 404 -18.27 -24.76 47.98
C TYR L 404 -17.61 -26.06 48.36
N ILE L 405 -18.43 -27.10 48.55
CA ILE L 405 -17.98 -28.48 48.61
C ILE L 405 -18.60 -29.23 47.44
N VAL L 406 -17.76 -29.76 46.56
CA VAL L 406 -18.19 -30.61 45.47
C VAL L 406 -17.80 -32.04 45.82
N ARG L 407 -18.80 -32.88 46.05
CA ARG L 407 -18.58 -34.26 46.47
C ARG L 407 -18.42 -35.16 45.25
N ASP L 408 -18.51 -36.48 45.49
CA ASP L 408 -18.15 -37.45 44.45
C ASP L 408 -19.16 -37.49 43.32
N ASN L 409 -20.45 -37.33 43.62
CA ASN L 409 -21.49 -37.41 42.61
C ASN L 409 -21.83 -36.06 41.98
N GLY L 410 -20.95 -35.06 42.14
CA GLY L 410 -21.13 -33.78 41.50
C GLY L 410 -22.04 -32.82 42.22
N GLU L 411 -22.56 -33.17 43.39
CA GLU L 411 -23.42 -32.28 44.15
C GLU L 411 -22.59 -31.15 44.78
N ARG L 412 -23.11 -29.94 44.68
CA ARG L 412 -22.43 -28.75 45.20
C ARG L 412 -23.15 -28.25 46.44
N ILE L 413 -22.38 -28.02 47.50
CA ILE L 413 -22.91 -27.52 48.78
C ILE L 413 -22.31 -26.14 49.01
N ASP L 414 -23.19 -25.15 49.19
CA ASP L 414 -22.81 -23.75 49.37
C ASP L 414 -22.54 -23.44 50.84
N LEU L 415 -21.84 -22.33 51.07
CA LEU L 415 -21.55 -21.84 52.41
C LEU L 415 -22.28 -20.55 52.75
N ARG L 416 -22.82 -19.84 51.75
CA ARG L 416 -23.35 -18.50 51.99
C ARG L 416 -24.70 -18.55 52.71
N PHE L 417 -25.59 -19.45 52.29
CA PHE L 417 -26.96 -19.44 52.79
C PHE L 417 -27.15 -20.37 53.98
N HIS L 418 -26.28 -20.23 55.00
CA HIS L 418 -26.30 -20.93 56.29
C HIS L 418 -26.38 -22.44 56.12
N PRO L 419 -25.28 -23.09 55.73
CA PRO L 419 -25.34 -24.52 55.40
C PRO L 419 -25.61 -25.41 56.60
N LYS L 420 -26.27 -26.54 56.31
CA LYS L 420 -26.57 -27.52 57.34
C LYS L 420 -25.29 -28.21 57.81
N SER L 421 -25.22 -28.46 59.13
CA SER L 421 -24.03 -29.08 59.71
C SER L 421 -23.87 -30.53 59.27
N SER L 422 -24.97 -31.20 58.91
CA SER L 422 -24.87 -32.56 58.40
C SER L 422 -24.30 -32.60 56.98
N ASP L 423 -24.42 -31.51 56.23
CA ASP L 423 -23.83 -31.44 54.89
C ASP L 423 -22.35 -31.11 54.92
N LEU L 424 -21.80 -30.73 56.07
CA LEU L 424 -20.38 -30.40 56.19
C LEU L 424 -19.55 -31.62 56.58
N HIS L 425 -19.67 -32.69 55.80
CA HIS L 425 -18.93 -33.92 56.01
C HIS L 425 -17.84 -34.01 54.94
N LEU L 426 -16.60 -34.21 55.37
CA LEU L 426 -15.44 -34.25 54.47
C LEU L 426 -14.87 -35.66 54.48
N GLN L 427 -15.37 -36.50 53.57
CA GLN L 427 -14.80 -37.81 53.35
C GLN L 427 -13.53 -37.70 52.52
N CYS L 428 -12.79 -38.80 52.45
CA CYS L 428 -11.54 -38.82 51.69
C CYS L 428 -11.82 -38.76 50.20
N GLY L 429 -11.26 -37.75 49.53
CA GLY L 429 -11.43 -37.57 48.11
C GLY L 429 -12.45 -36.53 47.69
N TYR L 430 -13.02 -35.79 48.63
CA TYR L 430 -13.97 -34.74 48.27
C TYR L 430 -13.25 -33.51 47.75
N LYS L 431 -14.04 -32.56 47.26
CA LYS L 431 -13.56 -31.31 46.67
C LYS L 431 -14.02 -30.15 47.52
N VAL L 432 -13.10 -29.26 47.89
CA VAL L 432 -13.43 -28.06 48.64
C VAL L 432 -12.81 -26.87 47.91
N GLU L 433 -13.64 -25.90 47.53
CA GLU L 433 -13.15 -24.69 46.88
C GLU L 433 -12.76 -23.69 47.96
N ARG L 434 -11.51 -23.81 48.42
CA ARG L 434 -11.04 -22.94 49.48
C ARG L 434 -10.61 -21.58 48.92
N HIS L 435 -10.34 -20.65 49.81
CA HIS L 435 -9.84 -19.35 49.38
C HIS L 435 -8.35 -19.44 49.02
N LEU L 436 -7.88 -18.46 48.26
CA LEU L 436 -6.49 -18.42 47.85
C LEU L 436 -5.62 -17.99 49.03
N ARG L 437 -4.89 -18.94 49.60
CA ARG L 437 -4.00 -18.67 50.71
C ARG L 437 -2.61 -18.32 50.18
N ASP L 438 -1.63 -18.25 51.08
CA ASP L 438 -0.27 -17.95 50.67
C ASP L 438 0.36 -19.13 49.94
N ASP L 439 1.40 -18.81 49.15
CA ASP L 439 2.18 -19.77 48.36
C ASP L 439 1.30 -20.56 47.38
N ASP L 440 0.42 -19.85 46.66
CA ASP L 440 -0.44 -20.43 45.65
C ASP L 440 0.08 -20.07 44.28
N LEU L 441 0.23 -21.06 43.40
CA LEU L 441 0.81 -20.84 42.08
C LEU L 441 -0.27 -20.35 41.12
N VAL L 442 -0.07 -19.16 40.56
CA VAL L 442 -1.02 -18.51 39.67
C VAL L 442 -0.30 -18.04 38.41
N ILE L 443 -1.09 -17.67 37.41
CA ILE L 443 -0.60 -17.20 36.12
C ILE L 443 -0.77 -15.69 36.05
N PHE L 444 0.30 -14.99 35.66
CA PHE L 444 0.33 -13.53 35.69
C PHE L 444 0.68 -13.03 34.30
N ASN L 445 -0.24 -12.28 33.68
CA ASN L 445 -0.15 -11.96 32.27
C ASN L 445 -0.55 -10.52 32.01
N ARG L 446 0.28 -9.81 31.24
CA ARG L 446 -0.02 -8.46 30.77
C ARG L 446 -0.33 -8.48 29.29
N GLN L 447 -1.36 -7.74 28.90
CA GLN L 447 -1.70 -7.65 27.49
C GLN L 447 -1.23 -6.32 26.90
N PRO L 448 -0.76 -6.28 25.65
CA PRO L 448 -0.60 -7.39 24.70
C PRO L 448 0.63 -8.26 24.95
N THR L 449 0.48 -9.57 24.76
CA THR L 449 1.56 -10.53 24.93
C THR L 449 2.29 -10.68 23.61
N LEU L 450 3.49 -10.09 23.51
CA LEU L 450 4.23 -10.05 22.26
C LEU L 450 5.18 -11.22 22.09
N HIS L 451 5.46 -11.97 23.15
CA HIS L 451 6.49 -13.00 23.11
C HIS L 451 6.19 -14.02 24.19
N LYS L 452 7.16 -14.92 24.43
CA LYS L 452 7.00 -15.98 25.41
C LYS L 452 7.10 -15.47 26.84
N MET L 453 7.92 -14.44 27.08
CA MET L 453 8.25 -14.00 28.43
C MET L 453 7.22 -13.05 29.02
N SER L 454 6.10 -12.79 28.35
CA SER L 454 5.13 -11.80 28.82
C SER L 454 4.02 -12.40 29.66
N MET L 455 4.20 -13.63 30.16
CA MET L 455 3.29 -14.21 31.17
C MET L 455 4.09 -15.24 31.97
N MET L 456 4.09 -15.06 33.29
CA MET L 456 4.86 -15.89 34.21
C MET L 456 3.96 -16.67 35.15
N GLY L 457 4.58 -17.55 35.93
CA GLY L 457 3.92 -18.15 37.08
C GLY L 457 4.48 -17.56 38.37
N HIS L 458 3.58 -17.35 39.33
CA HIS L 458 3.92 -16.61 40.54
C HIS L 458 3.32 -17.30 41.76
N ARG L 459 3.86 -16.98 42.93
CA ARG L 459 3.36 -17.48 44.20
C ARG L 459 2.57 -16.40 44.90
N VAL L 460 1.37 -16.74 45.39
CA VAL L 460 0.48 -15.74 45.97
C VAL L 460 0.96 -15.36 47.36
N LYS L 461 1.15 -14.06 47.59
CA LYS L 461 1.30 -13.51 48.92
C LYS L 461 0.17 -12.50 49.12
N VAL L 462 -0.55 -12.63 50.22
CA VAL L 462 -1.75 -11.83 50.47
C VAL L 462 -1.34 -10.50 51.10
N LEU L 463 -1.71 -9.41 50.44
CA LEU L 463 -1.49 -8.05 50.91
C LEU L 463 -2.82 -7.33 50.97
N PRO L 464 -3.00 -6.39 51.93
CA PRO L 464 -4.33 -5.79 52.14
C PRO L 464 -4.87 -4.94 50.99
N TRP L 465 -4.02 -4.15 50.35
CA TRP L 465 -4.50 -3.15 49.41
C TRP L 465 -4.92 -3.80 48.09
N SER L 466 -5.66 -3.02 47.29
CA SER L 466 -6.42 -3.53 46.15
C SER L 466 -5.68 -3.46 44.83
N THR L 467 -4.35 -3.59 44.86
CA THR L 467 -3.55 -3.58 43.64
C THR L 467 -2.71 -4.85 43.58
N PHE L 468 -2.14 -5.09 42.41
CA PHE L 468 -1.20 -6.19 42.25
C PHE L 468 0.20 -5.71 42.60
N ARG L 469 0.91 -6.51 43.38
CA ARG L 469 2.24 -6.19 43.88
C ARG L 469 3.22 -7.24 43.38
N MET L 470 4.33 -6.79 42.78
CA MET L 470 5.32 -7.71 42.27
C MET L 470 6.68 -7.02 42.24
N ASN L 471 7.71 -7.79 41.92
CA ASN L 471 9.07 -7.28 41.86
C ASN L 471 9.26 -6.37 40.66
N LEU L 472 10.26 -5.48 40.76
CA LEU L 472 10.50 -4.49 39.72
C LEU L 472 11.09 -5.12 38.46
N SER L 473 11.83 -6.22 38.59
CA SER L 473 12.47 -6.84 37.44
C SER L 473 11.47 -7.53 36.52
N CYS L 474 10.21 -7.67 36.93
CA CYS L 474 9.14 -8.08 36.03
C CYS L 474 8.79 -7.03 34.99
N THR L 475 9.23 -5.77 35.18
CA THR L 475 8.83 -4.70 34.27
C THR L 475 9.45 -4.86 32.88
N SER L 476 10.61 -5.51 32.79
CA SER L 476 11.25 -5.68 31.48
C SER L 476 10.63 -6.79 30.63
N PRO L 477 10.34 -8.00 31.14
CA PRO L 477 9.64 -8.96 30.26
C PRO L 477 8.17 -8.63 30.01
N TYR L 478 7.50 -8.01 30.98
CA TYR L 478 6.09 -7.67 30.81
C TYR L 478 5.88 -6.39 30.00
N ASN L 479 6.95 -5.61 29.79
CA ASN L 479 6.89 -4.26 29.20
C ASN L 479 5.91 -3.37 29.95
N ALA L 480 5.94 -3.45 31.27
CA ALA L 480 5.05 -2.67 32.12
C ALA L 480 5.71 -1.35 32.52
N ASP L 481 4.87 -0.35 32.77
CA ASP L 481 5.36 0.99 33.12
C ASP L 481 4.75 1.56 34.38
N PHE L 482 3.79 0.86 35.02
CA PHE L 482 3.09 1.30 36.25
C PHE L 482 2.44 2.68 36.08
N ASP L 483 1.85 2.92 34.91
CA ASP L 483 1.19 4.19 34.64
C ASP L 483 -0.28 3.95 34.32
N GLY L 484 -0.94 3.12 35.12
CA GLY L 484 -2.31 2.73 34.85
C GLY L 484 -2.43 1.43 34.08
N ASP L 485 -1.47 0.52 34.22
CA ASP L 485 -1.47 -0.72 33.46
C ASP L 485 -2.42 -1.73 34.09
N GLU L 486 -3.53 -2.00 33.42
CA GLU L 486 -4.41 -3.09 33.82
C GLU L 486 -3.78 -4.41 33.39
N MET L 487 -3.86 -5.41 34.26
CA MET L 487 -3.11 -6.64 34.05
C MET L 487 -3.86 -7.79 34.73
N ASN L 488 -3.73 -8.99 34.17
CA ASN L 488 -4.59 -10.12 34.51
C ASN L 488 -3.84 -11.18 35.31
N LEU L 489 -4.60 -11.88 36.14
CA LEU L 489 -4.16 -13.04 36.90
C LEU L 489 -5.17 -14.15 36.69
N HIS L 490 -4.67 -15.39 36.64
CA HIS L 490 -5.48 -16.58 36.42
C HIS L 490 -5.13 -17.63 37.45
N VAL L 491 -6.12 -18.40 37.86
CA VAL L 491 -5.96 -19.41 38.90
C VAL L 491 -6.15 -20.79 38.26
N PRO L 492 -5.19 -21.70 38.40
CA PRO L 492 -5.41 -23.08 37.92
C PRO L 492 -6.43 -23.80 38.79
N GLN L 493 -7.36 -24.49 38.13
CA GLN L 493 -8.41 -25.23 38.82
C GLN L 493 -8.15 -26.72 38.87
N SER L 494 -6.97 -27.17 38.44
CA SER L 494 -6.52 -28.52 38.64
C SER L 494 -5.08 -28.48 39.09
N MET L 495 -4.73 -29.33 40.06
CA MET L 495 -3.42 -29.24 40.69
C MET L 495 -2.31 -29.89 39.87
N GLU L 496 -2.64 -30.72 38.88
CA GLU L 496 -1.63 -31.15 37.91
C GLU L 496 -1.24 -29.99 37.00
N THR L 497 -2.18 -29.10 36.68
CA THR L 497 -1.85 -27.87 35.99
C THR L 497 -1.02 -26.94 36.88
N ARG L 498 -1.26 -26.98 38.19
CA ARG L 498 -0.41 -26.26 39.14
C ARG L 498 1.01 -26.83 39.15
N ALA L 499 1.14 -28.16 39.04
CA ALA L 499 2.45 -28.78 38.89
C ALA L 499 3.13 -28.37 37.58
N GLU L 500 2.34 -28.25 36.52
CA GLU L 500 2.88 -27.74 35.25
C GLU L 500 3.32 -26.28 35.36
N VAL L 501 2.60 -25.48 36.14
CA VAL L 501 3.00 -24.10 36.40
C VAL L 501 4.32 -24.06 37.17
N GLU L 502 4.45 -24.94 38.18
CA GLU L 502 5.68 -25.02 38.97
C GLU L 502 6.87 -25.47 38.12
N ASN L 503 6.67 -26.47 37.25
CA ASN L 503 7.79 -27.07 36.53
C ASN L 503 8.08 -26.38 35.21
N ILE L 504 7.17 -25.57 34.67
CA ILE L 504 7.40 -24.91 33.39
C ILE L 504 7.21 -23.41 33.50
N HIS L 505 6.04 -22.99 33.98
CA HIS L 505 5.63 -21.59 33.88
C HIS L 505 6.24 -20.68 34.92
N ILE L 506 7.04 -21.22 35.85
CA ILE L 506 7.60 -20.39 36.92
C ILE L 506 8.67 -19.45 36.34
N THR L 507 8.87 -18.32 37.04
CA THR L 507 9.77 -17.28 36.55
C THR L 507 11.25 -17.68 36.51
N PRO L 508 11.87 -18.26 37.56
CA PRO L 508 13.32 -18.55 37.45
C PRO L 508 13.68 -19.62 36.43
N ARG L 509 12.75 -20.48 36.04
CA ARG L 509 13.02 -21.43 34.96
C ARG L 509 12.93 -20.77 33.59
N GLN L 510 12.41 -19.54 33.52
CA GLN L 510 12.27 -18.78 32.28
C GLN L 510 13.12 -17.51 32.32
N ILE L 511 14.36 -17.61 32.79
CA ILE L 511 15.21 -16.42 32.88
C ILE L 511 15.80 -16.08 31.52
N ILE L 512 16.38 -17.07 30.84
CA ILE L 512 17.08 -16.84 29.59
C ILE L 512 16.12 -17.02 28.43
N THR L 513 16.02 -16.01 27.57
CA THR L 513 15.22 -16.14 26.36
C THR L 513 15.92 -17.06 25.37
N PRO L 514 15.17 -17.89 24.65
CA PRO L 514 15.75 -18.57 23.48
C PRO L 514 15.82 -17.70 22.25
N GLN L 515 15.28 -16.47 22.31
CA GLN L 515 15.31 -15.57 21.16
C GLN L 515 16.71 -15.09 20.87
N ALA L 516 17.43 -14.63 21.90
CA ALA L 516 18.77 -14.06 21.69
C ALA L 516 19.76 -14.49 22.76
N ASN L 517 19.49 -15.62 23.42
CA ASN L 517 20.28 -16.24 24.52
C ASN L 517 20.76 -15.23 25.56
N LYS L 518 19.83 -14.39 25.99
CA LYS L 518 20.08 -13.31 26.94
C LYS L 518 19.03 -13.33 28.03
N PRO L 519 19.33 -12.81 29.21
CA PRO L 519 18.29 -12.63 30.23
C PRO L 519 17.27 -11.59 29.81
N VAL L 520 16.05 -11.72 30.34
CA VAL L 520 15.00 -10.77 30.07
C VAL L 520 14.69 -9.88 31.27
N MET L 521 14.96 -10.33 32.50
CA MET L 521 14.88 -9.47 33.67
C MET L 521 16.28 -8.98 34.03
N GLY L 522 16.36 -7.80 34.62
CA GLY L 522 17.63 -7.24 35.01
C GLY L 522 17.47 -6.19 36.09
N ILE L 523 18.61 -5.78 36.65
CA ILE L 523 18.63 -4.75 37.66
C ILE L 523 18.52 -3.38 36.98
N VAL L 524 17.45 -2.64 37.29
CA VAL L 524 17.11 -1.43 36.57
C VAL L 524 16.86 -0.29 37.57
N GLN L 525 16.77 0.92 37.02
CA GLN L 525 16.31 2.17 37.64
C GLN L 525 17.28 2.55 38.78
N ASP L 526 16.76 3.03 39.91
CA ASP L 526 17.64 3.50 40.98
C ASP L 526 18.34 2.37 41.70
N THR L 527 17.82 1.14 41.60
CA THR L 527 18.56 -0.02 42.09
C THR L 527 19.87 -0.18 41.32
N LEU L 528 19.81 -0.09 39.99
CA LEU L 528 21.03 -0.14 39.18
C LEU L 528 21.90 1.10 39.40
N THR L 529 21.28 2.26 39.62
CA THR L 529 22.04 3.48 39.88
C THR L 529 22.81 3.39 41.21
N ALA L 530 22.18 2.83 42.24
CA ALA L 530 22.88 2.64 43.52
C ALA L 530 23.85 1.47 43.49
N VAL L 531 23.65 0.49 42.61
CA VAL L 531 24.69 -0.51 42.36
C VAL L 531 25.92 0.16 41.76
N ARG L 532 25.72 1.07 40.80
CA ARG L 532 26.84 1.82 40.22
C ARG L 532 27.51 2.73 41.25
N LYS L 533 26.71 3.39 42.10
CA LYS L 533 27.25 4.30 43.10
C LYS L 533 27.80 3.59 44.33
N MET L 534 27.54 2.30 44.50
CA MET L 534 27.93 1.57 45.70
C MET L 534 29.23 0.81 45.51
N THR L 535 29.56 0.41 44.28
CA THR L 535 30.79 -0.31 44.00
C THR L 535 31.98 0.62 43.79
N LYS L 536 31.80 1.92 43.96
CA LYS L 536 32.89 2.87 43.79
C LYS L 536 33.95 2.69 44.87
N ARG L 537 35.19 3.02 44.52
CA ARG L 537 36.32 2.75 45.41
C ARG L 537 36.30 3.66 46.64
N ASP L 538 35.82 4.89 46.50
CA ASP L 538 35.79 5.83 47.62
C ASP L 538 34.66 5.55 48.60
N VAL L 539 33.76 4.62 48.29
CA VAL L 539 32.66 4.29 49.19
C VAL L 539 33.22 3.49 50.36
N PHE L 540 33.45 4.16 51.48
CA PHE L 540 33.86 3.51 52.72
C PHE L 540 32.68 3.51 53.68
N ILE L 541 32.27 2.31 54.08
CA ILE L 541 31.00 2.09 54.76
C ILE L 541 31.27 1.49 56.13
N THR L 542 30.54 1.98 57.13
CA THR L 542 30.84 1.69 58.52
C THR L 542 30.30 0.32 58.92
N ARG L 543 30.61 -0.07 60.16
CA ARG L 543 30.10 -1.33 60.70
C ARG L 543 28.60 -1.29 60.90
N GLU L 544 28.05 -0.14 61.30
CA GLU L 544 26.63 -0.02 61.56
C GLU L 544 25.81 -0.12 60.27
N GLN L 545 26.29 0.47 59.18
CA GLN L 545 25.53 0.45 57.94
C GLN L 545 25.55 -0.92 57.26
N VAL L 546 26.71 -1.60 57.25
CA VAL L 546 26.74 -2.97 56.73
C VAL L 546 26.00 -3.90 57.69
N MET L 547 25.97 -3.57 58.98
CA MET L 547 25.15 -4.28 59.94
C MET L 547 23.68 -4.17 59.58
N ASN L 548 23.23 -2.96 59.22
CA ASN L 548 21.88 -2.75 58.72
C ASN L 548 21.61 -3.54 57.45
N LEU L 549 22.60 -3.60 56.55
CA LEU L 549 22.41 -4.30 55.29
C LEU L 549 22.48 -5.81 55.43
N LEU L 550 22.96 -6.33 56.57
CA LEU L 550 23.14 -7.77 56.74
C LEU L 550 21.84 -8.57 56.78
N MET L 551 20.79 -8.10 57.44
CA MET L 551 19.61 -8.96 57.59
C MET L 551 18.78 -9.09 56.31
N PHE L 552 19.03 -8.27 55.30
CA PHE L 552 18.31 -8.36 54.04
C PHE L 552 18.94 -9.36 53.06
N LEU L 553 19.75 -10.28 53.58
CA LEU L 553 20.32 -11.39 52.82
C LEU L 553 19.87 -12.67 53.49
N PRO L 554 18.74 -13.25 53.06
CA PRO L 554 18.27 -14.49 53.71
C PRO L 554 19.10 -15.71 53.37
N THR L 555 19.90 -15.67 52.31
CA THR L 555 20.78 -16.78 51.95
C THR L 555 22.14 -16.68 52.62
N TRP L 556 22.33 -15.71 53.51
CA TRP L 556 23.59 -15.53 54.21
C TRP L 556 23.82 -16.66 55.20
N ASP L 557 25.09 -17.05 55.36
CA ASP L 557 25.49 -18.17 56.19
C ASP L 557 25.85 -17.76 57.62
N ALA L 558 25.51 -16.53 58.02
CA ALA L 558 25.79 -15.97 59.36
C ALA L 558 27.27 -15.97 59.69
N LYS L 559 28.10 -15.71 58.69
CA LYS L 559 29.56 -15.59 58.87
C LYS L 559 29.95 -14.24 58.29
N MET L 560 30.14 -13.25 59.16
CA MET L 560 30.46 -11.91 58.69
C MET L 560 31.92 -11.84 58.26
N PRO L 561 32.23 -11.06 57.23
CA PRO L 561 33.62 -10.97 56.77
C PRO L 561 34.46 -10.07 57.67
N GLN L 562 35.77 -10.29 57.60
CA GLN L 562 36.72 -9.39 58.24
C GLN L 562 36.75 -8.08 57.47
N PRO L 563 36.77 -6.94 58.14
CA PRO L 563 36.72 -5.65 57.43
C PRO L 563 37.98 -5.38 56.62
N CYS L 564 37.81 -4.56 55.57
CA CYS L 564 38.95 -4.09 54.80
C CYS L 564 39.85 -3.18 55.63
N ILE L 565 39.24 -2.30 56.44
CA ILE L 565 39.97 -1.44 57.35
C ILE L 565 39.76 -1.95 58.76
N LEU L 566 40.86 -2.26 59.45
CA LEU L 566 40.81 -2.78 60.82
C LEU L 566 41.20 -1.76 61.87
N LYS L 567 42.08 -0.82 61.55
CA LYS L 567 42.49 0.21 62.50
C LYS L 567 42.50 1.56 61.79
N PRO L 568 42.15 2.65 62.49
CA PRO L 568 41.65 2.72 63.88
C PRO L 568 40.16 2.43 63.99
N ARG L 569 39.43 2.47 62.88
CA ARG L 569 38.00 2.25 62.87
C ARG L 569 37.65 1.10 61.93
N PRO L 570 36.83 0.15 62.36
CA PRO L 570 36.45 -0.98 61.47
C PRO L 570 35.52 -0.50 60.37
N LEU L 571 36.01 -0.54 59.13
CA LEU L 571 35.24 -0.12 57.97
C LEU L 571 35.22 -1.21 56.91
N TRP L 572 34.06 -1.42 56.30
CA TRP L 572 33.92 -2.29 55.15
C TRP L 572 33.97 -1.46 53.86
N THR L 573 33.66 -2.12 52.75
CA THR L 573 33.52 -1.47 51.46
C THR L 573 32.37 -2.10 50.68
N GLY L 574 32.02 -1.47 49.56
CA GLY L 574 30.87 -1.91 48.79
C GLY L 574 31.07 -3.25 48.11
N LYS L 575 32.28 -3.51 47.62
CA LYS L 575 32.54 -4.79 46.97
C LYS L 575 32.56 -5.94 47.97
N GLN L 576 33.00 -5.68 49.21
CA GLN L 576 33.03 -6.71 50.24
C GLN L 576 31.62 -7.15 50.64
N ILE L 577 30.65 -6.24 50.60
CA ILE L 577 29.28 -6.58 50.95
C ILE L 577 28.46 -7.01 49.74
N PHE L 578 28.86 -6.64 48.52
CA PHE L 578 28.27 -7.27 47.34
C PHE L 578 28.82 -8.68 47.14
N SER L 579 29.99 -8.97 47.72
CA SER L 579 30.55 -10.32 47.67
C SER L 579 29.67 -11.33 48.42
N LEU L 580 29.03 -10.89 49.50
CA LEU L 580 28.14 -11.77 50.25
C LEU L 580 26.87 -12.08 49.47
N ILE L 581 26.44 -11.15 48.61
CA ILE L 581 25.23 -11.36 47.82
C ILE L 581 25.45 -12.42 46.76
N ILE L 582 26.61 -12.42 46.11
CA ILE L 582 26.92 -13.36 45.04
C ILE L 582 27.17 -14.75 45.62
N PRO L 583 26.41 -15.77 45.23
CA PRO L 583 26.63 -17.11 45.74
C PRO L 583 27.49 -17.98 44.82
N GLY L 584 28.00 -19.07 45.40
CA GLY L 584 28.68 -20.10 44.64
C GLY L 584 30.04 -19.67 44.09
N ASN L 585 30.41 -20.27 42.97
CA ASN L 585 31.66 -20.00 42.29
C ASN L 585 31.34 -19.20 41.03
N VAL L 586 31.63 -17.89 41.07
CA VAL L 586 31.36 -16.98 39.96
C VAL L 586 32.66 -16.29 39.59
N ASN L 587 33.05 -16.42 38.32
CA ASN L 587 34.25 -15.78 37.80
C ASN L 587 33.89 -15.09 36.49
N MET L 588 34.37 -13.87 36.30
CA MET L 588 33.76 -12.94 35.35
C MET L 588 34.75 -11.85 35.01
N ILE L 589 34.82 -11.52 33.71
CA ILE L 589 35.60 -10.40 33.17
C ILE L 589 34.70 -9.60 32.24
N ARG L 590 34.44 -8.33 32.59
CA ARG L 590 33.89 -7.35 31.64
C ARG L 590 34.53 -6.00 31.90
N THR L 591 33.99 -4.97 31.25
CA THR L 591 34.47 -3.60 31.40
C THR L 591 33.30 -2.66 31.62
N HIS L 592 33.58 -1.52 32.25
CA HIS L 592 32.57 -0.49 32.46
C HIS L 592 32.35 0.29 31.17
N SER L 593 31.20 0.97 31.10
CA SER L 593 30.85 1.79 29.94
C SER L 593 31.75 3.02 29.78
N THR L 594 32.46 3.42 30.82
CA THR L 594 33.39 4.55 30.76
C THR L 594 34.82 4.03 30.93
N HIS L 595 35.14 2.94 30.25
CA HIS L 595 36.48 2.39 30.24
C HIS L 595 37.24 2.94 29.05
N PRO L 596 38.37 3.62 29.26
CA PRO L 596 39.17 4.08 28.12
C PRO L 596 39.83 2.92 27.38
N ASP L 597 39.91 3.05 26.06
CA ASP L 597 40.48 2.00 25.23
C ASP L 597 42.00 1.91 25.32
N GLU L 598 42.67 2.99 25.74
CA GLU L 598 44.12 2.99 25.87
C GLU L 598 44.61 2.37 27.16
N GLU L 599 43.70 2.07 28.09
CA GLU L 599 44.08 1.50 29.37
C GLU L 599 44.45 0.03 29.25
N ASP L 600 43.90 -0.67 28.24
CA ASP L 600 44.08 -2.11 28.15
C ASP L 600 45.47 -2.49 27.67
N GLU L 601 46.09 -1.68 26.81
CA GLU L 601 47.44 -1.97 26.34
C GLU L 601 48.52 -1.31 27.19
N GLY L 602 48.14 -0.50 28.18
CA GLY L 602 49.09 0.14 29.04
C GLY L 602 49.55 -0.77 30.16
N PRO L 603 50.43 -0.24 31.01
CA PRO L 603 50.91 -1.02 32.16
C PRO L 603 49.90 -1.12 33.29
N TYR L 604 48.82 -0.35 33.24
CA TYR L 604 47.79 -0.34 34.28
C TYR L 604 46.55 -1.12 33.89
N LYS L 605 46.71 -2.18 33.09
CA LYS L 605 45.57 -2.95 32.64
C LYS L 605 45.00 -3.89 33.70
N TRP L 606 45.79 -4.22 34.72
CA TRP L 606 45.31 -5.03 35.83
C TRP L 606 45.21 -4.24 37.13
N ILE L 607 45.60 -2.97 37.13
CA ILE L 607 45.41 -2.07 38.27
C ILE L 607 44.88 -0.75 37.71
N SER L 608 43.58 -0.53 37.84
CA SER L 608 42.94 0.61 37.22
C SER L 608 42.82 1.76 38.21
N PRO L 609 43.38 2.94 37.92
CA PRO L 609 43.08 4.11 38.76
C PRO L 609 41.63 4.54 38.70
N GLY L 610 40.97 4.37 37.55
CA GLY L 610 39.58 4.72 37.40
C GLY L 610 38.57 3.68 37.82
N ASP L 611 39.06 2.48 38.18
CA ASP L 611 38.24 1.35 38.64
C ASP L 611 37.20 0.94 37.59
N THR L 612 37.69 0.70 36.37
CA THR L 612 36.81 0.48 35.24
C THR L 612 36.66 -0.99 34.83
N LYS L 613 37.75 -1.75 34.75
CA LYS L 613 37.66 -3.16 34.40
C LYS L 613 37.07 -3.94 35.57
N VAL L 614 36.08 -4.78 35.27
CA VAL L 614 35.25 -5.42 36.28
C VAL L 614 35.63 -6.90 36.34
N MET L 615 36.14 -7.31 37.50
CA MET L 615 36.68 -8.63 37.77
C MET L 615 35.88 -9.27 38.90
N VAL L 616 35.41 -10.49 38.68
CA VAL L 616 34.82 -11.30 39.74
C VAL L 616 35.57 -12.62 39.80
N GLU L 617 36.02 -13.00 40.99
CA GLU L 617 36.73 -14.25 41.19
C GLU L 617 36.12 -15.02 42.36
N HIS L 618 35.81 -16.29 42.12
CA HIS L 618 35.40 -17.26 43.15
C HIS L 618 34.12 -16.83 43.88
N GLY L 619 33.21 -16.19 43.15
CA GLY L 619 31.93 -15.83 43.72
C GLY L 619 31.94 -14.65 44.67
N GLU L 620 33.04 -13.93 44.77
CA GLU L 620 33.12 -12.72 45.57
C GLU L 620 33.59 -11.57 44.69
N LEU L 621 32.97 -10.40 44.86
CA LEU L 621 33.29 -9.24 44.03
C LEU L 621 34.64 -8.67 44.44
N ILE L 622 35.51 -8.45 43.46
CA ILE L 622 36.89 -8.07 43.70
C ILE L 622 37.20 -6.67 43.16
N MET L 623 36.83 -6.41 41.90
CA MET L 623 37.36 -5.27 41.18
C MET L 623 36.31 -4.76 40.21
N GLY L 624 36.19 -3.43 40.10
CA GLY L 624 35.38 -2.80 39.09
C GLY L 624 34.06 -2.30 39.65
N ILE L 625 33.47 -1.35 38.92
CA ILE L 625 32.15 -0.81 39.24
C ILE L 625 31.13 -1.43 38.29
N LEU L 626 30.00 -1.87 38.84
CA LEU L 626 29.01 -2.55 38.04
C LEU L 626 28.09 -1.55 37.34
N CYS L 627 27.48 -2.00 36.25
CA CYS L 627 26.67 -1.12 35.41
C CYS L 627 25.68 -1.98 34.64
N LYS L 628 25.11 -1.40 33.57
CA LYS L 628 24.17 -2.11 32.70
C LYS L 628 24.85 -3.26 31.97
N LYS L 629 26.14 -3.14 31.68
CA LYS L 629 26.86 -4.19 30.98
C LYS L 629 27.04 -5.44 31.84
N SER L 630 27.22 -5.28 33.15
CA SER L 630 27.51 -6.40 34.04
C SER L 630 26.28 -6.94 34.73
N LEU L 631 25.34 -6.09 35.13
CA LEU L 631 24.13 -6.51 35.82
C LEU L 631 22.88 -6.12 35.04
N GLY L 632 22.88 -6.38 33.74
CA GLY L 632 21.72 -6.09 32.91
C GLY L 632 21.25 -7.29 32.12
N THR L 633 20.58 -7.02 31.00
CA THR L 633 20.04 -8.07 30.15
C THR L 633 21.02 -8.53 29.07
N SER L 634 22.23 -7.99 29.04
CA SER L 634 23.20 -8.35 28.02
C SER L 634 23.76 -9.75 28.26
N ALA L 635 24.21 -10.37 27.17
CA ALA L 635 24.80 -11.71 27.26
C ALA L 635 26.18 -11.65 27.92
N GLY L 636 26.52 -12.72 28.64
CA GLY L 636 27.77 -12.76 29.35
C GLY L 636 27.81 -11.92 30.60
N SER L 637 26.65 -11.56 31.14
CA SER L 637 26.57 -10.76 32.36
C SER L 637 26.76 -11.63 33.60
N LEU L 638 26.68 -11.00 34.76
CA LEU L 638 26.71 -11.74 36.03
C LEU L 638 25.47 -12.61 36.18
N LEU L 639 24.31 -12.09 35.73
CA LEU L 639 23.05 -12.81 35.85
C LEU L 639 23.03 -14.05 34.96
N HIS L 640 23.57 -13.91 33.75
CA HIS L 640 23.61 -15.04 32.82
C HIS L 640 24.50 -16.17 33.33
N ILE L 641 25.68 -15.83 33.84
CA ILE L 641 26.59 -16.87 34.30
C ILE L 641 26.16 -17.42 35.66
N CYS L 642 25.45 -16.64 36.48
CA CYS L 642 24.95 -17.19 37.73
C CYS L 642 23.71 -18.06 37.49
N PHE L 643 22.99 -17.84 36.39
CA PHE L 643 21.98 -18.81 35.98
C PHE L 643 22.62 -20.08 35.44
N LEU L 644 23.64 -19.92 34.59
CA LEU L 644 24.22 -21.08 33.90
C LEU L 644 25.08 -21.93 34.81
N GLU L 645 25.66 -21.37 35.87
CA GLU L 645 26.58 -22.11 36.72
C GLU L 645 25.95 -22.63 38.01
N LEU L 646 24.91 -21.96 38.51
CA LEU L 646 24.31 -22.34 39.78
C LEU L 646 22.95 -22.99 39.66
N GLY L 647 22.11 -22.52 38.75
CA GLY L 647 20.78 -23.06 38.56
C GLY L 647 19.73 -21.97 38.53
N HIS L 648 18.47 -22.42 38.38
CA HIS L 648 17.36 -21.47 38.27
C HIS L 648 17.01 -20.85 39.63
N ASP L 649 16.95 -21.65 40.69
CA ASP L 649 16.46 -21.17 41.97
C ASP L 649 17.49 -20.28 42.66
N ILE L 650 18.77 -20.62 42.54
CA ILE L 650 19.82 -19.84 43.17
C ILE L 650 19.95 -18.46 42.51
N ALA L 651 19.86 -18.42 41.18
CA ALA L 651 19.88 -17.14 40.47
C ALA L 651 18.66 -16.31 40.77
N GLY L 652 17.49 -16.94 40.85
CA GLY L 652 16.26 -16.22 41.19
C GLY L 652 16.28 -15.67 42.60
N ARG L 653 16.88 -16.39 43.54
CA ARG L 653 17.08 -15.84 44.88
C ARG L 653 18.13 -14.73 44.88
N PHE L 654 19.14 -14.83 44.01
CA PHE L 654 20.17 -13.79 43.91
C PHE L 654 19.58 -12.48 43.40
N TYR L 655 18.63 -12.57 42.46
CA TYR L 655 17.90 -11.39 41.97
C TYR L 655 17.21 -10.64 43.11
N GLY L 656 16.45 -11.35 43.93
CA GLY L 656 15.80 -10.72 45.07
C GLY L 656 16.75 -10.32 46.17
N ASN L 657 17.89 -10.99 46.27
CA ASN L 657 18.88 -10.65 47.30
C ASN L 657 19.64 -9.39 46.96
N ILE L 658 19.75 -9.06 45.67
CA ILE L 658 20.37 -7.79 45.29
C ILE L 658 19.51 -6.61 45.74
N GLN L 659 18.22 -6.62 45.37
CA GLN L 659 17.43 -5.40 45.33
C GLN L 659 17.09 -4.87 46.72
N THR L 660 16.84 -5.76 47.67
CA THR L 660 16.51 -5.33 49.04
C THR L 660 17.70 -4.65 49.70
N VAL L 661 18.89 -5.24 49.55
CA VAL L 661 20.10 -4.67 50.13
C VAL L 661 20.46 -3.35 49.45
N ILE L 662 20.28 -3.27 48.13
CA ILE L 662 20.62 -2.05 47.41
C ILE L 662 19.64 -0.93 47.75
N ASN L 663 18.33 -1.24 47.84
CA ASN L 663 17.35 -0.23 48.21
C ASN L 663 17.47 0.19 49.68
N ASN L 664 17.95 -0.69 50.56
CA ASN L 664 18.20 -0.29 51.93
C ASN L 664 19.47 0.54 52.07
N TRP L 665 20.47 0.29 51.23
CA TRP L 665 21.65 1.14 51.21
C TRP L 665 21.34 2.50 50.61
N LEU L 666 20.39 2.56 49.67
CA LEU L 666 19.97 3.82 49.06
C LEU L 666 19.28 4.74 50.06
N LEU L 667 18.73 4.20 51.15
CA LEU L 667 18.24 5.05 52.23
C LEU L 667 19.39 5.81 52.90
N PHE L 668 20.54 5.15 53.05
CA PHE L 668 21.71 5.84 53.59
C PHE L 668 22.30 6.81 52.58
N GLU L 669 22.43 6.39 51.32
CA GLU L 669 23.10 7.22 50.33
C GLU L 669 22.16 8.26 49.73
N GLY L 670 21.11 7.81 49.06
CA GLY L 670 20.22 8.73 48.37
C GLY L 670 20.68 9.05 46.97
N HIS L 671 19.72 9.41 46.12
CA HIS L 671 19.98 9.78 44.74
C HIS L 671 18.94 10.79 44.31
N SER L 672 19.38 11.86 43.65
CA SER L 672 18.47 12.96 43.35
C SER L 672 18.99 13.75 42.16
N ILE L 673 18.10 14.04 41.22
CA ILE L 673 18.40 14.95 40.12
C ILE L 673 17.70 16.27 40.43
N GLY L 674 18.26 17.37 39.92
CA GLY L 674 17.69 18.67 40.16
C GLY L 674 17.97 19.59 39.00
N ILE L 675 17.57 20.85 39.17
CA ILE L 675 17.81 21.86 38.14
C ILE L 675 19.28 22.27 38.11
N GLY L 676 20.02 22.04 39.19
CA GLY L 676 21.44 22.29 39.20
C GLY L 676 22.25 21.29 38.39
N ASP L 677 21.71 20.09 38.19
CA ASP L 677 22.37 19.11 37.34
C ASP L 677 22.24 19.44 35.86
N THR L 678 21.28 20.28 35.49
CA THR L 678 21.04 20.66 34.11
C THR L 678 21.84 21.89 33.68
N ILE L 679 22.60 22.49 34.59
CA ILE L 679 23.33 23.71 34.32
C ILE L 679 24.81 23.41 34.41
N ALA L 680 25.54 23.70 33.32
CA ALA L 680 26.96 23.43 33.23
C ALA L 680 27.76 24.68 33.59
N ASP L 681 29.07 24.64 33.33
CA ASP L 681 29.93 25.77 33.59
C ASP L 681 29.64 26.91 32.61
N PRO L 682 29.74 28.17 33.06
CA PRO L 682 29.61 29.30 32.12
C PRO L 682 30.66 29.32 31.02
N GLN L 683 31.88 28.85 31.29
CA GLN L 683 32.88 28.69 30.25
C GLN L 683 32.46 27.64 29.23
N THR L 684 31.88 26.54 29.71
CA THR L 684 31.33 25.51 28.82
C THR L 684 30.17 26.05 28.00
N TYR L 685 29.31 26.87 28.63
CA TYR L 685 28.19 27.48 27.92
C TYR L 685 28.68 28.45 26.85
N ASN L 686 29.71 29.23 27.15
CA ASN L 686 30.29 30.13 26.16
C ASN L 686 30.93 29.37 25.01
N GLU L 687 31.61 28.27 25.31
CA GLU L 687 32.20 27.42 24.27
C GLU L 687 31.14 26.79 23.38
N ILE L 688 30.03 26.34 24.00
CA ILE L 688 28.94 25.74 23.24
C ILE L 688 28.26 26.77 22.34
N GLN L 689 28.04 27.98 22.86
CA GLN L 689 27.45 29.05 22.06
C GLN L 689 28.37 29.48 20.93
N GLN L 690 29.68 29.53 21.19
CA GLN L 690 30.63 29.88 20.15
C GLN L 690 30.71 28.80 19.07
N ALA L 691 30.62 27.53 19.47
CA ALA L 691 30.61 26.44 18.49
C ALA L 691 29.34 26.46 17.65
N ILE L 692 28.20 26.77 18.26
CA ILE L 692 26.94 26.88 17.54
C ILE L 692 26.98 28.05 16.56
N LYS L 693 27.54 29.19 16.99
CA LYS L 693 27.69 30.34 16.11
C LYS L 693 28.66 30.07 14.97
N LYS L 694 29.73 29.32 15.24
CA LYS L 694 30.67 28.92 14.19
C LYS L 694 30.02 27.98 13.19
N ALA L 695 29.19 27.05 13.67
CA ALA L 695 28.47 26.15 12.77
C ALA L 695 27.45 26.91 11.92
N LYS L 696 26.79 27.91 12.51
CA LYS L 696 25.86 28.75 11.74
C LYS L 696 26.60 29.57 10.69
N ASP L 697 27.78 30.10 11.02
CA ASP L 697 28.59 30.81 10.04
C ASP L 697 29.07 29.88 8.93
N ASP L 698 29.41 28.63 9.30
CA ASP L 698 29.83 27.65 8.30
C ASP L 698 28.69 27.27 7.36
N VAL L 699 27.47 27.10 7.89
CA VAL L 699 26.37 26.73 7.01
C VAL L 699 25.91 27.94 6.18
N ILE L 700 26.09 29.15 6.69
CA ILE L 700 25.84 30.35 5.89
C ILE L 700 26.84 30.45 4.76
N ASN L 701 28.12 30.14 5.02
CA ASN L 701 29.12 30.12 3.97
C ASN L 701 28.85 29.00 2.95
N VAL L 702 28.32 27.87 3.42
CA VAL L 702 27.94 26.78 2.51
C VAL L 702 26.82 27.21 1.59
N ILE L 703 25.81 27.91 2.14
CA ILE L 703 24.71 28.45 1.34
C ILE L 703 25.23 29.49 0.34
N GLN L 704 26.17 30.33 0.77
CA GLN L 704 26.73 31.36 -0.10
C GLN L 704 27.53 30.76 -1.26
N LYS L 705 28.33 29.72 -0.98
CA LYS L 705 29.09 29.08 -2.05
C LYS L 705 28.19 28.23 -2.95
N ALA L 706 27.07 27.73 -2.42
CA ALA L 706 26.11 27.05 -3.28
C ALA L 706 25.38 28.03 -4.19
N HIS L 707 25.13 29.25 -3.70
CA HIS L 707 24.48 30.26 -4.52
C HIS L 707 25.43 30.86 -5.55
N ASN L 708 26.74 30.77 -5.31
CA ASN L 708 27.75 31.34 -6.18
C ASN L 708 28.27 30.35 -7.21
N MET L 709 27.59 29.20 -7.39
CA MET L 709 27.97 28.12 -8.29
C MET L 709 29.39 27.60 -8.00
N GLU L 710 29.64 27.29 -6.74
CA GLU L 710 30.94 26.77 -6.31
C GLU L 710 30.82 25.42 -5.62
N LEU L 711 29.62 24.84 -5.58
CA LEU L 711 29.38 23.56 -4.91
C LEU L 711 29.39 22.47 -5.97
N GLU L 712 30.43 21.65 -5.96
CA GLU L 712 30.52 20.52 -6.89
C GLU L 712 29.71 19.35 -6.38
N PRO L 713 28.78 18.82 -7.16
CA PRO L 713 27.97 17.69 -6.68
C PRO L 713 28.77 16.39 -6.65
N THR L 714 28.56 15.62 -5.59
CA THR L 714 29.18 14.32 -5.48
C THR L 714 28.48 13.32 -6.41
N PRO L 715 29.19 12.30 -6.89
CA PRO L 715 28.53 11.24 -7.65
C PRO L 715 27.56 10.43 -6.80
N GLY L 716 26.52 9.92 -7.46
CA GLY L 716 25.50 9.14 -6.79
C GLY L 716 24.31 9.94 -6.29
N ASN L 717 24.38 11.28 -6.34
CA ASN L 717 23.29 12.12 -5.88
C ASN L 717 23.38 13.47 -6.60
N THR L 718 22.26 14.21 -6.55
CA THR L 718 22.17 15.49 -7.21
C THR L 718 22.76 16.59 -6.35
N LEU L 719 22.67 17.83 -6.84
CA LEU L 719 23.17 18.98 -6.09
C LEU L 719 22.30 19.29 -4.88
N ARG L 720 20.99 19.07 -5.01
CA ARG L 720 20.06 19.21 -3.89
C ARG L 720 20.42 18.25 -2.75
N GLN L 721 20.63 16.98 -3.09
CA GLN L 721 20.95 15.98 -2.07
C GLN L 721 22.34 16.21 -1.48
N THR L 722 23.29 16.66 -2.31
CA THR L 722 24.64 16.95 -1.82
C THR L 722 24.63 18.14 -0.86
N PHE L 723 23.90 19.20 -1.19
CA PHE L 723 23.80 20.36 -0.32
C PHE L 723 23.07 20.02 0.98
N GLU L 724 21.98 19.26 0.89
CA GLU L 724 21.25 18.84 2.09
C GLU L 724 22.09 17.94 2.97
N ASN L 725 22.88 17.05 2.36
CA ASN L 725 23.73 16.15 3.13
C ASN L 725 24.87 16.90 3.80
N LYS L 726 25.44 17.91 3.13
CA LYS L 726 26.47 18.74 3.74
C LYS L 726 25.93 19.52 4.93
N VAL L 727 24.74 20.11 4.77
CA VAL L 727 24.12 20.88 5.86
C VAL L 727 23.78 19.98 7.04
N ASN L 728 23.20 18.80 6.76
CA ASN L 728 22.84 17.86 7.81
C ASN L 728 24.07 17.31 8.54
N ARG L 729 25.14 17.04 7.80
CA ARG L 729 26.39 16.58 8.41
C ARG L 729 27.01 17.66 9.29
N ILE L 730 26.97 18.92 8.84
CA ILE L 730 27.49 20.03 9.63
C ILE L 730 26.71 20.20 10.93
N LEU L 731 25.37 20.16 10.83
CA LEU L 731 24.54 20.34 12.03
C LEU L 731 24.66 19.15 12.99
N ASN L 732 24.73 17.93 12.46
CA ASN L 732 24.87 16.75 13.32
C ASN L 732 26.23 16.71 13.98
N ASP L 733 27.29 17.10 13.27
CA ASP L 733 28.62 17.15 13.85
C ASP L 733 28.72 18.23 14.92
N ALA L 734 28.09 19.38 14.68
CA ALA L 734 28.06 20.44 15.70
C ALA L 734 27.29 20.00 16.94
N ARG L 735 26.16 19.31 16.75
CA ARG L 735 25.38 18.81 17.88
C ARG L 735 26.14 17.77 18.68
N ASP L 736 26.83 16.85 17.98
CA ASP L 736 27.60 15.82 18.67
C ASP L 736 28.81 16.40 19.39
N LYS L 737 29.48 17.40 18.78
CA LYS L 737 30.62 18.04 19.42
C LYS L 737 30.22 18.83 20.64
N THR L 738 29.09 19.56 20.56
CA THR L 738 28.60 20.30 21.73
C THR L 738 28.11 19.35 22.82
N GLY L 739 27.51 18.23 22.45
CA GLY L 739 27.11 17.24 23.45
C GLY L 739 28.30 16.59 24.13
N GLY L 740 29.36 16.31 23.38
CA GLY L 740 30.57 15.77 23.98
C GLY L 740 31.26 16.78 24.90
N SER L 741 31.27 18.05 24.49
CA SER L 741 31.84 19.10 25.35
C SER L 741 31.00 19.32 26.59
N ALA L 742 29.68 19.15 26.49
CA ALA L 742 28.82 19.26 27.67
C ALA L 742 29.00 18.07 28.60
N LYS L 743 29.14 16.86 28.05
CA LYS L 743 29.29 15.67 28.87
C LYS L 743 30.65 15.63 29.55
N LYS L 744 31.69 16.07 28.86
CA LYS L 744 33.04 16.06 29.44
C LYS L 744 33.18 17.07 30.57
N SER L 745 32.50 18.21 30.48
CA SER L 745 32.62 19.25 31.50
C SER L 745 31.81 18.96 32.76
N LEU L 746 30.95 17.95 32.75
CA LEU L 746 30.18 17.62 33.94
C LEU L 746 31.06 16.96 34.99
N THR L 747 30.80 17.27 36.26
CA THR L 747 31.54 16.71 37.36
C THR L 747 30.99 15.33 37.74
N GLU L 748 31.68 14.68 38.68
CA GLU L 748 31.22 13.39 39.18
C GLU L 748 30.04 13.52 40.13
N TYR L 749 29.80 14.71 40.68
CA TYR L 749 28.64 14.95 41.53
C TYR L 749 27.37 15.18 40.74
N ASN L 750 27.45 15.35 39.43
CA ASN L 750 26.27 15.51 38.60
C ASN L 750 25.56 14.17 38.49
N ASN L 751 24.36 14.08 39.08
CA ASN L 751 23.64 12.82 39.13
C ASN L 751 23.06 12.40 37.79
N LEU L 752 22.87 13.35 36.86
CA LEU L 752 22.40 12.99 35.53
C LEU L 752 23.45 12.19 34.77
N LYS L 753 24.72 12.60 34.86
CA LYS L 753 25.80 11.89 34.20
C LYS L 753 26.01 10.51 34.79
N ALA L 754 25.95 10.40 36.12
CA ALA L 754 26.08 9.10 36.78
C ALA L 754 24.89 8.20 36.48
N MET L 755 23.70 8.79 36.32
CA MET L 755 22.51 8.01 35.98
C MET L 755 22.59 7.51 34.53
N VAL L 756 23.14 8.32 33.62
CA VAL L 756 23.29 7.89 32.23
C VAL L 756 24.35 6.80 32.12
N VAL L 757 25.51 6.99 32.77
CA VAL L 757 26.55 5.96 32.71
C VAL L 757 26.23 4.75 33.57
N SER L 758 25.22 4.83 34.43
CA SER L 758 24.72 3.63 35.09
C SER L 758 24.00 2.72 34.10
N GLY L 759 23.45 3.28 33.03
CA GLY L 759 22.79 2.50 32.01
C GLY L 759 21.35 2.13 32.32
N SER L 760 20.79 2.61 33.42
CA SER L 760 19.40 2.32 33.73
C SER L 760 18.45 3.08 32.81
N LYS L 761 18.79 4.32 32.47
CA LYS L 761 17.94 5.15 31.64
C LYS L 761 18.82 6.21 30.99
N GLY L 762 18.32 6.76 29.88
CA GLY L 762 18.98 7.89 29.24
C GLY L 762 20.16 7.49 28.37
N SER L 763 20.69 8.49 27.68
CA SER L 763 21.82 8.32 26.77
C SER L 763 22.53 9.66 26.64
N ASN L 764 23.50 9.72 25.72
CA ASN L 764 24.29 10.94 25.55
C ASN L 764 23.51 12.03 24.81
N ILE L 765 22.61 11.64 23.91
CA ILE L 765 21.80 12.63 23.20
C ILE L 765 20.81 13.30 24.16
N ASN L 766 20.38 12.59 25.21
CA ASN L 766 19.57 13.21 26.25
C ASN L 766 20.36 14.27 27.01
N ILE L 767 21.62 13.98 27.32
CA ILE L 767 22.49 14.95 28.00
C ILE L 767 22.73 16.16 27.11
N SER L 768 22.93 15.93 25.80
CA SER L 768 23.12 17.02 24.85
C SER L 768 21.88 17.90 24.74
N GLN L 769 20.70 17.28 24.76
CA GLN L 769 19.46 18.06 24.70
C GLN L 769 19.19 18.78 26.01
N VAL L 770 19.67 18.24 27.13
CA VAL L 770 19.57 18.95 28.41
C VAL L 770 20.46 20.19 28.40
N ILE L 771 21.72 20.04 28.01
CA ILE L 771 22.70 21.08 28.29
C ILE L 771 22.95 21.98 27.08
N ALA L 772 23.38 21.40 25.96
CA ALA L 772 23.95 22.20 24.89
C ALA L 772 22.90 22.72 23.91
N CYS L 773 22.24 21.81 23.20
CA CYS L 773 21.31 22.19 22.14
C CYS L 773 20.43 21.00 21.80
N VAL L 774 19.32 21.29 21.11
CA VAL L 774 18.40 20.23 20.71
C VAL L 774 18.84 19.59 19.40
N GLY L 775 19.16 20.41 18.40
CA GLY L 775 19.62 19.90 17.13
C GLY L 775 18.72 20.27 15.96
N GLN L 776 18.73 19.44 14.93
CA GLN L 776 17.93 19.68 13.73
C GLN L 776 16.68 18.82 13.76
N GLN L 777 15.52 19.45 13.63
CA GLN L 777 14.26 18.74 13.56
C GLN L 777 14.06 18.18 12.16
N ASN L 778 13.74 16.89 12.07
CA ASN L 778 13.64 16.19 10.80
C ASN L 778 12.28 15.53 10.67
N VAL L 779 11.63 15.73 9.53
CA VAL L 779 10.39 15.04 9.18
C VAL L 779 10.72 14.06 8.07
N GLU L 780 10.48 12.77 8.35
CA GLU L 780 10.84 11.65 7.47
C GLU L 780 12.32 11.64 7.12
N GLY L 781 13.16 12.03 8.08
CA GLY L 781 14.59 12.10 7.86
C GLY L 781 15.03 13.20 6.91
N LYS L 782 14.21 14.24 6.73
CA LYS L 782 14.52 15.27 5.75
C LYS L 782 14.38 16.67 6.35
N ARG L 783 14.47 17.68 5.48
CA ARG L 783 14.23 19.06 5.87
C ARG L 783 12.75 19.27 6.19
N ILE L 784 12.48 20.31 6.99
CA ILE L 784 11.11 20.76 7.24
C ILE L 784 10.55 21.27 5.91
N PRO L 785 9.43 20.74 5.43
CA PRO L 785 8.95 21.09 4.09
C PRO L 785 8.38 22.50 4.03
N TYR L 786 8.42 23.08 2.83
CA TYR L 786 7.87 24.40 2.57
C TYR L 786 6.36 24.27 2.48
N GLY L 787 5.69 24.41 3.63
CA GLY L 787 4.24 24.37 3.65
C GLY L 787 3.61 25.56 2.94
N PHE L 788 4.24 26.72 3.06
CA PHE L 788 3.80 27.92 2.36
C PHE L 788 4.55 28.01 1.03
N ARG L 789 4.43 29.14 0.35
CA ARG L 789 5.12 29.36 -0.92
C ARG L 789 6.59 29.68 -0.62
N LYS L 790 7.43 28.64 -0.74
CA LYS L 790 8.88 28.69 -0.48
C LYS L 790 9.21 29.13 0.94
N ARG L 791 8.30 28.89 1.89
CA ARG L 791 8.49 29.26 3.28
C ARG L 791 7.93 28.16 4.17
N THR L 792 8.68 27.85 5.24
CA THR L 792 8.13 26.96 6.25
C THR L 792 7.15 27.69 7.16
N LEU L 793 7.38 28.97 7.38
CA LEU L 793 6.53 29.83 8.19
C LEU L 793 6.46 31.20 7.52
N PRO L 794 5.37 31.95 7.72
CA PRO L 794 5.31 33.31 7.17
C PRO L 794 6.24 34.30 7.86
N HIS L 795 6.81 33.94 9.01
CA HIS L 795 7.73 34.80 9.73
C HIS L 795 9.15 34.79 9.15
N PHE L 796 9.42 33.91 8.19
CA PHE L 796 10.71 33.87 7.52
C PHE L 796 10.59 34.54 6.15
N ILE L 797 11.64 34.43 5.36
CA ILE L 797 11.70 35.03 4.03
C ILE L 797 11.64 33.91 3.01
N LYS L 798 11.12 34.22 1.83
CA LYS L 798 11.09 33.24 0.74
C LYS L 798 12.50 32.90 0.28
N ASP L 799 12.69 31.64 -0.13
CA ASP L 799 13.97 31.09 -0.58
C ASP L 799 15.07 31.23 0.47
N ASP L 800 14.72 30.98 1.72
CA ASP L 800 15.67 31.00 2.83
C ASP L 800 16.01 29.57 3.22
N TYR L 801 17.30 29.26 3.24
CA TYR L 801 17.78 27.93 3.62
C TYR L 801 18.62 27.96 4.87
N GLY L 802 18.59 29.06 5.63
CA GLY L 802 19.34 29.17 6.86
C GLY L 802 18.78 28.27 7.95
N PRO L 803 19.58 28.00 8.98
CA PRO L 803 19.17 27.01 10.00
C PRO L 803 18.03 27.48 10.89
N GLU L 804 17.72 28.78 10.92
CA GLU L 804 16.55 29.24 11.65
C GLU L 804 15.26 28.79 10.96
N SER L 805 15.21 28.96 9.63
CA SER L 805 14.04 28.51 8.87
C SER L 805 14.11 27.04 8.50
N ARG L 806 15.28 26.41 8.60
CA ARG L 806 15.41 25.01 8.24
C ARG L 806 14.78 24.09 9.28
N GLY L 807 15.01 24.38 10.57
CA GLY L 807 14.51 23.53 11.62
C GLY L 807 15.57 23.19 12.66
N PHE L 808 16.78 23.71 12.46
CA PHE L 808 17.83 23.52 13.45
C PHE L 808 17.56 24.37 14.69
N VAL L 809 17.74 23.77 15.86
CA VAL L 809 17.48 24.43 17.12
C VAL L 809 18.82 24.78 17.75
N GLU L 810 19.11 26.08 17.86
CA GLU L 810 20.38 26.54 18.39
C GLU L 810 20.37 26.70 19.91
N ASN L 811 19.23 26.57 20.55
CA ASN L 811 19.10 26.76 21.99
C ASN L 811 18.75 25.44 22.66
N SER L 812 19.12 25.33 23.94
CA SER L 812 18.77 24.14 24.71
C SER L 812 17.37 24.29 25.30
N TYR L 813 16.87 23.19 25.85
CA TYR L 813 15.57 23.22 26.51
C TYR L 813 15.63 23.96 27.84
N LEU L 814 16.81 23.98 28.47
CA LEU L 814 17.00 24.78 29.67
C LEU L 814 16.91 26.27 29.37
N ALA L 815 17.51 26.71 28.26
CA ALA L 815 17.47 28.12 27.89
C ALA L 815 16.11 28.53 27.33
N GLY L 816 15.38 27.61 26.76
CA GLY L 816 14.10 27.93 26.15
C GLY L 816 14.21 28.05 24.65
N LEU L 817 13.09 27.79 23.97
CA LEU L 817 13.05 27.81 22.52
C LEU L 817 12.36 29.07 22.00
N THR L 818 12.74 29.46 20.79
CA THR L 818 11.96 30.44 20.06
C THR L 818 10.67 29.76 19.56
N PRO L 819 9.60 30.52 19.32
CA PRO L 819 8.34 29.89 18.85
C PRO L 819 8.45 29.15 17.52
N SER L 820 9.31 29.61 16.61
CA SER L 820 9.48 28.92 15.34
C SER L 820 10.14 27.56 15.52
N GLU L 821 11.21 27.50 16.30
CA GLU L 821 11.85 26.21 16.55
C GLU L 821 11.05 25.35 17.52
N PHE L 822 10.19 25.94 18.34
CA PHE L 822 9.25 25.13 19.11
C PHE L 822 8.21 24.49 18.21
N TYR L 823 7.75 25.22 17.19
CA TYR L 823 6.86 24.64 16.18
C TYR L 823 7.57 23.57 15.38
N PHE L 824 8.86 23.76 15.09
CA PHE L 824 9.63 22.72 14.40
C PHE L 824 9.85 21.49 15.29
N HIS L 825 9.99 21.69 16.60
CA HIS L 825 10.03 20.56 17.51
C HIS L 825 8.69 19.84 17.58
N ALA L 826 7.59 20.59 17.44
CA ALA L 826 6.28 19.94 17.32
C ALA L 826 6.18 19.12 16.03
N MET L 827 6.74 19.65 14.94
CA MET L 827 6.85 18.91 13.68
C MET L 827 7.62 17.61 13.87
N GLY L 828 8.75 17.67 14.59
CA GLY L 828 9.53 16.48 14.84
C GLY L 828 8.83 15.48 15.76
N GLY L 829 8.18 15.98 16.81
CA GLY L 829 7.55 15.11 17.79
C GLY L 829 6.24 14.49 17.35
N ARG L 830 5.56 15.09 16.37
CA ARG L 830 4.37 14.45 15.82
C ARG L 830 4.71 13.18 15.04
N GLU L 831 5.88 13.16 14.39
CA GLU L 831 6.26 12.05 13.53
C GLU L 831 6.53 10.77 14.34
N GLY L 832 7.04 10.90 15.56
CA GLY L 832 7.23 9.73 16.39
C GLY L 832 5.92 9.07 16.81
N LEU L 833 4.93 9.89 17.16
CA LEU L 833 3.60 9.35 17.49
C LEU L 833 2.92 8.76 16.26
N ILE L 834 3.13 9.38 15.09
CA ILE L 834 2.58 8.84 13.85
C ILE L 834 3.20 7.49 13.52
N ASP L 835 4.53 7.38 13.65
CA ASP L 835 5.23 6.12 13.37
C ASP L 835 4.87 5.06 14.40
N THR L 836 4.58 5.46 15.64
CA THR L 836 4.11 4.50 16.63
C THR L 836 2.70 4.00 16.29
N ALA L 837 1.83 4.91 15.81
CA ALA L 837 0.43 4.55 15.59
C ALA L 837 0.20 3.77 14.30
N VAL L 838 0.98 4.03 13.25
CA VAL L 838 0.63 3.51 11.93
C VAL L 838 1.05 2.05 11.77
N LYS L 839 2.33 1.74 12.01
CA LYS L 839 2.87 0.45 11.62
C LYS L 839 2.44 -0.69 12.53
N THR L 840 1.88 -0.41 13.71
CA THR L 840 1.60 -1.46 14.67
C THR L 840 0.41 -2.34 14.29
N ALA L 841 -0.43 -1.89 13.34
CA ALA L 841 -1.47 -2.77 12.81
C ALA L 841 -0.86 -3.87 11.95
N GLU L 842 0.02 -3.49 11.03
CA GLU L 842 0.66 -4.48 10.17
C GLU L 842 1.66 -5.33 10.94
N THR L 843 2.24 -4.78 12.02
CA THR L 843 3.12 -5.56 12.88
C THR L 843 2.35 -6.69 13.58
N GLY L 844 1.18 -6.37 14.14
CA GLY L 844 0.36 -7.39 14.75
C GLY L 844 -0.20 -8.38 13.75
N TYR L 845 -0.54 -7.91 12.55
CA TYR L 845 -0.99 -8.81 11.49
C TYR L 845 0.10 -9.77 11.06
N ILE L 846 1.34 -9.27 10.95
CA ILE L 846 2.50 -10.10 10.62
C ILE L 846 2.76 -11.11 11.72
N GLN L 847 2.63 -10.69 12.99
CA GLN L 847 2.82 -11.60 14.11
C GLN L 847 1.76 -12.71 14.14
N ARG L 848 0.50 -12.36 13.87
CA ARG L 848 -0.56 -13.37 13.83
C ARG L 848 -0.39 -14.33 12.66
N ARG L 849 0.01 -13.80 11.50
CA ARG L 849 0.25 -14.65 10.35
C ARG L 849 1.43 -15.60 10.58
N LEU L 850 2.50 -15.09 11.20
CA LEU L 850 3.68 -15.91 11.48
C LEU L 850 3.38 -16.97 12.53
N ILE L 851 2.57 -16.62 13.54
CA ILE L 851 2.22 -17.60 14.56
C ILE L 851 1.17 -18.59 14.06
N LYS L 852 0.45 -18.27 12.98
CA LYS L 852 -0.49 -19.24 12.42
C LYS L 852 0.20 -20.19 11.45
N ALA L 853 1.28 -19.75 10.79
CA ALA L 853 1.94 -20.60 9.81
C ALA L 853 2.80 -21.68 10.46
N MET L 854 3.43 -21.38 11.60
CA MET L 854 4.27 -22.34 12.32
C MET L 854 3.66 -22.74 13.65
N GLU L 855 2.34 -22.94 13.67
CA GLU L 855 1.67 -23.30 14.91
C GLU L 855 1.85 -24.76 15.31
N SER L 856 2.38 -25.60 14.43
CA SER L 856 2.56 -27.01 14.75
C SER L 856 3.90 -27.56 14.29
N VAL L 857 4.91 -26.72 14.13
CA VAL L 857 6.25 -27.18 13.75
C VAL L 857 6.90 -27.79 14.99
N MET L 858 6.98 -29.12 15.03
CA MET L 858 7.15 -29.87 16.26
C MET L 858 8.47 -30.63 16.25
N VAL L 859 9.20 -30.58 17.35
CA VAL L 859 10.36 -31.43 17.56
C VAL L 859 9.87 -32.76 18.16
N ASN L 860 10.19 -33.86 17.50
CA ASN L 860 9.71 -35.17 17.88
C ASN L 860 10.78 -35.89 18.72
N TYR L 861 10.52 -37.15 19.03
CA TYR L 861 11.38 -37.92 19.92
C TYR L 861 12.63 -38.47 19.24
N ASP L 862 12.69 -38.44 17.91
CA ASP L 862 13.87 -38.88 17.19
C ASP L 862 14.85 -37.74 16.93
N GLY L 863 14.56 -36.54 17.43
CA GLY L 863 15.39 -35.38 17.19
C GLY L 863 15.05 -34.62 15.92
N THR L 864 14.13 -35.12 15.11
CA THR L 864 13.75 -34.47 13.87
C THR L 864 12.71 -33.38 14.11
N VAL L 865 12.53 -32.55 13.10
CA VAL L 865 11.58 -31.44 13.14
C VAL L 865 10.51 -31.68 12.08
N ARG L 866 9.25 -31.75 12.51
CA ARG L 866 8.15 -32.04 11.62
C ARG L 866 6.99 -31.11 11.91
N ASN L 867 6.12 -30.95 10.91
CA ASN L 867 4.92 -30.13 11.04
C ASN L 867 3.76 -31.01 11.51
N SER L 868 2.53 -30.49 11.37
CA SER L 868 1.34 -31.24 11.79
C SER L 868 1.11 -32.47 10.92
N VAL L 869 1.40 -32.37 9.62
CA VAL L 869 1.22 -33.51 8.71
C VAL L 869 2.38 -34.50 8.76
N GLY L 870 3.40 -34.22 9.55
CA GLY L 870 4.53 -35.13 9.66
C GLY L 870 5.58 -34.99 8.59
N GLN L 871 5.49 -33.98 7.73
CA GLN L 871 6.52 -33.74 6.73
C GLN L 871 7.79 -33.26 7.40
N LEU L 872 8.93 -33.83 7.01
CA LEU L 872 10.21 -33.53 7.64
C LEU L 872 10.69 -32.15 7.21
N ILE L 873 11.00 -31.31 8.19
CA ILE L 873 11.50 -29.96 7.92
C ILE L 873 12.99 -29.93 8.18
N GLN L 874 13.41 -30.34 9.37
CA GLN L 874 14.81 -30.37 9.75
C GLN L 874 15.12 -31.70 10.44
N LEU L 875 16.30 -32.25 10.14
CA LEU L 875 16.73 -33.46 10.82
C LEU L 875 17.11 -33.18 12.27
N ARG L 876 17.60 -31.97 12.55
CA ARG L 876 17.87 -31.52 13.91
C ARG L 876 17.44 -30.07 14.03
N TYR L 877 17.02 -29.69 15.24
CA TYR L 877 16.53 -28.33 15.46
C TYR L 877 17.70 -27.35 15.45
N GLY L 878 17.63 -26.37 14.56
CA GLY L 878 18.72 -25.43 14.39
C GLY L 878 19.95 -26.03 13.75
N GLU L 879 19.80 -27.17 13.07
CA GLU L 879 20.85 -27.96 12.42
C GLU L 879 21.91 -28.47 13.38
N ASP L 880 21.66 -28.44 14.69
CA ASP L 880 22.56 -29.03 15.67
C ASP L 880 21.83 -29.76 16.79
N GLY L 881 20.51 -29.72 16.84
CA GLY L 881 19.75 -30.41 17.87
C GLY L 881 19.94 -29.87 19.28
N LEU L 882 20.06 -28.56 19.42
CA LEU L 882 20.26 -27.93 20.73
C LEU L 882 19.23 -26.83 20.92
N CYS L 883 18.90 -26.56 22.18
CA CYS L 883 17.99 -25.49 22.52
C CYS L 883 18.71 -24.14 22.51
N GLY L 884 17.94 -23.08 22.28
CA GLY L 884 18.50 -21.75 22.20
C GLY L 884 18.73 -21.05 23.52
N GLU L 885 18.21 -21.60 24.62
CA GLU L 885 18.41 -20.97 25.92
C GLU L 885 19.82 -21.20 26.45
N LEU L 886 20.35 -22.41 26.29
CA LEU L 886 21.60 -22.81 26.94
C LEU L 886 22.82 -22.66 26.03
N VAL L 887 22.72 -21.84 24.99
CA VAL L 887 23.85 -21.54 24.11
C VAL L 887 24.34 -20.13 24.42
N GLU L 888 25.58 -19.85 24.03
CA GLU L 888 26.18 -18.55 24.29
C GLU L 888 27.21 -18.25 23.21
N PHE L 889 27.98 -17.19 23.44
CA PHE L 889 28.96 -16.72 22.47
C PHE L 889 30.35 -17.26 22.80
N GLN L 890 31.04 -17.79 21.79
CA GLN L 890 32.37 -18.36 21.95
C GLN L 890 33.34 -17.70 20.98
N ASN L 891 34.50 -17.30 21.50
CA ASN L 891 35.57 -16.80 20.66
C ASN L 891 36.36 -17.99 20.11
N MET L 892 36.59 -17.98 18.79
CA MET L 892 37.24 -19.12 18.14
C MET L 892 38.71 -18.77 17.94
N PRO L 893 39.64 -19.48 18.59
CA PRO L 893 41.06 -19.08 18.53
C PRO L 893 41.82 -19.58 17.32
N THR L 894 41.23 -20.44 16.48
CA THR L 894 41.97 -21.07 15.38
C THR L 894 41.48 -20.59 14.01
N VAL L 895 41.15 -19.31 13.88
CA VAL L 895 40.69 -18.73 12.62
C VAL L 895 41.58 -17.57 12.18
N LYS L 896 41.68 -16.53 12.99
CA LYS L 896 42.24 -15.25 12.53
C LYS L 896 43.78 -15.30 12.47
N LEU L 897 44.41 -16.08 13.33
CA LEU L 897 45.84 -15.95 13.59
C LEU L 897 46.68 -16.44 12.40
N SER L 898 47.93 -16.00 12.37
CA SER L 898 48.83 -16.35 11.28
C SER L 898 49.32 -17.79 11.42
N ASN L 899 50.00 -18.27 10.37
CA ASN L 899 50.51 -19.64 10.37
C ASN L 899 51.67 -19.79 11.35
N LYS L 900 52.53 -18.78 11.45
CA LYS L 900 53.65 -18.85 12.39
C LYS L 900 53.16 -18.74 13.84
N SER L 901 52.10 -17.95 14.08
CA SER L 901 51.48 -17.93 15.40
C SER L 901 50.80 -19.26 15.71
N PHE L 902 50.23 -19.91 14.69
CA PHE L 902 49.65 -21.23 14.87
C PHE L 902 50.70 -22.27 15.19
N GLU L 903 51.90 -22.14 14.61
CA GLU L 903 52.98 -23.08 14.90
C GLU L 903 53.59 -22.82 16.27
N LYS L 904 53.80 -21.55 16.63
CA LYS L 904 54.41 -21.27 17.93
C LYS L 904 53.40 -21.29 19.07
N ARG L 905 52.11 -21.42 18.78
CA ARG L 905 51.10 -21.28 19.81
C ARG L 905 50.41 -22.60 20.14
N PHE L 906 50.32 -23.51 19.16
CA PHE L 906 49.59 -24.75 19.29
C PHE L 906 50.41 -26.02 19.14
N LYS L 907 51.58 -25.97 18.51
CA LYS L 907 52.39 -27.16 18.27
C LYS L 907 53.18 -27.48 19.52
N PHE L 908 52.93 -28.65 20.10
CA PHE L 908 53.58 -29.05 21.34
C PHE L 908 54.94 -29.65 21.03
N ASP L 909 55.99 -29.04 21.55
CA ASP L 909 57.37 -29.46 21.30
C ASP L 909 58.00 -29.91 22.62
N TRP L 910 58.60 -31.10 22.61
CA TRP L 910 59.27 -31.64 23.78
C TRP L 910 60.75 -31.34 23.80
N SER L 911 61.30 -30.75 22.73
CA SER L 911 62.74 -30.50 22.63
C SER L 911 63.21 -29.41 23.57
N ASN L 912 62.36 -28.43 23.88
CA ASN L 912 62.71 -27.37 24.81
C ASN L 912 62.65 -27.93 26.22
N GLU L 913 63.79 -28.44 26.70
CA GLU L 913 63.83 -29.15 27.97
C GLU L 913 63.74 -28.22 29.18
N ARG L 914 64.04 -26.94 29.00
CA ARG L 914 63.95 -25.98 30.11
C ARG L 914 62.50 -25.72 30.49
N LEU L 915 61.66 -25.42 29.49
CA LEU L 915 60.22 -25.31 29.71
C LEU L 915 59.62 -26.64 30.15
N MET L 916 60.14 -27.74 29.60
CA MET L 916 59.68 -29.08 29.97
C MET L 916 59.95 -29.38 31.43
N LYS L 917 61.11 -28.95 31.94
CA LYS L 917 61.44 -29.16 33.35
C LYS L 917 60.65 -28.23 34.26
N LYS L 918 60.47 -26.96 33.87
CA LYS L 918 59.75 -26.05 34.77
C LYS L 918 58.24 -26.27 34.75
N VAL L 919 57.71 -26.91 33.71
CA VAL L 919 56.27 -27.12 33.59
C VAL L 919 55.84 -28.47 34.16
N PHE L 920 56.55 -29.54 33.84
CA PHE L 920 56.14 -30.88 34.24
C PHE L 920 56.98 -31.38 35.39
N THR L 921 56.37 -32.24 36.22
CA THR L 921 57.08 -32.94 37.27
C THR L 921 57.80 -34.16 36.69
N ASP L 922 58.65 -34.77 37.52
CA ASP L 922 59.51 -35.86 37.06
C ASP L 922 58.73 -37.13 36.78
N ASP L 923 57.59 -37.32 37.45
CA ASP L 923 56.77 -38.51 37.23
C ASP L 923 56.18 -38.52 35.83
N VAL L 924 55.78 -37.36 35.31
CA VAL L 924 55.27 -37.26 33.95
C VAL L 924 56.37 -37.55 32.93
N ILE L 925 57.60 -37.10 33.24
CA ILE L 925 58.74 -37.36 32.36
C ILE L 925 59.05 -38.84 32.30
N LYS L 926 59.05 -39.50 33.47
CA LYS L 926 59.30 -40.94 33.53
C LYS L 926 58.19 -41.71 32.84
N GLU L 927 56.93 -41.26 33.00
CA GLU L 927 55.78 -41.90 32.38
C GLU L 927 55.84 -41.81 30.86
N MET L 928 56.21 -40.65 30.31
CA MET L 928 56.17 -40.54 28.86
C MET L 928 57.45 -41.11 28.22
N THR L 929 58.58 -41.09 28.95
CA THR L 929 59.76 -41.75 28.43
C THR L 929 59.66 -43.27 28.51
N ASP L 930 58.82 -43.79 29.42
CA ASP L 930 58.55 -45.22 29.40
C ASP L 930 57.71 -45.62 28.19
N SER L 931 56.88 -44.70 27.69
CA SER L 931 56.07 -44.95 26.50
C SER L 931 56.81 -44.53 25.24
N SER L 932 56.23 -44.88 24.10
CA SER L 932 56.82 -44.55 22.80
C SER L 932 55.85 -43.96 21.80
N GLU L 933 54.54 -44.09 22.00
CA GLU L 933 53.55 -43.61 21.04
C GLU L 933 53.16 -42.15 21.27
N ALA L 934 53.75 -41.49 22.26
CA ALA L 934 53.35 -40.14 22.60
C ALA L 934 53.77 -39.12 21.54
N ILE L 935 54.91 -39.33 20.89
CA ILE L 935 55.40 -38.37 19.90
C ILE L 935 54.50 -38.36 18.66
N GLN L 936 54.17 -39.55 18.15
CA GLN L 936 53.24 -39.62 17.03
C GLN L 936 51.81 -39.29 17.46
N GLU L 937 51.46 -39.47 18.73
CA GLU L 937 50.16 -39.03 19.22
C GLU L 937 50.05 -37.51 19.20
N LEU L 938 51.11 -36.82 19.64
CA LEU L 938 51.14 -35.36 19.54
C LEU L 938 51.19 -34.87 18.11
N GLU L 939 51.88 -35.61 17.22
CA GLU L 939 51.88 -35.27 15.81
C GLU L 939 50.50 -35.43 15.18
N ALA L 940 49.77 -36.48 15.57
CA ALA L 940 48.39 -36.65 15.11
C ALA L 940 47.47 -35.57 15.67
N GLU L 941 47.71 -35.14 16.91
CA GLU L 941 46.96 -34.02 17.48
C GLU L 941 47.22 -32.74 16.69
N TRP L 942 48.48 -32.48 16.32
CA TRP L 942 48.82 -31.31 15.52
C TRP L 942 48.18 -31.38 14.13
N ASP L 943 48.15 -32.58 13.54
CA ASP L 943 47.50 -32.76 12.25
C ASP L 943 45.99 -32.53 12.35
N ARG L 944 45.38 -32.98 13.44
CA ARG L 944 43.95 -32.74 13.65
C ARG L 944 43.67 -31.25 13.85
N LEU L 945 44.56 -30.53 14.55
CA LEU L 945 44.40 -29.09 14.70
C LEU L 945 44.54 -28.36 13.36
N VAL L 946 45.50 -28.80 12.52
CA VAL L 946 45.67 -28.21 11.20
C VAL L 946 44.44 -28.46 10.33
N SER L 947 43.91 -29.68 10.36
CA SER L 947 42.71 -30.01 9.59
C SER L 947 41.49 -29.25 10.10
N ASP L 948 41.37 -29.07 11.42
CA ASP L 948 40.26 -28.31 11.98
C ASP L 948 40.36 -26.82 11.62
N ARG L 949 41.59 -26.28 11.61
CA ARG L 949 41.79 -24.90 11.18
C ARG L 949 41.44 -24.71 9.71
N ASP L 950 41.82 -25.68 8.88
CA ASP L 950 41.47 -25.62 7.46
C ASP L 950 39.96 -25.73 7.25
N SER L 951 39.29 -26.60 8.00
CA SER L 951 37.84 -26.74 7.90
C SER L 951 37.13 -25.48 8.39
N LEU L 952 37.64 -24.86 9.45
CA LEU L 952 37.05 -23.62 9.96
C LEU L 952 37.25 -22.47 8.99
N ARG L 953 38.40 -22.42 8.31
CA ARG L 953 38.61 -21.41 7.28
C ARG L 953 37.75 -21.67 6.05
N GLN L 954 37.46 -22.94 5.76
CA GLN L 954 36.53 -23.26 4.68
C GLN L 954 35.11 -22.86 5.03
N ILE L 955 34.69 -23.09 6.27
CA ILE L 955 33.33 -22.76 6.69
C ILE L 955 33.14 -21.25 6.77
N PHE L 956 34.10 -20.56 7.37
CA PHE L 956 34.01 -19.11 7.52
C PHE L 956 35.00 -18.44 6.59
N PRO L 957 34.56 -17.86 5.46
CA PRO L 957 35.51 -17.23 4.54
C PRO L 957 35.90 -15.82 4.92
N ASN L 958 35.09 -15.12 5.71
CA ASN L 958 35.37 -13.74 6.11
C ASN L 958 36.11 -13.66 7.44
N GLY L 959 36.53 -14.79 8.01
CA GLY L 959 37.30 -14.80 9.23
C GLY L 959 36.52 -14.42 10.48
N GLU L 960 35.31 -14.95 10.62
CA GLU L 960 34.49 -14.72 11.81
C GLU L 960 34.97 -15.66 12.91
N SER L 961 35.52 -15.10 13.98
CA SER L 961 36.03 -15.87 15.10
C SER L 961 35.04 -15.96 16.26
N LYS L 962 33.79 -15.55 16.03
CA LYS L 962 32.75 -15.59 17.06
C LYS L 962 31.67 -16.55 16.61
N VAL L 963 31.39 -17.57 17.41
CA VAL L 963 30.38 -18.57 17.09
C VAL L 963 29.36 -18.62 18.23
N VAL L 964 28.23 -19.28 17.97
CA VAL L 964 27.18 -19.48 18.94
C VAL L 964 27.21 -20.95 19.34
N LEU L 965 27.75 -21.24 20.52
CA LEU L 965 27.90 -22.59 21.00
C LEU L 965 27.55 -22.65 22.49
N PRO L 966 27.05 -23.78 22.97
CA PRO L 966 26.83 -23.93 24.41
C PRO L 966 28.14 -24.24 25.13
N CYS L 967 28.05 -24.27 26.46
CA CYS L 967 29.09 -24.80 27.36
C CYS L 967 30.41 -24.04 27.22
N ASN L 968 30.39 -22.78 27.69
CA ASN L 968 31.56 -21.89 27.67
C ASN L 968 32.75 -22.53 28.39
N LEU L 969 33.81 -22.84 27.64
CA LEU L 969 34.88 -23.66 28.17
C LEU L 969 35.76 -22.88 29.15
N GLN L 970 36.04 -21.60 28.83
CA GLN L 970 36.95 -20.81 29.65
C GLN L 970 36.41 -20.57 31.05
N ARG L 971 35.09 -20.40 31.17
CA ARG L 971 34.48 -20.17 32.48
C ARG L 971 34.59 -21.40 33.38
N MET L 972 34.35 -22.60 32.84
CA MET L 972 34.45 -23.77 33.70
C MET L 972 35.90 -24.24 33.90
N ILE L 973 36.80 -23.93 32.98
CA ILE L 973 38.23 -24.16 33.24
C ILE L 973 38.70 -23.22 34.36
N TRP L 974 38.24 -21.98 34.35
CA TRP L 974 38.51 -21.05 35.46
C TRP L 974 37.86 -21.53 36.75
N ASN L 975 36.67 -22.13 36.65
CA ASN L 975 35.97 -22.65 37.83
C ASN L 975 36.71 -23.83 38.46
N VAL L 976 37.19 -24.76 37.64
CA VAL L 976 37.95 -25.88 38.20
C VAL L 976 39.38 -25.46 38.57
N GLN L 977 39.86 -24.34 38.06
CA GLN L 977 41.11 -23.77 38.58
C GLN L 977 40.89 -23.21 39.98
N LYS L 978 39.78 -22.49 40.18
CA LYS L 978 39.51 -21.85 41.46
C LYS L 978 39.07 -22.85 42.54
N ILE L 979 38.33 -23.90 42.14
CA ILE L 979 37.83 -24.87 43.11
C ILE L 979 38.98 -25.71 43.65
N PHE L 980 39.84 -26.20 42.77
CA PHE L 980 40.91 -27.11 43.14
C PHE L 980 42.19 -26.38 43.53
N HIS L 981 42.16 -25.03 43.53
CA HIS L 981 43.27 -24.15 43.90
C HIS L 981 44.52 -24.43 43.04
N ILE L 982 44.35 -24.21 41.75
CA ILE L 982 45.42 -24.48 40.78
C ILE L 982 46.46 -23.37 40.86
N ASN L 983 47.70 -23.75 41.09
CA ASN L 983 48.82 -22.80 41.11
C ASN L 983 49.43 -22.76 39.71
N LYS L 984 49.48 -21.55 39.14
CA LYS L 984 49.99 -21.36 37.79
C LYS L 984 51.50 -21.13 37.76
N ARG L 985 52.16 -21.14 38.92
CA ARG L 985 53.62 -21.01 38.99
C ARG L 985 54.26 -22.24 39.63
N LEU L 986 53.54 -23.36 39.66
CA LEU L 986 54.03 -24.61 40.22
C LEU L 986 53.86 -25.71 39.19
N PRO L 987 54.80 -26.66 39.11
CA PRO L 987 54.68 -27.76 38.15
C PRO L 987 53.50 -28.67 38.47
N THR L 988 52.88 -29.19 37.40
CA THR L 988 51.69 -30.02 37.50
C THR L 988 52.03 -31.47 37.19
N ASP L 989 51.04 -32.34 37.41
CA ASP L 989 51.20 -33.78 37.22
C ASP L 989 50.21 -34.33 36.20
N LEU L 990 49.91 -33.55 35.16
CA LEU L 990 48.98 -33.95 34.12
C LEU L 990 49.77 -34.25 32.85
N SER L 991 49.79 -35.53 32.46
CA SER L 991 50.46 -35.92 31.23
C SER L 991 49.61 -35.56 30.02
N PRO L 992 50.23 -35.14 28.90
CA PRO L 992 49.45 -34.81 27.70
C PRO L 992 48.74 -36.00 27.07
N ILE L 993 49.23 -37.23 27.30
CA ILE L 993 48.56 -38.42 26.78
C ILE L 993 47.22 -38.62 27.48
N ARG L 994 47.16 -38.34 28.78
CA ARG L 994 45.88 -38.37 29.50
C ARG L 994 44.95 -37.27 29.03
N VAL L 995 45.51 -36.12 28.63
CA VAL L 995 44.70 -35.03 28.09
C VAL L 995 44.07 -35.44 26.76
N ILE L 996 44.86 -36.07 25.89
CA ILE L 996 44.35 -36.52 24.59
C ILE L 996 43.32 -37.64 24.77
N LYS L 997 43.56 -38.54 25.72
CA LYS L 997 42.59 -39.59 26.03
C LYS L 997 41.29 -39.02 26.58
N GLY L 998 41.38 -37.99 27.43
CA GLY L 998 40.20 -37.34 27.95
C GLY L 998 39.41 -36.59 26.88
N VAL L 999 40.11 -35.93 25.96
CA VAL L 999 39.45 -35.23 24.85
C VAL L 999 38.76 -36.24 23.93
N LYS L 1000 39.42 -37.37 23.64
CA LYS L 1000 38.81 -38.39 22.79
C LYS L 1000 37.61 -39.04 23.46
N THR L 1001 37.69 -39.30 24.77
CA THR L 1001 36.56 -39.84 25.50
C THR L 1001 35.41 -38.84 25.59
N LEU L 1002 35.75 -37.54 25.69
CA LEU L 1002 34.75 -36.48 25.69
C LEU L 1002 34.00 -36.44 24.36
N LEU L 1003 34.75 -36.48 23.25
CA LEU L 1003 34.12 -36.37 21.94
C LEU L 1003 33.39 -37.66 21.56
N GLU L 1004 33.79 -38.80 22.14
CA GLU L 1004 33.03 -40.02 21.93
C GLU L 1004 31.77 -40.05 22.78
N ARG L 1005 31.79 -39.48 23.98
CA ARG L 1005 30.64 -39.50 24.86
C ARG L 1005 29.69 -38.33 24.66
N CYS L 1006 30.06 -37.32 23.88
CA CYS L 1006 29.19 -36.19 23.59
C CYS L 1006 28.56 -36.41 22.23
N VAL L 1007 27.46 -37.15 22.21
CA VAL L 1007 26.76 -37.47 20.98
C VAL L 1007 25.42 -36.74 20.95
N ILE L 1008 24.94 -36.51 19.73
CA ILE L 1008 23.63 -35.89 19.52
C ILE L 1008 22.80 -36.81 18.65
N VAL L 1009 23.36 -37.23 17.52
CA VAL L 1009 22.73 -38.20 16.64
C VAL L 1009 23.31 -39.57 16.99
N THR L 1010 22.46 -40.45 17.52
CA THR L 1010 22.90 -41.78 17.93
C THR L 1010 22.79 -42.77 16.79
N GLY L 1011 23.42 -43.92 16.98
CA GLY L 1011 23.40 -44.97 15.98
C GLY L 1011 24.77 -45.29 15.41
N ASN L 1012 25.00 -46.55 15.08
CA ASN L 1012 26.27 -47.02 14.52
C ASN L 1012 26.26 -47.02 13.00
N ASP L 1013 25.20 -46.53 12.37
CA ASP L 1013 25.10 -46.47 10.92
C ASP L 1013 26.03 -45.38 10.37
N ARG L 1014 26.32 -45.47 9.07
CA ARG L 1014 27.16 -44.47 8.43
C ARG L 1014 26.45 -43.12 8.33
N ILE L 1015 25.14 -43.13 8.08
CA ILE L 1015 24.37 -41.90 8.05
C ILE L 1015 24.29 -41.30 9.46
N SER L 1016 24.09 -42.15 10.47
CA SER L 1016 24.04 -41.68 11.85
C SER L 1016 25.38 -41.10 12.31
N LYS L 1017 26.48 -41.75 11.96
CA LYS L 1017 27.80 -41.23 12.32
C LYS L 1017 28.11 -39.94 11.56
N GLN L 1018 27.73 -39.88 10.28
CA GLN L 1018 27.95 -38.67 9.49
C GLN L 1018 27.16 -37.49 10.05
N ALA L 1019 25.92 -37.73 10.46
CA ALA L 1019 25.15 -36.68 11.11
C ALA L 1019 25.69 -36.35 12.49
N ASN L 1020 26.34 -37.31 13.16
CA ASN L 1020 26.92 -37.08 14.47
C ASN L 1020 28.11 -36.12 14.39
N GLU L 1021 29.05 -36.38 13.47
CA GLU L 1021 30.12 -35.40 13.30
C GLU L 1021 29.72 -34.18 12.49
N ASN L 1022 28.58 -34.19 11.81
CA ASN L 1022 28.10 -32.95 11.19
C ASN L 1022 27.42 -32.03 12.19
N ALA L 1023 26.75 -32.58 13.19
CA ALA L 1023 26.10 -31.75 14.19
C ALA L 1023 27.08 -31.19 15.21
N THR L 1024 28.18 -31.91 15.49
CA THR L 1024 29.10 -31.56 16.55
C THR L 1024 30.46 -31.11 16.02
N LEU L 1025 30.50 -30.58 14.79
CA LEU L 1025 31.78 -30.23 14.17
C LEU L 1025 32.40 -29.00 14.83
N LEU L 1026 31.59 -27.95 15.06
CA LEU L 1026 32.10 -26.75 15.72
C LEU L 1026 32.44 -27.02 17.18
N PHE L 1027 31.67 -27.89 17.84
CA PHE L 1027 31.97 -28.27 19.22
C PHE L 1027 33.28 -29.06 19.29
N GLN L 1028 33.51 -29.98 18.34
CA GLN L 1028 34.76 -30.72 18.29
C GLN L 1028 35.94 -29.80 18.01
N CYS L 1029 35.75 -28.82 17.11
CA CYS L 1029 36.80 -27.86 16.80
C CYS L 1029 37.14 -26.99 18.01
N LEU L 1030 36.12 -26.53 18.74
CA LEU L 1030 36.37 -25.72 19.93
C LEU L 1030 37.01 -26.53 21.05
N ILE L 1031 36.60 -27.79 21.20
CA ILE L 1031 37.18 -28.67 22.22
C ILE L 1031 38.65 -28.95 21.92
N ARG L 1032 38.96 -29.27 20.66
CA ARG L 1032 40.36 -29.54 20.30
C ARG L 1032 41.20 -28.27 20.32
N SER L 1033 40.60 -27.12 20.00
CA SER L 1033 41.34 -25.86 20.01
C SER L 1033 41.62 -25.35 21.42
N THR L 1034 40.71 -25.59 22.37
CA THR L 1034 40.88 -25.07 23.72
C THR L 1034 41.45 -26.09 24.70
N LEU L 1035 41.02 -27.35 24.62
CA LEU L 1035 41.62 -28.41 25.45
C LEU L 1035 42.82 -29.04 24.74
N CYS L 1036 43.75 -28.21 24.32
CA CYS L 1036 44.98 -28.67 23.69
C CYS L 1036 45.99 -29.07 24.76
N THR L 1037 47.05 -29.76 24.32
CA THR L 1037 48.08 -30.22 25.25
C THR L 1037 48.97 -29.07 25.74
N LYS L 1038 48.92 -27.90 25.12
CA LYS L 1038 49.75 -26.79 25.56
C LYS L 1038 49.01 -25.84 26.48
N TYR L 1039 47.70 -25.66 26.25
CA TYR L 1039 46.92 -24.79 27.12
C TYR L 1039 46.81 -25.34 28.53
N VAL L 1040 46.52 -26.65 28.65
CA VAL L 1040 46.34 -27.26 29.96
C VAL L 1040 47.65 -27.55 30.69
N SER L 1041 48.79 -27.33 30.06
CA SER L 1041 50.07 -27.65 30.69
C SER L 1041 50.96 -26.43 30.88
N GLU L 1042 51.10 -25.55 29.89
CA GLU L 1042 51.87 -24.34 30.11
C GLU L 1042 51.01 -23.14 30.49
N GLU L 1043 49.77 -23.07 30.01
CA GLU L 1043 48.95 -21.88 30.24
C GLU L 1043 48.04 -22.04 31.47
N PHE L 1044 47.18 -23.04 31.47
CA PHE L 1044 46.22 -23.20 32.55
C PHE L 1044 46.74 -24.07 33.69
N ARG L 1045 47.67 -24.98 33.40
CA ARG L 1045 48.36 -25.83 34.39
C ARG L 1045 47.38 -26.68 35.20
N LEU L 1046 46.45 -27.32 34.50
CA LEU L 1046 45.41 -28.11 35.16
C LEU L 1046 45.99 -29.40 35.73
N SER L 1047 45.37 -29.86 36.81
CA SER L 1047 45.78 -31.09 37.47
C SER L 1047 44.97 -32.26 36.90
N THR L 1048 45.09 -33.43 37.53
CA THR L 1048 44.40 -34.62 37.03
C THR L 1048 42.94 -34.66 37.52
N GLU L 1049 42.73 -34.42 38.81
CA GLU L 1049 41.37 -34.40 39.36
C GLU L 1049 40.59 -33.21 38.82
N ALA L 1050 41.27 -32.08 38.57
CA ALA L 1050 40.63 -30.95 37.89
C ALA L 1050 40.24 -31.32 36.47
N PHE L 1051 41.07 -32.12 35.79
CA PHE L 1051 40.76 -32.53 34.43
C PHE L 1051 39.57 -33.49 34.38
N GLU L 1052 39.48 -34.42 35.33
CA GLU L 1052 38.34 -35.34 35.32
C GLU L 1052 37.06 -34.64 35.76
N TRP L 1053 37.14 -33.69 36.68
CA TRP L 1053 35.98 -32.86 37.01
C TRP L 1053 35.56 -32.01 35.82
N LEU L 1054 36.53 -31.51 35.05
CA LEU L 1054 36.25 -30.71 33.87
C LEU L 1054 35.56 -31.53 32.78
N VAL L 1055 36.04 -32.76 32.52
CA VAL L 1055 35.42 -33.57 31.47
C VAL L 1055 34.04 -34.05 31.91
N GLY L 1056 33.84 -34.33 33.21
CA GLY L 1056 32.51 -34.65 33.69
C GLY L 1056 31.54 -33.49 33.59
N GLU L 1057 32.01 -32.28 33.92
CA GLU L 1057 31.17 -31.08 33.81
C GLU L 1057 30.84 -30.76 32.36
N ILE L 1058 31.82 -30.94 31.44
CA ILE L 1058 31.57 -30.69 30.03
C ILE L 1058 30.56 -31.67 29.47
N GLU L 1059 30.69 -32.96 29.84
CA GLU L 1059 29.73 -33.98 29.38
C GLU L 1059 28.33 -33.71 29.93
N THR L 1060 28.22 -33.34 31.21
CA THR L 1060 26.91 -33.08 31.80
C THR L 1060 26.26 -31.84 31.20
N ARG L 1061 27.03 -30.75 31.04
CA ARG L 1061 26.47 -29.52 30.49
C ARG L 1061 26.18 -29.63 29.00
N PHE L 1062 26.91 -30.48 28.26
CA PHE L 1062 26.55 -30.71 26.87
C PHE L 1062 25.35 -31.64 26.74
N GLN L 1063 25.15 -32.54 27.73
CA GLN L 1063 23.95 -33.36 27.73
C GLN L 1063 22.71 -32.53 28.02
N GLN L 1064 22.77 -31.63 29.00
CA GLN L 1064 21.59 -30.85 29.36
C GLN L 1064 21.29 -29.73 28.38
N ALA L 1065 22.24 -29.35 27.52
CA ALA L 1065 22.02 -28.28 26.56
C ALA L 1065 21.37 -28.76 25.27
N GLN L 1066 21.08 -30.05 25.16
CA GLN L 1066 20.43 -30.59 23.97
C GLN L 1066 18.98 -30.14 23.88
N ALA L 1067 18.44 -30.17 22.67
CA ALA L 1067 17.05 -29.83 22.46
C ALA L 1067 16.14 -30.91 23.03
N ASN L 1068 15.15 -30.48 23.80
CA ASN L 1068 14.27 -31.41 24.51
C ASN L 1068 13.26 -32.02 23.55
N PRO L 1069 13.15 -33.35 23.48
CA PRO L 1069 12.09 -33.98 22.68
C PRO L 1069 10.74 -33.72 23.31
N GLY L 1070 9.85 -33.08 22.54
CA GLY L 1070 8.59 -32.60 23.06
C GLY L 1070 8.48 -31.11 23.22
N GLU L 1071 9.31 -30.33 22.51
CA GLU L 1071 9.33 -28.89 22.60
C GLU L 1071 8.82 -28.27 21.32
N MET L 1072 7.83 -27.38 21.44
CA MET L 1072 7.41 -26.58 20.30
C MET L 1072 8.47 -25.56 19.96
N VAL L 1073 8.80 -25.46 18.67
CA VAL L 1073 9.88 -24.59 18.23
C VAL L 1073 9.37 -23.62 17.16
N GLY L 1074 8.30 -24.00 16.47
CA GLY L 1074 7.78 -23.14 15.41
C GLY L 1074 7.12 -21.88 15.93
N ALA L 1075 6.24 -22.01 16.92
CA ALA L 1075 5.61 -20.85 17.52
C ALA L 1075 6.62 -20.04 18.31
N LEU L 1076 7.61 -20.70 18.90
CA LEU L 1076 8.70 -20.02 19.58
C LEU L 1076 9.52 -19.18 18.59
N ALA L 1077 9.80 -19.72 17.41
CA ALA L 1077 10.53 -18.97 16.39
C ALA L 1077 9.70 -17.82 15.85
N ALA L 1078 8.40 -18.04 15.66
CA ALA L 1078 7.51 -16.97 15.18
C ALA L 1078 7.41 -15.83 16.19
N GLN L 1079 7.31 -16.14 17.48
CA GLN L 1079 7.27 -15.09 18.49
C GLN L 1079 8.63 -14.41 18.65
N SER L 1080 9.72 -15.17 18.55
CA SER L 1080 11.05 -14.60 18.69
C SER L 1080 11.44 -13.76 17.48
N LEU L 1081 10.76 -13.92 16.35
CA LEU L 1081 10.95 -13.02 15.23
C LEU L 1081 9.94 -11.88 15.19
N GLY L 1082 8.74 -12.08 15.75
CA GLY L 1082 7.76 -11.02 15.80
C GLY L 1082 7.96 -10.02 16.92
N GLU L 1083 8.69 -10.41 17.97
CA GLU L 1083 9.05 -9.48 19.03
C GLU L 1083 9.98 -8.33 18.58
N PRO L 1084 11.03 -8.53 17.75
CA PRO L 1084 11.76 -7.36 17.25
C PRO L 1084 10.99 -6.54 16.23
N ALA L 1085 9.87 -7.05 15.69
CA ALA L 1085 9.06 -6.27 14.76
C ALA L 1085 8.35 -5.10 15.44
N THR L 1086 8.19 -5.16 16.77
CA THR L 1086 7.64 -4.04 17.51
C THR L 1086 8.70 -3.05 17.96
N GLN L 1087 9.98 -3.33 17.72
CA GLN L 1087 11.07 -2.50 18.23
C GLN L 1087 11.94 -1.92 17.12
N MET L 1088 11.51 -1.98 15.87
CA MET L 1088 12.23 -1.34 14.77
C MET L 1088 11.64 0.01 14.38
N THR L 1089 11.07 0.72 15.34
CA THR L 1089 10.65 2.11 15.16
C THR L 1089 11.53 3.09 15.94
N LEU L 1090 12.51 2.59 16.70
CA LEU L 1090 13.33 3.45 17.53
C LEU L 1090 14.35 4.24 16.73
N ASN L 1091 14.80 3.74 15.58
CA ASN L 1091 15.79 4.40 14.76
C ASN L 1091 15.16 5.23 13.65
N THR L 1092 13.96 5.76 13.88
CA THR L 1092 13.31 6.59 12.88
C THR L 1092 13.98 7.96 12.78
N PHE L 1093 14.29 8.57 13.92
CA PHE L 1093 14.90 9.89 13.93
C PHE L 1093 16.41 9.79 13.73
N HIS L 1094 17.06 10.95 13.69
CA HIS L 1094 18.51 11.11 13.49
C HIS L 1094 18.98 10.44 12.20
N PHE L 1095 18.19 10.57 11.14
CA PHE L 1095 18.50 9.99 9.85
C PHE L 1095 18.67 11.09 8.81
N ALA L 1096 19.74 11.02 8.04
CA ALA L 1096 19.97 11.95 6.94
C ALA L 1096 20.20 11.19 5.65
N GLY L 1097 20.86 10.03 5.74
CA GLY L 1097 21.16 9.25 4.57
C GLY L 1097 22.45 9.70 3.91
N VAL L 1098 23.37 8.77 3.66
CA VAL L 1098 24.65 9.15 3.06
C VAL L 1098 24.64 8.72 1.59
N SER L 1099 23.79 7.77 1.25
CA SER L 1099 23.68 7.26 -0.11
C SER L 1099 22.25 7.45 -0.62
N SER L 1100 22.14 7.89 -1.86
CA SER L 1100 20.83 8.11 -2.49
C SER L 1100 20.36 6.87 -3.24
N LYS L 1101 20.33 5.74 -2.54
CA LYS L 1101 19.91 4.47 -3.10
C LYS L 1101 18.52 4.12 -2.56
N ASN L 1102 17.60 3.78 -3.45
CA ASN L 1102 16.27 3.38 -3.04
C ASN L 1102 16.32 2.01 -2.38
N VAL L 1103 16.01 1.96 -1.09
CA VAL L 1103 16.01 0.72 -0.32
C VAL L 1103 14.85 0.76 0.66
N THR L 1104 14.20 -0.39 0.85
CA THR L 1104 13.12 -0.52 1.81
C THR L 1104 13.68 -1.11 3.10
N LEU L 1105 13.38 -0.44 4.22
CA LEU L 1105 13.90 -0.85 5.51
C LEU L 1105 12.76 -0.91 6.52
N GLY L 1106 12.81 -1.93 7.38
CA GLY L 1106 11.87 -2.03 8.48
C GLY L 1106 10.65 -2.88 8.23
N VAL L 1107 9.49 -2.51 8.76
CA VAL L 1107 8.32 -3.43 8.62
C VAL L 1107 8.19 -3.95 7.19
N PRO L 1108 8.15 -3.09 6.14
CA PRO L 1108 7.92 -3.57 4.79
C PRO L 1108 8.89 -4.68 4.36
N ARG L 1109 10.15 -4.59 4.79
CA ARG L 1109 11.13 -5.60 4.33
C ARG L 1109 10.66 -6.99 4.75
N LEU L 1110 10.41 -7.18 6.05
CA LEU L 1110 9.99 -8.50 6.56
C LEU L 1110 8.62 -8.85 5.98
N LYS L 1111 7.78 -7.83 5.81
CA LYS L 1111 6.43 -8.07 5.24
C LYS L 1111 6.58 -8.75 3.88
N GLU L 1112 7.48 -8.24 3.04
CA GLU L 1112 7.71 -8.81 1.70
C GLU L 1112 8.36 -10.18 1.86
N ILE L 1113 9.38 -10.31 2.71
CA ILE L 1113 9.99 -11.68 2.76
C ILE L 1113 8.92 -12.67 3.23
N ILE L 1114 7.84 -12.17 3.85
CA ILE L 1114 6.76 -13.05 4.36
C ILE L 1114 5.85 -13.42 3.17
N ASN L 1115 5.74 -12.55 2.18
CA ASN L 1115 4.94 -12.84 0.97
C ASN L 1115 5.87 -13.42 -0.10
N ILE L 1116 7.01 -13.97 0.31
CA ILE L 1116 8.01 -14.56 -0.63
C ILE L 1116 8.54 -13.45 -1.54
N SER L 1117 8.43 -12.19 -1.10
CA SER L 1117 8.92 -11.03 -1.91
C SER L 1117 8.56 -11.26 -3.38
N LYS L 1118 7.27 -11.40 -3.69
CA LYS L 1118 6.85 -11.64 -5.10
C LYS L 1118 7.46 -10.55 -5.98
N LYS L 1119 7.35 -9.28 -5.57
CA LYS L 1119 7.98 -8.16 -6.32
C LYS L 1119 8.80 -7.33 -5.34
N PRO L 1120 10.15 -7.28 -5.47
CA PRO L 1120 10.95 -6.54 -4.49
C PRO L 1120 10.47 -5.08 -4.41
N LYS L 1121 10.21 -4.58 -3.20
CA LYS L 1121 9.76 -3.18 -3.03
C LYS L 1121 10.86 -2.25 -3.57
N ALA L 1122 12.12 -2.56 -3.28
CA ALA L 1122 13.25 -1.76 -3.82
C ALA L 1122 14.24 -2.69 -4.52
N PRO L 1123 13.97 -3.13 -5.76
CA PRO L 1123 14.85 -4.10 -6.45
C PRO L 1123 16.25 -3.53 -6.63
N SER L 1124 17.26 -4.18 -6.03
CA SER L 1124 18.63 -3.71 -6.18
C SER L 1124 19.57 -4.90 -6.36
N LEU L 1125 20.64 -4.67 -7.10
CA LEU L 1125 21.73 -5.62 -7.27
C LEU L 1125 23.01 -5.02 -6.73
N THR L 1126 23.71 -5.80 -5.91
CA THR L 1126 25.07 -5.47 -5.46
C THR L 1126 26.02 -6.30 -6.29
N VAL L 1127 26.67 -5.66 -7.26
CA VAL L 1127 27.45 -6.35 -8.29
C VAL L 1127 28.93 -6.19 -7.98
N PHE L 1128 29.65 -7.30 -7.99
CA PHE L 1128 31.09 -7.34 -7.75
C PHE L 1128 31.82 -7.52 -9.07
N LEU L 1129 33.09 -7.12 -9.08
CA LEU L 1129 33.91 -7.16 -10.28
C LEU L 1129 35.16 -8.00 -10.05
N THR L 1130 35.72 -8.51 -11.15
CA THR L 1130 36.92 -9.30 -11.11
C THR L 1130 37.96 -8.69 -12.05
N GLY L 1131 39.22 -8.98 -11.77
CA GLY L 1131 40.32 -8.49 -12.59
C GLY L 1131 40.59 -7.01 -12.41
N GLY L 1132 40.89 -6.32 -13.53
CA GLY L 1132 41.19 -4.91 -13.47
C GLY L 1132 39.99 -4.01 -13.25
N ALA L 1133 38.78 -4.54 -13.46
CA ALA L 1133 37.58 -3.75 -13.22
C ALA L 1133 37.37 -3.45 -11.75
N ALA L 1134 37.77 -4.37 -10.87
CA ALA L 1134 37.60 -4.19 -9.44
C ALA L 1134 38.59 -3.20 -8.84
N ARG L 1135 39.67 -2.87 -9.56
CA ARG L 1135 40.69 -1.97 -9.03
C ARG L 1135 40.85 -0.68 -9.80
N ASP L 1136 40.37 -0.61 -11.05
CA ASP L 1136 40.47 0.59 -11.86
C ASP L 1136 39.09 1.21 -12.03
N ALA L 1137 39.01 2.53 -11.85
CA ALA L 1137 37.73 3.21 -11.94
C ALA L 1137 37.24 3.35 -13.38
N GLU L 1138 38.16 3.36 -14.35
CA GLU L 1138 37.78 3.55 -15.74
C GLU L 1138 37.08 2.31 -16.29
N LYS L 1139 37.62 1.11 -16.02
CA LYS L 1139 36.97 -0.10 -16.47
C LYS L 1139 35.69 -0.39 -15.70
N ALA L 1140 35.63 0.03 -14.43
CA ALA L 1140 34.40 -0.07 -13.66
C ALA L 1140 33.33 0.87 -14.21
N LYS L 1141 33.74 2.05 -14.68
CA LYS L 1141 32.78 2.96 -15.32
C LYS L 1141 32.34 2.43 -16.68
N ASN L 1142 33.23 1.73 -17.38
CA ASN L 1142 32.84 1.05 -18.62
C ASN L 1142 31.85 -0.08 -18.35
N VAL L 1143 32.01 -0.77 -17.22
CA VAL L 1143 31.03 -1.75 -16.78
C VAL L 1143 29.70 -1.07 -16.48
N LEU L 1144 29.75 0.11 -15.83
CA LEU L 1144 28.54 0.88 -15.55
C LEU L 1144 27.83 1.32 -16.82
N CYS L 1145 28.59 1.67 -17.86
CA CYS L 1145 27.97 2.04 -19.13
C CYS L 1145 27.34 0.83 -19.81
N ARG L 1146 27.86 -0.37 -19.57
CA ARG L 1146 27.26 -1.58 -20.09
C ARG L 1146 26.06 -2.05 -19.27
N LEU L 1147 25.84 -1.49 -18.08
CA LEU L 1147 24.76 -1.91 -17.20
C LEU L 1147 23.64 -0.88 -17.07
N GLU L 1148 23.98 0.41 -17.04
CA GLU L 1148 22.97 1.45 -16.86
C GLU L 1148 22.16 1.66 -18.15
N HIS L 1149 20.86 1.84 -17.99
CA HIS L 1149 19.97 2.05 -19.12
C HIS L 1149 20.20 3.45 -19.69
N THR L 1150 20.75 3.53 -20.89
CA THR L 1150 21.01 4.79 -21.57
C THR L 1150 20.16 4.83 -22.84
N THR L 1151 19.07 5.57 -22.80
CA THR L 1151 18.23 5.81 -23.96
C THR L 1151 18.70 7.09 -24.65
N LEU L 1152 17.89 7.58 -25.60
CA LEU L 1152 18.21 8.87 -26.21
C LEU L 1152 17.94 10.02 -25.25
N ARG L 1153 17.05 9.83 -24.27
CA ARG L 1153 16.70 10.86 -23.30
C ARG L 1153 17.88 11.26 -22.43
N LYS L 1154 18.83 10.35 -22.20
CA LYS L 1154 19.97 10.61 -21.35
C LYS L 1154 21.20 11.08 -22.11
N VAL L 1155 21.11 11.26 -23.43
CA VAL L 1155 22.30 11.59 -24.21
C VAL L 1155 22.12 12.79 -25.12
N THR L 1156 20.92 13.17 -25.55
CA THR L 1156 20.77 14.17 -26.59
C THR L 1156 20.36 15.52 -26.01
N ALA L 1157 20.51 16.56 -26.83
CA ALA L 1157 20.10 17.91 -26.46
C ALA L 1157 18.68 18.21 -26.94
N ASN L 1158 18.46 18.17 -28.26
CA ASN L 1158 17.14 18.49 -28.79
C ASN L 1158 16.94 17.84 -30.15
N THR L 1159 15.67 17.80 -30.57
CA THR L 1159 15.23 17.23 -31.83
C THR L 1159 14.45 18.26 -32.63
N ALA L 1160 14.47 18.10 -33.96
CA ALA L 1160 13.68 18.95 -34.85
C ALA L 1160 13.41 18.19 -36.13
N ILE L 1161 12.34 18.58 -36.82
CA ILE L 1161 11.95 17.99 -38.10
C ILE L 1161 12.01 19.09 -39.15
N TYR L 1162 12.81 18.86 -40.19
CA TYR L 1162 13.01 19.82 -41.27
C TYR L 1162 12.45 19.26 -42.57
N TYR L 1163 12.23 20.16 -43.51
CA TYR L 1163 11.92 19.79 -44.89
C TYR L 1163 13.11 20.18 -45.76
N ASP L 1164 13.71 19.18 -46.42
CA ASP L 1164 14.89 19.42 -47.23
C ASP L 1164 14.58 19.12 -48.69
N PRO L 1165 14.30 20.14 -49.51
CA PRO L 1165 14.07 19.88 -50.94
C PRO L 1165 15.35 19.52 -51.67
N ASP L 1166 16.48 20.10 -51.27
CA ASP L 1166 17.76 19.83 -51.91
C ASP L 1166 18.72 19.27 -50.87
N PRO L 1167 19.06 17.98 -50.92
CA PRO L 1167 19.96 17.42 -49.90
C PRO L 1167 21.38 17.95 -49.96
N GLN L 1168 21.87 18.31 -51.14
CA GLN L 1168 23.20 18.89 -51.27
C GLN L 1168 23.21 20.41 -51.13
N ARG L 1169 22.03 21.03 -51.04
CA ARG L 1169 21.87 22.48 -50.87
C ARG L 1169 20.86 22.74 -49.77
N THR L 1170 21.07 22.10 -48.62
CA THR L 1170 20.13 22.14 -47.51
C THR L 1170 20.08 23.52 -46.86
N VAL L 1171 19.02 23.72 -46.06
CA VAL L 1171 18.77 25.02 -45.44
C VAL L 1171 19.79 25.31 -44.34
N ILE L 1172 20.33 24.28 -43.69
CA ILE L 1172 21.33 24.48 -42.64
C ILE L 1172 22.70 24.64 -43.29
N SER L 1173 23.31 25.81 -43.11
CA SER L 1173 24.61 26.07 -43.70
C SER L 1173 25.71 25.27 -43.00
N GLU L 1174 25.59 25.07 -41.69
CA GLU L 1174 26.58 24.33 -40.93
C GLU L 1174 26.60 22.85 -41.30
N ASP L 1175 25.48 22.32 -41.79
CA ASP L 1175 25.49 20.97 -42.34
C ASP L 1175 26.18 20.92 -43.69
N GLN L 1176 26.15 22.04 -44.43
CA GLN L 1176 26.63 22.10 -45.82
C GLN L 1176 28.13 21.81 -45.95
N GLU L 1177 28.89 21.97 -44.86
CA GLU L 1177 30.31 21.66 -44.90
C GLU L 1177 30.58 20.16 -44.99
N PHE L 1178 29.63 19.31 -44.57
CA PHE L 1178 29.91 17.88 -44.58
C PHE L 1178 28.86 17.01 -45.28
N VAL L 1179 27.64 17.50 -45.49
CA VAL L 1179 26.60 16.67 -46.11
C VAL L 1179 26.95 16.37 -47.56
N ASN L 1180 27.57 17.33 -48.26
CA ASN L 1180 28.09 17.09 -49.60
C ASN L 1180 29.26 16.11 -49.58
N VAL L 1181 29.95 15.98 -48.45
CA VAL L 1181 30.91 14.90 -48.29
C VAL L 1181 30.19 13.55 -48.24
N TYR L 1182 29.04 13.50 -47.55
CA TYR L 1182 28.30 12.25 -47.44
C TYR L 1182 27.59 11.87 -48.73
N TYR L 1183 27.21 12.85 -49.54
CA TYR L 1183 26.51 12.60 -50.79
C TYR L 1183 27.43 12.65 -52.00
N GLU L 1184 28.74 12.80 -51.80
CA GLU L 1184 29.68 12.70 -52.92
C GLU L 1184 29.79 11.26 -53.39
N MET L 1185 29.86 10.31 -52.45
CA MET L 1185 29.84 8.88 -52.73
C MET L 1185 28.71 8.25 -51.93
N PRO L 1186 27.47 8.39 -52.39
CA PRO L 1186 26.34 7.88 -51.61
C PRO L 1186 26.11 6.40 -51.80
N ASP L 1187 25.48 5.78 -50.80
CA ASP L 1187 25.09 4.38 -50.86
C ASP L 1187 23.70 4.19 -51.45
N PHE L 1188 23.01 5.27 -51.79
CA PHE L 1188 21.68 5.19 -52.36
C PHE L 1188 21.49 6.36 -53.32
N ASP L 1189 20.47 6.23 -54.17
CA ASP L 1189 20.13 7.29 -55.11
C ASP L 1189 19.52 8.48 -54.35
N PRO L 1190 20.09 9.68 -54.49
CA PRO L 1190 19.52 10.84 -53.78
C PRO L 1190 18.18 11.32 -54.32
N THR L 1191 17.76 10.86 -55.51
CA THR L 1191 16.45 11.23 -56.04
C THR L 1191 15.32 10.36 -55.51
N ARG L 1192 15.63 9.29 -54.80
CA ARG L 1192 14.63 8.39 -54.25
C ARG L 1192 14.36 8.63 -52.77
N ILE L 1193 15.18 9.44 -52.10
CA ILE L 1193 15.00 9.69 -50.67
C ILE L 1193 13.86 10.68 -50.46
N SER L 1194 13.31 10.69 -49.26
CA SER L 1194 12.25 11.61 -48.91
C SER L 1194 12.80 13.01 -48.62
N PRO L 1195 12.05 14.05 -48.95
CA PRO L 1195 12.50 15.41 -48.59
C PRO L 1195 12.47 15.69 -47.10
N TRP L 1196 11.68 14.95 -46.32
CA TRP L 1196 11.60 15.19 -44.88
C TRP L 1196 12.85 14.67 -44.19
N LEU L 1197 13.42 15.48 -43.30
CA LEU L 1197 14.64 15.17 -42.58
C LEU L 1197 14.40 15.30 -41.09
N LEU L 1198 15.11 14.50 -40.32
CA LEU L 1198 15.05 14.52 -38.86
C LEU L 1198 16.42 14.97 -38.35
N ARG L 1199 16.48 16.17 -37.76
CA ARG L 1199 17.73 16.74 -37.27
C ARG L 1199 17.79 16.59 -35.76
N ILE L 1200 18.77 15.83 -35.29
CA ILE L 1200 18.97 15.57 -33.86
C ILE L 1200 20.29 16.21 -33.45
N GLU L 1201 20.25 17.09 -32.46
CA GLU L 1201 21.48 17.62 -31.89
C GLU L 1201 21.69 16.98 -30.52
N LEU L 1202 22.88 16.41 -30.34
CA LEU L 1202 23.28 15.64 -29.18
C LEU L 1202 23.98 16.53 -28.16
N ASP L 1203 24.20 15.97 -26.97
CA ASP L 1203 24.97 16.64 -25.93
C ASP L 1203 26.35 16.00 -25.84
N ARG L 1204 27.39 16.85 -25.86
CA ARG L 1204 28.76 16.33 -25.84
C ARG L 1204 29.14 15.79 -24.48
N LYS L 1205 28.66 16.42 -23.40
CA LYS L 1205 29.04 16.01 -22.05
C LYS L 1205 28.46 14.65 -21.69
N ARG L 1206 27.20 14.40 -22.06
CA ARG L 1206 26.60 13.09 -21.84
C ARG L 1206 27.21 12.05 -22.76
N MET L 1207 27.64 12.47 -23.95
CA MET L 1207 28.33 11.57 -24.88
C MET L 1207 29.66 11.12 -24.31
N THR L 1208 30.35 12.03 -23.61
CA THR L 1208 31.60 11.67 -22.95
C THR L 1208 31.34 10.83 -21.70
N ASP L 1209 30.27 11.14 -20.97
CA ASP L 1209 29.97 10.43 -19.73
C ASP L 1209 29.55 8.98 -20.00
N LYS L 1210 28.79 8.75 -21.07
CA LYS L 1210 28.37 7.40 -21.39
C LYS L 1210 29.43 6.63 -22.18
N LYS L 1211 30.54 7.28 -22.55
CA LYS L 1211 31.68 6.68 -23.25
C LYS L 1211 31.27 5.99 -24.55
N LEU L 1212 30.35 6.62 -25.27
CA LEU L 1212 29.87 6.09 -26.53
C LEU L 1212 30.60 6.74 -27.70
N THR L 1213 30.81 5.97 -28.76
CA THR L 1213 31.26 6.50 -30.03
C THR L 1213 30.08 6.63 -30.98
N MET L 1214 30.27 7.40 -32.06
CA MET L 1214 29.14 7.72 -32.91
C MET L 1214 28.77 6.55 -33.81
N GLU L 1215 29.75 5.76 -34.24
CA GLU L 1215 29.50 4.61 -35.10
C GLU L 1215 28.65 3.54 -34.42
N GLN L 1216 28.74 3.41 -33.09
CA GLN L 1216 27.82 2.55 -32.36
C GLN L 1216 26.39 3.05 -32.45
N ILE L 1217 26.19 4.38 -32.38
CA ILE L 1217 24.85 4.95 -32.48
C ILE L 1217 24.29 4.74 -33.89
N ALA L 1218 25.13 4.93 -34.91
CA ALA L 1218 24.70 4.72 -36.29
C ALA L 1218 24.37 3.25 -36.55
N GLU L 1219 25.17 2.32 -35.99
CA GLU L 1219 24.89 0.90 -36.13
C GLU L 1219 23.62 0.51 -35.38
N LYS L 1220 23.38 1.11 -34.21
CA LYS L 1220 22.16 0.84 -33.46
C LYS L 1220 20.93 1.34 -34.21
N ILE L 1221 21.03 2.50 -34.86
CA ILE L 1221 19.94 3.00 -35.71
C ILE L 1221 19.71 2.07 -36.88
N ASN L 1222 20.79 1.61 -37.53
CA ASN L 1222 20.66 0.78 -38.72
C ASN L 1222 20.16 -0.63 -38.40
N VAL L 1223 20.38 -1.11 -37.17
CA VAL L 1223 19.80 -2.41 -36.79
C VAL L 1223 18.45 -2.27 -36.09
N GLY L 1224 18.07 -1.08 -35.65
CA GLY L 1224 16.77 -0.90 -35.05
C GLY L 1224 15.70 -0.52 -36.06
N PHE L 1225 16.12 0.03 -37.21
CA PHE L 1225 15.18 0.41 -38.24
C PHE L 1225 15.45 -0.22 -39.60
N GLY L 1226 16.52 -1.00 -39.72
CA GLY L 1226 16.79 -1.69 -40.97
C GLY L 1226 17.31 -0.75 -42.05
N GLU L 1227 16.92 -1.05 -43.30
CA GLU L 1227 17.32 -0.27 -44.46
C GLU L 1227 16.36 0.87 -44.76
N ASP L 1228 15.33 1.07 -43.91
CA ASP L 1228 14.34 2.10 -44.19
C ASP L 1228 14.87 3.50 -43.91
N LEU L 1229 15.87 3.64 -43.05
CA LEU L 1229 16.39 4.94 -42.66
C LEU L 1229 17.87 5.08 -42.99
N ASN L 1230 18.22 6.25 -43.49
CA ASN L 1230 19.62 6.64 -43.71
C ASN L 1230 20.02 7.63 -42.62
N CYS L 1231 21.19 7.39 -42.03
CA CYS L 1231 21.70 8.20 -40.95
C CYS L 1231 22.98 8.90 -41.41
N ILE L 1232 23.02 10.22 -41.25
CA ILE L 1232 24.22 11.02 -41.53
C ILE L 1232 24.61 11.70 -40.23
N PHE L 1233 25.85 11.47 -39.79
CA PHE L 1233 26.32 11.97 -38.51
C PHE L 1233 27.46 12.97 -38.72
N ASN L 1234 27.64 13.83 -37.73
CA ASN L 1234 28.62 14.90 -37.78
C ASN L 1234 30.01 14.36 -37.45
N ASP L 1235 31.00 15.24 -37.54
CA ASP L 1235 32.37 14.89 -37.22
C ASP L 1235 32.57 14.83 -35.71
N ASP L 1236 33.71 14.26 -35.31
CA ASP L 1236 34.02 14.11 -33.89
C ASP L 1236 34.42 15.43 -33.23
N ASN L 1237 35.09 16.31 -33.97
CA ASN L 1237 35.61 17.57 -33.43
C ASN L 1237 34.79 18.77 -33.88
N ALA L 1238 33.50 18.57 -34.11
CA ALA L 1238 32.61 19.67 -34.49
C ALA L 1238 32.16 20.42 -33.24
N ASP L 1239 31.56 21.59 -33.45
CA ASP L 1239 31.01 22.36 -32.33
C ASP L 1239 29.77 21.69 -31.75
N LYS L 1240 28.96 21.06 -32.60
CA LYS L 1240 27.78 20.35 -32.18
C LYS L 1240 27.65 19.06 -32.98
N LEU L 1241 27.03 18.05 -32.36
CA LEU L 1241 26.83 16.74 -32.99
C LEU L 1241 25.47 16.76 -33.68
N VAL L 1242 25.48 16.87 -35.01
CA VAL L 1242 24.28 17.04 -35.81
C VAL L 1242 23.97 15.73 -36.52
N LEU L 1243 22.72 15.30 -36.45
CA LEU L 1243 22.24 14.06 -37.05
C LEU L 1243 21.14 14.35 -38.05
N ARG L 1244 21.29 13.80 -39.26
CA ARG L 1244 20.28 13.91 -40.31
C ARG L 1244 19.78 12.51 -40.61
N ILE L 1245 18.52 12.24 -40.26
CA ILE L 1245 17.90 10.94 -40.48
C ILE L 1245 16.84 11.11 -41.56
N ARG L 1246 16.94 10.31 -42.61
CA ARG L 1246 16.01 10.35 -43.72
C ARG L 1246 15.41 8.96 -43.93
N ILE L 1247 14.30 8.93 -44.66
CA ILE L 1247 13.66 7.68 -45.07
C ILE L 1247 13.70 7.61 -46.59
N MET L 1248 14.04 6.44 -47.12
CA MET L 1248 14.04 6.22 -48.55
C MET L 1248 12.68 5.71 -49.00
N ASN L 1249 12.14 6.35 -50.04
CA ASN L 1249 10.81 6.01 -50.54
C ASN L 1249 10.89 4.66 -51.27
N ASN L 1250 10.42 3.61 -50.60
CA ASN L 1250 10.43 2.27 -51.16
C ASN L 1250 9.34 2.18 -52.23
N GLU L 1251 9.73 2.40 -53.48
CA GLU L 1251 8.77 2.41 -54.59
C GLU L 1251 8.24 1.03 -54.90
N GLU L 1252 8.96 -0.03 -54.51
CA GLU L 1252 8.46 -1.39 -54.71
C GLU L 1252 7.34 -1.74 -53.72
N ASN L 1253 7.25 -1.03 -52.60
CA ASN L 1253 6.21 -1.26 -51.60
C ASN L 1253 5.04 -0.31 -51.73
N LYS L 1254 5.09 0.65 -52.65
CA LYS L 1254 4.01 1.60 -52.83
C LYS L 1254 2.86 1.05 -53.65
N PHE L 1255 3.04 -0.08 -54.33
CA PHE L 1255 2.00 -0.71 -55.13
C PHE L 1255 1.37 -1.90 -54.42
N GLN L 1256 1.62 -2.05 -53.13
CA GLN L 1256 1.06 -3.18 -52.37
C GLN L 1256 -0.43 -2.98 -52.15
N ASP L 1257 -1.21 -4.03 -52.37
CA ASP L 1257 -2.65 -4.01 -52.18
C ASP L 1257 -2.98 -4.33 -50.72
N GLU L 1258 -4.27 -4.57 -50.45
CA GLU L 1258 -4.83 -4.86 -49.13
C GLU L 1258 -4.50 -3.75 -48.13
N ASP L 1259 -4.98 -2.54 -48.45
CA ASP L 1259 -4.73 -1.35 -47.64
C ASP L 1259 -6.02 -0.54 -47.60
N GLU L 1260 -6.83 -0.75 -46.56
CA GLU L 1260 -8.10 -0.05 -46.41
C GLU L 1260 -8.41 0.12 -44.94
N ALA L 1261 -8.74 1.36 -44.55
CA ALA L 1261 -9.09 1.75 -43.17
C ALA L 1261 -7.98 1.39 -42.19
N VAL L 1262 -6.73 1.61 -42.59
CA VAL L 1262 -5.58 1.25 -41.78
C VAL L 1262 -4.75 2.48 -41.44
N ASP L 1263 -5.42 3.65 -41.38
CA ASP L 1263 -4.83 4.94 -41.00
C ASP L 1263 -3.68 5.31 -41.94
N LYS L 1264 -4.07 5.63 -43.19
CA LYS L 1264 -3.13 6.08 -44.21
C LYS L 1264 -2.34 7.30 -43.72
N MET L 1265 -1.01 7.20 -43.84
CA MET L 1265 -0.09 7.87 -42.96
C MET L 1265 0.80 8.80 -43.78
N GLU L 1266 0.94 10.04 -43.34
CA GLU L 1266 1.70 11.05 -44.06
C GLU L 1266 3.18 10.99 -43.64
N ASP L 1267 4.07 11.43 -44.54
CA ASP L 1267 5.50 11.19 -44.37
C ASP L 1267 6.08 11.99 -43.21
N ASP L 1268 5.64 13.23 -43.02
CA ASP L 1268 6.11 13.99 -41.86
C ASP L 1268 5.51 13.46 -40.57
N MET L 1269 4.25 13.02 -40.61
CA MET L 1269 3.63 12.38 -39.46
C MET L 1269 4.31 11.05 -39.13
N PHE L 1270 4.72 10.31 -40.16
CA PHE L 1270 5.48 9.08 -39.97
C PHE L 1270 6.86 9.38 -39.38
N LEU L 1271 7.49 10.47 -39.83
CA LEU L 1271 8.76 10.89 -39.26
C LEU L 1271 8.61 11.26 -37.80
N ARG L 1272 7.50 11.92 -37.45
CA ARG L 1272 7.22 12.27 -36.06
C ARG L 1272 6.99 11.03 -35.20
N CYS L 1273 6.27 10.03 -35.71
CA CYS L 1273 5.98 8.85 -34.90
C CYS L 1273 7.21 7.97 -34.74
N ILE L 1274 8.04 7.84 -35.78
CA ILE L 1274 9.27 7.09 -35.60
C ILE L 1274 10.28 7.88 -34.78
N GLU L 1275 10.17 9.23 -34.78
CA GLU L 1275 10.98 10.05 -33.89
C GLU L 1275 10.61 9.80 -32.43
N ALA L 1276 9.32 9.71 -32.14
CA ALA L 1276 8.89 9.36 -30.79
C ALA L 1276 9.32 7.95 -30.42
N ASN L 1277 9.32 7.03 -31.40
CA ASN L 1277 9.77 5.67 -31.17
C ASN L 1277 11.26 5.61 -30.84
N MET L 1278 12.10 6.35 -31.57
CA MET L 1278 13.53 6.34 -31.29
C MET L 1278 13.93 7.27 -30.16
N LEU L 1279 13.01 8.11 -29.67
CA LEU L 1279 13.29 8.93 -28.51
C LEU L 1279 12.86 8.26 -27.20
N SER L 1280 11.76 7.50 -27.22
CA SER L 1280 11.19 7.00 -25.98
C SER L 1280 11.28 5.49 -25.79
N ASP L 1281 11.76 4.74 -26.78
CA ASP L 1281 11.64 3.29 -26.64
C ASP L 1281 12.97 2.54 -26.78
N MET L 1282 13.84 2.95 -27.69
CA MET L 1282 15.01 2.14 -27.98
C MET L 1282 16.13 2.41 -26.97
N THR L 1283 17.04 1.45 -26.85
CA THR L 1283 18.12 1.46 -25.87
C THR L 1283 19.46 1.47 -26.59
N LEU L 1284 20.28 2.47 -26.30
CA LEU L 1284 21.64 2.49 -26.84
C LEU L 1284 22.51 1.43 -26.16
N GLN L 1285 22.48 1.38 -24.83
CA GLN L 1285 23.28 0.44 -24.07
C GLN L 1285 22.63 0.21 -22.71
N GLY L 1286 22.95 -0.92 -22.11
CA GLY L 1286 22.45 -1.26 -20.79
C GLY L 1286 21.25 -2.19 -20.82
N ILE L 1287 20.55 -2.20 -19.69
CA ILE L 1287 19.43 -3.11 -19.46
C ILE L 1287 18.20 -2.28 -19.17
N GLU L 1288 17.09 -2.59 -19.86
CA GLU L 1288 15.86 -1.82 -19.73
C GLU L 1288 15.23 -1.98 -18.35
N ALA L 1289 15.51 -3.09 -17.66
CA ALA L 1289 14.93 -3.36 -16.35
C ALA L 1289 15.76 -2.77 -15.21
N ILE L 1290 16.84 -2.05 -15.51
CA ILE L 1290 17.73 -1.49 -14.51
C ILE L 1290 17.68 0.02 -14.59
N GLY L 1291 17.43 0.67 -13.45
CA GLY L 1291 17.36 2.12 -13.41
C GLY L 1291 18.67 2.78 -13.06
N LYS L 1292 18.73 3.45 -11.91
CA LYS L 1292 19.91 4.21 -11.53
C LYS L 1292 21.00 3.29 -10.99
N VAL L 1293 22.23 3.56 -11.40
CA VAL L 1293 23.39 2.72 -11.09
C VAL L 1293 24.44 3.59 -10.41
N TYR L 1294 24.94 3.12 -9.26
CA TYR L 1294 25.93 3.84 -8.48
C TYR L 1294 27.22 3.03 -8.37
N MET L 1295 28.34 3.74 -8.32
CA MET L 1295 29.67 3.16 -8.17
C MET L 1295 30.21 3.55 -6.79
N HIS L 1296 30.63 2.56 -5.98
CA HIS L 1296 31.19 2.93 -4.69
C HIS L 1296 32.19 1.88 -4.22
N LEU L 1297 32.98 2.27 -3.21
CA LEU L 1297 33.93 1.50 -2.42
C LEU L 1297 33.33 1.21 -1.05
N PRO L 1298 33.30 -0.04 -0.61
CA PRO L 1298 32.83 -0.34 0.75
C PRO L 1298 33.83 0.14 1.79
N GLN L 1299 33.29 0.58 2.93
CA GLN L 1299 34.11 1.04 4.04
C GLN L 1299 34.13 0.07 5.21
N THR L 1300 33.27 -0.94 5.21
CA THR L 1300 33.24 -1.96 6.24
C THR L 1300 33.72 -3.29 5.66
N ASP L 1301 33.95 -4.25 6.54
CA ASP L 1301 34.43 -5.58 6.14
C ASP L 1301 33.26 -6.54 5.89
N SER L 1302 32.33 -6.11 5.07
CA SER L 1302 31.19 -6.93 4.67
C SER L 1302 31.06 -7.07 3.16
N LYS L 1303 31.29 -6.00 2.41
CA LYS L 1303 31.30 -6.05 0.96
C LYS L 1303 32.71 -6.07 0.38
N LYS L 1304 33.73 -6.08 1.22
CA LYS L 1304 35.10 -6.22 0.75
C LYS L 1304 35.40 -7.68 0.42
N ARG L 1305 36.47 -7.89 -0.32
CA ARG L 1305 36.92 -9.24 -0.66
C ARG L 1305 37.91 -9.71 0.40
N ILE L 1306 37.54 -10.74 1.15
CA ILE L 1306 38.38 -11.26 2.22
C ILE L 1306 39.17 -12.44 1.66
N VAL L 1307 40.49 -12.32 1.66
CA VAL L 1307 41.38 -13.35 1.13
C VAL L 1307 42.34 -13.78 2.24
N ILE L 1308 43.06 -14.86 1.98
CA ILE L 1308 44.05 -15.41 2.90
C ILE L 1308 45.43 -15.13 2.32
N THR L 1309 46.28 -14.45 3.09
CA THR L 1309 47.62 -14.12 2.65
C THR L 1309 48.55 -15.32 2.83
N GLU L 1310 49.82 -15.12 2.47
CA GLU L 1310 50.81 -16.18 2.60
C GLU L 1310 51.20 -16.43 4.06
N THR L 1311 50.98 -15.45 4.94
CA THR L 1311 51.25 -15.63 6.36
C THR L 1311 50.12 -16.33 7.10
N GLY L 1312 48.95 -16.46 6.47
CA GLY L 1312 47.80 -17.06 7.12
C GLY L 1312 46.81 -16.08 7.71
N GLU L 1313 47.00 -14.78 7.48
CA GLU L 1313 46.07 -13.78 7.98
C GLU L 1313 44.96 -13.53 6.96
N PHE L 1314 43.88 -12.89 7.43
CA PHE L 1314 42.75 -12.53 6.60
C PHE L 1314 42.88 -11.06 6.21
N LYS L 1315 42.94 -10.80 4.91
CA LYS L 1315 43.08 -9.45 4.38
C LYS L 1315 41.82 -9.05 3.63
N ALA L 1316 41.25 -7.91 3.99
CA ALA L 1316 40.06 -7.38 3.35
C ALA L 1316 40.47 -6.32 2.33
N ILE L 1317 40.18 -6.58 1.06
CA ILE L 1317 40.51 -5.68 -0.04
C ILE L 1317 39.23 -4.95 -0.43
N GLY L 1318 39.28 -3.63 -0.38
CA GLY L 1318 38.14 -2.80 -0.74
C GLY L 1318 38.03 -2.56 -2.22
N GLU L 1319 37.52 -3.54 -2.96
CA GLU L 1319 37.37 -3.41 -4.40
C GLU L 1319 36.15 -2.57 -4.76
N TRP L 1320 36.23 -1.94 -5.93
CA TRP L 1320 35.13 -1.14 -6.46
C TRP L 1320 33.94 -2.03 -6.79
N LEU L 1321 32.73 -1.52 -6.55
CA LEU L 1321 31.55 -2.35 -6.81
C LEU L 1321 30.35 -1.49 -7.17
N LEU L 1322 29.34 -2.16 -7.72
CA LEU L 1322 28.17 -1.56 -8.35
C LEU L 1322 26.95 -1.75 -7.46
N GLU L 1323 26.09 -0.73 -7.43
CA GLU L 1323 24.76 -0.85 -6.82
C GLU L 1323 23.74 -0.37 -7.83
N THR L 1324 22.98 -1.29 -8.40
CA THR L 1324 22.03 -0.97 -9.45
C THR L 1324 20.59 -1.11 -8.94
N ASP L 1325 19.71 -0.23 -9.39
CA ASP L 1325 18.30 -0.32 -9.06
C ASP L 1325 17.57 -1.06 -10.17
N GLY L 1326 16.96 -2.19 -9.83
CA GLY L 1326 16.37 -3.07 -10.82
C GLY L 1326 17.19 -4.33 -10.99
N THR L 1327 16.55 -5.49 -10.90
CA THR L 1327 17.26 -6.77 -10.84
C THR L 1327 16.99 -7.56 -12.11
N SER L 1328 18.04 -7.75 -12.92
CA SER L 1328 18.02 -8.70 -14.03
C SER L 1328 19.47 -9.19 -14.22
N MET L 1329 19.80 -10.30 -13.56
CA MET L 1329 21.16 -10.82 -13.57
C MET L 1329 21.43 -11.83 -14.67
N MET L 1330 20.44 -12.15 -15.51
CA MET L 1330 20.74 -12.80 -16.78
C MET L 1330 21.46 -11.88 -17.75
N LYS L 1331 21.31 -10.57 -17.59
CA LYS L 1331 22.03 -9.59 -18.39
C LYS L 1331 23.11 -8.87 -17.60
N VAL L 1332 23.36 -9.29 -16.36
CA VAL L 1332 24.40 -8.70 -15.52
C VAL L 1332 25.53 -9.69 -15.26
N LEU L 1333 25.20 -10.91 -14.80
CA LEU L 1333 26.22 -11.91 -14.55
C LEU L 1333 26.86 -12.42 -15.83
N SER L 1334 26.13 -12.36 -16.95
CA SER L 1334 26.64 -12.78 -18.24
C SER L 1334 27.44 -11.68 -18.95
N GLU L 1335 27.86 -10.64 -18.24
CA GLU L 1335 28.66 -9.58 -18.82
C GLU L 1335 30.12 -10.01 -18.90
N ARG L 1336 30.97 -9.10 -19.37
CA ARG L 1336 32.36 -9.44 -19.64
C ARG L 1336 33.17 -9.56 -18.35
N ASP L 1337 33.00 -8.63 -17.41
CA ASP L 1337 33.87 -8.52 -16.25
C ASP L 1337 33.05 -8.41 -14.96
N VAL L 1338 32.08 -9.30 -14.80
CA VAL L 1338 31.22 -9.33 -13.63
C VAL L 1338 31.46 -10.65 -12.90
N ASP L 1339 31.67 -10.56 -11.58
CA ASP L 1339 31.88 -11.72 -10.73
C ASP L 1339 30.65 -12.63 -10.74
N PRO L 1340 30.78 -13.90 -11.12
CA PRO L 1340 29.60 -14.78 -11.17
C PRO L 1340 29.24 -15.40 -9.84
N ILE L 1341 30.01 -15.14 -8.78
CA ILE L 1341 29.89 -15.87 -7.52
C ILE L 1341 29.29 -14.99 -6.42
N ARG L 1342 29.89 -13.84 -6.16
CA ARG L 1342 29.51 -13.03 -5.02
C ARG L 1342 28.32 -12.11 -5.29
N THR L 1343 27.90 -11.96 -6.54
CA THR L 1343 26.79 -11.07 -6.85
C THR L 1343 25.46 -11.77 -6.58
N SER L 1344 24.60 -11.11 -5.81
CA SER L 1344 23.31 -11.68 -5.43
C SER L 1344 22.23 -10.64 -5.69
N SER L 1345 21.01 -10.93 -5.23
CA SER L 1345 19.87 -10.07 -5.47
C SER L 1345 18.94 -10.13 -4.27
N ASN L 1346 18.11 -9.09 -4.14
CA ASN L 1346 17.10 -9.02 -3.09
C ASN L 1346 15.73 -9.50 -3.53
N ASP L 1347 15.58 -9.89 -4.80
CA ASP L 1347 14.31 -10.36 -5.32
C ASP L 1347 14.27 -11.88 -5.21
N ILE L 1348 13.41 -12.38 -4.32
CA ILE L 1348 13.43 -13.81 -3.95
C ILE L 1348 12.91 -14.68 -5.08
N CYS L 1349 11.86 -14.21 -5.78
CA CYS L 1349 11.27 -14.97 -6.88
C CYS L 1349 12.26 -15.11 -8.04
N GLU L 1350 13.01 -14.06 -8.32
CA GLU L 1350 14.00 -14.12 -9.39
C GLU L 1350 15.16 -15.04 -9.03
N ILE L 1351 15.51 -15.12 -7.75
CA ILE L 1351 16.49 -16.11 -7.29
C ILE L 1351 15.93 -17.51 -7.47
N PHE L 1352 14.62 -17.69 -7.27
CA PHE L 1352 13.99 -18.99 -7.49
C PHE L 1352 14.00 -19.39 -8.96
N GLN L 1353 13.72 -18.45 -9.86
CA GLN L 1353 13.76 -18.79 -11.27
C GLN L 1353 15.16 -18.73 -11.87
N VAL L 1354 16.17 -18.34 -11.10
CA VAL L 1354 17.55 -18.32 -11.56
C VAL L 1354 18.42 -19.36 -10.85
N LEU L 1355 18.45 -19.33 -9.51
CA LEU L 1355 19.44 -20.12 -8.77
C LEU L 1355 18.87 -21.43 -8.24
N GLY L 1356 17.84 -21.37 -7.41
CA GLY L 1356 17.28 -22.57 -6.83
C GLY L 1356 16.68 -22.30 -5.47
N ILE L 1357 16.07 -23.34 -4.91
CA ILE L 1357 15.26 -23.18 -3.70
C ILE L 1357 16.15 -23.09 -2.45
N GLU L 1358 17.31 -23.75 -2.44
CA GLU L 1358 18.21 -23.62 -1.30
C GLU L 1358 18.94 -22.29 -1.32
N ALA L 1359 19.23 -21.76 -2.51
CA ALA L 1359 19.74 -20.41 -2.62
C ALA L 1359 18.68 -19.38 -2.23
N VAL L 1360 17.40 -19.69 -2.47
CA VAL L 1360 16.30 -18.88 -1.94
C VAL L 1360 16.32 -18.89 -0.41
N ARG L 1361 16.52 -20.06 0.19
CA ARG L 1361 16.60 -20.18 1.65
C ARG L 1361 17.76 -19.35 2.21
N LYS L 1362 18.93 -19.44 1.56
CA LYS L 1362 20.10 -18.67 1.99
C LYS L 1362 19.89 -17.17 1.80
N SER L 1363 19.24 -16.78 0.69
CA SER L 1363 19.02 -15.36 0.42
C SER L 1363 18.00 -14.76 1.38
N VAL L 1364 16.96 -15.53 1.73
CA VAL L 1364 15.97 -15.07 2.70
C VAL L 1364 16.61 -14.92 4.08
N GLU L 1365 17.49 -15.88 4.45
CA GLU L 1365 18.22 -15.77 5.70
C GLU L 1365 19.14 -14.56 5.71
N LYS L 1366 19.83 -14.29 4.59
CA LYS L 1366 20.72 -13.14 4.50
C LYS L 1366 19.95 -11.82 4.54
N GLU L 1367 18.80 -11.74 3.88
CA GLU L 1367 17.99 -10.53 3.91
C GLU L 1367 17.40 -10.28 5.30
N MET L 1368 16.96 -11.34 5.98
CA MET L 1368 16.47 -11.20 7.35
C MET L 1368 17.58 -10.77 8.29
N ASN L 1369 18.79 -11.31 8.11
CA ASN L 1369 19.94 -10.90 8.91
C ASN L 1369 20.29 -9.43 8.67
N ALA L 1370 20.22 -8.98 7.41
CA ALA L 1370 20.49 -7.59 7.09
C ALA L 1370 19.45 -6.65 7.69
N VAL L 1371 18.17 -7.03 7.65
CA VAL L 1371 17.12 -6.20 8.24
C VAL L 1371 17.26 -6.14 9.76
N LEU L 1372 17.57 -7.28 10.40
CA LEU L 1372 17.74 -7.27 11.85
C LEU L 1372 19.00 -6.55 12.29
N GLN L 1373 20.08 -6.61 11.50
CA GLN L 1373 21.32 -5.94 11.85
C GLN L 1373 21.32 -4.46 11.46
N PHE L 1374 20.37 -4.02 10.63
CA PHE L 1374 20.22 -2.59 10.38
C PHE L 1374 19.81 -1.84 11.64
N TYR L 1375 18.91 -2.43 12.43
CA TYR L 1375 18.49 -1.84 13.69
C TYR L 1375 19.30 -2.34 14.89
N GLY L 1376 20.26 -3.23 14.66
CA GLY L 1376 21.08 -3.76 15.74
C GLY L 1376 20.42 -4.85 16.55
N LEU L 1377 19.24 -5.32 16.16
CA LEU L 1377 18.56 -6.37 16.89
C LEU L 1377 19.10 -7.74 16.49
N TYR L 1378 19.36 -8.57 17.50
CA TYR L 1378 19.93 -9.90 17.27
C TYR L 1378 18.90 -10.96 17.60
N VAL L 1379 18.64 -11.84 16.64
CA VAL L 1379 17.81 -13.02 16.82
C VAL L 1379 18.70 -14.23 16.54
N ASN L 1380 18.46 -15.33 17.27
CA ASN L 1380 19.27 -16.53 17.11
C ASN L 1380 19.09 -17.15 15.74
N TYR L 1381 20.12 -17.86 15.29
CA TYR L 1381 20.13 -18.43 13.94
C TYR L 1381 19.13 -19.57 13.81
N ARG L 1382 18.82 -20.27 14.90
CA ARG L 1382 17.92 -21.42 14.81
C ARG L 1382 16.49 -21.01 14.52
N HIS L 1383 16.03 -19.90 15.10
CA HIS L 1383 14.67 -19.42 14.83
C HIS L 1383 14.53 -18.90 13.41
N LEU L 1384 15.60 -18.33 12.86
CA LEU L 1384 15.57 -17.89 11.48
C LEU L 1384 15.67 -19.06 10.51
N ALA L 1385 16.48 -20.07 10.86
CA ALA L 1385 16.64 -21.24 10.01
C ALA L 1385 15.40 -22.11 9.97
N LEU L 1386 14.67 -22.20 11.10
CA LEU L 1386 13.39 -22.90 11.10
C LEU L 1386 12.38 -22.23 10.18
N LEU L 1387 12.31 -20.89 10.22
CA LEU L 1387 11.46 -20.15 9.31
C LEU L 1387 11.86 -20.37 7.87
N CYS L 1388 13.17 -20.28 7.59
CA CYS L 1388 13.65 -20.39 6.21
C CYS L 1388 13.50 -21.81 5.66
N ASP L 1389 13.49 -22.82 6.53
CA ASP L 1389 13.21 -24.18 6.08
C ASP L 1389 11.71 -24.43 5.95
N VAL L 1390 10.89 -23.69 6.69
CA VAL L 1390 9.45 -23.68 6.43
C VAL L 1390 9.15 -23.03 5.08
N MET L 1391 9.92 -22.00 4.71
CA MET L 1391 9.72 -21.28 3.45
C MET L 1391 9.95 -22.17 2.23
N THR L 1392 10.84 -23.16 2.36
CA THR L 1392 11.22 -24.04 1.26
C THR L 1392 10.68 -25.45 1.46
N ALA L 1393 9.51 -25.58 2.09
CA ALA L 1393 9.02 -26.89 2.49
C ALA L 1393 8.49 -27.69 1.29
N LYS L 1394 7.75 -27.04 0.40
CA LYS L 1394 7.09 -27.72 -0.70
C LYS L 1394 7.91 -27.71 -1.99
N GLY L 1395 9.14 -27.19 -1.94
CA GLY L 1395 9.98 -27.09 -3.11
C GLY L 1395 9.85 -25.79 -3.87
N HIS L 1396 8.81 -25.01 -3.60
CA HIS L 1396 8.65 -23.70 -4.23
C HIS L 1396 8.46 -22.64 -3.16
N LEU L 1397 8.12 -21.42 -3.58
CA LEU L 1397 7.95 -20.31 -2.65
C LEU L 1397 6.50 -20.29 -2.17
N MET L 1398 6.27 -20.78 -0.96
CA MET L 1398 4.99 -20.58 -0.29
C MET L 1398 5.08 -19.29 0.53
N ALA L 1399 3.96 -18.58 0.60
CA ALA L 1399 3.91 -17.31 1.30
C ALA L 1399 3.10 -17.45 2.58
N ILE L 1400 3.41 -16.59 3.55
CA ILE L 1400 2.61 -16.52 4.79
C ILE L 1400 1.49 -15.54 4.50
N THR L 1401 0.47 -16.03 3.81
CA THR L 1401 -0.71 -15.29 3.38
C THR L 1401 -1.88 -16.26 3.37
N ARG L 1402 -2.97 -15.86 2.70
CA ARG L 1402 -4.08 -16.77 2.46
C ARG L 1402 -3.88 -17.63 1.22
N HIS L 1403 -2.82 -17.39 0.45
CA HIS L 1403 -2.55 -18.14 -0.76
C HIS L 1403 -1.43 -19.16 -0.60
N GLY L 1404 -0.75 -19.16 0.54
CA GLY L 1404 0.30 -20.13 0.77
C GLY L 1404 0.01 -21.04 1.95
N ILE L 1405 -0.68 -20.51 2.96
CA ILE L 1405 -1.04 -21.33 4.11
C ILE L 1405 -2.27 -22.19 3.81
N ASN L 1406 -3.27 -21.60 3.16
CA ASN L 1406 -4.51 -22.32 2.83
C ASN L 1406 -4.35 -23.26 1.66
N ARG L 1407 -3.22 -23.25 0.97
CA ARG L 1407 -2.95 -24.17 -0.13
C ARG L 1407 -2.10 -25.35 0.30
N GLN L 1408 -1.86 -25.51 1.59
CA GLN L 1408 -1.03 -26.60 2.09
C GLN L 1408 -1.82 -27.90 2.13
N ASP L 1409 -1.13 -28.97 2.53
CA ASP L 1409 -1.74 -30.29 2.71
C ASP L 1409 -2.20 -30.52 4.13
N THR L 1410 -2.37 -29.47 4.91
CA THR L 1410 -2.76 -29.58 6.31
C THR L 1410 -4.26 -29.83 6.43
N GLY L 1411 -4.74 -29.92 7.67
CA GLY L 1411 -6.13 -30.19 7.92
C GLY L 1411 -7.04 -29.00 7.66
N ALA L 1412 -8.34 -29.25 7.78
CA ALA L 1412 -9.32 -28.20 7.54
C ALA L 1412 -9.30 -27.14 8.63
N LEU L 1413 -9.12 -27.54 9.89
CA LEU L 1413 -9.09 -26.58 10.99
C LEU L 1413 -7.75 -25.88 11.12
N MET L 1414 -6.70 -26.41 10.47
CA MET L 1414 -5.47 -25.64 10.29
C MET L 1414 -5.73 -24.41 9.43
N ARG L 1415 -6.51 -24.56 8.36
CA ARG L 1415 -6.62 -23.54 7.34
C ARG L 1415 -7.81 -22.61 7.54
N CYS L 1416 -8.92 -23.10 8.09
CA CYS L 1416 -10.07 -22.23 8.27
C CYS L 1416 -9.90 -21.30 9.47
N SER L 1417 -9.16 -21.73 10.50
CA SER L 1417 -8.99 -20.94 11.70
C SER L 1417 -8.06 -19.75 11.51
N PHE L 1418 -7.33 -19.70 10.40
CA PHE L 1418 -6.45 -18.56 10.13
C PHE L 1418 -7.18 -17.49 9.31
N GLU L 1419 -7.58 -17.84 8.10
CA GLU L 1419 -8.25 -16.91 7.20
C GLU L 1419 -9.14 -17.71 6.24
N GLU L 1420 -10.22 -17.06 5.79
CA GLU L 1420 -11.22 -17.63 4.87
C GLU L 1420 -11.81 -18.93 5.43
N THR L 1421 -12.50 -18.79 6.56
CA THR L 1421 -13.03 -19.96 7.28
C THR L 1421 -14.12 -20.67 6.47
N VAL L 1422 -15.06 -19.90 5.92
CA VAL L 1422 -16.20 -20.47 5.22
C VAL L 1422 -15.77 -21.15 3.92
N ASP L 1423 -14.84 -20.53 3.20
CA ASP L 1423 -14.36 -21.10 1.93
C ASP L 1423 -13.60 -22.41 2.15
N VAL L 1424 -12.74 -22.46 3.16
CA VAL L 1424 -12.01 -23.68 3.48
C VAL L 1424 -12.97 -24.77 3.97
N LEU L 1425 -13.97 -24.38 4.76
CA LEU L 1425 -14.96 -25.34 5.25
C LEU L 1425 -15.80 -25.92 4.13
N MET L 1426 -16.23 -25.09 3.16
CA MET L 1426 -17.01 -25.63 2.06
C MET L 1426 -16.14 -26.42 1.09
N ASP L 1427 -14.85 -26.06 0.96
CA ASP L 1427 -13.94 -26.87 0.15
C ASP L 1427 -13.74 -28.26 0.76
N ALA L 1428 -13.61 -28.32 2.09
CA ALA L 1428 -13.49 -29.60 2.77
C ALA L 1428 -14.79 -30.40 2.70
N ALA L 1429 -15.94 -29.71 2.75
CA ALA L 1429 -17.22 -30.40 2.64
C ALA L 1429 -17.45 -30.94 1.23
N ALA L 1430 -17.12 -30.14 0.21
CA ALA L 1430 -17.31 -30.57 -1.17
C ALA L 1430 -16.33 -31.66 -1.56
N HIS L 1431 -15.09 -31.58 -1.10
CA HIS L 1431 -14.08 -32.56 -1.48
C HIS L 1431 -14.04 -33.76 -0.54
N ALA L 1432 -14.91 -33.78 0.48
CA ALA L 1432 -14.97 -34.82 1.51
C ALA L 1432 -13.60 -35.00 2.18
N GLU L 1433 -12.98 -33.89 2.53
CA GLU L 1433 -11.62 -33.89 3.05
C GLU L 1433 -11.59 -34.46 4.46
N THR L 1434 -10.66 -35.38 4.70
CA THR L 1434 -10.53 -36.03 5.99
C THR L 1434 -9.50 -35.29 6.83
N ASP L 1435 -9.91 -34.81 8.00
CA ASP L 1435 -9.01 -34.11 8.91
C ASP L 1435 -8.59 -35.10 9.99
N PRO L 1436 -7.32 -35.52 10.02
CA PRO L 1436 -6.93 -36.65 10.88
C PRO L 1436 -6.69 -36.29 12.35
N MET L 1437 -6.91 -35.03 12.74
CA MET L 1437 -6.73 -34.52 14.11
C MET L 1437 -5.31 -34.75 14.61
N ARG L 1438 -4.36 -34.14 13.91
CA ARG L 1438 -2.95 -34.16 14.31
C ARG L 1438 -2.41 -32.82 14.76
N GLY L 1439 -3.08 -31.72 14.44
CA GLY L 1439 -2.64 -30.41 14.86
C GLY L 1439 -3.04 -30.07 16.28
N VAL L 1440 -2.72 -28.84 16.67
CA VAL L 1440 -2.97 -28.38 18.03
C VAL L 1440 -4.25 -27.57 18.14
N SER L 1441 -4.55 -26.70 17.16
CA SER L 1441 -5.79 -25.93 17.22
C SER L 1441 -7.00 -26.79 16.90
N GLU L 1442 -6.81 -27.89 16.18
CA GLU L 1442 -7.86 -28.89 15.99
C GLU L 1442 -8.32 -29.45 17.34
N ASN L 1443 -7.38 -29.93 18.15
CA ASN L 1443 -7.71 -30.48 19.46
C ASN L 1443 -8.14 -29.39 20.44
N ILE L 1444 -7.70 -28.16 20.22
CA ILE L 1444 -8.19 -27.02 20.99
C ILE L 1444 -9.67 -26.77 20.69
N ILE L 1445 -10.05 -26.88 19.41
CA ILE L 1445 -11.45 -26.70 19.03
C ILE L 1445 -12.30 -27.85 19.57
N MET L 1446 -11.84 -29.10 19.41
CA MET L 1446 -12.64 -30.23 19.85
C MET L 1446 -12.40 -30.59 21.32
N GLY L 1447 -11.47 -29.92 21.99
CA GLY L 1447 -11.50 -29.77 23.44
C GLY L 1447 -10.70 -30.74 24.28
N GLN L 1448 -10.08 -31.76 23.69
CA GLN L 1448 -9.30 -32.69 24.47
C GLN L 1448 -7.83 -32.31 24.45
N LEU L 1449 -7.00 -33.17 25.05
CA LEU L 1449 -5.58 -32.88 25.21
C LEU L 1449 -4.86 -33.01 23.87
N PRO L 1450 -4.20 -31.96 23.37
CA PRO L 1450 -3.54 -32.05 22.08
C PRO L 1450 -2.25 -32.85 22.15
N LYS L 1451 -1.87 -33.41 21.00
CA LYS L 1451 -0.59 -34.10 20.86
C LYS L 1451 0.49 -33.05 20.61
N MET L 1452 0.87 -32.37 21.70
CA MET L 1452 1.62 -31.14 21.60
C MET L 1452 2.31 -30.87 22.93
N GLY L 1453 3.60 -30.54 22.86
CA GLY L 1453 4.38 -30.15 24.02
C GLY L 1453 4.53 -31.27 25.03
N THR L 1454 3.89 -31.12 26.18
CA THR L 1454 3.83 -32.18 27.17
C THR L 1454 2.66 -33.12 26.94
N GLY L 1455 1.83 -32.87 25.93
CA GLY L 1455 0.73 -33.75 25.58
C GLY L 1455 1.01 -34.68 24.42
N CYS L 1456 2.28 -34.81 24.00
CA CYS L 1456 2.65 -35.65 22.87
C CYS L 1456 2.94 -37.09 23.28
N PHE L 1457 2.48 -37.52 24.45
CA PHE L 1457 2.70 -38.88 24.91
C PHE L 1457 1.53 -39.28 25.81
N ASP L 1458 1.55 -40.53 26.25
CA ASP L 1458 0.54 -41.07 27.14
C ASP L 1458 1.20 -41.69 28.36
N LEU L 1459 0.57 -41.55 29.51
CA LEU L 1459 1.07 -42.11 30.76
C LEU L 1459 0.27 -43.36 31.12
N LEU L 1460 0.98 -44.45 31.36
CA LEU L 1460 0.36 -45.73 31.69
C LEU L 1460 0.74 -46.13 33.11
N LEU L 1461 -0.22 -46.69 33.84
CA LEU L 1461 0.01 -47.14 35.20
C LEU L 1461 0.76 -48.46 35.17
N ASP L 1462 1.87 -48.54 35.92
CA ASP L 1462 2.66 -49.75 35.99
C ASP L 1462 2.08 -50.65 37.08
N ALA L 1463 1.56 -51.82 36.68
CA ALA L 1463 0.94 -52.72 37.65
C ALA L 1463 1.99 -53.45 38.49
N GLU L 1464 3.13 -53.80 37.88
CA GLU L 1464 4.16 -54.55 38.60
C GLU L 1464 4.92 -53.65 39.57
N LYS L 1465 5.04 -52.36 39.26
CA LYS L 1465 5.80 -51.44 40.09
C LYS L 1465 5.05 -51.01 41.35
N CYS L 1466 3.80 -51.42 41.52
CA CYS L 1466 3.05 -51.11 42.73
C CYS L 1466 3.57 -51.93 43.90
N ARG L 1467 4.61 -51.43 44.55
CA ARG L 1467 5.27 -52.14 45.64
C ARG L 1467 4.59 -51.78 46.97
N PHE L 1468 5.25 -52.08 48.09
CA PHE L 1468 4.70 -51.82 49.41
C PHE L 1468 4.57 -50.33 49.65
N GLY L 1469 3.42 -49.91 50.18
CA GLY L 1469 3.14 -48.52 50.43
C GLY L 1469 2.56 -48.27 51.82
N ILE L 1470 1.40 -47.65 51.87
CA ILE L 1470 0.72 -47.39 53.14
C ILE L 1470 -0.76 -47.68 53.01
N GLU M 1 6.35 62.85 18.58
CA GLU M 1 5.74 61.73 17.89
C GLU M 1 6.27 60.40 18.42
N ASN M 2 7.47 60.45 19.02
CA ASN M 2 8.09 59.26 19.57
C ASN M 2 7.54 58.87 20.93
N ALA M 3 6.72 59.72 21.56
CA ALA M 3 6.09 59.37 22.82
C ALA M 3 5.02 58.31 22.65
N GLU M 4 4.43 58.20 21.45
CA GLU M 4 3.44 57.16 21.18
C GLU M 4 4.07 55.79 20.94
N GLU M 5 5.39 55.74 20.77
CA GLU M 5 6.07 54.46 20.60
C GLU M 5 6.08 53.70 21.91
N ILE M 6 5.77 52.40 21.84
CA ILE M 6 5.61 51.57 23.02
C ILE M 6 6.94 50.91 23.36
N SER M 7 7.35 51.02 24.63
CA SER M 7 8.57 50.38 25.09
C SER M 7 8.31 48.90 25.36
N HIS M 8 9.36 48.20 25.81
CA HIS M 8 9.37 46.73 25.79
C HIS M 8 8.42 46.13 26.81
N GLU M 9 8.61 46.46 28.10
CA GLU M 9 7.69 46.00 29.14
C GLU M 9 6.30 46.59 28.95
N LEU M 10 6.24 47.83 28.42
CA LEU M 10 4.97 48.39 28.00
C LEU M 10 4.37 47.62 26.82
N TRP M 11 5.20 47.05 25.94
CA TRP M 11 4.67 46.22 24.86
C TRP M 11 4.06 44.93 25.39
N GLN M 12 4.72 44.27 26.36
CA GLN M 12 4.12 43.06 26.93
C GLN M 12 2.84 43.37 27.69
N GLU M 13 2.84 44.46 28.48
CA GLU M 13 1.63 44.85 29.20
C GLU M 13 0.50 45.23 28.25
N ALA M 14 0.82 45.98 27.19
CA ALA M 14 -0.16 46.41 26.22
C ALA M 14 -0.73 45.24 25.43
N CYS M 15 0.12 44.29 25.04
CA CYS M 15 -0.37 43.14 24.28
C CYS M 15 -1.21 42.22 25.15
N TRP M 16 -0.88 42.09 26.44
CA TRP M 16 -1.75 41.30 27.31
C TRP M 16 -3.06 42.04 27.60
N ILE M 17 -3.06 43.37 27.60
CA ILE M 17 -4.32 44.11 27.69
C ILE M 17 -5.16 43.93 26.42
N VAL M 18 -4.50 43.86 25.25
CA VAL M 18 -5.19 43.57 23.99
C VAL M 18 -5.82 42.18 24.03
N ILE M 19 -5.08 41.18 24.53
CA ILE M 19 -5.61 39.83 24.68
C ILE M 19 -6.77 39.81 25.68
N ASN M 20 -6.67 40.61 26.74
CA ASN M 20 -7.75 40.71 27.73
C ASN M 20 -9.01 41.31 27.12
N ALA M 21 -8.86 42.34 26.28
CA ALA M 21 -10.02 42.94 25.62
C ALA M 21 -10.64 41.98 24.60
N TYR M 22 -9.79 41.23 23.88
CA TYR M 22 -10.28 40.26 22.90
C TYR M 22 -11.06 39.13 23.57
N PHE M 23 -10.55 38.63 24.70
CA PHE M 23 -11.26 37.58 25.41
C PHE M 23 -12.45 38.12 26.21
N ASP M 24 -12.46 39.43 26.51
CA ASP M 24 -13.61 40.02 27.17
C ASP M 24 -14.76 40.20 26.20
N GLU M 25 -14.48 40.59 24.95
CA GLU M 25 -15.56 40.77 24.00
C GLU M 25 -15.99 39.44 23.38
N LYS M 26 -15.07 38.77 22.70
CA LYS M 26 -15.43 37.58 21.93
C LYS M 26 -15.68 36.36 22.82
N GLY M 27 -14.82 36.14 23.81
CA GLY M 27 -14.96 34.98 24.66
C GLY M 27 -14.28 33.74 24.11
N LEU M 28 -14.85 32.56 24.39
CA LEU M 28 -14.26 31.31 23.95
C LEU M 28 -15.13 30.50 23.02
N VAL M 29 -16.46 30.71 23.02
CA VAL M 29 -17.37 29.90 22.22
C VAL M 29 -18.10 30.80 21.22
N ARG M 30 -17.41 31.84 20.75
CA ARG M 30 -18.03 32.86 19.90
C ARG M 30 -18.45 32.29 18.54
N GLN M 31 -17.65 31.36 17.99
CA GLN M 31 -17.94 30.83 16.66
C GLN M 31 -19.18 29.94 16.64
N GLN M 32 -19.44 29.21 17.73
CA GLN M 32 -20.64 28.36 17.80
C GLN M 32 -21.91 29.21 17.83
N LEU M 33 -21.93 30.24 18.67
CA LEU M 33 -23.09 31.12 18.75
C LEU M 33 -23.27 31.94 17.48
N ASP M 34 -22.15 32.34 16.85
CA ASP M 34 -22.24 33.10 15.60
C ASP M 34 -22.77 32.24 14.46
N SER M 35 -22.31 30.99 14.38
CA SER M 35 -22.85 30.07 13.37
C SER M 35 -24.30 29.71 13.64
N PHE M 36 -24.69 29.62 14.92
CA PHE M 36 -26.10 29.38 15.24
C PHE M 36 -26.98 30.55 14.86
N ASP M 37 -26.49 31.78 15.07
CA ASP M 37 -27.24 32.96 14.66
C ASP M 37 -27.33 33.06 13.13
N GLU M 38 -26.26 32.69 12.43
CA GLU M 38 -26.29 32.63 10.97
C GLU M 38 -27.28 31.58 10.47
N PHE M 39 -27.35 30.44 11.15
CA PHE M 39 -28.29 29.39 10.76
C PHE M 39 -29.72 29.80 11.05
N ILE M 40 -29.97 30.47 12.18
CA ILE M 40 -31.32 30.79 12.59
C ILE M 40 -31.88 31.94 11.76
N GLN M 41 -31.13 33.05 11.66
CA GLN M 41 -31.71 34.25 11.07
C GLN M 41 -31.71 34.21 9.54
N MET M 42 -30.53 34.13 8.94
CA MET M 42 -30.43 34.26 7.48
C MET M 42 -30.62 32.96 6.73
N SER M 43 -30.23 31.81 7.30
CA SER M 43 -30.25 30.57 6.54
C SER M 43 -31.66 30.02 6.36
N VAL M 44 -32.47 30.02 7.42
CA VAL M 44 -33.82 29.46 7.34
C VAL M 44 -34.70 30.30 6.42
N GLN M 45 -34.52 31.63 6.45
CA GLN M 45 -35.22 32.51 5.53
C GLN M 45 -34.80 32.24 4.08
N ARG M 46 -33.53 31.94 3.86
CA ARG M 46 -33.06 31.58 2.52
C ARG M 46 -33.62 30.24 2.07
N ILE M 47 -33.80 29.29 2.99
CA ILE M 47 -34.40 28.01 2.63
C ILE M 47 -35.87 28.17 2.25
N VAL M 48 -36.63 28.92 3.07
CA VAL M 48 -38.05 29.09 2.79
C VAL M 48 -38.32 30.07 1.65
N GLU M 49 -37.32 30.86 1.24
CA GLU M 49 -37.47 31.72 0.08
C GLU M 49 -36.96 31.07 -1.21
N ASP M 50 -36.00 30.16 -1.11
CA ASP M 50 -35.48 29.45 -2.28
C ASP M 50 -36.21 28.14 -2.55
N SER M 51 -37.12 27.74 -1.68
CA SER M 51 -37.89 26.52 -1.91
C SER M 51 -38.91 26.76 -3.02
N PRO M 52 -39.12 25.77 -3.89
CA PRO M 52 -40.13 25.93 -4.95
C PRO M 52 -41.54 25.92 -4.39
N ALA M 53 -42.40 26.72 -5.02
CA ALA M 53 -43.79 26.79 -4.61
C ALA M 53 -44.54 25.53 -5.03
N ILE M 54 -45.53 25.14 -4.23
CA ILE M 54 -46.30 23.94 -4.49
C ILE M 54 -47.36 24.27 -5.53
N GLU M 55 -47.31 23.59 -6.66
CA GLU M 55 -48.29 23.76 -7.73
C GLU M 55 -49.11 22.49 -7.88
N LEU M 56 -50.43 22.64 -8.02
CA LEU M 56 -51.33 21.50 -8.00
C LEU M 56 -52.24 21.51 -9.21
N GLN M 57 -52.77 20.33 -9.52
CA GLN M 57 -53.79 20.16 -10.56
C GLN M 57 -54.55 18.89 -10.25
N ALA M 58 -55.87 19.00 -10.11
CA ALA M 58 -56.69 17.84 -9.79
C ALA M 58 -56.82 16.92 -10.99
N GLU M 59 -56.74 15.61 -10.74
CA GLU M 59 -56.83 14.59 -11.78
C GLU M 59 -57.85 13.54 -11.34
N ALA M 60 -59.12 13.79 -11.67
CA ALA M 60 -60.20 12.84 -11.37
C ALA M 60 -60.50 12.01 -12.61
N GLN M 61 -59.53 11.16 -12.95
CA GLN M 61 -59.61 10.32 -14.15
C GLN M 61 -60.34 9.01 -13.92
N HIS M 62 -60.67 8.67 -12.68
CA HIS M 62 -61.34 7.42 -12.36
C HIS M 62 -62.85 7.55 -12.26
N THR M 63 -63.40 8.74 -12.52
CA THR M 63 -64.83 8.97 -12.44
C THR M 63 -65.34 9.59 -13.73
N SER M 64 -66.62 9.39 -14.00
CA SER M 64 -67.26 9.95 -15.17
C SER M 64 -67.57 11.43 -14.97
N GLY M 65 -67.83 12.12 -16.07
CA GLY M 65 -68.09 13.55 -16.03
C GLY M 65 -66.90 14.38 -15.62
N GLU M 66 -65.71 14.09 -16.15
CA GLU M 66 -64.51 14.80 -15.77
C GLU M 66 -64.51 16.20 -16.37
N VAL M 67 -64.22 17.20 -15.54
CA VAL M 67 -64.16 18.59 -16.00
C VAL M 67 -62.86 18.79 -16.77
N GLU M 68 -62.98 19.40 -17.96
CA GLU M 68 -61.82 19.63 -18.81
C GLU M 68 -60.87 20.68 -18.23
N THR M 69 -61.35 21.56 -17.36
CA THR M 69 -60.53 22.57 -16.69
C THR M 69 -60.63 22.34 -15.19
N PRO M 70 -59.76 21.50 -14.62
CA PRO M 70 -59.82 21.25 -13.18
C PRO M 70 -59.34 22.47 -12.41
N PRO M 71 -59.83 22.67 -11.19
CA PRO M 71 -59.29 23.74 -10.34
C PRO M 71 -57.87 23.43 -9.88
N ARG M 72 -57.11 24.50 -9.62
CA ARG M 72 -55.71 24.36 -9.27
C ARG M 72 -55.39 25.18 -8.03
N PHE M 73 -54.33 24.76 -7.33
CA PHE M 73 -53.90 25.38 -6.10
C PHE M 73 -52.42 25.73 -6.20
N SER M 74 -52.02 26.78 -5.49
CA SER M 74 -50.61 27.09 -5.33
C SER M 74 -50.35 27.48 -3.88
N LEU M 75 -49.28 26.92 -3.33
CA LEU M 75 -48.90 27.14 -1.94
C LEU M 75 -47.52 27.78 -1.90
N LYS M 76 -47.38 28.85 -1.11
CA LYS M 76 -46.14 29.60 -1.00
C LYS M 76 -45.83 29.87 0.46
N PHE M 77 -44.56 29.74 0.82
CA PHE M 77 -44.07 30.03 2.16
C PHE M 77 -43.12 31.21 2.08
N GLU M 78 -43.37 32.24 2.91
CA GLU M 78 -42.67 33.51 2.71
C GLU M 78 -42.05 34.09 3.97
N GLN M 79 -42.58 33.73 5.15
CA GLN M 79 -42.14 34.36 6.39
C GLN M 79 -41.90 33.30 7.46
N ILE M 80 -40.91 33.56 8.32
CA ILE M 80 -40.53 32.66 9.39
C ILE M 80 -40.51 33.44 10.70
N TYR M 81 -41.22 32.94 11.70
CA TYR M 81 -41.22 33.51 13.04
C TYR M 81 -40.70 32.48 14.02
N LEU M 82 -39.72 32.87 14.82
CA LEU M 82 -39.17 32.03 15.88
C LEU M 82 -39.52 32.65 17.22
N SER M 83 -40.17 31.88 18.08
CA SER M 83 -40.52 32.36 19.41
C SER M 83 -39.49 31.87 20.42
N LYS M 84 -39.73 32.19 21.68
CA LYS M 84 -38.89 31.69 22.77
C LYS M 84 -39.17 30.22 22.99
N PRO M 85 -38.21 29.46 23.58
CA PRO M 85 -38.47 28.05 23.88
C PRO M 85 -39.58 27.85 24.91
N THR M 86 -40.70 27.31 24.44
CA THR M 86 -41.90 27.15 25.26
C THR M 86 -42.37 25.71 25.19
N HIS M 87 -42.57 25.11 26.37
CA HIS M 87 -42.99 23.73 26.49
C HIS M 87 -44.50 23.67 26.72
N TRP M 88 -45.16 22.76 26.01
CA TRP M 88 -46.57 22.49 26.20
C TRP M 88 -46.71 21.20 27.00
N GLU M 89 -47.51 21.25 28.07
CA GLU M 89 -47.70 20.11 28.94
C GLU M 89 -48.78 19.19 28.36
N LYS M 90 -49.24 18.23 29.17
CA LYS M 90 -50.24 17.29 28.69
C LYS M 90 -51.60 17.95 28.52
N ASP M 91 -51.91 18.97 29.33
CA ASP M 91 -53.16 19.71 29.16
C ASP M 91 -53.08 20.76 28.07
N GLY M 92 -51.89 21.01 27.52
CA GLY M 92 -51.74 22.00 26.47
C GLY M 92 -51.38 23.40 26.94
N SER M 93 -51.11 23.58 28.22
CA SER M 93 -50.78 24.90 28.74
C SER M 93 -49.33 25.23 28.42
N PRO M 94 -49.05 26.31 27.70
CA PRO M 94 -47.66 26.68 27.42
C PRO M 94 -46.98 27.27 28.64
N SER M 95 -45.66 27.03 28.74
CA SER M 95 -44.86 27.58 29.81
C SER M 95 -43.44 27.72 29.32
N PRO M 96 -42.74 28.81 29.65
CA PRO M 96 -41.35 28.98 29.20
C PRO M 96 -40.41 27.99 29.87
N MET M 97 -39.83 27.09 29.09
CA MET M 97 -38.98 26.04 29.64
C MET M 97 -37.64 26.62 30.10
N MET M 98 -37.06 25.98 31.05
CA MET M 98 -35.73 26.31 31.51
C MET M 98 -34.76 25.23 31.04
N PRO M 99 -33.51 25.60 30.71
CA PRO M 99 -32.49 24.56 30.44
C PRO M 99 -32.24 23.63 31.62
N ASN M 100 -32.34 24.14 32.85
CA ASN M 100 -32.31 23.27 34.02
C ASN M 100 -33.55 22.38 34.08
N GLU M 101 -34.71 22.93 33.70
CA GLU M 101 -35.93 22.13 33.64
C GLU M 101 -35.86 21.07 32.54
N ALA M 102 -35.27 21.42 31.40
CA ALA M 102 -35.09 20.44 30.32
C ALA M 102 -34.08 19.38 30.70
N ARG M 103 -33.06 19.74 31.49
CA ARG M 103 -32.10 18.75 31.94
C ARG M 103 -32.71 17.81 32.98
N LEU M 104 -33.51 18.35 33.90
CA LEU M 104 -34.07 17.54 34.97
C LEU M 104 -35.23 16.66 34.49
N ARG M 105 -36.05 17.16 33.58
CA ARG M 105 -37.21 16.41 33.09
C ARG M 105 -36.91 15.60 31.84
N ASN M 106 -35.65 15.59 31.40
CA ASN M 106 -35.20 14.96 30.15
C ASN M 106 -35.97 15.47 28.95
N LEU M 107 -36.16 16.78 28.89
CA LEU M 107 -36.81 17.43 27.76
C LEU M 107 -35.77 17.96 26.78
N THR M 108 -36.25 18.38 25.62
CA THR M 108 -35.41 18.95 24.58
C THR M 108 -35.61 20.47 24.57
N TYR M 109 -34.51 21.21 24.73
CA TYR M 109 -34.58 22.66 24.73
C TYR M 109 -34.80 23.18 23.32
N SER M 110 -36.07 23.26 22.90
CA SER M 110 -36.42 23.62 21.55
C SER M 110 -37.46 24.71 21.55
N ALA M 111 -37.49 25.50 20.47
CA ALA M 111 -38.46 26.55 20.27
C ALA M 111 -39.30 26.28 19.03
N PRO M 112 -40.61 26.55 19.09
CA PRO M 112 -41.45 26.32 17.91
C PRO M 112 -41.19 27.32 16.81
N LEU M 113 -41.45 26.90 15.58
CA LEU M 113 -41.30 27.74 14.40
C LEU M 113 -42.65 27.92 13.73
N TYR M 114 -42.91 29.15 13.28
CA TYR M 114 -44.18 29.48 12.65
C TYR M 114 -43.93 30.02 11.25
N VAL M 115 -44.80 29.65 10.32
CA VAL M 115 -44.64 30.02 8.92
C VAL M 115 -45.93 30.65 8.43
N ASP M 116 -45.80 31.58 7.48
CA ASP M 116 -46.95 32.18 6.81
C ASP M 116 -47.17 31.48 5.48
N ILE M 117 -48.41 31.02 5.25
CA ILE M 117 -48.74 30.24 4.07
C ILE M 117 -49.68 31.07 3.20
N THR M 118 -49.31 31.24 1.94
CA THR M 118 -50.18 31.87 0.94
C THR M 118 -50.74 30.78 0.04
N LYS M 119 -52.06 30.64 0.04
CA LYS M 119 -52.73 29.63 -0.76
C LYS M 119 -53.59 30.32 -1.80
N THR M 120 -53.26 30.13 -3.08
CA THR M 120 -54.01 30.72 -4.18
C THR M 120 -54.83 29.62 -4.85
N LYS M 121 -56.14 29.82 -4.88
CA LYS M 121 -57.08 28.91 -5.52
C LYS M 121 -57.50 29.51 -6.85
N ASN M 122 -57.14 28.86 -7.95
CA ASN M 122 -57.37 29.39 -9.28
C ASN M 122 -58.25 28.44 -10.08
N VAL M 123 -59.25 29.01 -10.76
CA VAL M 123 -60.11 28.28 -11.68
C VAL M 123 -59.91 28.87 -13.07
N GLU M 124 -59.78 28.01 -14.07
CA GLU M 124 -59.63 28.46 -15.46
C GLU M 124 -60.93 29.12 -15.90
N GLY M 125 -60.89 30.45 -16.06
CA GLY M 125 -62.07 31.23 -16.36
C GLY M 125 -62.66 31.97 -15.18
N LEU M 126 -62.01 31.93 -14.01
CA LEU M 126 -62.50 32.61 -12.83
C LEU M 126 -61.32 33.25 -12.11
N ASP M 127 -61.63 34.24 -11.27
CA ASP M 127 -60.60 34.96 -10.54
C ASP M 127 -60.06 34.10 -9.41
N PRO M 128 -58.74 33.93 -9.31
CA PRO M 128 -58.16 33.20 -8.17
C PRO M 128 -58.31 33.99 -6.88
N VAL M 129 -58.37 33.26 -5.77
CA VAL M 129 -58.56 33.85 -4.44
C VAL M 129 -57.37 33.45 -3.57
N GLU M 130 -56.90 34.39 -2.76
CA GLU M 130 -55.76 34.16 -1.88
C GLU M 130 -56.22 33.98 -0.44
N THR M 131 -55.54 33.09 0.28
CA THR M 131 -55.83 32.80 1.67
C THR M 131 -54.51 32.80 2.45
N GLN M 132 -54.49 33.49 3.58
CA GLN M 132 -53.31 33.62 4.40
C GLN M 132 -53.47 32.79 5.67
N HIS M 133 -52.64 31.76 5.81
CA HIS M 133 -52.55 30.96 7.02
C HIS M 133 -51.29 31.40 7.76
N GLN M 134 -51.46 32.40 8.63
CA GLN M 134 -50.34 33.00 9.34
C GLN M 134 -50.07 32.24 10.64
N LYS M 135 -48.78 32.26 11.04
CA LYS M 135 -48.28 31.64 12.27
C LYS M 135 -48.59 30.15 12.32
N THR M 136 -48.41 29.47 11.20
CA THR M 136 -48.67 28.04 11.13
C THR M 136 -47.50 27.28 11.75
N PHE M 137 -47.79 26.53 12.82
CA PHE M 137 -46.76 25.77 13.52
C PHE M 137 -46.32 24.59 12.67
N ILE M 138 -45.01 24.42 12.53
CA ILE M 138 -44.45 23.38 11.66
C ILE M 138 -43.47 22.48 12.38
N GLY M 139 -43.02 22.84 13.57
CA GLY M 139 -42.08 22.01 14.30
C GLY M 139 -41.23 22.83 15.23
N LYS M 140 -40.59 22.13 16.17
CA LYS M 140 -39.72 22.76 17.15
C LYS M 140 -38.27 22.51 16.76
N ILE M 141 -37.49 23.59 16.64
CA ILE M 141 -36.07 23.48 16.35
C ILE M 141 -35.30 23.62 17.66
N PRO M 142 -34.28 22.80 17.90
CA PRO M 142 -33.53 22.91 19.15
C PRO M 142 -32.72 24.19 19.22
N ILE M 143 -32.56 24.69 20.45
CA ILE M 143 -31.89 25.96 20.72
C ILE M 143 -30.61 25.68 21.48
N MET M 144 -29.49 26.15 20.93
CA MET M 144 -28.21 26.05 21.63
C MET M 144 -28.10 27.15 22.68
N LEU M 145 -27.52 26.81 23.82
CA LEU M 145 -27.52 27.70 24.97
C LEU M 145 -26.59 28.89 24.76
N ARG M 146 -26.88 29.98 25.49
CA ARG M 146 -26.15 31.25 25.47
C ARG M 146 -26.13 31.88 24.07
N SER M 147 -27.19 31.64 23.28
CA SER M 147 -27.33 32.22 21.96
C SER M 147 -28.18 33.48 22.05
N THR M 148 -28.55 34.03 20.88
CA THR M 148 -29.38 35.22 20.85
C THR M 148 -30.83 34.91 21.22
N TYR M 149 -31.37 33.81 20.70
CA TYR M 149 -32.79 33.50 20.84
C TYR M 149 -33.09 32.66 22.07
N CYS M 150 -32.09 32.30 22.87
CA CYS M 150 -32.35 31.54 24.09
C CYS M 150 -32.78 32.48 25.22
N LEU M 151 -33.23 31.88 26.32
CA LEU M 151 -33.64 32.65 27.49
C LEU M 151 -32.46 33.13 28.32
N LEU M 152 -31.26 32.63 28.07
CA LEU M 152 -30.06 33.05 28.78
C LEU M 152 -29.24 34.07 27.99
N SER M 153 -29.92 34.92 27.22
CA SER M 153 -29.26 35.90 26.37
C SER M 153 -29.08 37.20 27.13
N GLN M 154 -27.82 37.64 27.28
CA GLN M 154 -27.42 38.91 27.90
C GLN M 154 -27.93 39.03 29.34
N LEU M 155 -27.91 37.92 30.07
CA LEU M 155 -28.31 37.92 31.47
C LEU M 155 -27.11 38.19 32.38
N THR M 156 -27.38 38.78 33.52
CA THR M 156 -26.33 39.07 34.49
C THR M 156 -25.98 37.81 35.27
N ASP M 157 -24.95 37.93 36.11
CA ASP M 157 -24.54 36.82 36.96
C ASP M 157 -25.58 36.55 38.05
N ARG M 158 -26.21 37.60 38.58
CA ARG M 158 -27.25 37.43 39.58
C ARG M 158 -28.50 36.80 38.98
N ASP M 159 -28.86 37.20 37.75
CA ASP M 159 -30.03 36.62 37.10
C ASP M 159 -29.79 35.17 36.71
N LEU M 160 -28.55 34.84 36.31
CA LEU M 160 -28.22 33.44 36.01
C LEU M 160 -28.18 32.61 37.29
N THR M 161 -27.72 33.20 38.40
CA THR M 161 -27.62 32.49 39.65
C THR M 161 -28.99 32.24 40.27
N GLU M 162 -29.91 33.20 40.11
CA GLU M 162 -31.28 33.03 40.60
C GLU M 162 -32.03 31.94 39.85
N LEU M 163 -31.64 31.69 38.60
CA LEU M 163 -32.20 30.60 37.81
C LEU M 163 -31.39 29.32 37.93
N ASN M 164 -30.49 29.25 38.92
CA ASN M 164 -29.64 28.08 39.22
C ASN M 164 -28.76 27.70 38.02
N GLU M 165 -28.22 28.70 37.34
CA GLU M 165 -27.31 28.49 36.23
C GLU M 165 -25.94 29.06 36.55
N CYS M 166 -24.91 28.44 36.00
CA CYS M 166 -23.54 28.88 36.25
C CYS M 166 -23.24 30.13 35.43
N PRO M 167 -22.81 31.22 36.07
CA PRO M 167 -22.36 32.40 35.29
C PRO M 167 -21.10 32.16 34.48
N LEU M 168 -20.26 31.19 34.88
CA LEU M 168 -19.06 30.86 34.14
C LEU M 168 -19.30 29.85 33.03
N ASP M 169 -20.52 29.35 32.89
CA ASP M 169 -20.84 28.38 31.85
C ASP M 169 -20.88 29.07 30.50
N PRO M 170 -20.03 28.68 29.54
CA PRO M 170 -20.06 29.35 28.23
C PRO M 170 -21.19 28.91 27.35
N GLY M 171 -21.87 27.82 27.66
CA GLY M 171 -22.89 27.28 26.79
C GLY M 171 -22.29 26.56 25.60
N GLY M 172 -22.83 26.81 24.41
CA GLY M 172 -22.31 26.20 23.21
C GLY M 172 -22.81 24.80 22.92
N TYR M 173 -23.80 24.32 23.65
CA TYR M 173 -24.31 22.97 23.49
C TYR M 173 -25.83 22.99 23.40
N PHE M 174 -26.38 21.96 22.76
CA PHE M 174 -27.81 21.73 22.74
C PHE M 174 -28.21 20.81 23.89
N ILE M 175 -29.48 20.88 24.28
CA ILE M 175 -30.06 19.96 25.23
C ILE M 175 -31.08 19.11 24.47
N ILE M 176 -30.74 17.85 24.25
CA ILE M 176 -31.60 16.90 23.56
C ILE M 176 -31.97 15.82 24.56
N ASN M 177 -33.25 15.79 24.94
CA ASN M 177 -33.81 14.84 25.91
C ASN M 177 -33.07 14.89 27.25
N GLY M 178 -32.67 16.09 27.66
CA GLY M 178 -31.90 16.25 28.88
C GLY M 178 -30.43 15.96 28.77
N SER M 179 -29.93 15.63 27.58
CA SER M 179 -28.53 15.32 27.36
C SER M 179 -27.84 16.48 26.66
N GLU M 180 -26.68 16.86 27.18
CA GLU M 180 -25.91 17.95 26.57
C GLU M 180 -25.15 17.40 25.37
N LYS M 181 -25.50 17.89 24.19
CA LYS M 181 -24.90 17.45 22.93
C LYS M 181 -24.11 18.59 22.32
N VAL M 182 -22.90 18.26 21.86
CA VAL M 182 -22.00 19.22 21.25
C VAL M 182 -21.73 18.79 19.81
N LEU M 183 -21.72 19.77 18.90
CA LEU M 183 -21.51 19.51 17.48
C LEU M 183 -20.06 19.81 17.13
N ILE M 184 -19.39 18.83 16.55
CA ILE M 184 -17.97 18.93 16.21
C ILE M 184 -17.86 19.48 14.79
N ALA M 185 -17.00 20.49 14.62
CA ALA M 185 -16.71 21.01 13.29
C ALA M 185 -15.97 19.99 12.45
N GLN M 186 -16.39 19.86 11.19
CA GLN M 186 -15.85 18.84 10.29
C GLN M 186 -14.98 19.49 9.23
N GLU M 187 -13.79 18.95 9.03
CA GLU M 187 -12.93 19.42 7.95
C GLU M 187 -13.50 19.01 6.60
N LYS M 188 -13.33 19.87 5.61
CA LYS M 188 -13.74 19.55 4.24
C LYS M 188 -12.87 20.33 3.29
N MET M 189 -12.90 19.93 2.02
CA MET M 189 -12.20 20.69 0.99
C MET M 189 -12.94 21.99 0.70
N ALA M 190 -12.19 22.99 0.24
CA ALA M 190 -12.78 24.27 -0.14
C ALA M 190 -13.49 24.10 -1.48
N THR M 191 -14.80 24.32 -1.49
CA THR M 191 -15.59 24.17 -2.71
C THR M 191 -15.32 25.32 -3.67
N ASN M 192 -15.58 25.06 -4.96
CA ASN M 192 -15.37 26.00 -6.07
C ASN M 192 -13.92 26.46 -6.15
N THR M 193 -12.99 25.54 -5.87
CA THR M 193 -11.57 25.85 -5.88
C THR M 193 -10.87 24.86 -6.80
N VAL M 194 -9.99 25.36 -7.66
CA VAL M 194 -9.29 24.55 -8.65
C VAL M 194 -8.12 23.85 -7.97
N TYR M 195 -8.11 22.51 -8.01
CA TYR M 195 -7.03 21.72 -7.44
C TYR M 195 -6.33 20.94 -8.55
N VAL M 196 -5.00 20.90 -8.49
CA VAL M 196 -4.20 20.15 -9.45
C VAL M 196 -3.39 19.10 -8.69
N PHE M 197 -3.51 17.84 -9.10
CA PHE M 197 -2.81 16.74 -8.45
C PHE M 197 -2.07 15.90 -9.47
N SER M 198 -1.09 15.16 -8.98
CA SER M 198 -0.25 14.28 -9.79
C SER M 198 -0.40 12.84 -9.31
N MET M 199 -0.56 11.92 -10.27
CA MET M 199 -0.71 10.50 -9.98
C MET M 199 0.58 9.77 -10.29
N LYS M 200 1.09 9.03 -9.30
CA LYS M 200 2.28 8.19 -9.53
C LYS M 200 1.93 6.94 -10.32
N ASP M 201 0.67 6.51 -10.29
CA ASP M 201 0.23 5.31 -10.99
C ASP M 201 -1.06 5.61 -11.74
N GLY M 202 -1.29 4.84 -12.80
CA GLY M 202 -2.49 4.97 -13.60
C GLY M 202 -2.19 5.51 -14.99
N LYS M 203 -3.27 5.83 -15.69
CA LYS M 203 -3.20 6.34 -17.06
C LYS M 203 -3.15 7.87 -17.11
N TYR M 204 -3.11 8.54 -15.96
CA TYR M 204 -3.17 9.99 -15.90
C TYR M 204 -1.86 10.52 -15.33
N ALA M 205 -1.16 11.35 -16.09
CA ALA M 205 0.04 12.01 -15.58
C ALA M 205 -0.32 13.11 -14.59
N PHE M 206 -1.32 13.92 -14.93
CA PHE M 206 -1.81 14.99 -14.06
C PHE M 206 -3.32 15.10 -14.19
N LYS M 207 -3.94 15.46 -13.07
CA LYS M 207 -5.39 15.67 -12.99
C LYS M 207 -5.66 17.06 -12.43
N THR M 208 -6.80 17.63 -12.83
CA THR M 208 -7.31 18.84 -12.22
C THR M 208 -8.75 18.58 -11.83
N GLU M 209 -9.04 18.76 -10.54
CA GLU M 209 -10.34 18.50 -9.96
C GLU M 209 -10.92 19.79 -9.40
N ILE M 210 -12.18 20.05 -9.70
CA ILE M 210 -12.94 21.09 -9.02
C ILE M 210 -14.31 20.53 -8.63
N ARG M 211 -14.65 20.67 -7.36
CA ARG M 211 -15.97 20.26 -6.86
C ARG M 211 -16.82 21.53 -6.79
N SER M 212 -17.63 21.74 -7.82
CA SER M 212 -18.42 22.95 -7.93
C SER M 212 -19.85 22.69 -7.46
N CYS M 213 -20.39 23.64 -6.71
CA CYS M 213 -21.76 23.58 -6.24
C CYS M 213 -22.39 24.97 -6.31
N LEU M 214 -23.70 25.00 -6.50
CA LEU M 214 -24.44 26.25 -6.40
C LEU M 214 -24.49 26.68 -4.93
N GLU M 215 -24.34 27.98 -4.71
CA GLU M 215 -24.25 28.48 -3.34
C GLU M 215 -25.61 28.45 -2.65
N HIS M 216 -25.60 27.96 -1.39
CA HIS M 216 -26.74 27.85 -0.47
C HIS M 216 -28.01 27.28 -1.11
N SER M 217 -27.82 26.25 -1.93
CA SER M 217 -28.91 25.67 -2.71
C SER M 217 -28.86 24.16 -2.65
N SER M 218 -29.87 23.53 -3.24
CA SER M 218 -29.93 22.08 -3.38
C SER M 218 -29.13 21.65 -4.60
N ARG M 219 -29.33 20.39 -5.04
CA ARG M 219 -28.61 19.72 -6.13
C ARG M 219 -27.11 19.72 -5.81
N PRO M 220 -26.66 18.84 -4.89
CA PRO M 220 -25.34 19.00 -4.25
C PRO M 220 -24.13 18.87 -5.17
N THR M 221 -22.94 18.96 -4.56
CA THR M 221 -21.71 19.33 -5.23
C THR M 221 -21.29 18.30 -6.29
N SER M 222 -20.97 18.80 -7.48
CA SER M 222 -20.61 17.98 -8.63
C SER M 222 -19.12 18.10 -8.90
N THR M 223 -18.46 16.98 -9.14
CA THR M 223 -17.02 16.93 -9.34
C THR M 223 -16.71 16.93 -10.83
N LEU M 224 -15.92 17.90 -11.27
CA LEU M 224 -15.48 18.01 -12.66
C LEU M 224 -13.98 17.81 -12.73
N TRP M 225 -13.54 16.94 -13.64
CA TRP M 225 -12.13 16.62 -13.80
C TRP M 225 -11.68 16.98 -15.21
N VAL M 226 -10.46 17.48 -15.33
CA VAL M 226 -9.77 17.55 -16.61
C VAL M 226 -8.38 16.98 -16.42
N ASN M 227 -8.06 15.93 -17.17
CA ASN M 227 -6.87 15.12 -16.99
C ASN M 227 -6.00 15.20 -18.24
N MET M 228 -4.74 14.81 -18.09
CA MET M 228 -3.90 14.54 -19.24
C MET M 228 -3.54 13.06 -19.28
N MET M 229 -3.47 12.51 -20.49
CA MET M 229 -3.10 11.11 -20.66
C MET M 229 -1.62 10.91 -20.37
N ALA M 230 -1.29 9.73 -19.85
CA ALA M 230 0.10 9.39 -19.59
C ALA M 230 0.85 9.15 -20.89
N ARG M 231 2.14 9.45 -20.88
CA ARG M 231 2.97 9.23 -22.06
C ARG M 231 3.19 7.75 -22.33
N GLY M 232 3.25 6.93 -21.27
CA GLY M 232 3.49 5.51 -21.42
C GLY M 232 2.31 4.73 -21.92
N SER M 233 1.92 4.95 -23.17
CA SER M 233 0.87 4.20 -23.84
C SER M 233 1.50 3.39 -24.96
N GLN M 234 1.27 2.09 -24.96
CA GLN M 234 1.90 1.18 -25.91
C GLN M 234 1.09 1.15 -27.20
N ASN M 235 1.21 2.23 -27.97
CA ASN M 235 0.55 2.34 -29.26
C ASN M 235 1.47 3.10 -30.22
N ILE M 236 1.53 2.63 -31.47
CA ILE M 236 2.39 3.26 -32.46
C ILE M 236 1.82 4.61 -32.88
N LYS M 237 0.49 4.70 -33.03
CA LYS M 237 -0.14 5.96 -33.44
C LYS M 237 -0.10 6.98 -32.31
N LYS M 238 -0.26 6.53 -31.07
CA LYS M 238 -0.30 7.42 -29.92
C LYS M 238 1.09 7.89 -29.47
N SER M 239 2.16 7.37 -30.08
CA SER M 239 3.51 7.81 -29.72
C SER M 239 3.75 9.26 -30.15
N ALA M 240 3.35 9.61 -31.38
CA ALA M 240 3.48 10.99 -31.82
C ALA M 240 2.42 11.89 -31.22
N ILE M 241 1.28 11.33 -30.83
CA ILE M 241 0.25 12.12 -30.15
C ILE M 241 0.71 12.52 -28.76
N GLY M 242 1.26 11.57 -28.00
CA GLY M 242 1.78 11.86 -26.69
C GLY M 242 0.72 12.16 -25.65
N GLN M 243 0.95 13.19 -24.84
CA GLN M 243 -0.01 13.57 -23.81
C GLN M 243 -1.22 14.24 -24.45
N ARG M 244 -2.41 13.91 -23.94
CA ARG M 244 -3.66 14.37 -24.51
C ARG M 244 -4.62 14.77 -23.41
N ILE M 245 -5.32 15.88 -23.60
CA ILE M 245 -6.19 16.46 -22.58
C ILE M 245 -7.59 15.90 -22.76
N ILE M 246 -8.14 15.33 -21.67
CA ILE M 246 -9.50 14.79 -21.66
C ILE M 246 -10.25 15.41 -20.49
N ALA M 247 -11.57 15.28 -20.53
CA ALA M 247 -12.46 15.83 -19.52
C ALA M 247 -13.42 14.77 -19.01
N ILE M 248 -13.65 14.77 -17.70
CA ILE M 248 -14.63 13.90 -17.05
C ILE M 248 -15.69 14.79 -16.42
N LEU M 249 -16.92 14.71 -16.96
CA LEU M 249 -18.22 15.34 -16.79
C LEU M 249 -19.02 14.66 -15.69
N PRO M 250 -19.87 15.42 -14.97
CA PRO M 250 -20.82 14.77 -14.06
C PRO M 250 -21.85 13.95 -14.82
N TYR M 251 -22.25 12.84 -14.19
CA TYR M 251 -23.26 11.89 -14.68
C TYR M 251 -22.89 11.26 -16.02
N ILE M 252 -21.61 11.24 -16.39
CA ILE M 252 -21.14 10.61 -17.61
C ILE M 252 -19.96 9.71 -17.24
N LYS M 253 -20.05 8.43 -17.60
CA LYS M 253 -19.03 7.45 -17.25
C LYS M 253 -17.92 7.35 -18.29
N GLN M 254 -18.00 8.12 -19.37
CA GLN M 254 -17.02 8.07 -20.44
C GLN M 254 -16.10 9.28 -20.39
N GLU M 255 -15.05 9.24 -21.22
CA GLU M 255 -14.07 10.31 -21.31
C GLU M 255 -14.29 11.09 -22.59
N ILE M 256 -14.37 12.41 -22.47
CA ILE M 256 -14.64 13.30 -23.60
C ILE M 256 -13.48 14.29 -23.68
N PRO M 257 -12.90 14.50 -24.85
CA PRO M 257 -11.88 15.56 -24.99
C PRO M 257 -12.46 16.94 -24.76
N ILE M 258 -11.62 17.85 -24.28
CA ILE M 258 -12.06 19.18 -23.90
C ILE M 258 -12.45 20.03 -25.10
N MET M 259 -11.97 19.70 -26.31
CA MET M 259 -12.27 20.51 -27.48
C MET M 259 -13.68 20.30 -27.99
N ILE M 260 -14.21 19.07 -27.87
CA ILE M 260 -15.60 18.81 -28.20
C ILE M 260 -16.51 19.51 -27.20
N VAL M 261 -16.09 19.59 -25.93
CA VAL M 261 -16.82 20.34 -24.92
C VAL M 261 -16.82 21.82 -25.25
N PHE M 262 -15.67 22.35 -25.69
CA PHE M 262 -15.56 23.76 -26.05
C PHE M 262 -16.37 24.09 -27.29
N ARG M 263 -16.43 23.18 -28.26
CA ARG M 263 -17.27 23.38 -29.43
C ARG M 263 -18.74 23.23 -29.10
N ALA M 264 -19.09 22.53 -28.02
CA ALA M 264 -20.48 22.42 -27.60
C ALA M 264 -21.00 23.70 -26.96
N LEU M 265 -20.11 24.59 -26.52
CA LEU M 265 -20.51 25.85 -25.91
C LEU M 265 -20.73 26.95 -26.93
N GLY M 266 -20.50 26.68 -28.21
CA GLY M 266 -20.75 27.66 -29.25
C GLY M 266 -19.49 28.31 -29.81
N PHE M 267 -18.42 27.52 -29.94
CA PHE M 267 -17.15 28.02 -30.46
C PHE M 267 -16.61 26.98 -31.43
N VAL M 268 -16.89 27.18 -32.72
CA VAL M 268 -16.44 26.23 -33.74
C VAL M 268 -15.04 26.54 -34.28
N ALA M 269 -14.53 27.75 -34.05
CA ALA M 269 -13.22 28.13 -34.53
C ALA M 269 -12.15 27.80 -33.49
N ASP M 270 -10.99 27.35 -33.98
CA ASP M 270 -9.89 27.02 -33.08
C ASP M 270 -9.25 28.27 -32.46
N ARG M 271 -9.27 29.39 -33.18
CA ARG M 271 -8.62 30.61 -32.69
C ARG M 271 -9.37 31.19 -31.49
N ASP M 272 -10.70 31.11 -31.49
CA ASP M 272 -11.48 31.60 -30.37
C ASP M 272 -11.25 30.75 -29.12
N ILE M 273 -11.19 29.42 -29.28
CA ILE M 273 -10.94 28.54 -28.14
C ILE M 273 -9.52 28.73 -27.61
N LEU M 274 -8.56 28.93 -28.51
CA LEU M 274 -7.19 29.18 -28.06
C LEU M 274 -7.03 30.57 -27.45
N GLU M 275 -7.87 31.53 -27.83
CA GLU M 275 -7.91 32.81 -27.12
C GLU M 275 -8.53 32.64 -25.74
N HIS M 276 -9.51 31.74 -25.62
CA HIS M 276 -10.10 31.43 -24.33
C HIS M 276 -9.12 30.74 -23.39
N ILE M 277 -8.28 29.85 -23.91
CA ILE M 277 -7.39 29.06 -23.07
C ILE M 277 -6.04 29.76 -22.93
N ILE M 278 -5.38 30.03 -24.06
CA ILE M 278 -4.03 30.57 -24.07
C ILE M 278 -4.14 32.09 -24.08
N TYR M 279 -3.72 32.74 -22.99
CA TYR M 279 -3.88 34.18 -22.88
C TYR M 279 -2.88 34.94 -23.74
N ASP M 280 -1.62 34.49 -23.78
CA ASP M 280 -0.57 35.15 -24.55
C ASP M 280 -0.14 34.22 -25.68
N PHE M 281 -0.19 34.71 -26.90
CA PHE M 281 0.07 33.89 -28.08
C PHE M 281 1.55 33.66 -28.35
N ASP M 282 2.44 34.31 -27.60
CA ASP M 282 3.86 34.18 -27.85
C ASP M 282 4.52 32.99 -27.16
N ASP M 283 3.77 32.22 -26.36
CA ASP M 283 4.35 31.12 -25.61
C ASP M 283 4.55 29.91 -26.51
N PRO M 284 5.79 29.43 -26.70
CA PRO M 284 6.03 28.33 -27.66
C PRO M 284 5.50 26.97 -27.23
N GLU M 285 5.91 26.54 -26.03
CA GLU M 285 5.73 25.14 -25.67
C GLU M 285 4.30 24.86 -25.24
N MET M 286 3.59 25.85 -24.70
CA MET M 286 2.18 25.68 -24.39
C MET M 286 1.36 25.57 -25.68
N MET M 287 1.76 26.32 -26.71
CA MET M 287 1.16 26.18 -28.03
C MET M 287 1.44 24.79 -28.60
N GLU M 288 2.63 24.23 -28.33
CA GLU M 288 2.89 22.85 -28.72
C GLU M 288 2.09 21.85 -27.89
N MET M 289 1.81 22.18 -26.63
CA MET M 289 1.15 21.27 -25.71
C MET M 289 -0.34 21.19 -25.99
N VAL M 290 -0.94 22.27 -26.52
CA VAL M 290 -2.36 22.24 -26.82
C VAL M 290 -2.65 21.59 -28.17
N LYS M 291 -1.61 21.15 -28.89
CA LYS M 291 -1.79 20.50 -30.19
C LYS M 291 -2.54 19.17 -30.19
N PRO M 292 -2.22 18.15 -29.36
CA PRO M 292 -2.75 16.80 -29.65
C PRO M 292 -4.25 16.62 -29.42
N SER M 293 -4.87 17.39 -28.51
CA SER M 293 -6.32 17.30 -28.36
C SER M 293 -7.03 17.86 -29.59
N LEU M 294 -6.51 18.96 -30.14
CA LEU M 294 -6.99 19.46 -31.42
C LEU M 294 -6.71 18.47 -32.56
N ASP M 295 -5.61 17.75 -32.48
CA ASP M 295 -5.29 16.75 -33.51
C ASP M 295 -6.20 15.54 -33.39
N GLU M 296 -6.73 15.26 -32.20
CA GLU M 296 -7.71 14.21 -32.05
C GLU M 296 -9.08 14.68 -32.55
N ALA M 297 -9.46 15.91 -32.21
CA ALA M 297 -10.81 16.40 -32.50
C ALA M 297 -10.87 17.10 -33.86
N PHE M 298 -11.05 16.28 -34.91
CA PHE M 298 -11.41 16.79 -36.23
C PHE M 298 -12.82 16.43 -36.66
N VAL M 299 -13.35 15.28 -36.20
CA VAL M 299 -14.66 14.81 -36.65
C VAL M 299 -15.76 15.74 -36.15
N VAL M 300 -15.61 16.24 -34.93
CA VAL M 300 -16.55 17.23 -34.39
C VAL M 300 -16.08 18.61 -34.79
N GLN M 301 -16.89 19.30 -35.60
CA GLN M 301 -16.61 20.68 -35.97
C GLN M 301 -17.85 21.55 -35.90
N GLU M 302 -18.96 21.05 -35.36
CA GLU M 302 -20.22 21.78 -35.26
C GLU M 302 -20.79 21.58 -33.87
N GLN M 303 -21.61 22.54 -33.44
CA GLN M 303 -22.08 22.58 -32.05
C GLN M 303 -23.07 21.45 -31.76
N ASN M 304 -24.00 21.18 -32.68
CA ASN M 304 -24.98 20.12 -32.45
C ASN M 304 -24.34 18.74 -32.54
N VAL M 305 -23.30 18.60 -33.38
CA VAL M 305 -22.54 17.36 -33.41
C VAL M 305 -21.79 17.16 -32.10
N ALA M 306 -21.29 18.24 -31.50
CA ALA M 306 -20.64 18.16 -30.20
C ALA M 306 -21.64 17.79 -29.10
N LEU M 307 -22.85 18.34 -29.17
CA LEU M 307 -23.88 18.00 -28.20
C LEU M 307 -24.33 16.55 -28.34
N ASN M 308 -24.40 16.05 -29.58
CA ASN M 308 -24.69 14.64 -29.79
C ASN M 308 -23.55 13.75 -29.29
N PHE M 309 -22.31 14.20 -29.45
CA PHE M 309 -21.16 13.46 -28.94
C PHE M 309 -21.17 13.40 -27.41
N ILE M 310 -21.60 14.49 -26.77
CA ILE M 310 -21.72 14.49 -25.31
C ILE M 310 -22.87 13.56 -24.87
N GLY M 311 -24.03 13.68 -25.53
CA GLY M 311 -25.20 12.94 -25.12
C GLY M 311 -25.17 11.47 -25.44
N ALA M 312 -24.34 11.05 -26.42
CA ALA M 312 -24.25 9.64 -26.75
C ALA M 312 -23.45 8.84 -25.74
N ARG M 313 -22.63 9.49 -24.92
CA ARG M 313 -21.81 8.83 -23.93
C ARG M 313 -22.33 8.99 -22.52
N GLY M 314 -23.41 9.75 -22.32
CA GLY M 314 -23.97 9.92 -21.00
C GLY M 314 -24.86 8.77 -20.59
N ALA M 315 -25.34 8.84 -19.35
CA ALA M 315 -26.28 7.85 -18.84
C ALA M 315 -27.64 8.04 -19.51
N ARG M 316 -28.35 6.91 -19.69
CA ARG M 316 -29.62 6.70 -20.41
C ARG M 316 -29.63 7.44 -21.75
N PRO M 317 -28.90 6.93 -22.75
CA PRO M 317 -28.79 7.64 -24.03
C PRO M 317 -30.10 7.64 -24.79
N GLY M 318 -30.43 8.80 -25.36
CA GLY M 318 -31.68 8.99 -26.08
C GLY M 318 -31.59 8.51 -27.51
N VAL M 319 -32.64 8.84 -28.26
CA VAL M 319 -32.76 8.46 -29.67
C VAL M 319 -32.97 9.73 -30.50
N THR M 320 -32.75 9.59 -31.82
CA THR M 320 -32.88 10.59 -32.90
C THR M 320 -32.28 11.97 -32.57
N LYS M 321 -31.25 11.98 -31.70
CA LYS M 321 -30.26 13.02 -31.48
C LYS M 321 -30.77 14.30 -30.83
N ASP M 322 -32.09 14.48 -30.74
CA ASP M 322 -32.62 15.74 -30.21
C ASP M 322 -32.75 15.70 -28.70
N LYS M 323 -33.23 14.57 -28.15
CA LYS M 323 -33.20 14.37 -26.71
C LYS M 323 -31.76 14.26 -26.20
N ARG M 324 -30.84 13.73 -27.02
CA ARG M 324 -29.44 13.72 -26.64
C ARG M 324 -28.85 15.12 -26.62
N ILE M 325 -29.23 15.97 -27.58
CA ILE M 325 -28.81 17.37 -27.58
C ILE M 325 -29.37 18.10 -26.35
N LYS M 326 -30.65 17.86 -26.03
CA LYS M 326 -31.27 18.47 -24.86
C LYS M 326 -30.63 18.00 -23.56
N TYR M 327 -30.30 16.71 -23.46
CA TYR M 327 -29.64 16.18 -22.28
C TYR M 327 -28.22 16.72 -22.14
N ALA M 328 -27.53 16.91 -23.28
CA ALA M 328 -26.20 17.52 -23.26
C ALA M 328 -26.27 18.97 -22.79
N LYS M 329 -27.29 19.70 -23.22
CA LYS M 329 -27.50 21.06 -22.73
C LYS M 329 -27.83 21.07 -21.25
N GLU M 330 -28.57 20.05 -20.78
CA GLU M 330 -28.87 19.92 -19.37
C GLU M 330 -27.62 19.65 -18.55
N ILE M 331 -26.71 18.84 -19.07
CA ILE M 331 -25.44 18.59 -18.38
C ILE M 331 -24.57 19.84 -18.38
N LEU M 332 -24.48 20.52 -19.53
CA LEU M 332 -23.61 21.69 -19.64
C LEU M 332 -24.17 22.91 -18.92
N GLN M 333 -25.47 22.94 -18.62
CA GLN M 333 -26.07 24.08 -17.94
C GLN M 333 -26.32 23.84 -16.46
N LYS M 334 -26.66 22.63 -16.05
CA LYS M 334 -27.01 22.34 -14.66
C LYS M 334 -25.97 21.54 -13.91
N GLU M 335 -25.06 20.86 -14.61
CA GLU M 335 -24.04 20.04 -13.95
C GLU M 335 -22.64 20.60 -14.06
N MET M 336 -22.25 21.12 -15.22
CA MET M 336 -20.92 21.70 -15.38
C MET M 336 -20.91 23.10 -14.78
N LEU M 337 -20.15 23.26 -13.69
CA LEU M 337 -19.89 24.50 -12.96
C LEU M 337 -21.16 25.26 -12.59
N PRO M 338 -21.94 24.79 -11.60
CA PRO M 338 -23.11 25.59 -11.15
C PRO M 338 -22.72 26.83 -10.37
N HIS M 339 -21.48 26.94 -9.90
CA HIS M 339 -21.08 28.10 -9.13
C HIS M 339 -20.90 29.34 -10.01
N VAL M 340 -20.62 29.16 -11.30
CA VAL M 340 -20.47 30.29 -12.19
C VAL M 340 -21.80 30.69 -12.82
N GLY M 341 -22.79 29.79 -12.84
CA GLY M 341 -24.09 30.11 -13.39
C GLY M 341 -24.88 28.91 -13.85
N VAL M 342 -26.18 28.90 -13.59
CA VAL M 342 -27.08 27.84 -14.03
C VAL M 342 -28.15 28.34 -14.99
N SER M 343 -28.26 29.65 -15.19
CA SER M 343 -29.29 30.22 -16.05
C SER M 343 -28.85 30.15 -17.51
N ASP M 344 -29.65 30.72 -18.40
CA ASP M 344 -29.32 30.73 -19.80
C ASP M 344 -28.26 31.79 -20.10
N PHE M 345 -27.59 31.61 -21.25
CA PHE M 345 -26.56 32.52 -21.76
C PHE M 345 -25.39 32.69 -20.79
N CYS M 346 -25.06 31.61 -20.08
CA CYS M 346 -23.92 31.59 -19.17
C CYS M 346 -22.73 30.83 -19.75
N GLU M 347 -22.77 30.52 -21.05
CA GLU M 347 -21.71 29.73 -21.67
C GLU M 347 -20.42 30.52 -21.86
N THR M 348 -20.49 31.85 -21.89
CA THR M 348 -19.28 32.65 -22.06
C THR M 348 -18.42 32.60 -20.80
N LYS M 349 -19.04 32.79 -19.62
CA LYS M 349 -18.30 32.72 -18.36
C LYS M 349 -17.84 31.29 -18.07
N LYS M 350 -18.66 30.30 -18.44
CA LYS M 350 -18.27 28.90 -18.28
C LYS M 350 -17.09 28.54 -19.18
N ALA M 351 -17.08 29.06 -20.41
CA ALA M 351 -15.96 28.84 -21.32
C ALA M 351 -14.71 29.56 -20.83
N TYR M 352 -14.86 30.76 -20.25
CA TYR M 352 -13.74 31.47 -19.67
C TYR M 352 -13.14 30.71 -18.50
N PHE M 353 -13.99 30.16 -17.63
CA PHE M 353 -13.51 29.40 -16.48
C PHE M 353 -12.87 28.08 -16.91
N LEU M 354 -13.45 27.43 -17.94
CA LEU M 354 -12.87 26.20 -18.46
C LEU M 354 -11.51 26.46 -19.11
N GLY M 355 -11.39 27.57 -19.85
CA GLY M 355 -10.10 27.94 -20.40
C GLY M 355 -9.07 28.30 -19.35
N TYR M 356 -9.50 28.96 -18.27
CA TYR M 356 -8.61 29.26 -17.16
C TYR M 356 -8.14 28.00 -16.46
N MET M 357 -9.03 27.02 -16.31
CA MET M 357 -8.66 25.79 -15.61
C MET M 357 -7.77 24.88 -16.47
N VAL M 358 -8.00 24.86 -17.79
CA VAL M 358 -7.07 24.17 -18.69
C VAL M 358 -5.73 24.90 -18.74
N HIS M 359 -5.76 26.23 -18.66
CA HIS M 359 -4.55 27.05 -18.57
C HIS M 359 -3.77 26.72 -17.30
N ARG M 360 -4.47 26.54 -16.18
CA ARG M 360 -3.84 26.15 -14.92
C ARG M 360 -3.22 24.76 -14.99
N LEU M 361 -3.93 23.81 -15.62
CA LEU M 361 -3.40 22.45 -15.75
C LEU M 361 -2.15 22.42 -16.62
N LEU M 362 -2.17 23.13 -17.74
CA LEU M 362 -0.99 23.16 -18.60
C LEU M 362 0.12 24.03 -18.04
N LEU M 363 -0.18 24.96 -17.13
CA LEU M 363 0.88 25.63 -16.39
C LEU M 363 1.52 24.69 -15.38
N ALA M 364 0.72 23.88 -14.70
CA ALA M 364 1.26 22.92 -13.75
C ALA M 364 1.93 21.74 -14.42
N SER M 365 1.70 21.54 -15.72
CA SER M 365 2.42 20.50 -16.45
C SER M 365 3.89 20.86 -16.64
N LEU M 366 4.22 22.14 -16.60
CA LEU M 366 5.58 22.61 -16.84
C LEU M 366 6.30 23.04 -15.57
N GLY M 367 5.60 23.11 -14.44
CA GLY M 367 6.23 23.56 -13.21
C GLY M 367 6.31 25.06 -13.04
N ARG M 368 5.67 25.84 -13.92
CA ARG M 368 5.62 27.29 -13.75
C ARG M 368 4.76 27.68 -12.55
N ARG M 369 3.77 26.86 -12.19
CA ARG M 369 3.03 27.02 -10.95
C ARG M 369 3.15 25.73 -10.15
N GLU M 370 3.25 25.87 -8.84
CA GLU M 370 3.43 24.73 -7.96
C GLU M 370 2.14 23.90 -7.87
N LEU M 371 2.31 22.60 -7.70
CA LEU M 371 1.17 21.70 -7.59
C LEU M 371 0.45 21.90 -6.26
N ASP M 372 -0.86 21.68 -6.27
CA ASP M 372 -1.66 21.84 -5.08
C ASP M 372 -1.42 20.70 -4.11
N ASP M 373 -1.57 21.00 -2.81
CA ASP M 373 -1.30 20.05 -1.75
C ASP M 373 -2.60 19.68 -1.03
N ARG M 374 -2.76 18.38 -0.75
CA ARG M 374 -3.99 17.91 -0.12
C ARG M 374 -4.07 18.31 1.34
N ASP M 375 -2.96 18.21 2.06
CA ASP M 375 -2.94 18.53 3.49
C ASP M 375 -2.65 20.01 3.75
N HIS M 376 -2.54 20.83 2.71
CA HIS M 376 -2.45 22.28 2.89
C HIS M 376 -3.77 22.80 3.43
N TYR M 377 -3.74 23.37 4.63
CA TYR M 377 -4.97 23.71 5.34
C TYR M 377 -5.66 24.95 4.78
N GLY M 378 -4.95 25.75 3.98
CA GLY M 378 -5.59 26.87 3.31
C GLY M 378 -6.63 26.48 2.29
N ASN M 379 -6.53 25.27 1.75
CA ASN M 379 -7.53 24.72 0.84
C ASN M 379 -8.62 23.95 1.57
N LYS M 380 -8.86 24.26 2.85
CA LYS M 380 -9.82 23.52 3.67
C LYS M 380 -10.79 24.49 4.34
N ARG M 381 -11.98 23.99 4.62
CA ARG M 381 -13.02 24.72 5.32
C ARG M 381 -13.55 23.87 6.46
N LEU M 382 -14.17 24.53 7.43
CA LEU M 382 -14.73 23.87 8.61
C LEU M 382 -16.24 24.02 8.61
N ASP M 383 -16.95 22.89 8.63
CA ASP M 383 -18.39 22.88 8.77
C ASP M 383 -18.73 22.89 10.25
N LEU M 384 -19.32 24.00 10.71
CA LEU M 384 -19.77 24.14 12.09
C LEU M 384 -21.24 23.71 12.17
N ALA M 385 -21.91 24.07 13.27
CA ALA M 385 -23.32 23.74 13.45
C ALA M 385 -24.21 24.43 12.43
N GLY M 386 -23.79 25.58 11.91
CA GLY M 386 -24.57 26.38 10.98
C GLY M 386 -24.91 25.70 9.67
N PRO M 387 -23.90 25.45 8.82
CA PRO M 387 -24.17 24.75 7.55
C PRO M 387 -24.67 23.32 7.71
N LEU M 388 -24.27 22.63 8.78
CA LEU M 388 -24.74 21.26 8.99
C LEU M 388 -26.22 21.22 9.36
N LEU M 389 -26.64 22.10 10.27
CA LEU M 389 -28.05 22.23 10.58
C LEU M 389 -28.85 22.80 9.42
N ALA M 390 -28.20 23.62 8.58
CA ALA M 390 -28.85 24.09 7.34
C ALA M 390 -29.10 22.93 6.38
N PHE M 391 -28.14 22.00 6.27
CA PHE M 391 -28.31 20.84 5.42
C PHE M 391 -29.41 19.91 5.94
N LEU M 392 -29.46 19.72 7.28
CA LEU M 392 -30.56 18.95 7.86
C LEU M 392 -31.90 19.66 7.65
N PHE M 393 -31.90 20.99 7.69
CA PHE M 393 -33.11 21.75 7.41
C PHE M 393 -33.55 21.58 5.96
N ARG M 394 -32.58 21.52 5.02
CA ARG M 394 -32.89 21.24 3.62
C ARG M 394 -33.54 19.87 3.46
N GLY M 395 -32.95 18.84 4.09
CA GLY M 395 -33.49 17.50 3.98
C GLY M 395 -34.86 17.35 4.62
N LEU M 396 -35.04 17.91 5.82
CA LEU M 396 -36.33 17.81 6.50
C LEU M 396 -37.38 18.69 5.85
N PHE M 397 -36.98 19.82 5.26
CA PHE M 397 -37.93 20.65 4.51
C PHE M 397 -38.37 19.96 3.23
N LYS M 398 -37.45 19.27 2.55
CA LYS M 398 -37.82 18.50 1.37
C LYS M 398 -38.76 17.35 1.73
N ASN M 399 -38.49 16.67 2.85
CA ASN M 399 -39.38 15.60 3.32
C ASN M 399 -40.76 16.15 3.71
N LEU M 400 -40.79 17.32 4.36
CA LEU M 400 -42.05 17.93 4.74
C LEU M 400 -42.86 18.37 3.52
N MET M 401 -42.19 18.93 2.50
CA MET M 401 -42.88 19.30 1.27
C MET M 401 -43.37 18.08 0.52
N LYS M 402 -42.61 16.99 0.55
CA LYS M 402 -43.07 15.74 -0.07
C LYS M 402 -44.30 15.18 0.64
N GLU M 403 -44.32 15.22 1.98
CA GLU M 403 -45.47 14.73 2.73
C GLU M 403 -46.69 15.62 2.52
N VAL M 404 -46.49 16.95 2.47
CA VAL M 404 -47.58 17.89 2.22
C VAL M 404 -48.14 17.69 0.80
N ARG M 405 -47.26 17.48 -0.18
CA ARG M 405 -47.68 17.21 -1.55
C ARG M 405 -48.45 15.90 -1.66
N MET M 406 -48.00 14.88 -0.93
CA MET M 406 -48.71 13.60 -0.89
C MET M 406 -50.10 13.76 -0.27
N TYR M 407 -50.20 14.52 0.82
CA TYR M 407 -51.48 14.73 1.50
C TYR M 407 -52.46 15.48 0.61
N THR M 408 -52.01 16.56 -0.02
CA THR M 408 -52.91 17.32 -0.88
C THR M 408 -53.17 16.62 -2.20
N GLN M 409 -52.30 15.71 -2.64
CA GLN M 409 -52.57 14.94 -3.85
C GLN M 409 -53.59 13.84 -3.58
N LYS M 410 -53.52 13.22 -2.41
CA LYS M 410 -54.53 12.22 -2.07
C LYS M 410 -55.84 12.86 -1.61
N PHE M 411 -55.84 14.16 -1.29
CA PHE M 411 -57.08 14.86 -1.02
C PHE M 411 -57.47 15.87 -2.11
N ILE M 412 -56.86 15.80 -3.28
CA ILE M 412 -57.29 16.63 -4.41
C ILE M 412 -58.00 15.80 -5.49
N ASP M 413 -57.79 14.49 -5.54
CA ASP M 413 -58.38 13.67 -6.59
C ASP M 413 -59.86 13.39 -6.38
N ARG M 414 -60.35 13.59 -5.16
CA ARG M 414 -61.77 13.37 -4.86
C ARG M 414 -62.61 14.62 -5.06
N GLY M 415 -62.00 15.73 -5.47
CA GLY M 415 -62.73 16.96 -5.71
C GLY M 415 -62.97 17.82 -4.50
N LYS M 416 -62.55 17.39 -3.31
CA LYS M 416 -62.76 18.15 -2.09
C LYS M 416 -61.54 19.00 -1.77
N ASP M 417 -61.70 19.90 -0.81
CA ASP M 417 -60.64 20.79 -0.38
C ASP M 417 -59.81 20.11 0.71
N PHE M 418 -58.96 20.88 1.37
CA PHE M 418 -58.07 20.33 2.40
C PHE M 418 -57.81 21.40 3.45
N ASN M 419 -57.36 20.94 4.62
CA ASN M 419 -57.00 21.81 5.73
C ASN M 419 -55.50 21.96 5.79
N LEU M 420 -55.03 23.21 5.89
CA LEU M 420 -53.59 23.46 5.91
C LEU M 420 -52.96 23.03 7.22
N GLU M 421 -53.70 23.13 8.33
CA GLU M 421 -53.18 22.65 9.61
C GLU M 421 -53.09 21.14 9.65
N LEU M 422 -54.04 20.45 9.01
CA LEU M 422 -53.97 18.99 8.91
C LEU M 422 -53.00 18.52 7.83
N ALA M 423 -52.59 19.42 6.93
CA ALA M 423 -51.69 19.02 5.85
C ALA M 423 -50.25 18.85 6.34
N ILE M 424 -49.82 19.69 7.28
CA ILE M 424 -48.43 19.71 7.73
C ILE M 424 -48.29 18.77 8.93
N LYS M 425 -47.42 17.78 8.79
CA LYS M 425 -47.06 16.89 9.90
C LYS M 425 -45.87 17.52 10.62
N THR M 426 -46.13 18.08 11.81
CA THR M 426 -45.11 18.83 12.53
C THR M 426 -44.06 17.95 13.20
N ASN M 427 -44.30 16.65 13.29
CA ASN M 427 -43.36 15.75 13.95
C ASN M 427 -42.14 15.42 13.10
N ILE M 428 -42.15 15.75 11.81
CA ILE M 428 -41.11 15.29 10.89
C ILE M 428 -39.80 16.02 11.17
N ILE M 429 -39.84 17.35 11.14
CA ILE M 429 -38.62 18.16 11.33
C ILE M 429 -38.08 18.02 12.74
N THR M 430 -38.97 18.06 13.73
CA THR M 430 -38.57 17.92 15.13
C THR M 430 -37.99 16.55 15.41
N ASP M 431 -38.63 15.49 14.88
CA ASP M 431 -38.14 14.13 15.08
C ASP M 431 -36.80 13.90 14.37
N GLY M 432 -36.65 14.43 13.15
CA GLY M 432 -35.39 14.28 12.44
C GLY M 432 -34.24 15.01 13.10
N LEU M 433 -34.48 16.26 13.54
CA LEU M 433 -33.45 17.01 14.25
C LEU M 433 -33.09 16.37 15.59
N ARG M 434 -34.10 15.86 16.31
CA ARG M 434 -33.86 15.19 17.58
C ARG M 434 -33.07 13.90 17.39
N TYR M 435 -33.38 13.13 16.35
CA TYR M 435 -32.64 11.90 16.08
C TYR M 435 -31.22 12.19 15.65
N SER M 436 -31.02 13.18 14.76
CA SER M 436 -29.69 13.50 14.27
C SER M 436 -28.83 14.19 15.32
N LEU M 437 -29.44 14.79 16.35
CA LEU M 437 -28.68 15.41 17.42
C LEU M 437 -28.46 14.48 18.61
N ALA M 438 -29.32 13.47 18.78
CA ALA M 438 -29.14 12.56 19.91
C ALA M 438 -28.30 11.34 19.52
N THR M 439 -28.63 10.70 18.39
CA THR M 439 -27.87 9.53 17.97
C THR M 439 -26.50 9.91 17.41
N GLY M 440 -26.44 10.99 16.64
CA GLY M 440 -25.22 11.41 16.01
C GLY M 440 -25.13 11.10 14.52
N ASN M 441 -26.02 10.26 14.01
CA ASN M 441 -26.06 9.99 12.58
C ASN M 441 -26.63 11.20 11.86
N TRP M 442 -25.86 11.75 10.91
CA TRP M 442 -26.19 13.01 10.27
C TRP M 442 -26.89 12.73 8.95
N GLY M 443 -28.17 12.38 9.04
CA GLY M 443 -28.94 12.07 7.86
C GLY M 443 -30.27 11.44 8.24
N ASP M 444 -30.83 10.69 7.29
CA ASP M 444 -32.11 10.03 7.49
C ASP M 444 -31.96 8.84 8.44
N GLN M 445 -33.06 8.51 9.12
CA GLN M 445 -33.04 7.39 10.06
C GLN M 445 -32.97 6.05 9.33
N LYS M 446 -33.70 5.92 8.22
CA LYS M 446 -33.69 4.68 7.46
C LYS M 446 -32.38 4.49 6.72
N LYS M 447 -31.74 5.58 6.29
CA LYS M 447 -30.51 5.55 5.53
C LYS M 447 -29.34 6.10 6.33
N ALA M 448 -29.27 5.75 7.62
CA ALA M 448 -28.21 6.21 8.50
C ALA M 448 -26.89 5.50 8.25
N HIS M 449 -26.88 4.42 7.47
CA HIS M 449 -25.63 3.73 7.15
C HIS M 449 -24.76 4.57 6.22
N GLN M 450 -25.37 5.41 5.38
CA GLN M 450 -24.62 6.32 4.52
C GLN M 450 -24.32 7.65 5.20
N ALA M 451 -24.78 7.84 6.44
CA ALA M 451 -24.57 9.09 7.15
C ALA M 451 -23.33 9.01 8.04
N ARG M 452 -22.74 10.17 8.30
CA ARG M 452 -21.57 10.24 9.16
C ARG M 452 -21.96 10.06 10.63
N ALA M 453 -21.08 9.40 11.38
CA ALA M 453 -21.29 9.16 12.80
C ALA M 453 -20.27 9.93 13.62
N GLY M 454 -20.71 10.48 14.74
CA GLY M 454 -19.86 11.24 15.61
C GLY M 454 -19.90 12.74 15.43
N VAL M 455 -20.85 13.26 14.65
CA VAL M 455 -21.01 14.70 14.53
C VAL M 455 -21.54 15.30 15.83
N SER M 456 -22.54 14.64 16.42
CA SER M 456 -23.08 15.04 17.71
C SER M 456 -22.53 14.11 18.78
N GLN M 457 -21.91 14.69 19.80
CA GLN M 457 -21.29 13.92 20.86
C GLN M 457 -21.80 14.37 22.22
N VAL M 458 -21.74 13.47 23.19
CA VAL M 458 -22.08 13.82 24.56
C VAL M 458 -21.00 14.72 25.13
N LEU M 459 -21.41 15.84 25.71
CA LEU M 459 -20.46 16.83 26.21
C LEU M 459 -19.73 16.30 27.44
N ASN M 460 -18.40 16.43 27.43
CA ASN M 460 -17.57 15.88 28.50
C ASN M 460 -17.59 16.85 29.69
N ARG M 461 -18.42 16.54 30.67
CA ARG M 461 -18.52 17.34 31.89
C ARG M 461 -17.69 16.68 32.98
N LEU M 462 -16.37 16.82 32.86
CA LEU M 462 -15.44 16.37 33.88
C LEU M 462 -14.67 17.51 34.52
N THR M 463 -14.14 18.43 33.72
CA THR M 463 -13.60 19.70 34.19
C THR M 463 -14.10 20.81 33.28
N PHE M 464 -13.77 22.06 33.66
CA PHE M 464 -14.06 23.20 32.80
C PHE M 464 -13.17 23.17 31.56
N ALA M 465 -11.92 22.77 31.73
CA ALA M 465 -10.98 22.71 30.60
C ALA M 465 -11.36 21.62 29.61
N SER M 466 -11.87 20.48 30.11
CA SER M 466 -12.35 19.43 29.22
C SER M 466 -13.57 19.87 28.44
N THR M 467 -14.47 20.61 29.07
CA THR M 467 -15.63 21.17 28.37
C THR M 467 -15.21 22.19 27.32
N LEU M 468 -14.23 23.04 27.64
CA LEU M 468 -13.75 24.02 26.67
C LEU M 468 -13.00 23.36 25.51
N SER M 469 -12.30 22.25 25.78
CA SER M 469 -11.64 21.52 24.71
C SER M 469 -12.65 20.79 23.83
N HIS M 470 -13.72 20.27 24.43
CA HIS M 470 -14.74 19.59 23.63
C HIS M 470 -15.59 20.58 22.84
N LEU M 471 -15.74 21.81 23.33
CA LEU M 471 -16.45 22.83 22.59
C LEU M 471 -15.63 23.43 21.45
N ARG M 472 -14.33 23.16 21.41
CA ARG M 472 -13.47 23.70 20.36
C ARG M 472 -12.74 22.58 19.64
N ARG M 473 -13.47 21.52 19.28
CA ARG M 473 -12.91 20.33 18.68
C ARG M 473 -13.17 20.32 17.18
N VAL M 474 -12.16 19.91 16.41
CA VAL M 474 -12.24 19.80 14.96
C VAL M 474 -11.91 18.36 14.57
N ASN M 475 -12.80 17.74 13.79
CA ASN M 475 -12.69 16.35 13.40
C ASN M 475 -12.43 16.24 11.91
N SER M 476 -11.41 15.46 11.53
CA SER M 476 -11.10 15.18 10.15
C SER M 476 -12.04 14.11 9.60
N PRO M 477 -12.48 14.22 8.34
CA PRO M 477 -13.38 13.21 7.77
C PRO M 477 -12.70 11.92 7.36
N ILE M 478 -11.37 11.86 7.41
CA ILE M 478 -10.66 10.63 7.06
C ILE M 478 -10.87 9.60 8.16
N GLY M 479 -11.17 8.36 7.76
CA GLY M 479 -11.38 7.30 8.72
C GLY M 479 -10.10 6.90 9.43
N ARG M 480 -10.27 6.28 10.59
CA ARG M 480 -9.15 5.94 11.47
C ARG M 480 -8.62 4.54 11.20
N ASP M 481 -8.39 4.24 9.91
CA ASP M 481 -7.79 2.96 9.52
C ASP M 481 -6.77 3.13 8.41
N GLY M 482 -6.48 4.36 7.98
CA GLY M 482 -5.59 4.58 6.85
C GLY M 482 -4.14 4.42 7.25
N LYS M 483 -3.37 3.72 6.40
CA LYS M 483 -1.93 3.58 6.63
C LYS M 483 -1.15 4.78 6.14
N LEU M 484 -1.76 5.65 5.35
CA LEU M 484 -1.08 6.85 4.86
C LEU M 484 -0.88 7.85 5.99
N ALA M 485 0.34 8.35 6.11
CA ALA M 485 0.69 9.27 7.19
C ALA M 485 0.52 10.73 6.81
N LYS M 486 0.35 11.03 5.51
CA LYS M 486 0.28 12.42 5.07
C LYS M 486 -0.89 13.25 5.61
N PRO M 487 -2.14 12.75 5.68
CA PRO M 487 -3.17 13.54 6.39
C PRO M 487 -2.93 13.63 7.90
N ARG M 488 -2.22 12.67 8.49
CA ARG M 488 -1.96 12.70 9.92
C ARG M 488 -0.82 13.63 10.31
N GLN M 489 -0.01 14.08 9.35
CA GLN M 489 1.07 14.99 9.66
C GLN M 489 0.53 16.37 10.00
N LEU M 490 1.06 16.97 11.06
CA LEU M 490 0.69 18.32 11.44
C LEU M 490 1.32 19.30 10.45
N HIS M 491 0.49 20.05 9.74
CA HIS M 491 0.97 20.85 8.63
C HIS M 491 1.62 22.14 9.12
N ASN M 492 2.43 22.74 8.25
CA ASN M 492 3.09 24.00 8.55
C ASN M 492 2.13 25.18 8.50
N THR M 493 0.98 25.01 7.85
CA THR M 493 0.00 26.09 7.73
C THR M 493 -0.92 26.21 8.93
N LEU M 494 -0.73 25.38 9.96
CA LEU M 494 -1.54 25.42 11.17
C LEU M 494 -0.94 26.28 12.26
N TRP M 495 -0.18 27.30 11.89
CA TRP M 495 0.39 28.25 12.85
C TRP M 495 -0.71 29.21 13.28
N GLY M 496 -1.17 29.08 14.53
CA GLY M 496 -2.18 29.98 15.06
C GLY M 496 -3.60 29.65 14.63
N MET M 497 -3.80 28.60 13.85
CA MET M 497 -5.13 28.18 13.43
C MET M 497 -5.67 27.09 14.35
N LEU M 498 -4.89 26.02 14.50
CA LEU M 498 -5.24 24.89 15.35
C LEU M 498 -4.12 24.66 16.34
N CYS M 499 -4.44 23.97 17.44
CA CYS M 499 -3.44 23.73 18.47
C CYS M 499 -2.45 22.67 18.00
N PRO M 500 -1.15 22.92 18.08
CA PRO M 500 -0.17 21.95 17.56
C PRO M 500 0.07 20.76 18.48
N ALA M 501 -0.16 20.89 19.78
CA ALA M 501 0.20 19.85 20.74
C ALA M 501 -1.03 19.31 21.48
N GLU M 502 -2.16 19.15 20.78
CA GLU M 502 -3.37 18.60 21.37
C GLU M 502 -4.02 17.66 20.36
N THR M 503 -3.63 16.38 20.40
CA THR M 503 -4.27 15.32 19.63
C THR M 503 -4.47 14.12 20.54
N PRO M 504 -5.57 13.39 20.38
CA PRO M 504 -5.75 12.15 21.14
C PRO M 504 -4.78 11.07 20.69
N GLU M 505 -4.49 10.15 21.60
CA GLU M 505 -3.56 9.06 21.32
C GLU M 505 -4.31 7.86 20.77
N GLY M 506 -3.57 7.01 20.05
CA GLY M 506 -4.15 5.85 19.42
C GLY M 506 -4.18 5.95 17.92
N ALA M 507 -5.22 5.41 17.29
CA ALA M 507 -5.35 5.46 15.84
C ALA M 507 -5.94 6.77 15.34
N ALA M 508 -6.38 7.65 16.23
CA ALA M 508 -7.01 8.91 15.86
C ALA M 508 -6.06 10.10 16.01
N VAL M 509 -4.76 9.85 16.07
CA VAL M 509 -3.79 10.93 16.21
C VAL M 509 -3.62 11.64 14.87
N GLY M 510 -3.54 12.97 14.91
CA GLY M 510 -3.40 13.77 13.72
C GLY M 510 -4.69 14.09 13.01
N LEU M 511 -5.83 13.56 13.46
CA LEU M 511 -7.12 13.82 12.85
C LEU M 511 -8.01 14.69 13.74
N VAL M 512 -8.18 14.29 15.01
CA VAL M 512 -8.92 15.10 15.97
C VAL M 512 -7.97 16.16 16.53
N LYS M 513 -8.39 17.43 16.46
CA LYS M 513 -7.54 18.54 16.88
C LYS M 513 -8.39 19.56 17.61
N ASN M 514 -7.72 20.56 18.19
CA ASN M 514 -8.39 21.60 18.96
C ASN M 514 -7.98 22.97 18.43
N LEU M 515 -8.91 23.91 18.52
CA LEU M 515 -8.71 25.25 17.98
C LEU M 515 -7.71 26.05 18.80
N ALA M 516 -7.09 27.02 18.13
CA ALA M 516 -6.16 27.92 18.80
C ALA M 516 -6.92 28.94 19.64
N LEU M 517 -6.19 29.60 20.53
CA LEU M 517 -6.82 30.53 21.46
C LEU M 517 -7.23 31.84 20.78
N MET M 518 -6.56 32.21 19.70
CA MET M 518 -6.84 33.47 19.00
C MET M 518 -7.65 33.24 17.73
N ALA M 519 -7.78 32.01 17.27
CA ALA M 519 -8.42 31.72 15.99
C ALA M 519 -9.92 31.96 16.03
N TYR M 520 -10.46 32.41 14.90
CA TYR M 520 -11.86 32.78 14.76
C TYR M 520 -12.40 32.24 13.45
N ILE M 521 -13.54 31.57 13.51
CA ILE M 521 -14.15 30.96 12.33
C ILE M 521 -14.96 32.01 11.59
N SER M 522 -14.83 32.03 10.27
CA SER M 522 -15.63 32.94 9.45
C SER M 522 -17.09 32.52 9.46
N VAL M 523 -17.97 33.47 9.78
CA VAL M 523 -19.40 33.20 9.80
C VAL M 523 -19.93 33.02 8.39
N GLY M 524 -19.51 33.88 7.47
CA GLY M 524 -20.01 33.88 6.11
C GLY M 524 -20.77 35.17 5.83
N SER M 525 -20.58 35.70 4.62
CA SER M 525 -21.21 36.95 4.25
C SER M 525 -21.52 36.94 2.76
N GLN M 526 -22.45 37.81 2.36
CA GLN M 526 -22.82 37.90 0.96
C GLN M 526 -21.72 38.59 0.17
N PRO M 527 -21.35 38.06 -1.00
CA PRO M 527 -20.27 38.68 -1.79
C PRO M 527 -20.77 39.76 -2.74
N SER M 528 -22.01 40.23 -2.52
CA SER M 528 -22.59 41.23 -3.43
C SER M 528 -21.89 42.59 -3.38
N PRO M 529 -21.85 43.33 -2.24
CA PRO M 529 -21.42 44.74 -2.34
C PRO M 529 -19.95 44.92 -2.66
N ILE M 530 -19.11 43.92 -2.40
CA ILE M 530 -17.74 43.91 -2.90
C ILE M 530 -17.74 43.87 -4.43
N LEU M 531 -18.65 43.08 -5.00
CA LEU M 531 -18.75 42.99 -6.46
C LEU M 531 -19.26 44.28 -7.07
N GLU M 532 -20.28 44.92 -6.45
CA GLU M 532 -20.74 46.21 -6.97
C GLU M 532 -19.69 47.30 -6.83
N PHE M 533 -18.95 47.31 -5.71
CA PHE M 533 -17.87 48.29 -5.53
C PHE M 533 -16.76 48.07 -6.55
N LEU M 534 -16.46 46.80 -6.85
CA LEU M 534 -15.45 46.48 -7.86
C LEU M 534 -15.89 46.95 -9.24
N GLU M 535 -17.13 46.66 -9.63
CA GLU M 535 -17.56 47.02 -10.97
C GLU M 535 -17.82 48.52 -11.12
N GLU M 536 -18.02 49.25 -10.01
CA GLU M 536 -18.11 50.70 -10.14
C GLU M 536 -16.78 51.39 -10.03
N TRP M 537 -15.75 50.75 -9.46
CA TRP M 537 -14.50 51.46 -9.23
C TRP M 537 -13.68 51.59 -10.52
N SER M 538 -13.11 50.49 -10.99
CA SER M 538 -12.39 50.51 -12.27
C SER M 538 -12.44 49.19 -13.04
N MET M 539 -13.14 48.18 -12.57
CA MET M 539 -12.91 46.81 -13.03
C MET M 539 -13.69 46.55 -14.32
N GLU M 540 -13.10 45.75 -15.21
CA GLU M 540 -13.66 45.46 -16.52
C GLU M 540 -14.16 44.03 -16.57
N ASN M 541 -15.46 43.88 -16.83
CA ASN M 541 -16.11 42.57 -16.76
C ASN M 541 -15.67 41.67 -17.91
N LEU M 542 -15.88 40.37 -17.72
CA LEU M 542 -15.42 39.36 -18.68
C LEU M 542 -16.23 39.39 -19.97
N GLU M 543 -17.51 39.74 -19.90
CA GLU M 543 -18.37 39.70 -21.07
C GLU M 543 -18.27 40.95 -21.93
N GLU M 544 -17.46 41.94 -21.52
CA GLU M 544 -17.31 43.18 -22.27
C GLU M 544 -15.87 43.43 -22.70
N ILE M 545 -15.04 42.40 -22.73
CA ILE M 545 -13.64 42.52 -23.09
C ILE M 545 -13.29 41.51 -24.17
N ALA M 546 -12.23 41.81 -24.92
CA ALA M 546 -11.69 40.88 -25.88
C ALA M 546 -10.91 39.78 -25.16
N PRO M 547 -10.91 38.56 -25.71
CA PRO M 547 -10.15 37.47 -25.08
C PRO M 547 -8.63 37.60 -25.23
N SER M 548 -8.14 38.49 -26.09
CA SER M 548 -6.72 38.66 -26.32
C SER M 548 -6.08 39.70 -25.40
N ALA M 549 -6.85 40.32 -24.50
CA ALA M 549 -6.34 41.35 -23.62
C ALA M 549 -6.32 40.90 -22.16
N ILE M 550 -6.17 39.59 -21.93
CA ILE M 550 -6.23 39.03 -20.58
C ILE M 550 -4.83 38.79 -20.00
N ALA M 551 -3.83 38.53 -20.85
CA ALA M 551 -2.51 38.11 -20.37
C ALA M 551 -1.78 39.22 -19.62
N ASP M 552 -1.97 40.47 -20.01
CA ASP M 552 -1.31 41.58 -19.33
C ASP M 552 -1.96 41.95 -18.02
N ALA M 553 -3.27 41.78 -17.89
CA ALA M 553 -4.01 42.24 -16.73
C ALA M 553 -4.00 41.17 -15.63
N THR M 554 -4.67 41.49 -14.52
CA THR M 554 -4.75 40.62 -13.35
C THR M 554 -6.19 40.20 -13.15
N LYS M 555 -6.41 38.89 -13.08
CA LYS M 555 -7.77 38.36 -12.92
C LYS M 555 -8.27 38.58 -11.49
N ILE M 556 -9.60 38.65 -11.36
CA ILE M 556 -10.26 38.79 -10.07
C ILE M 556 -11.19 37.60 -9.87
N PHE M 557 -11.01 36.88 -8.77
CA PHE M 557 -11.84 35.74 -8.41
C PHE M 557 -12.57 36.05 -7.11
N VAL M 558 -13.89 35.93 -7.15
CA VAL M 558 -14.73 36.16 -5.97
C VAL M 558 -15.42 34.85 -5.64
N ASN M 559 -15.04 34.25 -4.50
CA ASN M 559 -15.51 32.94 -4.03
C ASN M 559 -15.31 31.84 -5.08
N GLY M 560 -14.16 31.88 -5.74
CA GLY M 560 -13.85 30.91 -6.78
C GLY M 560 -14.53 31.15 -8.11
N CYS M 561 -15.14 32.31 -8.31
CA CYS M 561 -15.81 32.64 -9.56
C CYS M 561 -15.03 33.75 -10.26
N TRP M 562 -14.63 33.50 -11.51
CA TRP M 562 -13.95 34.52 -12.29
C TRP M 562 -14.94 35.58 -12.73
N VAL M 563 -14.63 36.84 -12.46
CA VAL M 563 -15.52 37.95 -12.73
C VAL M 563 -14.96 38.86 -13.83
N GLY M 564 -13.68 39.20 -13.75
CA GLY M 564 -13.09 40.05 -14.76
C GLY M 564 -11.62 40.27 -14.50
N ILE M 565 -11.07 41.31 -15.15
CA ILE M 565 -9.65 41.63 -15.08
C ILE M 565 -9.48 43.10 -14.73
N HIS M 566 -8.33 43.42 -14.16
CA HIS M 566 -7.96 44.79 -13.83
C HIS M 566 -6.46 44.96 -14.00
N ARG M 567 -6.05 46.13 -14.50
CA ARG M 567 -4.68 46.36 -14.92
C ARG M 567 -3.82 47.07 -13.88
N ASP M 568 -4.37 47.40 -12.71
CA ASP M 568 -3.61 48.01 -11.63
C ASP M 568 -3.92 47.25 -10.34
N PRO M 569 -3.29 46.08 -10.14
CA PRO M 569 -3.65 45.25 -8.99
C PRO M 569 -3.13 45.77 -7.66
N GLU M 570 -2.01 46.50 -7.68
CA GLU M 570 -1.42 46.99 -6.44
C GLU M 570 -2.26 48.11 -5.82
N GLN M 571 -2.67 49.08 -6.65
CA GLN M 571 -3.51 50.17 -6.16
C GLN M 571 -4.89 49.67 -5.76
N LEU M 572 -5.42 48.69 -6.52
CA LEU M 572 -6.71 48.09 -6.17
C LEU M 572 -6.62 47.32 -4.85
N MET M 573 -5.51 46.60 -4.62
CA MET M 573 -5.36 45.86 -3.37
C MET M 573 -5.15 46.80 -2.19
N ALA M 574 -4.46 47.92 -2.41
CA ALA M 574 -4.32 48.93 -1.37
C ALA M 574 -5.67 49.57 -1.03
N THR M 575 -6.48 49.84 -2.05
CA THR M 575 -7.83 50.37 -1.83
C THR M 575 -8.71 49.36 -1.10
N LEU M 576 -8.59 48.07 -1.44
CA LEU M 576 -9.34 47.03 -0.76
C LEU M 576 -8.92 46.89 0.70
N ARG M 577 -7.61 47.01 0.97
CA ARG M 577 -7.13 46.98 2.35
C ARG M 577 -7.62 48.19 3.14
N LYS M 578 -7.64 49.36 2.51
CA LYS M 578 -8.17 50.56 3.17
C LYS M 578 -9.66 50.43 3.46
N LEU M 579 -10.44 49.89 2.51
CA LEU M 579 -11.87 49.72 2.72
C LEU M 579 -12.19 48.63 3.72
N ARG M 580 -11.31 47.62 3.86
CA ARG M 580 -11.53 46.62 4.88
C ARG M 580 -11.13 47.14 6.26
N ARG M 581 -10.10 47.98 6.33
CA ARG M 581 -9.67 48.52 7.62
C ARG M 581 -10.60 49.61 8.12
N GLN M 582 -11.21 50.39 7.22
CA GLN M 582 -12.08 51.49 7.62
C GLN M 582 -13.50 51.05 7.93
N MET M 583 -13.82 49.76 7.75
CA MET M 583 -15.11 49.15 8.12
C MET M 583 -16.29 49.81 7.40
N ASP M 584 -16.08 50.18 6.13
CA ASP M 584 -17.07 50.92 5.38
C ASP M 584 -18.00 50.01 4.59
N ILE M 585 -17.43 49.21 3.68
CA ILE M 585 -18.19 48.29 2.84
C ILE M 585 -17.81 46.85 3.10
N ILE M 586 -16.54 46.52 2.94
CA ILE M 586 -16.05 45.16 3.11
C ILE M 586 -15.81 44.91 4.59
N VAL M 587 -16.36 43.81 5.11
CA VAL M 587 -16.10 43.44 6.48
C VAL M 587 -14.70 42.85 6.61
N SER M 588 -14.22 42.77 7.85
CA SER M 588 -12.90 42.20 8.13
C SER M 588 -12.86 40.69 7.96
N GLU M 589 -14.02 40.04 7.87
CA GLU M 589 -14.08 38.59 7.68
C GLU M 589 -13.65 38.16 6.29
N VAL M 590 -13.71 39.05 5.31
CA VAL M 590 -13.45 38.69 3.91
C VAL M 590 -11.96 38.52 3.70
N SER M 591 -11.56 37.36 3.19
CA SER M 591 -10.17 37.09 2.87
C SER M 591 -9.88 37.47 1.42
N MET M 592 -8.65 37.94 1.18
CA MET M 592 -8.26 38.37 -0.15
C MET M 592 -6.76 38.18 -0.37
N ILE M 593 -6.42 37.62 -1.54
CA ILE M 593 -5.06 37.23 -1.90
C ILE M 593 -4.69 37.93 -3.19
N ARG M 594 -3.49 38.51 -3.24
CA ARG M 594 -2.91 39.04 -4.47
C ARG M 594 -1.76 38.13 -4.89
N ASP M 595 -2.05 37.18 -5.78
CA ASP M 595 -1.02 36.33 -6.35
C ASP M 595 -0.23 37.16 -7.36
N ILE M 596 0.90 37.70 -6.90
CA ILE M 596 1.71 38.60 -7.71
C ILE M 596 2.42 37.83 -8.83
N ARG M 597 2.95 36.65 -8.50
CA ARG M 597 3.70 35.87 -9.47
C ARG M 597 2.80 35.20 -10.51
N ASP M 598 1.51 35.11 -10.25
CA ASP M 598 0.57 34.50 -11.19
C ASP M 598 -0.50 35.48 -11.68
N ARG M 599 -0.44 36.74 -11.22
CA ARG M 599 -1.34 37.83 -11.63
C ARG M 599 -2.81 37.49 -11.36
N GLU M 600 -3.10 37.18 -10.09
CA GLU M 600 -4.44 36.79 -9.69
C GLU M 600 -4.88 37.58 -8.47
N ILE M 601 -6.19 37.80 -8.36
CA ILE M 601 -6.80 38.36 -7.16
C ILE M 601 -7.92 37.42 -6.74
N ARG M 602 -7.83 36.89 -5.53
CA ARG M 602 -8.81 35.93 -5.02
C ARG M 602 -9.52 36.53 -3.82
N ILE M 603 -10.86 36.57 -3.88
CA ILE M 603 -11.69 37.10 -2.81
C ILE M 603 -12.56 35.97 -2.29
N TYR M 604 -12.46 35.68 -0.99
CA TYR M 604 -13.22 34.62 -0.35
C TYR M 604 -14.08 35.24 0.75
N THR M 605 -15.40 35.07 0.62
CA THR M 605 -16.35 35.54 1.63
C THR M 605 -17.13 34.38 2.26
N ASP M 606 -16.86 33.15 1.86
CA ASP M 606 -17.64 32.01 2.28
C ASP M 606 -17.31 31.60 3.72
N ALA M 607 -18.20 30.79 4.29
CA ALA M 607 -18.01 30.25 5.63
C ALA M 607 -16.97 29.14 5.60
N GLY M 608 -16.53 28.74 6.79
CA GLY M 608 -15.54 27.69 6.94
C GLY M 608 -14.10 28.19 7.04
N ARG M 609 -13.85 29.44 6.69
CA ARG M 609 -12.51 29.99 6.82
C ARG M 609 -12.19 30.29 8.28
N ILE M 610 -10.90 30.26 8.60
CA ILE M 610 -10.41 30.50 9.95
C ILE M 610 -9.33 31.57 9.89
N CYS M 611 -9.40 32.54 10.80
CA CYS M 611 -8.54 33.72 10.75
C CYS M 611 -7.93 33.97 12.13
N ARG M 612 -6.84 34.71 12.13
CA ARG M 612 -6.22 35.23 13.33
C ARG M 612 -6.20 36.75 13.27
N PRO M 613 -6.64 37.44 14.31
CA PRO M 613 -6.49 38.90 14.35
C PRO M 613 -5.04 39.27 14.65
N LEU M 614 -4.48 40.12 13.80
CA LEU M 614 -3.08 40.50 13.89
C LEU M 614 -2.93 42.00 13.76
N LEU M 615 -1.84 42.52 14.31
CA LEU M 615 -1.54 43.94 14.24
C LEU M 615 -1.07 44.31 12.84
N ILE M 616 -1.08 45.61 12.56
CA ILE M 616 -0.77 46.15 11.24
C ILE M 616 0.50 46.97 11.33
N VAL M 617 1.46 46.69 10.46
CA VAL M 617 2.78 47.32 10.48
C VAL M 617 3.01 48.00 9.14
N GLU M 618 3.29 49.30 9.18
CA GLU M 618 3.76 50.05 8.02
C GLU M 618 4.98 50.87 8.40
N ASN M 619 5.92 50.98 7.45
CA ASN M 619 7.17 51.73 7.58
C ASN M 619 8.01 51.28 8.78
N GLY M 620 7.96 49.99 9.09
CA GLY M 620 8.72 49.47 10.22
C GLY M 620 8.20 49.88 11.58
N SER M 621 6.93 50.27 11.68
CA SER M 621 6.36 50.71 12.94
C SER M 621 4.96 50.14 13.10
N LEU M 622 4.57 49.92 14.34
CA LEU M 622 3.23 49.44 14.64
C LEU M 622 2.20 50.54 14.47
N LEU M 623 0.96 50.16 14.16
CA LEU M 623 -0.15 51.09 14.18
C LEU M 623 -0.76 51.24 15.56
N LEU M 624 -0.38 50.38 16.51
CA LEU M 624 -0.85 50.48 17.88
C LEU M 624 0.07 51.41 18.66
N LYS M 625 -0.51 52.43 19.28
CA LYS M 625 0.24 53.43 20.03
C LYS M 625 -0.17 53.39 21.50
N LYS M 626 0.47 54.25 22.29
CA LYS M 626 0.17 54.33 23.72
C LYS M 626 -1.17 55.00 23.97
N THR M 627 -1.66 55.80 23.03
CA THR M 627 -3.03 56.34 23.13
C THR M 627 -4.05 55.21 23.09
N HIS M 628 -3.82 54.20 22.23
CA HIS M 628 -4.67 53.02 22.21
C HIS M 628 -4.56 52.23 23.50
N VAL M 629 -3.38 52.24 24.15
CA VAL M 629 -3.23 51.58 25.44
C VAL M 629 -4.04 52.30 26.52
N GLU M 630 -4.04 53.65 26.48
CA GLU M 630 -4.85 54.41 27.43
C GLU M 630 -6.34 54.24 27.16
N MET M 631 -6.74 54.09 25.89
CA MET M 631 -8.13 53.78 25.58
C MET M 631 -8.50 52.37 26.03
N LEU M 632 -7.57 51.43 25.96
CA LEU M 632 -7.80 50.08 26.45
C LEU M 632 -7.66 49.97 27.96
N LYS M 633 -7.21 51.02 28.63
CA LYS M 633 -7.27 51.08 30.08
C LYS M 633 -8.57 51.69 30.60
N GLU M 634 -9.41 52.23 29.72
CA GLU M 634 -10.70 52.77 30.12
C GLU M 634 -11.88 52.04 29.50
N ARG M 635 -11.64 50.95 28.78
CA ARG M 635 -12.72 50.02 28.48
C ARG M 635 -13.10 49.21 29.71
N ASP M 636 -12.15 49.05 30.64
CA ASP M 636 -12.49 48.58 31.97
C ASP M 636 -13.37 49.60 32.68
N TYR M 637 -13.28 50.88 32.31
CA TYR M 637 -14.19 51.88 32.86
C TYR M 637 -15.53 51.88 32.13
N ASN M 638 -15.56 52.28 30.85
CA ASN M 638 -16.84 52.38 30.15
C ASN M 638 -16.96 51.55 28.87
N ASN M 639 -16.24 51.89 27.78
CA ASN M 639 -16.79 51.47 26.49
C ASN M 639 -15.82 51.12 25.36
N TYR M 640 -14.51 51.15 25.53
CA TYR M 640 -13.62 51.07 24.36
C TYR M 640 -13.32 49.61 24.00
N SER M 641 -14.35 48.95 23.47
CA SER M 641 -14.33 47.51 23.29
C SER M 641 -13.38 47.10 22.15
N TRP M 642 -13.25 45.78 21.99
CA TRP M 642 -12.33 45.21 21.00
C TRP M 642 -12.76 45.52 19.57
N GLN M 643 -14.08 45.63 19.33
CA GLN M 643 -14.57 45.96 18.00
C GLN M 643 -14.20 47.39 17.61
N VAL M 644 -14.06 48.29 18.59
CA VAL M 644 -13.57 49.63 18.31
C VAL M 644 -12.10 49.57 17.90
N LEU M 645 -11.34 48.67 18.51
CA LEU M 645 -9.93 48.51 18.15
C LEU M 645 -9.77 47.91 16.75
N VAL M 646 -10.66 46.98 16.39
CA VAL M 646 -10.65 46.44 15.04
C VAL M 646 -11.09 47.50 14.02
N ALA M 647 -12.11 48.27 14.37
CA ALA M 647 -12.61 49.31 13.47
C ALA M 647 -11.68 50.52 13.39
N SER M 648 -10.73 50.64 14.31
CA SER M 648 -9.77 51.74 14.24
C SER M 648 -8.74 51.56 13.14
N GLY M 649 -8.58 50.34 12.63
CA GLY M 649 -7.66 50.07 11.55
C GLY M 649 -6.30 49.54 11.96
N VAL M 650 -6.16 49.05 13.19
CA VAL M 650 -4.87 48.56 13.69
C VAL M 650 -4.83 47.04 13.80
N VAL M 651 -5.98 46.36 13.74
CA VAL M 651 -6.06 44.92 13.88
C VAL M 651 -6.89 44.38 12.72
N GLU M 652 -6.34 43.41 11.98
CA GLU M 652 -7.03 42.82 10.85
C GLU M 652 -7.11 41.30 11.01
N TYR M 653 -8.20 40.73 10.51
CA TYR M 653 -8.42 39.29 10.52
C TYR M 653 -7.71 38.69 9.31
N ILE M 654 -6.52 38.15 9.52
CA ILE M 654 -5.75 37.53 8.45
C ILE M 654 -5.97 36.02 8.53
N ASP M 655 -6.45 35.43 7.44
CA ASP M 655 -6.71 34.00 7.44
C ASP M 655 -5.46 33.25 7.00
N THR M 656 -5.56 31.91 6.95
CA THR M 656 -4.42 31.08 6.60
C THR M 656 -4.07 31.15 5.12
N LEU M 657 -5.01 31.58 4.27
CA LEU M 657 -4.69 31.79 2.86
C LEU M 657 -3.91 33.08 2.64
N GLU M 658 -4.19 34.12 3.43
CA GLU M 658 -3.47 35.39 3.29
C GLU M 658 -2.10 35.35 3.96
N GLU M 659 -1.78 34.29 4.71
CA GLU M 659 -0.48 34.19 5.35
C GLU M 659 0.66 33.97 4.37
N GLU M 660 0.35 33.51 3.16
CA GLU M 660 1.38 33.31 2.14
C GLU M 660 1.86 34.62 1.52
N THR M 661 1.13 35.71 1.71
CA THR M 661 1.47 36.99 1.07
C THR M 661 1.80 38.10 2.05
N VAL M 662 1.84 37.82 3.35
CA VAL M 662 2.08 38.86 4.35
C VAL M 662 3.36 38.52 5.11
N MET M 663 3.84 39.50 5.87
CA MET M 663 5.06 39.37 6.66
C MET M 663 4.74 39.69 8.11
N ILE M 664 4.89 38.69 8.98
CA ILE M 664 4.52 38.79 10.39
C ILE M 664 5.78 38.59 11.23
N ALA M 665 5.90 39.36 12.32
CA ALA M 665 7.08 39.34 13.17
C ALA M 665 6.74 38.83 14.57
N MET M 666 7.79 38.45 15.30
CA MET M 666 7.64 38.07 16.71
C MET M 666 7.25 39.26 17.57
N SER M 667 7.98 40.36 17.44
CA SER M 667 7.94 41.44 18.43
C SER M 667 8.35 42.73 17.75
N PRO M 668 8.06 43.88 18.36
CA PRO M 668 8.64 45.15 17.87
C PRO M 668 10.15 45.23 17.98
N TYR M 669 10.79 44.37 18.79
CA TYR M 669 12.25 44.29 18.82
C TYR M 669 12.81 43.86 17.47
N ASP M 670 12.07 43.04 16.73
CA ASP M 670 12.46 42.74 15.35
C ASP M 670 12.29 43.95 14.44
N LEU M 671 11.38 44.86 14.79
CA LEU M 671 11.13 46.05 13.97
C LEU M 671 12.21 47.10 14.14
N LYS M 672 12.84 47.16 15.32
CA LYS M 672 13.80 48.21 15.63
C LYS M 672 15.23 47.84 15.26
N GLN M 673 15.43 46.72 14.58
CA GLN M 673 16.77 46.32 14.16
C GLN M 673 17.31 47.23 13.07
N ASP M 674 18.61 47.46 13.10
CA ASP M 674 19.26 48.30 12.10
C ASP M 674 19.33 47.57 10.76
N LYS M 675 19.36 48.36 9.69
CA LYS M 675 19.29 47.83 8.32
C LYS M 675 20.57 47.11 7.89
N ASP M 676 21.67 47.27 8.62
CA ASP M 676 22.90 46.59 8.26
C ASP M 676 22.82 45.09 8.51
N TYR M 677 22.10 44.67 9.55
CA TYR M 677 21.94 43.26 9.89
C TYR M 677 20.47 42.84 9.94
N ALA M 678 19.60 43.57 9.25
CA ALA M 678 18.17 43.30 9.33
C ALA M 678 17.81 42.03 8.58
N TYR M 679 17.04 41.16 9.22
CA TYR M 679 16.52 39.97 8.55
C TYR M 679 15.48 40.35 7.51
N CYS M 680 14.69 41.38 7.77
CA CYS M 680 13.70 41.88 6.83
C CYS M 680 13.51 43.37 7.07
N THR M 681 13.15 44.09 6.00
CA THR M 681 12.88 45.52 6.08
C THR M 681 11.46 45.90 5.68
N THR M 682 10.67 44.96 5.15
CA THR M 682 9.30 45.22 4.73
C THR M 682 8.38 44.32 5.57
N TYR M 683 7.93 44.85 6.71
CA TYR M 683 7.04 44.12 7.60
C TYR M 683 5.63 44.64 7.45
N THR M 684 4.67 43.72 7.32
CA THR M 684 3.27 44.08 7.16
C THR M 684 2.42 43.78 8.39
N HIS M 685 2.83 42.82 9.22
CA HIS M 685 2.05 42.42 10.38
C HIS M 685 2.99 42.11 11.54
N CYS M 686 2.40 41.99 12.73
CA CYS M 686 3.16 41.64 13.92
C CYS M 686 2.28 40.80 14.84
N GLU M 687 2.86 39.77 15.43
CA GLU M 687 2.14 38.92 16.36
C GLU M 687 1.89 39.66 17.67
N ILE M 688 0.66 39.54 18.18
CA ILE M 688 0.34 40.11 19.48
C ILE M 688 1.08 39.35 20.59
N HIS M 689 0.98 38.01 20.55
CA HIS M 689 1.73 37.13 21.44
C HIS M 689 1.78 35.73 20.81
N PRO M 690 2.96 35.11 20.76
CA PRO M 690 3.06 33.77 20.17
C PRO M 690 2.40 32.67 21.00
N ALA M 691 2.26 32.87 22.32
CA ALA M 691 1.76 31.84 23.21
C ALA M 691 0.29 31.48 22.96
N MET M 692 -0.42 32.27 22.16
CA MET M 692 -1.79 31.96 21.76
C MET M 692 -1.87 30.97 20.60
N ILE M 693 -0.74 30.45 20.10
CA ILE M 693 -0.85 29.38 19.11
C ILE M 693 -1.31 28.07 19.75
N LEU M 694 -1.18 27.93 21.07
CA LEU M 694 -1.66 26.75 21.77
C LEU M 694 -3.18 26.79 21.92
N GLY M 695 -3.74 25.67 22.31
CA GLY M 695 -5.16 25.53 22.55
C GLY M 695 -5.54 25.79 23.99
N VAL M 696 -6.58 25.08 24.44
CA VAL M 696 -7.05 25.23 25.80
C VAL M 696 -6.29 24.32 26.76
N CYS M 697 -6.25 23.02 26.48
CA CYS M 697 -5.60 22.08 27.37
C CYS M 697 -4.09 22.03 27.22
N ALA M 698 -3.53 22.62 26.17
CA ALA M 698 -2.08 22.66 26.00
C ALA M 698 -1.46 23.93 26.56
N SER M 699 -2.24 24.98 26.79
CA SER M 699 -1.74 26.21 27.38
C SER M 699 -1.66 26.14 28.90
N ILE M 700 -2.15 25.06 29.51
CA ILE M 700 -2.08 24.92 30.97
C ILE M 700 -0.73 24.45 31.45
N ILE M 701 0.17 24.07 30.55
CA ILE M 701 1.50 23.60 30.94
C ILE M 701 2.37 24.80 31.33
N PRO M 702 2.92 24.82 32.54
CA PRO M 702 3.88 25.87 32.90
C PRO M 702 5.21 25.62 32.19
N PHE M 703 5.66 26.62 31.42
CA PHE M 703 6.81 26.60 30.52
C PHE M 703 6.74 25.42 29.54
N PRO M 704 5.85 25.44 28.55
CA PRO M 704 5.79 24.33 27.60
C PRO M 704 6.95 24.28 26.61
N ASP M 705 7.70 25.38 26.47
CA ASP M 705 8.84 25.39 25.57
C ASP M 705 10.07 24.69 26.14
N HIS M 706 10.07 24.37 27.43
CA HIS M 706 11.15 23.64 28.07
C HIS M 706 10.88 22.14 28.15
N ASN M 707 9.79 21.68 27.57
CA ASN M 707 9.37 20.30 27.66
C ASN M 707 9.38 19.65 26.27
N GLN M 708 8.96 18.38 26.24
CA GLN M 708 8.90 17.63 24.99
C GLN M 708 7.51 17.72 24.38
N SER M 709 7.48 17.83 23.05
CA SER M 709 6.20 17.91 22.34
C SER M 709 5.32 16.66 22.45
N PRO M 710 5.82 15.41 22.37
CA PRO M 710 4.94 14.28 22.73
C PRO M 710 4.47 14.30 24.18
N ARG M 711 5.29 14.79 25.10
CA ARG M 711 4.83 14.91 26.48
C ARG M 711 3.83 16.04 26.65
N ASN M 712 3.95 17.10 25.85
CA ASN M 712 2.93 18.14 25.84
C ASN M 712 1.61 17.60 25.27
N THR M 713 1.69 16.75 24.25
CA THR M 713 0.50 16.10 23.72
C THR M 713 -0.12 15.15 24.75
N TYR M 714 0.73 14.46 25.52
CA TYR M 714 0.24 13.60 26.60
C TYR M 714 -0.46 14.42 27.69
N GLN M 715 0.11 15.58 28.04
CA GLN M 715 -0.52 16.44 29.03
C GLN M 715 -1.83 17.04 28.51
N SER M 716 -1.91 17.30 27.21
CA SER M 716 -3.18 17.72 26.63
C SER M 716 -4.20 16.58 26.62
N ALA M 717 -3.72 15.34 26.47
CA ALA M 717 -4.61 14.19 26.47
C ALA M 717 -5.18 13.93 27.87
N MET M 718 -4.32 13.93 28.89
CA MET M 718 -4.78 13.73 30.25
C MET M 718 -5.14 15.03 30.96
N GLY M 719 -5.08 16.17 30.28
CA GLY M 719 -5.60 17.39 30.86
C GLY M 719 -7.12 17.40 30.94
N LYS M 720 -7.78 16.67 30.06
CA LYS M 720 -9.23 16.50 30.12
C LYS M 720 -9.64 15.45 31.15
N GLN M 721 -8.70 14.65 31.66
CA GLN M 721 -8.98 13.63 32.64
C GLN M 721 -8.63 14.07 34.06
N ALA M 722 -8.36 15.35 34.27
CA ALA M 722 -8.08 15.86 35.60
C ALA M 722 -9.36 15.90 36.43
N MET M 723 -9.19 16.03 37.74
CA MET M 723 -10.30 16.11 38.68
C MET M 723 -10.40 17.51 39.24
N GLY M 724 -11.63 17.98 39.42
CA GLY M 724 -11.84 19.31 39.99
C GLY M 724 -13.30 19.69 39.90
N VAL M 725 -13.58 20.93 40.31
CA VAL M 725 -14.92 21.48 40.23
C VAL M 725 -15.23 21.84 38.78
N TYR M 726 -16.05 21.01 38.13
CA TYR M 726 -16.32 21.20 36.71
C TYR M 726 -17.29 22.36 36.46
N ILE M 727 -18.23 22.59 37.38
CA ILE M 727 -19.19 23.67 37.23
C ILE M 727 -19.64 24.11 38.62
N THR M 728 -20.17 25.33 38.71
CA THR M 728 -20.55 25.90 39.98
C THR M 728 -21.94 25.46 40.45
N ASN M 729 -22.82 25.09 39.52
CA ASN M 729 -24.18 24.66 39.86
C ASN M 729 -24.32 23.15 39.76
N PHE M 730 -23.29 22.41 40.20
CA PHE M 730 -23.33 20.96 40.21
C PHE M 730 -24.31 20.40 41.24
N HIS M 731 -24.70 21.21 42.23
CA HIS M 731 -25.64 20.76 43.24
C HIS M 731 -27.06 20.60 42.69
N VAL M 732 -27.40 21.30 41.61
CA VAL M 732 -28.70 21.14 40.98
C VAL M 732 -28.63 20.37 39.66
N ARG M 733 -27.45 20.27 39.05
CA ARG M 733 -27.31 19.48 37.83
C ARG M 733 -27.35 17.99 38.14
N MET M 734 -27.75 17.22 37.13
CA MET M 734 -27.90 15.76 37.27
C MET M 734 -27.02 15.10 36.20
N ASP M 735 -25.82 14.70 36.60
CA ASP M 735 -24.88 14.01 35.73
C ASP M 735 -24.71 12.57 36.20
N THR M 736 -24.59 11.65 35.24
CA THR M 736 -24.49 10.23 35.56
C THR M 736 -23.19 9.91 36.28
N LEU M 737 -22.08 10.51 35.86
CA LEU M 737 -20.80 10.38 36.53
C LEU M 737 -20.24 11.77 36.76
N ALA M 738 -19.92 12.09 38.02
CA ALA M 738 -19.34 13.38 38.34
C ALA M 738 -18.33 13.21 39.47
N HIS M 739 -17.38 14.15 39.55
CA HIS M 739 -16.39 14.15 40.61
C HIS M 739 -16.14 15.59 41.05
N VAL M 740 -16.09 15.80 42.36
CA VAL M 740 -15.83 17.11 42.95
C VAL M 740 -14.72 16.97 43.98
N LEU M 741 -13.64 17.73 43.81
CA LEU M 741 -12.56 17.76 44.79
C LEU M 741 -12.96 18.59 46.00
N TYR M 742 -12.39 18.24 47.15
CA TYR M 742 -12.66 18.97 48.39
C TYR M 742 -12.07 20.38 48.34
N TYR M 743 -10.80 20.49 48.01
CA TYR M 743 -10.08 21.76 48.04
C TYR M 743 -9.38 21.97 46.70
N PRO M 744 -10.08 22.54 45.72
CA PRO M 744 -9.41 22.86 44.45
C PRO M 744 -8.45 24.03 44.63
N MET M 745 -7.28 23.90 44.02
CA MET M 745 -6.18 24.83 44.23
C MET M 745 -5.87 25.52 42.91
N LYS M 746 -5.73 26.84 42.94
CA LYS M 746 -5.24 27.46 41.71
C LYS M 746 -3.71 27.30 41.65
N PRO M 747 -3.14 27.23 40.44
CA PRO M 747 -1.69 27.02 40.33
C PRO M 747 -0.91 28.25 40.75
N LEU M 748 0.05 28.05 41.66
CA LEU M 748 0.97 29.13 42.03
C LEU M 748 1.87 29.49 40.86
N VAL M 749 2.34 28.49 40.11
CA VAL M 749 3.05 28.71 38.86
C VAL M 749 2.02 28.64 37.76
N THR M 750 1.63 29.80 37.24
CA THR M 750 0.58 29.90 36.24
C THR M 750 1.06 30.78 35.10
N THR M 751 0.36 30.70 33.98
CA THR M 751 0.60 31.59 32.86
C THR M 751 -0.40 32.74 32.90
N ARG M 752 -0.33 33.59 31.88
CA ARG M 752 -1.36 34.60 31.71
C ARG M 752 -2.49 34.12 30.80
N SER M 753 -2.44 32.86 30.38
CA SER M 753 -3.47 32.31 29.51
C SER M 753 -4.66 31.74 30.29
N MET M 754 -4.44 31.28 31.53
CA MET M 754 -5.52 30.72 32.33
C MET M 754 -6.35 31.77 33.04
N GLU M 755 -6.02 33.06 32.87
CA GLU M 755 -6.90 34.12 33.32
C GLU M 755 -8.18 34.16 32.49
N TYR M 756 -8.11 33.72 31.23
CA TYR M 756 -9.25 33.79 30.32
C TYR M 756 -9.93 32.45 30.10
N LEU M 757 -9.28 31.36 30.46
CA LEU M 757 -9.92 30.05 30.51
C LEU M 757 -10.62 29.80 31.83
N ARG M 758 -10.59 30.78 32.74
CA ARG M 758 -11.24 30.76 34.05
C ARG M 758 -10.76 29.59 34.92
N PHE M 759 -9.49 29.21 34.74
CA PHE M 759 -8.87 28.21 35.59
C PHE M 759 -8.53 28.76 36.96
N ARG M 760 -8.39 30.08 37.08
CA ARG M 760 -8.25 30.69 38.41
C ARG M 760 -9.54 30.54 39.21
N GLU M 761 -10.69 30.71 38.57
CA GLU M 761 -11.98 30.60 39.23
C GLU M 761 -12.49 29.16 39.28
N LEU M 762 -12.16 28.34 38.28
CA LEU M 762 -12.55 26.94 38.24
C LEU M 762 -11.32 26.09 38.02
N PRO M 763 -10.57 25.78 39.07
CA PRO M 763 -9.33 25.01 38.92
C PRO M 763 -9.57 23.51 39.01
N ALA M 764 -8.52 22.77 38.64
CA ALA M 764 -8.53 21.30 38.65
C ALA M 764 -7.12 20.84 38.95
N GLY M 765 -6.84 20.53 40.22
CA GLY M 765 -5.53 20.12 40.64
C GLY M 765 -5.14 20.76 41.96
N ILE M 766 -4.03 20.31 42.55
CA ILE M 766 -3.62 20.75 43.87
C ILE M 766 -2.12 21.09 43.81
N ASN M 767 -1.76 22.26 44.33
CA ASN M 767 -0.36 22.56 44.60
C ASN M 767 0.11 21.72 45.78
N SER M 768 1.17 20.95 45.56
CA SER M 768 1.70 20.06 46.58
C SER M 768 3.21 20.16 46.65
N ILE M 769 3.74 19.98 47.85
CA ILE M 769 5.19 19.93 48.06
C ILE M 769 5.69 18.57 47.58
N VAL M 770 6.63 18.57 46.64
CA VAL M 770 7.23 17.36 46.12
C VAL M 770 8.74 17.48 46.26
N ALA M 771 9.38 16.37 46.60
CA ALA M 771 10.82 16.24 46.47
C ALA M 771 11.12 15.23 45.39
N ILE M 772 12.37 15.19 44.96
CA ILE M 772 12.81 14.27 43.92
C ILE M 772 13.93 13.43 44.52
N LEU M 773 13.58 12.27 45.08
CA LEU M 773 14.57 11.35 45.63
C LEU M 773 14.03 9.93 45.54
N CYS M 774 14.85 8.98 45.97
CA CYS M 774 14.50 7.56 45.94
C CYS M 774 14.34 7.08 47.38
N TYR M 775 13.13 6.63 47.71
CA TYR M 775 12.82 6.19 49.07
C TYR M 775 12.25 4.77 49.00
N THR M 776 13.08 3.81 49.41
CA THR M 776 12.79 2.36 49.52
C THR M 776 12.42 1.71 48.19
N GLY M 777 12.63 2.37 47.06
CA GLY M 777 12.42 1.74 45.76
C GLY M 777 10.98 1.55 45.35
N TYR M 778 10.02 2.07 46.12
CA TYR M 778 8.61 1.91 45.79
C TYR M 778 8.12 2.91 44.75
N ASN M 779 8.93 3.92 44.41
CA ASN M 779 8.54 4.94 43.45
C ASN M 779 9.07 4.68 42.06
N GLN M 780 9.68 3.51 41.82
CA GLN M 780 10.27 3.21 40.54
C GLN M 780 9.20 2.99 39.46
N GLU M 781 9.61 3.22 38.21
CA GLU M 781 8.77 3.10 37.01
C GLU M 781 7.54 4.01 37.11
N ASP M 782 7.84 5.31 37.13
CA ASP M 782 6.88 6.42 37.11
C ASP M 782 5.98 6.49 38.34
N SER M 783 6.26 5.72 39.38
CA SER M 783 5.37 5.62 40.53
C SER M 783 5.61 6.76 41.51
N VAL M 784 4.60 7.02 42.33
CA VAL M 784 4.63 8.08 43.33
C VAL M 784 4.22 7.50 44.67
N ILE M 785 4.65 8.16 45.74
CA ILE M 785 4.25 7.77 47.10
C ILE M 785 3.67 8.99 47.80
N LEU M 786 2.43 8.87 48.25
CA LEU M 786 1.75 9.96 48.95
C LEU M 786 2.08 9.95 50.44
N ASN M 787 1.77 11.07 51.09
CA ASN M 787 1.90 11.18 52.54
C ASN M 787 0.54 10.84 53.16
N ALA M 788 0.56 9.87 54.09
CA ALA M 788 -0.69 9.42 54.71
C ALA M 788 -1.28 10.48 55.64
N SER M 789 -0.42 11.24 56.31
CA SER M 789 -0.90 12.27 57.23
C SER M 789 -1.59 13.42 56.49
N ALA M 790 -1.11 13.74 55.28
CA ALA M 790 -1.75 14.77 54.49
C ALA M 790 -3.09 14.31 53.94
N VAL M 791 -3.16 13.05 53.51
CA VAL M 791 -4.40 12.50 52.96
C VAL M 791 -5.45 12.36 54.06
N GLU M 792 -5.02 12.00 55.28
CA GLU M 792 -5.92 12.03 56.42
C GLU M 792 -6.35 13.46 56.79
N ARG M 793 -5.56 14.47 56.40
CA ARG M 793 -5.97 15.86 56.53
C ARG M 793 -6.81 16.36 55.35
N GLY M 794 -6.86 15.62 54.24
CA GLY M 794 -7.71 16.01 53.12
C GLY M 794 -7.03 16.26 51.79
N PHE M 795 -5.98 15.50 51.50
CA PHE M 795 -5.17 15.69 50.29
C PHE M 795 -5.74 14.83 49.15
N PHE M 796 -6.25 15.49 48.11
CA PHE M 796 -6.95 14.91 46.96
C PHE M 796 -8.14 14.01 47.33
N ARG M 797 -8.76 14.20 48.49
CA ARG M 797 -10.00 13.48 48.79
C ARG M 797 -11.16 14.12 48.03
N SER M 798 -11.97 13.29 47.39
CA SER M 798 -12.98 13.79 46.46
C SER M 798 -14.30 13.07 46.70
N VAL M 799 -15.33 13.52 45.98
CA VAL M 799 -16.67 12.96 46.03
C VAL M 799 -17.07 12.56 44.62
N PHE M 800 -17.47 11.30 44.45
CA PHE M 800 -17.99 10.79 43.19
C PHE M 800 -19.51 10.74 43.25
N TYR M 801 -20.16 11.44 42.34
CA TYR M 801 -21.62 11.47 42.24
C TYR M 801 -22.06 10.53 41.12
N ARG M 802 -22.99 9.64 41.44
CA ARG M 802 -23.57 8.71 40.47
C ARG M 802 -25.07 8.88 40.43
N SER M 803 -25.64 9.01 39.24
CA SER M 803 -27.06 9.24 39.06
C SER M 803 -27.74 8.02 38.48
N TYR M 804 -28.91 7.69 39.03
CA TYR M 804 -29.80 6.68 38.51
C TYR M 804 -31.14 7.32 38.16
N LYS M 805 -31.88 6.69 37.26
CA LYS M 805 -33.18 7.21 36.90
C LYS M 805 -34.14 6.06 36.59
N ASP M 806 -35.43 6.34 36.78
CA ASP M 806 -36.48 5.36 36.51
C ASP M 806 -37.75 6.12 36.16
N SER M 807 -38.69 5.42 35.53
CA SER M 807 -39.93 6.05 35.12
C SER M 807 -41.05 5.01 35.04
N GLU M 808 -42.25 5.43 35.41
CA GLU M 808 -43.43 4.60 35.25
C GLU M 808 -43.92 4.65 33.80
N ASN M 809 -44.80 3.70 33.47
CA ASN M 809 -45.41 3.65 32.14
C ASN M 809 -46.88 3.32 32.31
N LYS M 810 -47.74 4.27 31.96
CA LYS M 810 -49.19 4.09 32.04
C LYS M 810 -49.81 4.15 30.64
N ARG M 811 -49.16 3.50 29.68
CA ARG M 811 -49.73 3.36 28.34
C ARG M 811 -50.95 2.45 28.41
N VAL M 812 -51.96 2.75 27.58
CA VAL M 812 -53.23 2.04 27.64
C VAL M 812 -53.06 0.58 27.19
N GLY M 813 -52.25 0.32 26.16
CA GLY M 813 -51.83 -1.05 25.92
C GLY M 813 -50.38 -1.25 26.33
N ASP M 814 -50.17 -1.76 27.54
CA ASP M 814 -48.87 -2.02 28.17
C ASP M 814 -49.16 -2.62 29.54
N GLN M 815 -48.15 -3.27 30.11
CA GLN M 815 -48.22 -3.67 31.50
C GLN M 815 -48.02 -2.44 32.40
N GLU M 816 -48.78 -2.39 33.49
CA GLU M 816 -48.77 -1.23 34.36
C GLU M 816 -47.76 -1.42 35.49
N GLU M 817 -46.88 -0.44 35.65
CA GLU M 817 -45.92 -0.44 36.74
C GLU M 817 -46.13 0.79 37.61
N ASN M 818 -45.88 0.64 38.91
CA ASN M 818 -46.11 1.69 39.88
C ASN M 818 -44.93 1.79 40.84
N PHE M 819 -44.74 2.99 41.36
CA PHE M 819 -43.67 3.27 42.33
C PHE M 819 -44.25 3.08 43.73
N GLU M 820 -43.94 1.94 44.35
CA GLU M 820 -44.33 1.66 45.72
C GLU M 820 -43.37 0.66 46.31
N LYS M 821 -43.38 0.56 47.64
CA LYS M 821 -42.53 -0.40 48.34
C LYS M 821 -43.01 -1.82 48.06
N PRO M 822 -42.17 -2.69 47.51
CA PRO M 822 -42.60 -4.04 47.18
C PRO M 822 -42.81 -4.89 48.43
N HIS M 823 -43.66 -5.92 48.27
CA HIS M 823 -43.99 -6.84 49.35
C HIS M 823 -43.70 -8.26 48.89
N ARG M 824 -43.37 -9.12 49.85
CA ARG M 824 -42.97 -10.49 49.54
C ARG M 824 -44.11 -11.31 48.98
N GLY M 825 -45.31 -11.16 49.54
CA GLY M 825 -46.46 -11.94 49.10
C GLY M 825 -47.16 -11.42 47.86
N THR M 826 -46.78 -10.24 47.37
CA THR M 826 -47.42 -9.64 46.21
C THR M 826 -46.52 -9.54 44.98
N CYS M 827 -45.22 -9.68 45.14
CA CYS M 827 -44.27 -9.54 44.04
C CYS M 827 -43.59 -10.87 43.76
N GLN M 828 -43.52 -11.23 42.48
CA GLN M 828 -42.90 -12.48 42.05
C GLN M 828 -41.47 -12.21 41.59
N GLY M 829 -40.57 -13.13 41.95
CA GLY M 829 -39.17 -13.01 41.58
C GLY M 829 -38.43 -11.85 42.22
N MET M 830 -38.63 -11.65 43.51
CA MET M 830 -37.95 -10.56 44.21
C MET M 830 -36.50 -10.93 44.46
N ARG M 831 -35.60 -10.01 44.11
CA ARG M 831 -34.18 -10.22 44.37
C ARG M 831 -33.87 -10.04 45.86
N ASN M 832 -32.86 -10.77 46.32
CA ASN M 832 -32.47 -10.74 47.73
C ASN M 832 -31.76 -9.43 48.03
N ALA M 833 -32.51 -8.45 48.54
CA ALA M 833 -31.97 -7.15 48.89
C ALA M 833 -32.68 -6.64 50.14
N HIS M 834 -32.18 -5.53 50.68
CA HIS M 834 -32.75 -4.90 51.87
C HIS M 834 -33.79 -3.88 51.42
N TYR M 835 -35.06 -4.26 51.52
CA TYR M 835 -36.17 -3.44 51.04
C TYR M 835 -36.72 -2.52 52.10
N ASP M 836 -36.16 -2.51 53.30
CA ASP M 836 -36.66 -1.68 54.39
C ASP M 836 -36.21 -0.23 54.29
N LYS M 837 -35.20 0.07 53.47
CA LYS M 837 -34.72 1.44 53.35
C LYS M 837 -35.62 2.32 52.50
N LEU M 838 -36.48 1.73 51.68
CA LEU M 838 -37.38 2.50 50.84
C LEU M 838 -38.54 3.06 51.67
N ASP M 839 -39.12 4.14 51.17
CA ASP M 839 -40.24 4.80 51.83
C ASP M 839 -41.56 4.18 51.36
N ASP M 840 -42.67 4.84 51.67
CA ASP M 840 -43.98 4.32 51.28
C ASP M 840 -44.24 4.44 49.79
N ASP M 841 -43.55 5.36 49.10
CA ASP M 841 -43.69 5.50 47.66
C ASP M 841 -42.64 4.70 46.89
N GLY M 842 -41.85 3.88 47.59
CA GLY M 842 -40.82 3.10 46.95
C GLY M 842 -39.58 3.88 46.55
N ILE M 843 -39.47 5.13 46.97
CA ILE M 843 -38.34 5.98 46.64
C ILE M 843 -37.61 6.32 47.93
N ILE M 844 -36.29 6.12 47.93
CA ILE M 844 -35.49 6.32 49.14
C ILE M 844 -35.38 7.81 49.44
N ALA M 845 -35.26 8.14 50.75
CA ALA M 845 -35.02 9.48 51.24
C ALA M 845 -33.53 9.82 51.14
N PRO M 846 -33.18 11.08 50.91
CA PRO M 846 -31.76 11.47 50.92
C PRO M 846 -31.15 11.38 52.31
N GLY M 847 -29.86 11.10 52.34
CA GLY M 847 -29.15 10.93 53.59
C GLY M 847 -29.06 9.51 54.09
N ILE M 848 -29.75 8.57 53.45
CA ILE M 848 -29.69 7.17 53.86
C ILE M 848 -28.45 6.52 53.27
N ARG M 849 -27.65 5.90 54.13
CA ARG M 849 -26.44 5.20 53.69
C ARG M 849 -26.82 3.94 52.93
N VAL M 850 -26.21 3.75 51.75
CA VAL M 850 -26.45 2.58 50.92
C VAL M 850 -25.12 1.89 50.65
N SER M 851 -25.18 0.56 50.60
CA SER M 851 -23.99 -0.25 50.38
C SER M 851 -24.41 -1.60 49.79
N GLY M 852 -23.48 -2.23 49.08
CA GLY M 852 -23.73 -3.55 48.53
C GLY M 852 -24.71 -3.50 47.38
N ASP M 853 -25.73 -4.35 47.46
CA ASP M 853 -26.77 -4.46 46.44
C ASP M 853 -28.13 -4.05 47.01
N ASP M 854 -28.15 -2.94 47.75
CA ASP M 854 -29.39 -2.43 48.32
C ASP M 854 -30.30 -1.89 47.22
N VAL M 855 -31.60 -2.15 47.35
CA VAL M 855 -32.57 -1.60 46.41
C VAL M 855 -32.72 -0.10 46.67
N VAL M 856 -32.84 0.67 45.59
CA VAL M 856 -32.85 2.12 45.72
C VAL M 856 -34.07 2.77 45.05
N ILE M 857 -34.73 2.12 44.10
CA ILE M 857 -36.00 2.60 43.53
C ILE M 857 -36.94 1.41 43.47
N GLY M 858 -38.09 1.54 44.13
CA GLY M 858 -39.05 0.45 44.18
C GLY M 858 -40.17 0.56 43.15
N LYS M 859 -40.08 -0.24 42.09
CA LYS M 859 -41.09 -0.27 41.04
C LYS M 859 -41.61 -1.69 40.89
N THR M 860 -42.93 -1.84 40.98
CA THR M 860 -43.58 -3.14 40.80
C THR M 860 -44.49 -3.06 39.58
N ILE M 861 -44.38 -4.05 38.70
CA ILE M 861 -45.12 -4.07 37.43
C ILE M 861 -46.22 -5.13 37.54
N THR M 862 -47.41 -4.78 37.03
CA THR M 862 -48.52 -5.72 37.06
C THR M 862 -48.27 -6.87 36.10
N LEU M 863 -48.52 -8.09 36.56
CA LEU M 863 -48.34 -9.27 35.73
C LEU M 863 -49.43 -9.33 34.66
N PRO M 864 -49.14 -9.92 33.50
CA PRO M 864 -50.18 -10.11 32.48
C PRO M 864 -51.26 -11.08 32.96
N GLU M 865 -52.45 -10.90 32.40
CA GLU M 865 -53.65 -11.63 32.84
C GLU M 865 -53.59 -13.06 32.30
N ASN M 866 -52.77 -13.88 32.94
CA ASN M 866 -52.69 -15.31 32.63
C ASN M 866 -53.54 -16.11 33.62
N ASP M 867 -54.85 -15.85 33.57
CA ASP M 867 -55.79 -16.48 34.50
C ASP M 867 -56.14 -17.86 33.98
N ASP M 868 -55.35 -18.86 34.40
CA ASP M 868 -55.58 -20.23 34.01
C ASP M 868 -56.74 -20.81 34.79
N GLU M 869 -57.72 -21.36 34.08
CA GLU M 869 -58.90 -21.95 34.72
C GLU M 869 -58.64 -23.35 35.25
N LEU M 870 -57.53 -23.99 34.86
CA LEU M 870 -57.23 -25.32 35.36
C LEU M 870 -56.79 -25.31 36.80
N ASP M 871 -56.13 -24.24 37.25
CA ASP M 871 -55.66 -24.13 38.63
C ASP M 871 -55.65 -22.65 38.99
N SER M 872 -56.63 -22.22 39.79
CA SER M 872 -56.71 -20.84 40.22
C SER M 872 -55.84 -20.53 41.44
N ASN M 873 -55.28 -21.55 42.08
CA ASN M 873 -54.42 -21.36 43.24
C ASN M 873 -52.97 -21.11 42.89
N THR M 874 -52.59 -21.21 41.61
CA THR M 874 -51.21 -20.99 41.19
C THR M 874 -50.86 -19.52 41.05
N LYS M 875 -51.85 -18.62 41.06
CA LYS M 875 -51.59 -17.18 40.93
C LYS M 875 -51.42 -16.57 42.32
N ARG M 876 -50.32 -16.95 42.98
CA ARG M 876 -50.02 -16.43 44.30
C ARG M 876 -49.52 -14.99 44.25
N PHE M 877 -49.01 -14.54 43.10
CA PHE M 877 -48.52 -13.19 42.93
C PHE M 877 -49.22 -12.54 41.75
N SER M 878 -49.63 -11.29 41.91
CA SER M 878 -50.23 -10.52 40.83
C SER M 878 -49.30 -9.49 40.25
N LYS M 879 -48.14 -9.26 40.88
CA LYS M 879 -47.17 -8.29 40.42
C LYS M 879 -45.78 -8.93 40.40
N ARG M 880 -44.85 -8.23 39.75
CA ARG M 880 -43.48 -8.68 39.59
C ARG M 880 -42.54 -7.53 39.91
N ASP M 881 -41.41 -7.85 40.54
CA ASP M 881 -40.45 -6.82 40.92
C ASP M 881 -39.69 -6.32 39.70
N ALA M 882 -39.75 -5.02 39.47
CA ALA M 882 -39.02 -4.34 38.40
C ALA M 882 -38.21 -3.19 38.98
N SER M 883 -37.55 -3.44 40.11
CA SER M 883 -36.88 -2.41 40.87
C SER M 883 -35.53 -2.06 40.27
N THR M 884 -35.02 -0.89 40.66
CA THR M 884 -33.69 -0.43 40.29
C THR M 884 -32.76 -0.60 41.48
N PHE M 885 -31.65 -1.29 41.27
CA PHE M 885 -30.74 -1.66 42.34
C PHE M 885 -29.44 -0.87 42.27
N LEU M 886 -28.81 -0.72 43.43
CA LEU M 886 -27.51 -0.07 43.51
C LEU M 886 -26.45 -0.96 42.88
N ARG M 887 -25.39 -0.33 42.36
CA ARG M 887 -24.23 -1.06 41.87
C ARG M 887 -23.52 -1.76 43.03
N ASN M 888 -22.96 -2.92 42.74
CA ASN M 888 -22.52 -3.84 43.79
C ASN M 888 -21.26 -3.34 44.51
N SER M 889 -20.29 -2.82 43.77
CA SER M 889 -18.99 -2.47 44.33
C SER M 889 -18.90 -1.00 44.74
N GLU M 890 -20.03 -0.37 45.01
CA GLU M 890 -20.07 1.03 45.39
C GLU M 890 -20.91 1.23 46.63
N THR M 891 -20.43 2.07 47.54
CA THR M 891 -21.16 2.44 48.75
C THR M 891 -21.09 3.96 48.93
N GLY M 892 -22.08 4.49 49.64
CA GLY M 892 -22.12 5.92 49.87
C GLY M 892 -23.44 6.34 50.47
N ILE M 893 -23.68 7.65 50.41
CA ILE M 893 -24.86 8.28 50.97
C ILE M 893 -25.70 8.86 49.84
N VAL M 894 -27.02 8.70 49.95
CA VAL M 894 -27.93 9.27 48.96
C VAL M 894 -27.92 10.79 49.11
N ASP M 895 -27.48 11.48 48.06
CA ASP M 895 -27.34 12.94 48.13
C ASP M 895 -28.64 13.65 47.80
N GLN M 896 -29.18 13.41 46.60
CA GLN M 896 -30.34 14.15 46.13
C GLN M 896 -31.37 13.20 45.53
N VAL M 897 -32.64 13.50 45.77
CA VAL M 897 -33.76 12.69 45.28
C VAL M 897 -34.71 13.61 44.51
N MET M 898 -35.11 13.19 43.32
CA MET M 898 -35.86 14.01 42.39
C MET M 898 -37.03 13.25 41.80
N LEU M 899 -38.22 13.85 41.87
CA LEU M 899 -39.41 13.35 41.18
C LEU M 899 -40.01 14.47 40.34
N THR M 900 -40.40 14.14 39.12
CA THR M 900 -41.02 15.09 38.21
C THR M 900 -41.88 14.34 37.20
N LEU M 901 -42.32 15.05 36.16
CA LEU M 901 -43.07 14.47 35.07
C LEU M 901 -42.27 14.60 33.78
N ASN M 902 -42.23 13.51 33.01
CA ASN M 902 -41.46 13.47 31.77
C ASN M 902 -42.28 14.07 30.64
N SER M 903 -41.82 13.88 29.40
CA SER M 903 -42.57 14.35 28.23
C SER M 903 -43.84 13.53 28.01
N GLU M 904 -43.85 12.28 28.47
CA GLU M 904 -45.02 11.43 28.35
C GLU M 904 -46.00 11.63 29.50
N GLY M 905 -45.67 12.46 30.48
CA GLY M 905 -46.56 12.76 31.59
C GLY M 905 -46.51 11.80 32.74
N TYR M 906 -45.71 10.75 32.67
CA TYR M 906 -45.63 9.79 33.75
C TYR M 906 -44.66 10.28 34.83
N LYS M 907 -44.63 9.55 35.94
CA LYS M 907 -43.71 9.87 37.02
C LYS M 907 -42.28 9.53 36.61
N PHE M 908 -41.34 10.39 36.98
CA PHE M 908 -39.94 10.26 36.56
C PHE M 908 -39.05 10.58 37.74
N CYS M 909 -38.26 9.60 38.16
CA CYS M 909 -37.40 9.72 39.34
C CYS M 909 -35.94 9.74 38.91
N LYS M 910 -35.19 10.69 39.46
CA LYS M 910 -33.75 10.81 39.26
C LYS M 910 -33.08 10.97 40.62
N ILE M 911 -32.10 10.12 40.91
CA ILE M 911 -31.42 10.14 42.20
C ILE M 911 -29.93 10.26 42.00
N ARG M 912 -29.31 11.07 42.85
CA ARG M 912 -27.87 11.26 42.86
C ARG M 912 -27.32 10.78 44.20
N VAL M 913 -26.36 9.85 44.13
CA VAL M 913 -25.75 9.24 45.30
C VAL M 913 -24.27 9.61 45.32
N ARG M 914 -23.80 10.12 46.45
CA ARG M 914 -22.41 10.55 46.58
C ARG M 914 -21.59 9.50 47.31
N SER M 915 -20.35 9.33 46.88
CA SER M 915 -19.42 8.38 47.46
C SER M 915 -18.10 9.07 47.73
N VAL M 916 -17.40 8.61 48.76
CA VAL M 916 -16.15 9.22 49.20
C VAL M 916 -15.00 8.51 48.49
N ARG M 917 -14.17 9.27 47.78
CA ARG M 917 -13.00 8.75 47.10
C ARG M 917 -11.77 9.29 47.82
N ILE M 918 -11.21 8.46 48.70
CA ILE M 918 -9.96 8.75 49.39
C ILE M 918 -8.82 8.24 48.50
N PRO M 919 -7.73 9.00 48.34
CA PRO M 919 -6.57 8.46 47.61
C PRO M 919 -5.95 7.29 48.36
N GLN M 920 -5.58 6.26 47.59
CA GLN M 920 -5.02 5.05 48.16
C GLN M 920 -3.96 4.53 47.20
N ILE M 921 -3.54 3.29 47.41
CA ILE M 921 -2.53 2.69 46.57
C ILE M 921 -3.12 2.36 45.20
N GLY M 922 -2.47 2.85 44.15
CA GLY M 922 -2.87 2.55 42.79
C GLY M 922 -3.68 3.64 42.10
N ASP M 923 -4.07 4.68 42.81
CA ASP M 923 -4.80 5.79 42.19
C ASP M 923 -3.89 6.57 41.26
N LYS M 924 -4.41 6.90 40.08
CA LYS M 924 -3.59 7.51 39.03
C LYS M 924 -3.48 9.00 39.26
N PHE M 925 -2.25 9.48 39.40
CA PHE M 925 -1.95 10.89 39.51
C PHE M 925 -1.12 11.32 38.31
N ALA M 926 -1.09 12.63 38.07
CA ALA M 926 -0.34 13.18 36.94
C ALA M 926 0.11 14.58 37.29
N SER M 927 1.15 15.03 36.60
CA SER M 927 1.67 16.37 36.77
C SER M 927 1.09 17.28 35.68
N ARG M 928 1.60 18.50 35.59
CA ARG M 928 1.29 19.38 34.48
C ARG M 928 2.35 19.31 33.39
N HIS M 929 3.18 18.26 33.42
CA HIS M 929 4.22 18.08 32.40
C HIS M 929 4.21 16.66 31.84
N GLY M 930 3.12 15.92 32.00
CA GLY M 930 3.02 14.57 31.49
C GLY M 930 3.60 13.50 32.39
N GLN M 931 3.89 13.81 33.65
CA GLN M 931 4.45 12.83 34.58
C GLN M 931 3.33 12.04 35.24
N LYS M 932 2.74 11.14 34.46
CA LYS M 932 1.68 10.28 34.95
C LYS M 932 2.26 9.13 35.77
N GLY M 933 1.43 8.57 36.65
CA GLY M 933 1.87 7.45 37.45
C GLY M 933 0.77 7.01 38.40
N THR M 934 1.10 5.99 39.20
CA THR M 934 0.19 5.43 40.18
C THR M 934 0.86 5.43 41.55
N CYS M 935 0.03 5.40 42.59
CA CYS M 935 0.53 5.39 43.96
C CYS M 935 1.03 3.98 44.30
N GLY M 936 2.34 3.85 44.48
CA GLY M 936 2.90 2.56 44.84
C GLY M 936 2.58 2.16 46.28
N ILE M 937 2.73 3.10 47.21
CA ILE M 937 2.53 2.82 48.64
C ILE M 937 2.20 4.14 49.32
N GLN M 938 1.67 4.05 50.54
CA GLN M 938 1.45 5.20 51.41
C GLN M 938 2.37 5.12 52.61
N TYR M 939 2.85 6.27 53.06
CA TYR M 939 3.72 6.35 54.23
C TYR M 939 3.21 7.43 55.18
N ARG M 940 3.23 7.12 56.47
CA ARG M 940 2.90 8.10 57.50
C ARG M 940 4.06 9.07 57.69
N GLN M 941 3.81 10.13 58.46
CA GLN M 941 4.78 11.21 58.61
C GLN M 941 6.01 10.77 59.42
N GLU M 942 5.83 9.81 60.33
CA GLU M 942 6.94 9.36 61.16
C GLU M 942 7.85 8.37 60.45
N ASP M 943 7.48 7.89 59.25
CA ASP M 943 8.23 6.85 58.56
C ASP M 943 8.77 7.30 57.21
N MET M 944 8.91 8.60 56.97
CA MET M 944 9.44 9.09 55.72
C MET M 944 10.27 10.35 55.97
N ALA M 945 10.89 10.84 54.88
CA ALA M 945 11.96 11.82 54.99
C ALA M 945 11.43 13.20 55.38
N PHE M 946 12.27 13.93 56.14
CA PHE M 946 11.94 15.25 56.63
C PHE M 946 13.17 16.13 56.54
N THR M 947 12.95 17.43 56.33
CA THR M 947 14.03 18.39 56.16
C THR M 947 14.55 18.84 57.52
N CYS M 948 15.46 19.82 57.51
CA CYS M 948 15.91 20.43 58.75
C CYS M 948 14.83 21.31 59.38
N GLU M 949 13.86 21.76 58.59
CA GLU M 949 12.72 22.51 59.10
C GLU M 949 11.52 21.63 59.41
N GLY M 950 11.71 20.31 59.41
CA GLY M 950 10.63 19.39 59.73
C GLY M 950 9.56 19.30 58.66
N LEU M 951 9.90 19.63 57.42
CA LEU M 951 8.94 19.68 56.33
C LEU M 951 8.82 18.30 55.69
N ALA M 952 7.69 17.64 55.91
CA ALA M 952 7.41 16.37 55.26
C ALA M 952 6.66 16.64 53.96
N PRO M 953 7.20 16.26 52.80
CA PRO M 953 6.50 16.53 51.54
C PRO M 953 5.23 15.68 51.37
N ASP M 954 4.31 16.21 50.56
CA ASP M 954 3.05 15.53 50.32
C ASP M 954 3.24 14.29 49.46
N ILE M 955 4.22 14.31 48.57
CA ILE M 955 4.32 13.36 47.48
C ILE M 955 5.80 13.21 47.12
N ILE M 956 6.22 11.98 46.80
CA ILE M 956 7.58 11.73 46.35
C ILE M 956 7.51 11.00 45.01
N ILE M 957 8.44 11.34 44.12
CA ILE M 957 8.48 10.87 42.74
C ILE M 957 9.85 10.27 42.46
N ASN M 958 9.98 9.68 41.25
CA ASN M 958 11.20 9.05 40.76
C ASN M 958 12.01 10.03 39.94
N PRO M 959 13.28 10.28 40.28
CA PRO M 959 14.14 11.08 39.38
C PRO M 959 14.38 10.46 38.02
N HIS M 960 14.33 9.13 37.91
CA HIS M 960 14.60 8.44 36.65
C HIS M 960 13.50 8.68 35.61
N ALA M 961 12.33 9.15 36.03
CA ALA M 961 11.29 9.56 35.10
C ALA M 961 11.56 10.93 34.50
N ILE M 962 12.51 11.69 35.03
CA ILE M 962 12.79 13.05 34.56
C ILE M 962 13.53 13.07 33.22
N PRO M 963 14.75 12.42 33.04
CA PRO M 963 15.49 12.67 31.79
C PRO M 963 14.92 11.96 30.56
N SER M 964 14.29 10.80 30.78
CA SER M 964 13.69 10.07 29.66
C SER M 964 12.47 10.81 29.11
N ARG M 965 11.64 11.37 30.00
CA ARG M 965 10.51 12.17 29.56
C ARG M 965 10.94 13.55 29.09
N MET M 966 12.16 13.98 29.46
CA MET M 966 12.75 15.26 29.09
C MET M 966 11.86 16.42 29.54
N THR M 967 11.76 16.57 30.86
CA THR M 967 10.93 17.59 31.49
C THR M 967 11.82 18.47 32.36
N ILE M 968 12.42 19.49 31.75
CA ILE M 968 13.14 20.50 32.51
C ILE M 968 12.17 21.56 33.00
N GLY M 969 11.05 21.73 32.29
CA GLY M 969 10.03 22.69 32.70
C GLY M 969 9.37 22.33 34.01
N HIS M 970 9.34 21.04 34.35
CA HIS M 970 8.89 20.61 35.67
C HIS M 970 9.83 21.12 36.76
N LEU M 971 11.14 21.08 36.51
CA LEU M 971 12.11 21.59 37.47
C LEU M 971 12.03 23.11 37.58
N ILE M 972 11.80 23.80 36.45
CA ILE M 972 11.64 25.25 36.47
C ILE M 972 10.36 25.64 37.19
N GLU M 973 9.29 24.85 37.02
CA GLU M 973 8.05 25.05 37.75
C GLU M 973 8.25 24.86 39.25
N CYS M 974 9.02 23.84 39.64
CA CYS M 974 9.31 23.59 41.05
C CYS M 974 10.12 24.72 41.67
N LEU M 975 11.13 25.21 40.94
CA LEU M 975 11.97 26.30 41.42
C LEU M 975 11.18 27.61 41.54
N GLN M 976 10.33 27.90 40.54
CA GLN M 976 9.51 29.10 40.59
C GLN M 976 8.42 28.98 41.63
N GLY M 977 7.94 27.76 41.92
CA GLY M 977 6.99 27.57 43.00
C GLY M 977 7.61 27.82 44.35
N LYS M 978 8.83 27.34 44.57
CA LYS M 978 9.54 27.63 45.82
C LYS M 978 9.81 29.12 45.96
N LEU M 979 10.22 29.78 44.86
CA LEU M 979 10.49 31.22 44.90
C LEU M 979 9.22 32.03 45.17
N GLY M 980 8.11 31.67 44.51
CA GLY M 980 6.87 32.39 44.72
C GLY M 980 6.20 32.09 46.04
N SER M 981 6.49 30.94 46.64
CA SER M 981 5.92 30.64 47.94
C SER M 981 6.75 31.24 49.08
N ASN M 982 8.07 31.35 48.89
CA ASN M 982 8.88 32.05 49.87
C ASN M 982 8.66 33.57 49.77
N LYS M 983 8.61 34.09 48.55
CA LYS M 983 8.43 35.53 48.35
C LYS M 983 6.99 35.94 48.66
N GLY M 984 6.01 35.18 48.17
CA GLY M 984 4.63 35.55 48.34
C GLY M 984 4.04 36.17 47.09
N GLU M 985 4.37 35.61 45.93
CA GLU M 985 3.86 36.10 44.66
C GLU M 985 3.42 34.94 43.79
N ILE M 986 2.50 35.22 42.87
CA ILE M 986 2.07 34.23 41.90
C ILE M 986 3.05 34.21 40.75
N GLY M 987 3.63 33.05 40.48
CA GLY M 987 4.66 32.96 39.45
C GLY M 987 4.09 33.04 38.05
N ASP M 988 4.89 33.59 37.14
CA ASP M 988 4.53 33.71 35.73
C ASP M 988 5.30 32.65 34.95
N ALA M 989 4.57 31.84 34.19
CA ALA M 989 5.15 30.75 33.41
C ALA M 989 4.80 30.90 31.93
N THR M 990 4.74 32.14 31.46
CA THR M 990 4.40 32.39 30.07
C THR M 990 5.54 31.95 29.16
N PRO M 991 5.26 31.11 28.15
CA PRO M 991 6.32 30.69 27.23
C PRO M 991 6.81 31.83 26.35
N PHE M 992 8.05 31.67 25.88
CA PHE M 992 8.76 32.62 25.01
C PHE M 992 8.85 34.01 25.66
N ASN M 993 9.08 34.03 26.96
CA ASN M 993 9.21 35.26 27.73
C ASN M 993 10.67 35.41 28.16
N ASP M 994 11.30 36.52 27.76
CA ASP M 994 12.68 36.78 28.12
C ASP M 994 12.84 37.35 29.51
N ALA M 995 11.74 37.77 30.15
CA ALA M 995 11.80 38.30 31.50
C ALA M 995 11.91 37.24 32.57
N VAL M 996 11.67 35.98 32.23
CA VAL M 996 11.77 34.86 33.17
C VAL M 996 12.95 34.00 32.75
N ASN M 997 13.92 33.84 33.65
CA ASN M 997 15.11 33.05 33.39
C ASN M 997 15.40 32.17 34.58
N VAL M 998 16.13 31.07 34.33
CA VAL M 998 16.52 30.16 35.39
C VAL M 998 17.50 30.83 36.34
N GLN M 999 18.45 31.61 35.80
CA GLN M 999 19.43 32.31 36.62
C GLN M 999 18.79 33.43 37.44
N LYS M 1000 17.78 34.11 36.89
CA LYS M 1000 17.07 35.15 37.63
C LYS M 1000 16.29 34.56 38.80
N ILE M 1001 15.62 33.43 38.57
CA ILE M 1001 14.88 32.74 39.63
C ILE M 1001 15.85 32.22 40.68
N SER M 1002 17.01 31.72 40.26
CA SER M 1002 18.03 31.25 41.20
C SER M 1002 18.58 32.40 42.05
N THR M 1003 18.84 33.55 41.43
CA THR M 1003 19.34 34.71 42.14
C THR M 1003 18.32 35.26 43.13
N PHE M 1004 17.04 35.27 42.74
CA PHE M 1004 16.00 35.72 43.66
C PHE M 1004 15.76 34.71 44.78
N LEU M 1005 15.93 33.42 44.51
CA LEU M 1005 15.74 32.39 45.52
C LEU M 1005 16.91 32.35 46.50
N GLN M 1006 18.10 32.76 46.06
CA GLN M 1006 19.27 32.80 46.94
C GLN M 1006 19.10 33.80 48.09
N GLU M 1007 18.34 34.87 47.86
CA GLU M 1007 18.14 35.91 48.87
C GLU M 1007 17.23 35.47 50.01
N TYR M 1008 16.48 34.38 49.86
CA TYR M 1008 15.51 33.96 50.87
C TYR M 1008 16.04 32.86 51.78
N GLY M 1009 17.36 32.76 51.94
CA GLY M 1009 17.94 31.83 52.88
C GLY M 1009 17.90 30.39 52.47
N TYR M 1010 17.77 30.10 51.19
CA TYR M 1010 17.77 28.74 50.68
C TYR M 1010 18.86 28.59 49.62
N HIS M 1011 19.08 27.34 49.20
CA HIS M 1011 20.08 27.06 48.18
C HIS M 1011 19.61 27.58 46.82
N LEU M 1012 20.57 28.06 46.02
CA LEU M 1012 20.24 28.75 44.79
C LEU M 1012 19.73 27.81 43.70
N ARG M 1013 20.02 26.51 43.80
CA ARG M 1013 19.45 25.52 42.89
C ARG M 1013 18.21 24.85 43.47
N GLY M 1014 17.72 25.31 44.62
CA GLY M 1014 16.54 24.75 45.23
C GLY M 1014 16.75 23.45 45.98
N ASN M 1015 18.00 23.00 46.11
CA ASN M 1015 18.27 21.77 46.82
C ASN M 1015 18.13 21.96 48.33
N GLU M 1016 17.73 20.90 49.01
CA GLU M 1016 17.57 20.92 50.45
C GLU M 1016 18.19 19.66 51.05
N VAL M 1017 18.61 19.76 52.30
CA VAL M 1017 19.19 18.64 53.04
C VAL M 1017 18.09 18.04 53.91
N MET M 1018 17.77 16.78 53.67
CA MET M 1018 16.75 16.08 54.41
C MET M 1018 17.38 14.99 55.27
N TYR M 1019 16.52 14.26 55.98
CA TYR M 1019 16.97 13.24 56.91
C TYR M 1019 16.21 11.94 56.65
N ASN M 1020 16.74 10.85 57.17
CA ASN M 1020 16.06 9.57 57.08
C ASN M 1020 14.85 9.56 58.01
N GLY M 1021 13.80 8.86 57.58
CA GLY M 1021 12.61 8.76 58.40
C GLY M 1021 12.70 7.63 59.41
N HIS M 1022 13.24 6.49 58.97
CA HIS M 1022 13.32 5.32 59.85
C HIS M 1022 14.43 5.48 60.89
N THR M 1023 15.59 5.98 60.49
CA THR M 1023 16.75 6.06 61.37
C THR M 1023 17.12 7.47 61.80
N GLY M 1024 16.91 8.47 60.96
CA GLY M 1024 17.27 9.83 61.28
C GLY M 1024 18.59 10.31 60.72
N ARG M 1025 19.30 9.46 59.97
CA ARG M 1025 20.58 9.84 59.41
C ARG M 1025 20.40 10.83 58.26
N LYS M 1026 21.39 11.69 58.08
CA LYS M 1026 21.40 12.61 56.94
C LYS M 1026 21.56 11.86 55.64
N ILE M 1027 20.84 12.30 54.62
CA ILE M 1027 21.00 11.74 53.28
C ILE M 1027 22.29 12.28 52.69
N ASN M 1028 23.11 11.38 52.12
CA ASN M 1028 24.41 11.78 51.59
C ASN M 1028 24.28 12.65 50.35
N ALA M 1029 23.29 12.37 49.52
CA ALA M 1029 23.02 13.17 48.32
C ALA M 1029 21.93 14.20 48.64
N GLN M 1030 22.20 15.46 48.34
CA GLN M 1030 21.22 16.51 48.56
C GLN M 1030 20.10 16.40 47.54
N VAL M 1031 18.89 16.74 47.97
CA VAL M 1031 17.70 16.45 47.20
C VAL M 1031 16.97 17.74 46.85
N PHE M 1032 16.21 17.70 45.77
CA PHE M 1032 15.52 18.86 45.23
C PHE M 1032 14.07 18.83 45.65
N LEU M 1033 13.63 19.87 46.37
CA LEU M 1033 12.30 19.93 46.94
C LEU M 1033 11.65 21.26 46.58
N GLY M 1034 10.32 21.26 46.52
CA GLY M 1034 9.56 22.47 46.29
C GLY M 1034 8.12 22.18 45.91
N PRO M 1035 7.28 23.20 45.84
CA PRO M 1035 5.88 22.98 45.48
C PRO M 1035 5.68 22.97 43.96
N THR M 1036 4.93 21.99 43.47
CA THR M 1036 4.48 21.92 42.09
C THR M 1036 2.95 21.84 42.08
N TYR M 1037 2.39 21.59 40.90
CA TYR M 1037 0.94 21.48 40.71
C TYR M 1037 0.64 20.11 40.11
N TYR M 1038 0.01 19.25 40.89
CA TYR M 1038 -0.31 17.90 40.44
C TYR M 1038 -1.81 17.72 40.30
N GLN M 1039 -2.19 16.91 39.31
CA GLN M 1039 -3.59 16.68 38.99
C GLN M 1039 -3.92 15.19 39.14
N ARG M 1040 -4.97 14.90 39.90
CA ARG M 1040 -5.47 13.54 40.02
C ARG M 1040 -6.19 13.13 38.74
N LEU M 1041 -6.21 11.84 38.47
CA LEU M 1041 -6.88 11.30 37.30
C LEU M 1041 -8.01 10.37 37.71
N LYS M 1042 -8.95 10.18 36.78
CA LYS M 1042 -10.18 9.45 37.06
C LYS M 1042 -10.02 7.94 37.05
N HIS M 1043 -8.82 7.43 36.72
CA HIS M 1043 -8.59 6.00 36.65
C HIS M 1043 -8.23 5.45 38.04
N MET M 1044 -9.24 5.46 38.91
CA MET M 1044 -9.08 4.87 40.23
C MET M 1044 -9.10 3.34 40.16
N VAL M 1045 -8.47 2.71 41.14
CA VAL M 1045 -8.47 1.25 41.20
C VAL M 1045 -9.80 0.68 41.65
N ASP M 1046 -10.64 1.49 42.32
CA ASP M 1046 -11.96 1.01 42.72
C ASP M 1046 -12.89 0.86 41.53
N ASP M 1047 -12.67 1.64 40.47
CA ASP M 1047 -13.46 1.55 39.25
C ASP M 1047 -12.86 0.58 38.24
N LYS M 1048 -11.76 -0.09 38.58
CA LYS M 1048 -11.08 -0.98 37.66
C LYS M 1048 -10.79 -2.37 38.21
N ILE M 1049 -10.98 -2.61 39.50
CA ILE M 1049 -10.74 -3.92 40.08
C ILE M 1049 -11.88 -4.86 39.68
N HIS M 1050 -11.54 -6.08 39.29
CA HIS M 1050 -12.53 -7.06 38.90
C HIS M 1050 -12.02 -8.46 39.24
N SER M 1051 -12.91 -9.28 39.78
CA SER M 1051 -12.61 -10.67 40.04
C SER M 1051 -13.87 -11.49 39.84
N ARG M 1052 -13.69 -12.76 39.47
CA ARG M 1052 -14.82 -13.60 39.12
C ARG M 1052 -14.42 -15.06 39.26
N ALA M 1053 -15.22 -15.82 40.01
CA ALA M 1053 -15.01 -17.26 40.15
C ALA M 1053 -15.96 -18.04 39.25
N ARG M 1054 -17.27 -17.86 39.43
CA ARG M 1054 -18.29 -18.45 38.59
C ARG M 1054 -19.49 -17.52 38.58
N GLY M 1055 -20.08 -17.33 37.40
CA GLY M 1055 -21.20 -16.43 37.26
C GLY M 1055 -22.11 -16.78 36.10
N PRO M 1056 -22.70 -15.76 35.48
CA PRO M 1056 -23.63 -16.00 34.38
C PRO M 1056 -22.92 -16.47 33.11
N VAL M 1057 -23.67 -17.19 32.28
CA VAL M 1057 -23.20 -17.65 30.98
C VAL M 1057 -24.17 -17.16 29.92
N GLN M 1058 -23.68 -17.07 28.69
CA GLN M 1058 -24.48 -16.54 27.60
C GLN M 1058 -25.59 -17.50 27.21
N ILE M 1059 -26.66 -16.95 26.64
CA ILE M 1059 -27.78 -17.76 26.17
C ILE M 1059 -27.47 -18.47 24.86
N LEU M 1060 -26.41 -18.08 24.16
CA LEU M 1060 -26.06 -18.66 22.88
C LEU M 1060 -24.86 -19.60 22.99
N VAL M 1061 -23.72 -19.11 23.48
CA VAL M 1061 -22.48 -19.88 23.49
C VAL M 1061 -22.08 -20.35 24.89
N ARG M 1062 -22.82 -19.93 25.93
CA ARG M 1062 -22.55 -20.27 27.34
C ARG M 1062 -21.14 -19.86 27.77
N GLN M 1063 -20.76 -18.65 27.41
CA GLN M 1063 -19.49 -18.03 27.74
C GLN M 1063 -19.70 -16.90 28.76
N PRO M 1064 -18.65 -16.49 29.47
CA PRO M 1064 -18.81 -15.38 30.43
C PRO M 1064 -19.15 -14.05 29.76
N MET M 1065 -19.62 -13.11 30.58
CA MET M 1065 -20.14 -11.84 30.12
C MET M 1065 -19.01 -10.90 29.66
N GLU M 1066 -19.41 -9.68 29.31
CA GLU M 1066 -18.48 -8.61 28.95
C GLU M 1066 -18.69 -7.44 29.88
N GLY M 1067 -17.60 -6.91 30.42
CA GLY M 1067 -17.67 -5.74 31.26
C GLY M 1067 -17.75 -6.09 32.74
N ARG M 1068 -17.36 -5.12 33.57
CA ARG M 1068 -17.44 -5.29 35.02
C ARG M 1068 -18.87 -5.22 35.52
N ALA M 1069 -19.73 -4.46 34.83
CA ALA M 1069 -21.11 -4.31 35.26
C ALA M 1069 -21.91 -5.60 35.08
N ARG M 1070 -21.59 -6.39 34.07
CA ARG M 1070 -22.25 -7.66 33.85
C ARG M 1070 -21.54 -8.83 34.50
N ASP M 1071 -20.44 -8.57 35.21
CA ASP M 1071 -19.60 -9.56 35.90
C ASP M 1071 -19.09 -10.62 34.92
N GLY M 1072 -18.25 -10.15 34.00
CA GLY M 1072 -17.68 -10.99 32.96
C GLY M 1072 -16.24 -11.37 33.23
N GLY M 1073 -15.84 -12.53 32.72
CA GLY M 1073 -14.48 -12.99 32.89
C GLY M 1073 -13.51 -12.37 31.90
N LEU M 1074 -12.24 -12.70 32.08
CA LEU M 1074 -11.20 -12.17 31.21
C LEU M 1074 -11.19 -12.87 29.85
N ARG M 1075 -10.60 -12.19 28.88
CA ARG M 1075 -10.56 -12.67 27.51
C ARG M 1075 -9.25 -13.42 27.28
N PHE M 1076 -9.32 -14.75 27.22
CA PHE M 1076 -8.18 -15.58 26.87
C PHE M 1076 -8.02 -15.51 25.36
N GLY M 1077 -7.26 -14.51 24.90
CA GLY M 1077 -7.18 -14.18 23.49
C GLY M 1077 -6.30 -15.11 22.69
N GLU M 1078 -5.96 -14.66 21.48
CA GLU M 1078 -5.19 -15.48 20.56
C GLU M 1078 -3.75 -15.65 21.02
N MET M 1079 -3.12 -14.54 21.41
CA MET M 1079 -1.71 -14.57 21.79
C MET M 1079 -1.47 -15.28 23.11
N GLU M 1080 -2.48 -15.43 23.96
CA GLU M 1080 -2.36 -16.32 25.11
C GLU M 1080 -2.17 -17.76 24.67
N ARG M 1081 -2.96 -18.20 23.68
CA ARG M 1081 -2.79 -19.53 23.12
C ARG M 1081 -1.46 -19.65 22.40
N ASP M 1082 -1.00 -18.56 21.78
CA ASP M 1082 0.28 -18.56 21.08
C ASP M 1082 1.45 -18.76 22.04
N CYS M 1083 1.48 -17.99 23.14
CA CYS M 1083 2.57 -18.12 24.10
C CYS M 1083 2.45 -19.38 24.94
N GLN M 1084 1.24 -19.93 25.12
CA GLN M 1084 1.15 -21.19 25.83
C GLN M 1084 1.58 -22.37 24.94
N ILE M 1085 1.33 -22.29 23.64
CA ILE M 1085 1.90 -23.26 22.70
C ILE M 1085 3.42 -23.11 22.66
N SER M 1086 3.91 -21.88 22.75
CA SER M 1086 5.36 -21.65 22.89
C SER M 1086 5.92 -22.26 24.16
N HIS M 1087 5.19 -22.20 25.27
CA HIS M 1087 5.59 -22.95 26.45
C HIS M 1087 5.34 -24.45 26.27
N GLY M 1088 4.33 -24.81 25.49
CA GLY M 1088 4.04 -26.20 25.23
C GLY M 1088 3.49 -26.99 26.39
N ALA M 1089 2.59 -26.40 27.18
CA ALA M 1089 1.91 -27.09 28.26
C ALA M 1089 0.45 -27.28 27.85
N ALA M 1090 0.08 -28.53 27.54
CA ALA M 1090 -1.23 -28.80 26.95
C ALA M 1090 -2.35 -28.74 27.99
N GLN M 1091 -2.04 -29.04 29.26
CA GLN M 1091 -3.09 -29.14 30.27
C GLN M 1091 -3.67 -27.78 30.63
N PHE M 1092 -2.85 -26.72 30.65
CA PHE M 1092 -3.37 -25.38 30.90
C PHE M 1092 -4.26 -24.93 29.75
N LEU M 1093 -3.90 -25.29 28.52
CA LEU M 1093 -4.76 -25.01 27.37
C LEU M 1093 -6.09 -25.76 27.46
N ARG M 1094 -6.03 -27.04 27.85
CA ARG M 1094 -7.26 -27.84 28.00
C ARG M 1094 -8.12 -27.33 29.15
N GLU M 1095 -7.50 -26.75 30.18
CA GLU M 1095 -8.27 -26.18 31.27
C GLU M 1095 -8.94 -24.88 30.85
N ARG M 1096 -8.15 -23.92 30.33
CA ARG M 1096 -8.67 -22.58 30.04
C ARG M 1096 -9.61 -22.55 28.85
N LEU M 1097 -9.49 -23.50 27.91
CA LEU M 1097 -10.31 -23.47 26.72
C LEU M 1097 -11.34 -24.58 26.63
N PHE M 1098 -11.35 -25.52 27.58
CA PHE M 1098 -12.42 -26.51 27.59
C PHE M 1098 -13.06 -26.68 28.95
N GLU M 1099 -12.29 -26.61 30.04
CA GLU M 1099 -12.80 -26.96 31.35
C GLU M 1099 -13.51 -25.81 32.07
N VAL M 1100 -13.00 -24.59 31.93
CA VAL M 1100 -13.55 -23.45 32.65
C VAL M 1100 -14.22 -22.45 31.73
N SER M 1101 -14.48 -22.82 30.47
CA SER M 1101 -15.13 -21.90 29.55
C SER M 1101 -16.53 -22.37 29.17
N ASP M 1102 -16.66 -23.56 28.58
CA ASP M 1102 -17.95 -24.08 28.15
C ASP M 1102 -17.92 -25.60 27.92
N PRO M 1103 -17.85 -26.41 28.97
CA PRO M 1103 -17.87 -27.87 28.76
C PRO M 1103 -19.26 -28.35 28.39
N TYR M 1104 -19.31 -29.41 27.58
CA TYR M 1104 -20.57 -29.99 27.19
C TYR M 1104 -20.35 -31.45 26.85
N ARG M 1105 -21.43 -32.23 26.93
CA ARG M 1105 -21.42 -33.65 26.60
C ARG M 1105 -22.50 -33.91 25.56
N VAL M 1106 -22.14 -34.60 24.48
CA VAL M 1106 -23.06 -34.89 23.39
C VAL M 1106 -23.01 -36.39 23.13
N HIS M 1107 -24.09 -36.91 22.56
CA HIS M 1107 -24.19 -38.32 22.18
C HIS M 1107 -24.17 -38.43 20.66
N ILE M 1108 -23.26 -39.24 20.15
CA ILE M 1108 -22.96 -39.32 18.72
C ILE M 1108 -23.15 -40.76 18.25
N CYS M 1109 -23.89 -40.92 17.16
CA CYS M 1109 -23.99 -42.22 16.50
C CYS M 1109 -22.66 -42.59 15.86
N ASN M 1110 -22.27 -43.86 16.00
CA ASN M 1110 -20.99 -44.30 15.50
C ASN M 1110 -20.98 -44.39 13.97
N PHE M 1111 -22.08 -44.83 13.37
CA PHE M 1111 -22.14 -44.99 11.93
C PHE M 1111 -22.25 -43.65 11.20
N CYS M 1112 -23.08 -42.74 11.71
CA CYS M 1112 -23.33 -41.48 11.03
C CYS M 1112 -22.37 -40.37 11.47
N GLY M 1113 -21.91 -40.39 12.71
CA GLY M 1113 -20.98 -39.38 13.19
C GLY M 1113 -21.60 -38.04 13.51
N LEU M 1114 -22.92 -37.95 13.59
CA LEU M 1114 -23.63 -36.71 13.90
C LEU M 1114 -24.27 -36.82 15.27
N ILE M 1115 -24.98 -35.76 15.65
CA ILE M 1115 -25.60 -35.67 16.97
C ILE M 1115 -26.82 -36.57 17.00
N ALA M 1116 -26.87 -37.47 17.97
CA ALA M 1116 -27.95 -38.44 18.10
C ALA M 1116 -28.86 -38.07 19.27
N ILE M 1117 -30.07 -38.63 19.25
CA ILE M 1117 -31.06 -38.37 20.29
C ILE M 1117 -30.71 -39.19 21.52
N ALA M 1118 -30.69 -38.54 22.68
CA ALA M 1118 -30.36 -39.19 23.94
C ALA M 1118 -31.32 -38.74 25.02
N ASN M 1119 -32.20 -39.63 25.45
CA ASN M 1119 -33.11 -39.38 26.57
C ASN M 1119 -32.48 -39.97 27.83
N LEU M 1120 -32.09 -39.11 28.76
CA LEU M 1120 -31.38 -39.53 29.95
C LEU M 1120 -32.30 -40.03 31.06
N ARG M 1121 -33.61 -39.84 30.93
CA ARG M 1121 -34.53 -40.26 31.98
C ARG M 1121 -34.73 -41.77 31.97
N ASN M 1122 -35.16 -42.31 30.83
CA ASN M 1122 -35.29 -43.75 30.66
C ASN M 1122 -34.03 -44.40 30.12
N ASN M 1123 -32.96 -43.60 29.93
CA ASN M 1123 -31.64 -44.04 29.46
C ASN M 1123 -31.73 -44.73 28.10
N THR M 1124 -32.29 -43.99 27.14
CA THR M 1124 -32.46 -44.48 25.78
C THR M 1124 -31.68 -43.62 24.80
N PHE M 1125 -31.16 -44.24 23.76
CA PHE M 1125 -30.41 -43.56 22.71
C PHE M 1125 -30.95 -44.01 21.36
N GLU M 1126 -31.11 -43.05 20.45
CA GLU M 1126 -31.71 -43.33 19.16
C GLU M 1126 -31.16 -42.36 18.11
N CYS M 1127 -30.71 -42.90 16.99
CA CYS M 1127 -30.31 -42.12 15.83
C CYS M 1127 -31.46 -42.12 14.84
N LYS M 1128 -31.90 -40.93 14.44
CA LYS M 1128 -33.11 -40.81 13.63
C LYS M 1128 -32.88 -41.23 12.18
N GLY M 1129 -31.63 -41.25 11.73
CA GLY M 1129 -31.35 -41.60 10.36
C GLY M 1129 -30.71 -42.96 10.17
N CYS M 1130 -29.79 -43.31 11.06
CA CYS M 1130 -29.09 -44.59 10.98
C CYS M 1130 -29.89 -45.74 11.58
N LYS M 1131 -31.02 -45.43 12.24
CA LYS M 1131 -31.85 -46.39 12.98
C LYS M 1131 -31.01 -47.15 14.01
N ASN M 1132 -30.16 -46.41 14.71
CA ASN M 1132 -29.16 -46.97 15.61
C ASN M 1132 -29.59 -46.75 17.06
N LYS M 1133 -29.61 -47.82 17.84
CA LYS M 1133 -30.04 -47.77 19.22
C LYS M 1133 -28.96 -48.13 20.23
N THR M 1134 -27.94 -48.90 19.83
CA THR M 1134 -26.91 -49.37 20.74
C THR M 1134 -25.56 -48.71 20.54
N GLN M 1135 -25.14 -48.46 19.29
CA GLN M 1135 -23.82 -47.92 19.02
C GLN M 1135 -23.86 -46.38 19.08
N ILE M 1136 -24.05 -45.89 20.29
CA ILE M 1136 -24.09 -44.46 20.57
C ILE M 1136 -23.05 -44.16 21.64
N SER M 1137 -22.16 -43.22 21.36
CA SER M 1137 -21.07 -42.89 22.28
C SER M 1137 -21.23 -41.48 22.81
N GLN M 1138 -20.46 -41.18 23.86
CA GLN M 1138 -20.52 -39.90 24.56
C GLN M 1138 -19.20 -39.15 24.35
N VAL M 1139 -19.31 -37.90 23.91
CA VAL M 1139 -18.14 -37.08 23.59
C VAL M 1139 -18.25 -35.77 24.35
N ARG M 1140 -17.19 -35.43 25.10
CA ARG M 1140 -17.08 -34.14 25.75
C ARG M 1140 -16.42 -33.15 24.78
N LEU M 1141 -16.98 -31.94 24.73
CA LEU M 1141 -16.59 -30.97 23.71
C LEU M 1141 -16.91 -29.58 24.22
N PRO M 1142 -16.26 -28.54 23.68
CA PRO M 1142 -16.70 -27.17 23.94
C PRO M 1142 -18.06 -26.90 23.33
N TYR M 1143 -18.81 -25.99 23.96
CA TYR M 1143 -20.14 -25.63 23.46
C TYR M 1143 -20.06 -24.85 22.16
N ALA M 1144 -19.03 -24.01 22.00
CA ALA M 1144 -18.87 -23.22 20.77
C ALA M 1144 -18.54 -24.12 19.59
N ALA M 1145 -17.80 -25.21 19.82
CA ALA M 1145 -17.59 -26.19 18.75
C ALA M 1145 -18.88 -26.90 18.37
N LYS M 1146 -19.76 -27.13 19.36
CA LYS M 1146 -21.07 -27.72 19.08
C LYS M 1146 -21.95 -26.77 18.26
N LEU M 1147 -21.90 -25.48 18.58
CA LEU M 1147 -22.63 -24.50 17.76
C LEU M 1147 -22.02 -24.37 16.37
N LEU M 1148 -20.70 -24.50 16.25
CA LEU M 1148 -20.06 -24.50 14.93
C LEU M 1148 -20.52 -25.71 14.10
N PHE M 1149 -20.59 -26.88 14.73
CA PHE M 1149 -21.04 -28.09 14.04
C PHE M 1149 -22.51 -27.98 13.64
N GLN M 1150 -23.34 -27.41 14.51
CA GLN M 1150 -24.75 -27.24 14.17
C GLN M 1150 -24.95 -26.19 13.07
N GLU M 1151 -24.15 -25.12 13.09
CA GLU M 1151 -24.21 -24.12 12.03
C GLU M 1151 -23.75 -24.69 10.70
N LEU M 1152 -22.72 -25.55 10.72
CA LEU M 1152 -22.31 -26.24 9.51
C LEU M 1152 -23.37 -27.22 9.03
N MET M 1153 -24.07 -27.87 9.97
CA MET M 1153 -25.20 -28.72 9.59
C MET M 1153 -26.33 -27.91 8.98
N SER M 1154 -26.46 -26.63 9.35
CA SER M 1154 -27.38 -25.74 8.66
C SER M 1154 -26.89 -25.32 7.28
N MET M 1155 -25.59 -25.46 6.99
CA MET M 1155 -25.01 -25.05 5.71
C MET M 1155 -24.82 -26.22 4.76
N ASN M 1156 -25.63 -27.28 4.92
CA ASN M 1156 -25.57 -28.52 4.11
C ASN M 1156 -24.19 -29.18 4.17
N ILE M 1157 -23.56 -29.11 5.35
CA ILE M 1157 -22.24 -29.68 5.58
C ILE M 1157 -22.37 -30.69 6.71
N ALA M 1158 -21.79 -31.88 6.51
CA ALA M 1158 -21.85 -32.94 7.52
C ALA M 1158 -20.48 -33.16 8.13
N PRO M 1159 -20.21 -32.61 9.32
CA PRO M 1159 -18.96 -32.95 10.04
C PRO M 1159 -19.14 -34.25 10.83
N ARG M 1160 -19.00 -35.37 10.12
CA ARG M 1160 -19.24 -36.69 10.69
C ARG M 1160 -18.11 -37.07 11.63
N LEU M 1161 -18.42 -37.12 12.92
CA LEU M 1161 -17.42 -37.41 13.95
C LEU M 1161 -17.57 -38.86 14.38
N MET M 1162 -16.89 -39.76 13.67
CA MET M 1162 -16.87 -41.15 14.10
C MET M 1162 -15.98 -41.31 15.32
N VAL M 1163 -16.29 -42.32 16.11
CA VAL M 1163 -15.63 -42.51 17.40
C VAL M 1163 -14.76 -43.78 17.43
N THR M 1164 -14.97 -44.71 16.51
CA THR M 1164 -14.19 -45.95 16.49
C THR M 1164 -12.81 -45.72 15.89
N PRO N 1 28.65 -0.47 77.96
CA PRO N 1 27.42 -1.28 77.88
C PRO N 1 26.27 -0.67 78.67
N TYR N 2 26.50 0.51 79.25
CA TYR N 2 25.54 1.13 80.15
C TYR N 2 24.84 2.29 79.46
N ALA N 3 23.92 2.93 80.18
CA ALA N 3 23.13 4.01 79.63
C ALA N 3 23.94 5.30 79.54
N ASN N 4 23.46 6.20 78.69
CA ASN N 4 24.11 7.50 78.52
C ASN N 4 23.68 8.46 79.63
N GLN N 5 24.37 9.60 79.70
CA GLN N 5 24.08 10.66 80.67
C GLN N 5 23.88 11.96 79.92
N PRO N 6 22.69 12.19 79.37
CA PRO N 6 22.47 13.36 78.52
C PRO N 6 22.17 14.62 79.34
N SER N 7 22.15 15.75 78.64
CA SER N 7 21.97 17.06 79.25
C SER N 7 21.08 17.94 78.37
N VAL N 8 20.51 18.97 78.99
CA VAL N 8 19.49 19.81 78.38
C VAL N 8 20.00 21.26 78.33
N GLN N 9 19.62 21.98 77.26
CA GLN N 9 19.81 23.42 77.22
C GLN N 9 18.66 24.02 76.43
N ILE N 10 17.66 24.57 77.13
CA ILE N 10 16.51 25.17 76.47
C ILE N 10 16.85 26.61 76.10
N THR N 11 16.68 26.96 74.83
CA THR N 11 17.01 28.29 74.34
C THR N 11 15.79 29.20 74.18
N GLU N 12 14.63 28.64 73.85
CA GLU N 12 13.44 29.45 73.62
C GLU N 12 12.21 28.69 74.09
N LEU N 13 11.30 29.41 74.76
CA LEU N 13 10.06 28.83 75.25
C LEU N 13 8.93 29.83 75.09
N THR N 14 7.82 29.39 74.50
CA THR N 14 6.61 30.20 74.41
C THR N 14 5.41 29.27 74.50
N ASP N 15 4.23 29.80 74.15
CA ASP N 15 2.99 29.06 74.35
C ASP N 15 2.85 27.90 73.35
N ASP N 16 3.27 28.10 72.11
CA ASP N 16 3.06 27.10 71.07
C ASP N 16 4.35 26.57 70.47
N ASN N 17 5.51 26.88 71.06
CA ASN N 17 6.79 26.49 70.48
C ASN N 17 7.84 26.39 71.58
N VAL N 18 8.74 25.42 71.44
CA VAL N 18 9.86 25.24 72.35
C VAL N 18 11.09 24.91 71.53
N LYS N 19 12.24 25.45 71.94
CA LYS N 19 13.52 25.18 71.30
C LYS N 19 14.52 24.72 72.34
N PHE N 20 15.17 23.58 72.10
CA PHE N 20 16.12 23.07 73.07
C PHE N 20 17.22 22.27 72.39
N VAL N 21 18.29 22.04 73.14
CA VAL N 21 19.47 21.32 72.68
C VAL N 21 19.68 20.13 73.61
N LEU N 22 19.80 18.94 73.01
CA LEU N 22 20.14 17.72 73.74
C LEU N 22 21.62 17.42 73.56
N GLU N 23 22.28 17.07 74.67
CA GLU N 23 23.72 16.83 74.68
C GLU N 23 23.99 15.43 75.20
N ASP N 24 24.96 14.76 74.55
CA ASP N 24 25.49 13.44 74.94
C ASP N 24 24.38 12.38 74.97
N THR N 25 23.84 12.10 73.77
CA THR N 25 22.85 11.07 73.59
C THR N 25 22.93 10.57 72.16
N GLU N 26 22.29 9.44 71.89
CA GLU N 26 22.40 8.82 70.58
C GLU N 26 21.48 9.48 69.57
N LEU N 27 21.75 9.22 68.29
CA LEU N 27 20.92 9.76 67.21
C LEU N 27 19.57 9.07 67.16
N SER N 28 19.51 7.79 67.51
CA SER N 28 18.26 7.06 67.55
C SER N 28 17.33 7.61 68.62
N VAL N 29 17.91 8.12 69.72
CA VAL N 29 17.12 8.76 70.77
C VAL N 29 16.38 9.97 70.22
N ALA N 30 17.10 10.82 69.49
CA ALA N 30 16.50 12.04 68.94
C ALA N 30 15.50 11.72 67.84
N ASN N 31 15.83 10.77 66.95
CA ASN N 31 14.92 10.41 65.86
C ASN N 31 13.64 9.77 66.40
N SER N 32 13.75 8.86 67.37
CA SER N 32 12.57 8.24 67.93
C SER N 32 11.79 9.20 68.83
N LEU N 33 12.46 10.17 69.44
CA LEU N 33 11.74 11.21 70.17
C LEU N 33 10.91 12.07 69.23
N ARG N 34 11.46 12.42 68.08
CA ARG N 34 10.68 13.14 67.06
C ARG N 34 9.52 12.29 66.54
N ARG N 35 9.76 10.99 66.36
CA ARG N 35 8.71 10.07 65.91
C ARG N 35 7.58 9.95 66.93
N VAL N 36 7.90 9.85 68.22
CA VAL N 36 6.86 9.71 69.23
C VAL N 36 6.19 11.05 69.50
N PHE N 37 6.86 12.17 69.23
CA PHE N 37 6.19 13.46 69.37
C PHE N 37 5.19 13.69 68.24
N ILE N 38 5.55 13.26 67.03
CA ILE N 38 4.63 13.44 65.91
C ILE N 38 3.51 12.40 65.95
N ALA N 39 3.86 11.12 66.09
CA ALA N 39 2.89 10.05 65.87
C ALA N 39 2.22 9.58 67.15
N GLU N 40 2.99 9.06 68.10
CA GLU N 40 2.42 8.29 69.19
C GLU N 40 2.07 9.13 70.41
N THR N 41 2.03 10.46 70.28
CA THR N 41 1.59 11.31 71.38
C THR N 41 0.08 11.49 71.32
N PRO N 42 -0.66 11.09 72.36
CA PRO N 42 -2.12 11.13 72.28
C PRO N 42 -2.70 12.50 72.60
N THR N 43 -3.90 12.73 72.08
CA THR N 43 -4.66 13.94 72.34
C THR N 43 -6.14 13.64 72.11
N LEU N 44 -6.98 14.64 72.33
CA LEU N 44 -8.42 14.52 72.14
C LEU N 44 -8.83 15.20 70.83
N ALA N 45 -9.61 14.49 70.01
CA ALA N 45 -10.16 15.04 68.79
C ALA N 45 -11.51 14.41 68.51
N ILE N 46 -12.33 15.12 67.74
CA ILE N 46 -13.70 14.71 67.47
C ILE N 46 -13.70 13.47 66.57
N ASP N 47 -14.43 12.43 66.98
CA ASP N 47 -14.45 11.18 66.25
C ASP N 47 -15.85 10.75 65.84
N TRP N 48 -16.84 10.94 66.72
CA TRP N 48 -18.19 10.44 66.51
C TRP N 48 -19.09 11.62 66.17
N VAL N 49 -19.59 11.68 64.94
CA VAL N 49 -20.36 12.81 64.44
C VAL N 49 -21.78 12.34 64.12
N GLN N 50 -22.78 13.08 64.60
CA GLN N 50 -24.17 12.83 64.27
C GLN N 50 -24.82 14.13 63.84
N LEU N 51 -25.42 14.13 62.66
CA LEU N 51 -26.04 15.31 62.07
C LEU N 51 -27.55 15.15 62.06
N GLU N 52 -28.26 16.19 62.50
CA GLU N 52 -29.72 16.22 62.45
C GLU N 52 -30.27 17.23 61.46
N ALA N 53 -29.47 18.22 61.05
CA ALA N 53 -29.91 19.22 60.08
C ALA N 53 -28.69 19.66 59.28
N ASN N 54 -28.70 19.40 57.98
CA ASN N 54 -27.59 19.72 57.10
C ASN N 54 -28.09 20.41 55.83
N SER N 55 -28.88 21.46 55.99
CA SER N 55 -29.45 22.19 54.88
C SER N 55 -28.49 23.23 54.27
N THR N 56 -27.19 23.07 54.48
CA THR N 56 -26.19 23.98 53.94
C THR N 56 -25.80 23.55 52.52
N VAL N 57 -24.73 24.14 51.99
CA VAL N 57 -24.25 23.84 50.64
C VAL N 57 -23.13 22.81 50.64
N LEU N 58 -22.89 22.15 51.77
CA LEU N 58 -21.83 21.16 51.88
C LEU N 58 -22.40 19.82 52.34
N SER N 59 -21.65 18.76 52.06
CA SER N 59 -22.08 17.41 52.36
C SER N 59 -21.88 17.08 53.83
N ASP N 60 -22.34 15.89 54.22
CA ASP N 60 -22.20 15.44 55.60
C ASP N 60 -20.75 15.09 55.93
N GLU N 61 -20.11 14.33 55.04
CA GLU N 61 -18.77 13.82 55.33
C GLU N 61 -17.71 14.92 55.24
N PHE N 62 -17.93 15.93 54.40
CA PHE N 62 -16.99 17.06 54.34
C PHE N 62 -17.03 17.87 55.61
N LEU N 63 -18.24 18.11 56.15
CA LEU N 63 -18.36 18.81 57.43
C LEU N 63 -17.81 17.99 58.58
N ALA N 64 -18.01 16.67 58.54
CA ALA N 64 -17.45 15.79 59.57
C ALA N 64 -15.92 15.78 59.52
N HIS N 65 -15.34 15.77 58.32
CA HIS N 65 -13.89 15.84 58.17
C HIS N 65 -13.35 17.20 58.60
N ARG N 66 -14.11 18.27 58.36
CA ARG N 66 -13.67 19.60 58.79
C ARG N 66 -13.72 19.75 60.30
N ILE N 67 -14.75 19.21 60.95
CA ILE N 67 -14.82 19.34 62.40
C ILE N 67 -13.95 18.31 63.11
N GLY N 68 -13.52 17.25 62.41
CA GLY N 68 -12.62 16.30 63.02
C GLY N 68 -11.19 16.80 63.18
N LEU N 69 -10.79 17.79 62.39
CA LEU N 69 -9.42 18.31 62.40
C LEU N 69 -9.24 19.45 63.39
N ILE N 70 -10.28 19.84 64.12
CA ILE N 70 -10.22 20.97 65.04
C ILE N 70 -9.47 20.56 66.30
N PRO N 71 -8.39 21.25 66.66
CA PRO N 71 -7.70 20.92 67.92
C PRO N 71 -8.50 21.33 69.14
N LEU N 72 -8.32 20.56 70.21
CA LEU N 72 -9.01 20.80 71.47
C LEU N 72 -7.98 20.85 72.60
N ILE N 73 -8.27 21.68 73.61
CA ILE N 73 -7.40 21.80 74.76
C ILE N 73 -7.61 20.56 75.64
N SER N 74 -6.58 19.71 75.71
CA SER N 74 -6.68 18.44 76.42
C SER N 74 -5.42 18.20 77.24
N ASP N 75 -4.88 19.25 77.86
CA ASP N 75 -3.62 19.13 78.58
C ASP N 75 -3.80 18.36 79.89
N ASP N 76 -4.91 18.55 80.58
CA ASP N 76 -5.18 17.89 81.84
C ASP N 76 -6.24 16.81 81.73
N VAL N 77 -6.66 16.46 80.51
CA VAL N 77 -7.76 15.53 80.32
C VAL N 77 -7.30 14.20 79.70
N VAL N 78 -6.26 14.22 78.85
CA VAL N 78 -5.89 13.03 78.10
C VAL N 78 -5.19 11.99 78.98
N GLU N 79 -4.60 12.39 80.11
CA GLU N 79 -3.92 11.45 80.98
C GLU N 79 -4.87 10.63 81.84
N ARG N 80 -6.14 11.05 81.96
CA ARG N 80 -7.12 10.32 82.75
C ARG N 80 -8.15 9.59 81.92
N LEU N 81 -8.43 10.05 80.70
CA LEU N 81 -9.40 9.40 79.84
C LEU N 81 -8.82 8.12 79.26
N GLN N 82 -9.67 7.10 79.18
CA GLN N 82 -9.29 5.82 78.59
C GLN N 82 -9.81 5.74 77.15
N TYR N 83 -9.32 4.74 76.42
CA TYR N 83 -9.78 4.50 75.08
C TYR N 83 -11.15 3.85 75.09
N THR N 84 -11.81 3.85 73.92
CA THR N 84 -13.12 3.23 73.79
C THR N 84 -13.04 1.71 73.96
N ARG N 85 -11.97 1.10 73.45
CA ARG N 85 -11.77 -0.34 73.60
C ARG N 85 -11.37 -0.71 75.02
N ASP N 86 -10.86 0.23 75.79
CA ASP N 86 -10.40 -0.03 77.15
C ASP N 86 -11.46 0.24 78.20
N CYS N 87 -12.68 0.60 77.79
CA CYS N 87 -13.77 0.86 78.71
C CYS N 87 -14.73 -0.32 78.75
N ILE N 88 -15.34 -0.54 79.92
CA ILE N 88 -16.47 -1.46 80.03
C ILE N 88 -17.76 -0.83 79.57
N CYS N 89 -17.75 0.48 79.30
CA CYS N 89 -18.91 1.19 78.82
C CYS N 89 -19.23 0.81 77.38
N LEU N 90 -20.44 1.14 76.95
CA LEU N 90 -20.79 1.02 75.55
C LEU N 90 -21.38 2.30 74.98
N ASP N 91 -22.17 3.04 75.76
CA ASP N 91 -22.82 4.26 75.27
C ASP N 91 -22.07 5.52 75.70
N PHE N 92 -20.78 5.59 75.39
CA PHE N 92 -19.96 6.81 75.41
C PHE N 92 -19.93 7.48 76.79
N CYS N 93 -19.28 6.81 77.73
CA CYS N 93 -19.19 7.29 79.10
C CYS N 93 -18.39 8.60 79.15
N PRO N 94 -18.68 9.47 80.14
CA PRO N 94 -17.93 10.74 80.25
C PRO N 94 -16.44 10.58 80.55
N GLU N 95 -16.02 9.44 81.07
CA GLU N 95 -14.60 9.13 81.23
C GLU N 95 -14.01 8.48 79.98
N CYS N 96 -14.74 8.52 78.86
CA CYS N 96 -14.34 7.82 77.64
C CYS N 96 -14.42 8.76 76.44
N SER N 97 -15.34 9.73 76.50
CA SER N 97 -15.51 10.67 75.40
C SER N 97 -16.04 11.98 75.96
N VAL N 98 -15.88 13.05 75.17
CA VAL N 98 -16.30 14.39 75.54
C VAL N 98 -17.39 14.83 74.57
N GLU N 99 -18.50 15.31 75.11
CA GLU N 99 -19.66 15.66 74.30
C GLU N 99 -19.60 17.12 73.86
N PHE N 100 -19.80 17.34 72.56
CA PHE N 100 -19.89 18.67 71.97
C PHE N 100 -21.23 18.79 71.24
N THR N 101 -21.78 20.00 71.24
CA THR N 101 -23.05 20.29 70.58
C THR N 101 -22.91 21.53 69.71
N LEU N 102 -23.70 21.58 68.65
CA LEU N 102 -23.76 22.77 67.82
C LEU N 102 -25.17 22.88 67.23
N ASP N 103 -25.71 24.09 67.25
CA ASP N 103 -27.04 24.35 66.67
C ASP N 103 -27.07 25.82 66.25
N VAL N 104 -26.83 26.08 64.97
CA VAL N 104 -26.83 27.43 64.43
C VAL N 104 -27.83 27.50 63.29
N LYS N 105 -28.79 28.41 63.39
CA LYS N 105 -29.73 28.71 62.31
C LYS N 105 -29.56 30.17 61.91
N CYS N 106 -29.34 30.40 60.62
CA CYS N 106 -29.13 31.74 60.10
C CYS N 106 -30.44 32.32 59.59
N SER N 107 -30.85 33.45 60.15
CA SER N 107 -32.06 34.13 59.73
C SER N 107 -31.77 35.55 59.24
N GLU N 108 -30.51 35.92 59.10
CA GLU N 108 -30.13 37.26 58.66
C GLU N 108 -29.73 37.26 57.19
N GLU N 109 -29.82 38.44 56.58
CA GLU N 109 -29.52 38.56 55.15
C GLU N 109 -28.03 38.48 54.86
N GLN N 110 -27.17 38.70 55.85
CA GLN N 110 -25.74 38.60 55.64
C GLN N 110 -25.25 37.17 55.87
N THR N 111 -23.99 36.94 55.54
CA THR N 111 -23.40 35.62 55.70
C THR N 111 -23.07 35.36 57.16
N ARG N 112 -23.54 34.22 57.67
CA ARG N 112 -23.27 33.81 59.04
C ARG N 112 -22.04 32.90 59.04
N HIS N 113 -20.98 33.33 59.73
CA HIS N 113 -19.73 32.59 59.77
C HIS N 113 -19.75 31.69 61.00
N VAL N 114 -20.20 30.44 60.82
CA VAL N 114 -20.22 29.49 61.91
C VAL N 114 -18.80 29.00 62.14
N THR N 115 -18.26 29.28 63.33
CA THR N 115 -16.89 28.98 63.72
C THR N 115 -16.91 28.03 64.91
N THR N 116 -15.72 27.83 65.49
CA THR N 116 -15.55 26.92 66.62
C THR N 116 -16.19 27.45 67.91
N ALA N 117 -16.49 28.75 67.98
CA ALA N 117 -17.11 29.31 69.17
C ALA N 117 -18.54 28.84 69.37
N ASP N 118 -19.23 28.45 68.29
CA ASP N 118 -20.57 27.89 68.41
C ASP N 118 -20.57 26.44 68.85
N LEU N 119 -19.42 25.78 68.86
CA LEU N 119 -19.31 24.39 69.28
C LEU N 119 -19.21 24.37 70.80
N LYS N 120 -20.36 24.23 71.46
CA LYS N 120 -20.39 24.19 72.91
C LYS N 120 -19.93 22.82 73.40
N SER N 121 -19.38 22.79 74.61
CA SER N 121 -18.81 21.58 75.19
C SER N 121 -19.51 21.22 76.48
N SER N 122 -19.76 19.92 76.68
CA SER N 122 -20.29 19.46 77.94
C SER N 122 -19.25 19.55 79.05
N ASN N 123 -17.98 19.32 78.73
CA ASN N 123 -16.91 19.46 79.70
C ASN N 123 -16.53 20.92 79.87
N ALA N 124 -16.25 21.31 81.12
CA ALA N 124 -15.91 22.69 81.41
C ALA N 124 -14.47 23.04 81.04
N LYS N 125 -13.61 22.06 80.79
CA LYS N 125 -12.22 22.30 80.46
C LYS N 125 -11.87 21.96 79.02
N VAL N 126 -12.52 20.96 78.43
CA VAL N 126 -12.23 20.55 77.05
C VAL N 126 -12.85 21.60 76.13
N LEU N 127 -12.03 22.51 75.65
CA LEU N 127 -12.43 23.62 74.80
C LEU N 127 -11.53 23.69 73.59
N PRO N 128 -11.98 24.31 72.50
CA PRO N 128 -11.07 24.58 71.38
C PRO N 128 -10.01 25.61 71.75
N VAL N 129 -9.06 25.79 70.82
CA VAL N 129 -7.91 26.65 71.06
C VAL N 129 -8.29 28.13 71.07
N THR N 130 -9.46 28.47 70.52
CA THR N 130 -9.91 29.86 70.40
C THR N 130 -10.30 30.49 71.73
N SER N 131 -10.31 29.72 72.83
CA SER N 131 -10.39 30.32 74.15
C SER N 131 -9.16 31.16 74.47
N ARG N 132 -8.02 30.84 73.86
CA ARG N 132 -6.85 31.69 74.01
C ARG N 132 -6.93 32.97 73.17
N ASN N 133 -7.81 33.00 72.17
CA ASN N 133 -7.93 34.15 71.27
C ASN N 133 -9.05 35.10 71.66
N GLN N 134 -10.07 34.62 72.37
CA GLN N 134 -11.21 35.48 72.73
C GLN N 134 -10.87 36.44 73.85
N GLY N 135 -9.82 36.17 74.63
CA GLY N 135 -9.43 37.04 75.73
C GLY N 135 -8.55 38.20 75.35
N GLU N 136 -8.22 38.36 74.07
CA GLU N 136 -7.33 39.43 73.61
C GLU N 136 -8.18 40.68 73.36
N GLU N 137 -8.27 41.53 74.37
CA GLU N 137 -9.00 42.79 74.26
C GLU N 137 -8.11 43.95 73.82
N ASP N 138 -6.83 43.69 73.58
CA ASP N 138 -5.88 44.68 73.07
C ASP N 138 -5.67 44.52 71.57
N ASN N 139 -6.75 44.21 70.85
CA ASN N 139 -6.68 43.83 69.43
C ASN N 139 -6.39 45.05 68.57
N GLU N 140 -5.10 45.36 68.45
CA GLU N 140 -4.63 46.36 67.50
C GLU N 140 -4.32 45.77 66.13
N TYR N 141 -4.53 44.46 65.97
CA TYR N 141 -4.31 43.79 64.69
C TYR N 141 -5.34 44.18 63.64
N GLY N 142 -6.53 44.62 64.07
CA GLY N 142 -7.56 45.11 63.18
C GLY N 142 -8.67 44.14 62.90
N GLU N 143 -8.47 42.85 63.17
CA GLU N 143 -9.47 41.82 62.88
C GLU N 143 -9.70 40.98 64.12
N SER N 144 -10.97 40.81 64.48
CA SER N 144 -11.35 40.00 65.65
C SER N 144 -11.70 38.57 65.28
N ASN N 145 -11.64 38.20 64.00
CA ASN N 145 -11.99 36.85 63.55
C ASN N 145 -10.75 35.98 63.61
N ASP N 146 -10.36 35.61 64.83
CA ASP N 146 -9.23 34.73 65.07
C ASP N 146 -9.67 33.29 65.27
N GLU N 147 -10.94 32.98 65.06
CA GLU N 147 -11.49 31.65 65.27
C GLU N 147 -11.44 30.84 63.99
N ILE N 148 -11.37 29.52 64.13
CA ILE N 148 -11.35 28.63 62.99
C ILE N 148 -12.73 28.61 62.35
N LEU N 149 -12.82 29.06 61.11
CA LEU N 149 -14.09 29.10 60.39
C LEU N 149 -14.50 27.68 59.99
N ILE N 150 -15.61 27.21 60.55
CA ILE N 150 -16.10 25.88 60.19
C ILE N 150 -16.85 25.93 58.87
N ILE N 151 -17.84 26.83 58.76
CA ILE N 151 -18.67 26.90 57.56
C ILE N 151 -19.26 28.31 57.47
N LYS N 152 -19.64 28.71 56.27
CA LYS N 152 -20.42 29.91 56.04
C LYS N 152 -21.84 29.51 55.63
N LEU N 153 -22.83 30.25 56.15
CA LEU N 153 -24.23 29.97 55.86
C LEU N 153 -24.92 31.22 55.35
N ARG N 154 -25.92 31.02 54.50
CA ARG N 154 -26.80 32.09 54.07
C ARG N 154 -28.12 31.99 54.83
N LYS N 155 -29.07 32.83 54.46
CA LYS N 155 -30.37 32.83 55.12
C LYS N 155 -31.18 31.61 54.70
N GLY N 156 -31.77 30.92 55.69
CA GLY N 156 -32.56 29.74 55.45
C GLY N 156 -31.83 28.43 55.68
N GLN N 157 -30.53 28.47 55.94
CA GLN N 157 -29.75 27.27 56.18
C GLN N 157 -29.49 27.10 57.67
N GLU N 158 -29.51 25.86 58.14
CA GLU N 158 -29.30 25.55 59.55
C GLU N 158 -28.35 24.37 59.66
N LEU N 159 -27.72 24.26 60.83
CA LEU N 159 -26.76 23.19 61.10
C LEU N 159 -26.89 22.79 62.56
N LYS N 160 -27.28 21.53 62.80
CA LYS N 160 -27.38 20.97 64.13
C LYS N 160 -26.61 19.66 64.17
N LEU N 161 -25.75 19.50 65.17
CA LEU N 161 -24.88 18.33 65.24
C LEU N 161 -24.50 18.04 66.68
N ARG N 162 -24.30 16.75 66.95
CA ARG N 162 -23.80 16.26 68.23
C ARG N 162 -22.54 15.44 67.97
N ALA N 163 -21.49 15.72 68.72
CA ALA N 163 -20.19 15.10 68.49
C ALA N 163 -19.64 14.53 69.78
N TYR N 164 -18.89 13.45 69.64
CA TYR N 164 -18.15 12.83 70.73
C TYR N 164 -16.68 12.80 70.35
N ALA N 165 -15.84 13.39 71.20
CA ALA N 165 -14.41 13.44 71.00
C ALA N 165 -13.74 12.36 71.85
N LYS N 166 -12.88 11.57 71.23
CA LYS N 166 -12.21 10.45 71.87
C LYS N 166 -10.70 10.69 71.94
N LYS N 167 -10.02 9.79 72.61
CA LYS N 167 -8.57 9.87 72.81
C LYS N 167 -7.87 9.03 71.74
N GLY N 168 -6.90 9.63 71.07
CA GLY N 168 -6.13 8.93 70.06
C GLY N 168 -4.85 9.65 69.76
N PHE N 169 -3.96 8.95 69.05
CA PHE N 169 -2.67 9.48 68.66
C PHE N 169 -2.54 9.49 67.14
N GLY N 170 -1.53 10.21 66.67
CA GLY N 170 -1.38 10.53 65.25
C GLY N 170 -1.07 9.36 64.34
N LYS N 171 -0.61 8.23 64.90
CA LYS N 171 -0.40 7.04 64.08
C LYS N 171 -1.72 6.47 63.59
N GLU N 172 -2.78 6.55 64.41
CA GLU N 172 -4.09 6.08 63.97
C GLU N 172 -4.68 7.02 62.92
N HIS N 173 -4.65 8.32 63.18
CA HIS N 173 -5.16 9.30 62.23
C HIS N 173 -4.49 10.65 62.50
N ALA N 174 -4.29 11.42 61.43
CA ALA N 174 -3.56 12.68 61.52
C ALA N 174 -4.33 13.79 62.22
N LYS N 175 -5.64 13.60 62.48
CA LYS N 175 -6.37 14.59 63.26
C LYS N 175 -5.99 14.58 64.73
N TRP N 176 -5.31 13.53 65.18
CA TRP N 176 -4.81 13.43 66.55
C TRP N 176 -3.34 13.84 66.65
N ASN N 177 -2.83 14.59 65.67
CA ASN N 177 -1.45 15.04 65.72
C ASN N 177 -1.34 16.27 66.61
N PRO N 178 -0.56 16.22 67.71
CA PRO N 178 -0.49 17.38 68.60
C PRO N 178 0.46 18.48 68.13
N THR N 179 1.43 18.16 67.29
CA THR N 179 2.44 19.12 66.87
C THR N 179 2.11 19.67 65.48
N ALA N 180 2.86 20.70 65.10
CA ALA N 180 2.70 21.36 63.81
C ALA N 180 4.05 21.49 63.11
N GLY N 181 4.86 20.43 63.19
CA GLY N 181 6.16 20.44 62.57
C GLY N 181 7.30 20.46 63.58
N VAL N 182 8.04 19.37 63.66
CA VAL N 182 9.15 19.23 64.59
C VAL N 182 10.45 19.37 63.82
N CYS N 183 11.21 20.42 64.11
CA CYS N 183 12.48 20.68 63.47
C CYS N 183 13.58 19.94 64.23
N PHE N 184 14.33 19.08 63.55
CA PHE N 184 15.42 18.34 64.16
C PHE N 184 16.67 18.54 63.32
N GLU N 185 17.79 18.85 63.98
CA GLU N 185 19.03 19.07 63.24
C GLU N 185 20.24 18.65 64.07
N TYR N 186 21.17 17.95 63.45
CA TYR N 186 22.45 17.62 64.06
C TYR N 186 23.57 17.96 63.09
N ASP N 187 24.70 18.40 63.66
CA ASP N 187 25.94 18.81 62.97
C ASP N 187 25.68 19.85 61.89
N PRO N 188 25.39 21.11 62.24
CA PRO N 188 25.10 22.11 61.21
C PRO N 188 26.30 22.54 60.40
N ASP N 189 27.52 22.29 60.88
CA ASP N 189 28.73 22.69 60.16
C ASP N 189 29.29 21.61 59.28
N ASN N 190 28.63 20.45 59.20
CA ASN N 190 29.05 19.27 58.41
C ASN N 190 30.45 18.81 58.79
N SER N 191 30.72 18.74 60.09
CA SER N 191 32.01 18.27 60.57
C SER N 191 32.18 16.77 60.40
N MET N 192 31.08 16.03 60.25
CA MET N 192 31.11 14.58 60.15
C MET N 192 31.00 14.08 58.72
N ARG N 193 30.69 14.98 57.77
CA ARG N 193 30.50 14.68 56.35
C ARG N 193 29.45 13.59 56.12
N HIS N 194 28.36 13.67 56.89
CA HIS N 194 27.23 12.76 56.65
C HIS N 194 26.50 13.10 55.37
N THR N 195 26.55 14.36 54.96
CA THR N 195 26.05 14.80 53.67
C THR N 195 27.22 15.39 52.88
N LEU N 196 27.09 15.39 51.55
CA LEU N 196 28.19 15.75 50.66
C LEU N 196 27.79 16.93 49.80
N TYR N 197 28.34 18.10 50.10
CA TYR N 197 28.10 19.30 49.29
C TYR N 197 29.09 19.32 48.13
N PRO N 198 28.62 19.30 46.88
CA PRO N 198 29.54 19.56 45.75
C PRO N 198 30.10 20.97 45.76
N LYS N 199 29.32 21.94 46.22
CA LYS N 199 29.77 23.32 46.35
C LYS N 199 29.29 23.85 47.70
N PRO N 200 30.13 23.79 48.74
CA PRO N 200 29.71 24.28 50.06
C PRO N 200 29.50 25.79 50.13
N ASP N 201 30.06 26.56 49.18
CA ASP N 201 29.88 28.01 49.19
C ASP N 201 28.50 28.43 48.76
N GLU N 202 27.75 27.55 48.09
CA GLU N 202 26.41 27.87 47.61
C GLU N 202 25.33 27.63 48.65
N TRP N 203 25.67 27.07 49.81
CA TRP N 203 24.69 26.72 50.81
C TRP N 203 24.65 27.75 51.92
N PRO N 204 23.47 28.23 52.31
CA PRO N 204 23.38 29.17 53.43
C PRO N 204 23.68 28.50 54.76
N LYS N 205 24.15 29.30 55.70
CA LYS N 205 24.52 28.79 57.02
C LYS N 205 23.28 28.59 57.89
N SER N 206 23.35 27.57 58.75
CA SER N 206 22.25 27.28 59.66
C SER N 206 22.27 28.26 60.83
N GLU N 207 21.15 28.27 61.58
CA GLU N 207 21.04 29.14 62.74
C GLU N 207 21.81 28.60 63.94
N HIS N 208 22.15 27.31 63.95
CA HIS N 208 22.95 26.71 65.02
C HIS N 208 24.39 26.49 64.61
N THR N 209 24.88 27.26 63.64
CA THR N 209 26.24 27.08 63.15
C THR N 209 27.24 27.67 64.13
N GLU N 210 28.51 27.30 63.94
CA GLU N 210 29.61 27.79 64.76
C GLU N 210 30.77 28.31 63.92
N LEU N 211 30.59 28.41 62.61
CA LEU N 211 31.64 28.86 61.71
C LEU N 211 31.50 30.35 61.40
N GLU N 212 32.61 30.95 60.96
CA GLU N 212 32.64 32.36 60.63
C GLU N 212 32.20 32.55 59.17
N ASP N 213 32.37 33.78 58.65
CA ASP N 213 31.78 34.14 57.36
C ASP N 213 32.50 33.48 56.19
N ASP N 214 33.83 33.52 56.17
CA ASP N 214 34.57 32.96 55.05
C ASP N 214 34.78 31.46 55.17
N GLN N 215 34.39 30.84 56.27
CA GLN N 215 34.45 29.39 56.42
C GLN N 215 33.08 28.81 56.13
N TYR N 216 33.05 27.78 55.28
CA TYR N 216 31.81 27.18 54.84
C TYR N 216 31.55 25.78 55.38
N GLU N 217 32.61 25.00 55.62
CA GLU N 217 32.48 23.67 56.20
C GLU N 217 33.51 23.50 57.30
N ALA N 218 33.12 22.78 58.34
CA ALA N 218 34.04 22.44 59.41
C ALA N 218 35.04 21.38 58.91
N PRO N 219 36.23 21.31 59.50
CA PRO N 219 37.15 20.22 59.17
C PRO N 219 36.59 18.85 59.56
N TYR N 220 36.97 17.85 58.78
CA TYR N 220 36.42 16.51 58.94
C TYR N 220 36.96 15.86 60.21
N ASN N 221 36.07 15.27 61.00
CA ASN N 221 36.42 14.56 62.22
C ASN N 221 35.82 13.15 62.12
N TRP N 222 36.67 12.16 61.84
CA TRP N 222 36.21 10.78 61.77
C TRP N 222 35.91 10.20 63.13
N GLU N 223 36.48 10.78 64.20
CA GLU N 223 36.20 10.33 65.56
C GLU N 223 34.91 10.92 66.12
N ALA N 224 34.28 11.85 65.41
CA ALA N 224 33.08 12.51 65.92
C ALA N 224 31.88 11.57 65.85
N LYS N 225 31.03 11.66 66.87
CA LYS N 225 29.81 10.87 66.99
C LYS N 225 28.63 11.81 67.23
N PRO N 226 27.43 11.44 66.78
CA PRO N 226 26.26 12.31 67.01
C PRO N 226 25.84 12.35 68.46
N ASN N 227 26.07 13.50 69.12
CA ASN N 227 25.70 13.65 70.52
C ASN N 227 25.08 15.01 70.82
N LYS N 228 25.03 15.92 69.87
CA LYS N 228 24.44 17.25 70.06
C LYS N 228 23.33 17.43 69.05
N PHE N 229 22.13 17.72 69.52
CA PHE N 229 20.94 17.77 68.67
C PHE N 229 20.12 19.01 69.00
N PHE N 230 19.57 19.63 67.96
CA PHE N 230 18.76 20.83 68.10
C PHE N 230 17.32 20.51 67.73
N PHE N 231 16.39 20.81 68.62
CA PHE N 231 14.98 20.53 68.44
C PHE N 231 14.17 21.81 68.55
N ASN N 232 13.21 21.96 67.63
CA ASN N 232 12.24 23.05 67.65
C ASN N 232 10.87 22.40 67.48
N VAL N 233 10.15 22.23 68.59
CA VAL N 233 8.85 21.58 68.58
C VAL N 233 7.79 22.68 68.61
N GLU N 234 6.98 22.75 67.56
CA GLU N 234 5.91 23.72 67.44
C GLU N 234 4.57 23.02 67.63
N SER N 235 3.75 23.56 68.52
CA SER N 235 2.45 22.98 68.83
C SER N 235 1.40 23.45 67.83
N ALA N 236 0.42 22.59 67.60
CA ALA N 236 -0.72 22.92 66.75
C ALA N 236 -1.88 23.53 67.52
N GLY N 237 -1.71 23.76 68.83
CA GLY N 237 -2.74 24.34 69.66
C GLY N 237 -3.52 23.34 70.49
N ALA N 238 -3.40 22.04 70.20
CA ALA N 238 -4.12 21.04 70.98
C ALA N 238 -3.46 20.84 72.35
N LEU N 239 -2.14 20.82 72.40
CA LEU N 239 -1.42 20.57 73.64
C LEU N 239 -0.26 21.55 73.75
N LYS N 240 0.17 21.78 74.99
CA LYS N 240 1.38 22.55 75.25
C LYS N 240 2.59 21.72 74.83
N PRO N 241 3.60 22.34 74.18
CA PRO N 241 4.73 21.55 73.66
C PRO N 241 5.55 20.80 74.72
N GLU N 242 5.73 21.36 75.92
CA GLU N 242 6.39 20.58 76.97
C GLU N 242 5.49 19.47 77.46
N ASN N 243 4.17 19.67 77.44
CA ASN N 243 3.25 18.57 77.71
C ASN N 243 3.29 17.53 76.59
N ILE N 244 3.51 17.96 75.34
CA ILE N 244 3.71 17.02 74.24
C ILE N 244 4.94 16.16 74.50
N VAL N 245 6.03 16.78 74.96
CA VAL N 245 7.23 16.03 75.32
C VAL N 245 6.97 15.08 76.48
N VAL N 246 6.23 15.54 77.49
CA VAL N 246 5.97 14.73 78.69
C VAL N 246 5.13 13.51 78.35
N MET N 247 4.05 13.70 77.57
CA MET N 247 3.25 12.55 77.17
C MET N 247 3.94 11.65 76.15
N GLY N 248 4.85 12.18 75.33
CA GLY N 248 5.63 11.31 74.47
C GLY N 248 6.59 10.43 75.25
N VAL N 249 7.21 10.99 76.28
CA VAL N 249 8.08 10.21 77.16
C VAL N 249 7.27 9.18 77.95
N GLN N 250 6.05 9.56 78.36
CA GLN N 250 5.18 8.61 79.06
C GLN N 250 4.71 7.47 78.15
N VAL N 251 4.45 7.78 76.87
CA VAL N 251 4.14 6.74 75.89
C VAL N 251 5.34 5.82 75.68
N LEU N 252 6.55 6.38 75.71
CA LEU N 252 7.75 5.56 75.62
C LEU N 252 7.93 4.66 76.84
N LYS N 253 7.61 5.17 78.04
CA LYS N 253 7.51 4.34 79.25
C LYS N 253 6.54 3.19 79.07
N ASN N 254 5.34 3.49 78.55
CA ASN N 254 4.30 2.47 78.42
C ASN N 254 4.73 1.40 77.42
N LYS N 255 5.34 1.81 76.30
CA LYS N 255 5.75 0.86 75.27
C LYS N 255 6.90 -0.02 75.76
N LEU N 256 7.92 0.58 76.39
CA LEU N 256 9.04 -0.23 76.85
C LEU N 256 8.68 -1.10 78.05
N SER N 257 7.79 -0.62 78.92
CA SER N 257 7.31 -1.46 80.02
C SER N 257 6.44 -2.60 79.50
N ASN N 258 5.68 -2.37 78.44
CA ASN N 258 4.91 -3.44 77.83
C ASN N 258 5.81 -4.49 77.19
N LEU N 259 6.90 -4.04 76.53
CA LEU N 259 7.88 -4.97 75.97
C LEU N 259 8.57 -5.77 77.07
N GLN N 260 8.91 -5.12 78.18
CA GLN N 260 9.53 -5.81 79.31
C GLN N 260 8.58 -6.82 79.94
N THR N 261 7.30 -6.46 80.07
CA THR N 261 6.30 -7.36 80.63
C THR N 261 6.06 -8.56 79.71
N GLN N 262 6.02 -8.32 78.39
CA GLN N 262 5.85 -9.43 77.45
C GLN N 262 7.06 -10.36 77.45
N LEU N 263 8.28 -9.79 77.55
CA LEU N 263 9.48 -10.62 77.65
C LEU N 263 9.49 -11.44 78.93
N SER N 264 9.11 -10.83 80.06
CA SER N 264 9.06 -11.57 81.32
C SER N 264 7.95 -12.62 81.32
N HIS N 265 6.90 -12.39 80.54
CA HIS N 265 5.85 -13.39 80.42
C HIS N 265 6.29 -14.57 79.55
N GLU N 266 6.98 -14.30 78.44
CA GLU N 266 7.38 -15.36 77.54
C GLU N 266 8.70 -16.01 77.92
N SER N 267 9.40 -15.49 78.92
CA SER N 267 10.68 -16.08 79.32
C SER N 267 10.50 -17.40 80.07
N GLN N 268 9.33 -17.65 80.65
CA GLN N 268 9.09 -18.87 81.42
C GLN N 268 8.56 -19.96 80.48
N ASN N 269 9.45 -20.42 79.61
CA ASN N 269 9.11 -21.47 78.65
C ASN N 269 10.32 -22.35 78.36
N GLY O 1 2.11 -51.51 17.86
CA GLY O 1 3.51 -51.35 17.55
C GLY O 1 4.39 -51.31 18.78
N GLY O 2 4.55 -52.46 19.43
CA GLY O 2 5.37 -52.55 20.61
C GLY O 2 6.85 -52.64 20.31
N VAL O 3 7.57 -51.54 20.55
CA VAL O 3 9.01 -51.52 20.32
C VAL O 3 9.71 -52.29 21.43
N PRO O 4 10.61 -53.23 21.12
CA PRO O 4 11.36 -53.92 22.17
C PRO O 4 12.33 -52.99 22.88
N LYS O 5 12.75 -53.42 24.08
CA LYS O 5 13.56 -52.59 24.95
C LYS O 5 14.95 -52.35 24.37
N SER O 6 15.53 -53.35 23.71
CA SER O 6 16.81 -53.17 23.05
C SER O 6 16.70 -52.41 21.74
N LYS O 7 15.49 -52.24 21.21
CA LYS O 7 15.27 -51.54 19.95
C LYS O 7 14.94 -50.07 20.15
N ARG O 8 14.83 -49.60 21.40
CA ARG O 8 14.44 -48.24 21.68
C ARG O 8 15.54 -47.26 21.28
N ILE O 9 15.22 -46.33 20.39
CA ILE O 9 16.17 -45.34 19.90
C ILE O 9 15.93 -43.96 20.47
N THR O 10 14.93 -43.81 21.34
CA THR O 10 14.68 -42.53 21.98
C THR O 10 15.73 -42.27 23.06
N THR O 11 15.74 -41.04 23.56
CA THR O 11 16.71 -40.65 24.58
C THR O 11 16.41 -41.32 25.91
N LYS O 12 17.46 -41.53 26.70
CA LYS O 12 17.36 -42.13 28.02
C LYS O 12 17.26 -41.09 29.12
N TYR O 13 17.10 -39.81 28.77
CA TYR O 13 17.07 -38.72 29.73
C TYR O 13 15.69 -38.07 29.69
N MET O 14 15.03 -38.03 30.84
CA MET O 14 13.65 -37.55 30.93
C MET O 14 13.63 -36.03 30.97
N THR O 15 12.94 -35.41 30.00
CA THR O 15 12.91 -33.96 29.90
C THR O 15 11.75 -33.41 30.74
N LYS O 16 11.66 -32.07 30.81
CA LYS O 16 10.77 -31.42 31.77
C LYS O 16 9.31 -31.54 31.39
N TYR O 17 9.02 -31.72 30.09
CA TYR O 17 7.63 -31.93 29.67
C TYR O 17 7.09 -33.25 30.18
N GLU O 18 7.93 -34.27 30.27
CA GLU O 18 7.53 -35.52 30.92
C GLU O 18 7.47 -35.34 32.43
N ARG O 19 8.41 -34.56 32.98
CA ARG O 19 8.53 -34.39 34.44
C ARG O 19 7.29 -33.72 35.02
N ALA O 20 6.78 -32.68 34.35
CA ALA O 20 5.63 -31.95 34.86
C ALA O 20 4.38 -32.81 34.89
N ARG O 21 4.13 -33.56 33.80
CA ARG O 21 2.92 -34.38 33.74
C ARG O 21 3.02 -35.61 34.65
N VAL O 22 4.20 -36.22 34.78
CA VAL O 22 4.34 -37.36 35.70
C VAL O 22 4.21 -36.90 37.14
N LEU O 23 4.80 -35.74 37.48
CA LEU O 23 4.66 -35.19 38.83
C LEU O 23 3.20 -34.84 39.14
N GLY O 24 2.50 -34.21 38.19
CA GLY O 24 1.10 -33.87 38.41
C GLY O 24 0.20 -35.08 38.52
N THR O 25 0.40 -36.09 37.65
CA THR O 25 -0.41 -37.29 37.69
C THR O 25 -0.16 -38.11 38.96
N ARG O 26 1.11 -38.22 39.38
CA ARG O 26 1.43 -38.97 40.59
C ARG O 26 0.92 -38.25 41.83
N ALA O 27 1.05 -36.92 41.88
CA ALA O 27 0.54 -36.18 43.02
C ALA O 27 -0.98 -36.20 43.06
N LEU O 28 -1.64 -36.23 41.90
CA LEU O 28 -3.10 -36.40 41.86
C LEU O 28 -3.50 -37.78 42.34
N GLN O 29 -2.73 -38.82 41.97
CA GLN O 29 -3.00 -40.17 42.44
C GLN O 29 -2.85 -40.28 43.96
N ILE O 30 -1.82 -39.65 44.51
CA ILE O 30 -1.67 -39.56 45.97
C ILE O 30 -2.81 -38.75 46.58
N ALA O 31 -3.29 -37.72 45.87
CA ALA O 31 -4.42 -36.92 46.33
C ALA O 31 -5.74 -37.70 46.33
N MET O 32 -5.85 -38.79 45.56
CA MET O 32 -6.93 -39.75 45.79
C MET O 32 -6.48 -40.92 46.65
N CYS O 33 -5.58 -40.67 47.62
CA CYS O 33 -5.24 -41.60 48.70
C CYS O 33 -4.60 -42.90 48.19
N ALA O 34 -3.63 -42.76 47.31
CA ALA O 34 -2.82 -43.90 46.91
C ALA O 34 -1.81 -44.22 48.01
N PRO O 35 -1.34 -45.47 48.08
CA PRO O 35 -0.21 -45.79 48.96
C PRO O 35 1.05 -45.04 48.55
N ILE O 36 1.78 -44.56 49.55
CA ILE O 36 3.00 -43.79 49.34
C ILE O 36 4.19 -44.75 49.49
N MET O 37 5.04 -44.80 48.47
CA MET O 37 6.09 -45.81 48.42
C MET O 37 7.22 -45.53 49.40
N VAL O 38 7.47 -44.27 49.72
CA VAL O 38 8.62 -43.92 50.56
C VAL O 38 8.16 -43.36 51.90
N GLU O 39 9.11 -43.11 52.79
CA GLU O 39 8.81 -42.62 54.13
C GLU O 39 8.44 -41.14 54.09
N LEU O 40 7.52 -40.74 54.96
CA LEU O 40 6.97 -39.39 54.97
C LEU O 40 7.62 -38.58 56.08
N ASP O 41 8.03 -37.36 55.76
CA ASP O 41 8.71 -36.51 56.73
C ASP O 41 7.81 -35.29 56.99
N GLY O 42 6.53 -35.55 57.21
CA GLY O 42 5.60 -34.50 57.61
C GLY O 42 5.10 -33.62 56.50
N GLU O 43 5.40 -33.93 55.24
CA GLU O 43 4.94 -33.12 54.12
C GLU O 43 3.45 -33.36 53.88
N THR O 44 2.70 -32.27 53.68
CA THR O 44 1.26 -32.36 53.49
C THR O 44 0.80 -32.01 52.08
N ASP O 45 1.62 -31.32 51.30
CA ASP O 45 1.29 -31.00 49.90
C ASP O 45 1.77 -32.16 49.04
N PRO O 46 0.84 -32.90 48.39
CA PRO O 46 1.23 -34.15 47.70
C PRO O 46 2.15 -33.95 46.50
N LEU O 47 2.28 -32.72 45.99
CA LEU O 47 3.27 -32.42 44.97
C LEU O 47 4.69 -32.57 45.53
N GLN O 48 4.89 -32.18 46.79
CA GLN O 48 6.20 -32.38 47.43
C GLN O 48 6.49 -33.85 47.66
N ILE O 49 5.46 -34.64 48.04
CA ILE O 49 5.60 -36.10 48.13
C ILE O 49 5.93 -36.68 46.76
N ALA O 50 5.34 -36.11 45.70
CA ALA O 50 5.63 -36.57 44.34
C ALA O 50 7.09 -36.36 43.95
N MET O 51 7.66 -35.19 44.29
CA MET O 51 9.10 -35.02 44.08
C MET O 51 9.92 -35.98 44.93
N LYS O 52 9.66 -36.05 46.25
CA LYS O 52 10.53 -36.82 47.11
C LYS O 52 10.36 -38.33 46.97
N GLU O 53 9.36 -38.80 46.21
CA GLU O 53 9.36 -40.18 45.75
C GLU O 53 9.78 -40.31 44.29
N LEU O 54 9.88 -39.21 43.55
CA LEU O 54 10.55 -39.23 42.26
C LEU O 54 12.07 -39.28 42.40
N LYS O 55 12.60 -38.85 43.55
CA LYS O 55 14.05 -38.92 43.76
C LYS O 55 14.57 -40.34 43.79
N GLN O 56 13.85 -41.26 44.42
CA GLN O 56 14.26 -42.65 44.46
C GLN O 56 13.72 -43.48 43.29
N LYS O 57 13.01 -42.84 42.35
CA LYS O 57 12.49 -43.45 41.12
C LYS O 57 11.58 -44.64 41.42
N LYS O 58 10.62 -44.44 42.31
CA LYS O 58 9.69 -45.47 42.73
C LYS O 58 8.25 -45.07 42.41
N ILE O 59 8.03 -44.56 41.20
CA ILE O 59 6.74 -44.08 40.75
C ILE O 59 6.26 -45.01 39.63
N PRO O 60 5.10 -45.66 39.77
CA PRO O 60 4.62 -46.62 38.75
C PRO O 60 3.91 -45.95 37.58
N ILE O 61 4.67 -45.23 36.77
CA ILE O 61 4.17 -44.56 35.58
C ILE O 61 4.99 -45.00 34.38
N ILE O 62 4.32 -45.52 33.36
CA ILE O 62 4.96 -45.92 32.10
C ILE O 62 4.68 -44.82 31.09
N ILE O 63 5.75 -44.25 30.53
CA ILE O 63 5.64 -43.18 29.55
C ILE O 63 5.62 -43.80 28.16
N ARG O 64 4.57 -43.49 27.39
CA ARG O 64 4.39 -44.03 26.05
C ARG O 64 4.78 -42.94 25.05
N ARG O 65 6.06 -42.90 24.71
CA ARG O 65 6.56 -41.91 23.75
C ARG O 65 6.14 -42.30 22.34
N TYR O 66 5.60 -41.34 21.60
CA TYR O 66 5.03 -41.59 20.28
C TYR O 66 6.00 -41.10 19.21
N LEU O 67 6.49 -42.04 18.40
CA LEU O 67 7.33 -41.72 17.25
C LEU O 67 6.46 -41.23 16.10
N PRO O 68 7.03 -40.45 15.16
CA PRO O 68 6.21 -39.88 14.06
C PRO O 68 5.63 -40.91 13.10
N ASP O 69 6.13 -42.14 13.06
CA ASP O 69 5.58 -43.18 12.21
C ASP O 69 4.51 -44.01 12.90
N HIS O 70 3.81 -43.40 13.87
CA HIS O 70 2.71 -44.02 14.64
C HIS O 70 3.15 -45.28 15.37
N SER O 71 4.39 -45.29 15.85
CA SER O 71 4.92 -46.34 16.71
C SER O 71 5.24 -45.75 18.08
N TYR O 72 5.18 -46.59 19.11
CA TYR O 72 5.29 -46.12 20.48
C TYR O 72 6.34 -46.92 21.23
N GLU O 73 7.11 -46.23 22.07
CA GLU O 73 8.11 -46.84 22.94
C GLU O 73 7.71 -46.59 24.38
N ASP O 74 7.77 -47.65 25.20
CA ASP O 74 7.40 -47.57 26.60
C ASP O 74 8.68 -47.43 27.44
N TRP O 75 8.75 -46.36 28.23
CA TRP O 75 9.89 -46.08 29.09
C TRP O 75 9.41 -45.96 30.53
N SER O 76 10.09 -46.65 31.44
CA SER O 76 9.75 -46.59 32.85
C SER O 76 10.45 -45.41 33.52
N ILE O 77 10.04 -45.15 34.76
CA ILE O 77 10.60 -44.03 35.51
C ILE O 77 12.04 -44.32 35.92
N ASP O 78 12.30 -45.52 36.44
CA ASP O 78 13.64 -45.88 36.90
C ASP O 78 14.62 -46.10 35.76
N GLU O 79 14.13 -46.34 34.55
CA GLU O 79 15.02 -46.40 33.39
C GLU O 79 15.52 -45.02 32.99
N LEU O 80 14.78 -43.96 33.31
CA LEU O 80 15.16 -42.59 33.01
C LEU O 80 15.90 -41.99 34.20
N ILE O 81 16.74 -41.01 33.91
CA ILE O 81 17.69 -40.45 34.89
C ILE O 81 17.30 -39.01 35.16
N MET O 82 17.24 -38.65 36.45
CA MET O 82 16.88 -37.29 36.86
C MET O 82 17.98 -36.30 36.46
N VAL O 83 17.55 -35.18 35.90
CA VAL O 83 18.45 -34.08 35.55
C VAL O 83 17.68 -32.78 35.70
N ASP O 84 18.36 -31.73 36.17
CA ASP O 84 17.73 -30.44 36.39
C ASP O 84 18.73 -29.31 36.23
N ALA P 1 57.94 -13.62 62.59
CA ALA P 1 57.05 -14.75 62.40
C ALA P 1 55.90 -14.39 61.47
N GLY P 2 55.94 -14.92 60.25
CA GLY P 2 54.92 -14.65 59.26
C GLY P 2 55.10 -13.37 58.47
N VAL P 3 56.13 -12.59 58.75
CA VAL P 3 56.38 -11.34 58.05
C VAL P 3 56.99 -11.68 56.69
N LEU P 4 56.15 -11.70 55.65
CA LEU P 4 56.64 -12.04 54.32
C LEU P 4 57.39 -10.88 53.68
N PHE P 5 56.98 -9.65 53.95
CA PHE P 5 57.65 -8.48 53.40
C PHE P 5 57.77 -7.43 54.48
N GLU P 6 58.85 -6.65 54.43
CA GLU P 6 59.18 -5.71 55.50
C GLU P 6 60.11 -4.64 54.93
N ASP P 7 59.61 -3.41 54.80
CA ASP P 7 60.42 -2.37 54.18
C ASP P 7 59.94 -0.98 54.58
N ILE P 8 60.84 -0.02 54.42
CA ILE P 8 60.53 1.40 54.54
C ILE P 8 60.27 1.94 53.13
N PHE P 9 59.28 2.82 52.99
CA PHE P 9 58.88 3.34 51.68
C PHE P 9 58.86 4.85 51.71
N ASN P 10 59.15 5.45 50.55
CA ASN P 10 59.06 6.88 50.34
C ASN P 10 58.12 7.15 49.17
N VAL P 11 57.26 8.16 49.33
CA VAL P 11 56.29 8.52 48.31
C VAL P 11 56.92 9.50 47.33
N LYS P 12 56.73 9.26 46.03
CA LYS P 12 57.31 10.11 45.00
C LYS P 12 56.29 10.71 44.04
N ASP P 13 55.05 10.21 44.02
CA ASP P 13 54.04 10.75 43.11
C ASP P 13 52.68 10.70 43.78
N MET P 14 51.89 11.75 43.57
CA MET P 14 50.56 11.90 44.15
C MET P 14 49.59 12.29 43.05
N ASP P 15 48.70 11.35 42.68
CA ASP P 15 47.72 11.45 41.58
C ASP P 15 48.37 11.86 40.26
N PRO P 16 49.04 10.93 39.57
CA PRO P 16 49.75 11.29 38.33
C PRO P 16 48.83 11.69 37.18
N GLU P 17 47.57 11.27 37.18
CA GLU P 17 46.61 11.68 36.16
C GLU P 17 45.44 12.47 36.72
N GLY P 18 45.34 12.60 38.04
CA GLY P 18 44.25 13.32 38.65
C GLY P 18 43.52 12.49 39.69
N LYS P 19 42.83 13.15 40.61
CA LYS P 19 42.11 12.48 41.68
C LYS P 19 40.69 12.18 41.20
N LYS P 20 40.37 10.91 41.02
CA LYS P 20 39.06 10.50 40.54
C LYS P 20 38.11 10.09 41.66
N PHE P 21 38.63 9.77 42.84
CA PHE P 21 37.81 9.37 43.98
C PHE P 21 37.99 10.36 45.11
N ASP P 22 36.89 10.61 45.84
CA ASP P 22 36.93 11.61 46.91
C ASP P 22 37.67 11.10 48.13
N ARG P 23 37.49 9.82 48.45
CA ARG P 23 38.05 9.25 49.68
C ARG P 23 39.16 8.24 49.43
N VAL P 24 39.70 8.16 48.21
CA VAL P 24 40.76 7.21 47.89
C VAL P 24 41.94 7.98 47.30
N SER P 25 43.11 7.78 47.89
CA SER P 25 44.36 8.34 47.39
C SER P 25 45.22 7.24 46.79
N ARG P 26 45.75 7.50 45.59
CA ARG P 26 46.66 6.59 44.90
C ARG P 26 48.07 7.16 44.96
N LEU P 27 48.99 6.34 45.46
CA LEU P 27 50.35 6.78 45.75
C LEU P 27 51.34 5.89 45.01
N HIS P 28 52.43 6.49 44.54
CA HIS P 28 53.54 5.76 43.95
C HIS P 28 54.74 5.87 44.88
N CYS P 29 55.30 4.73 45.27
CA CYS P 29 56.31 4.68 46.31
C CYS P 29 57.48 3.79 45.90
N GLU P 30 58.65 4.12 46.44
CA GLU P 30 59.88 3.35 46.23
C GLU P 30 60.55 3.13 47.58
N SER P 31 61.25 2.00 47.70
CA SER P 31 61.85 1.63 48.97
C SER P 31 63.32 2.04 49.02
N GLU P 32 64.01 1.63 50.07
CA GLU P 32 65.41 1.95 50.29
C GLU P 32 66.30 0.72 50.41
N SER P 33 65.83 -0.33 51.11
CA SER P 33 66.64 -1.53 51.29
C SER P 33 66.56 -2.43 50.05
N PHE P 34 65.38 -2.92 49.73
CA PHE P 34 65.14 -3.70 48.53
C PHE P 34 64.46 -2.82 47.51
N LYS P 35 65.03 -2.71 46.31
CA LYS P 35 64.57 -1.75 45.30
C LYS P 35 63.24 -2.22 44.72
N MET P 36 62.17 -1.90 45.44
CA MET P 36 60.82 -2.23 45.05
C MET P 36 60.12 -0.99 44.52
N ASP P 37 59.05 -1.22 43.74
CA ASP P 37 58.16 -0.17 43.31
C ASP P 37 56.74 -0.55 43.71
N LEU P 38 55.97 0.44 44.17
CA LEU P 38 54.69 0.16 44.80
C LEU P 38 53.65 1.17 44.34
N ILE P 39 52.47 0.67 43.98
CA ILE P 39 51.29 1.50 43.74
C ILE P 39 50.25 1.17 44.80
N LEU P 40 49.83 2.20 45.52
CA LEU P 40 49.08 2.14 46.77
C LEU P 40 47.72 2.77 46.57
N ASP P 41 46.66 2.11 47.03
CA ASP P 41 45.38 2.79 47.23
C ASP P 41 45.04 2.81 48.72
N ILE P 42 44.76 3.99 49.26
CA ILE P 42 44.42 4.16 50.67
C ILE P 42 43.18 5.04 50.82
N ASN P 43 42.64 5.03 52.03
CA ASN P 43 41.58 5.98 52.40
C ASN P 43 42.20 7.37 52.54
N SER P 44 41.59 8.35 51.87
CA SER P 44 42.12 9.71 51.90
C SER P 44 41.66 10.46 53.14
N TRP P 45 40.37 10.37 53.47
CA TRP P 45 39.80 11.15 54.56
C TRP P 45 40.18 10.58 55.93
N LEU P 46 40.28 9.26 56.03
CA LEU P 46 40.62 8.63 57.30
C LEU P 46 42.08 8.87 57.66
N TYR P 47 42.97 8.92 56.67
CA TYR P 47 44.41 8.90 56.94
C TYR P 47 45.11 9.66 55.83
N PRO P 48 45.16 11.00 55.92
CA PRO P 48 45.66 11.80 54.79
C PRO P 48 47.17 11.77 54.69
N MET P 49 47.67 11.81 53.46
CA MET P 49 49.08 11.79 53.15
C MET P 49 49.41 12.93 52.20
N GLU P 50 50.70 13.25 52.10
CA GLU P 50 51.21 14.20 51.12
C GLU P 50 52.46 13.61 50.48
N LEU P 51 53.00 14.33 49.50
CA LEU P 51 54.15 13.86 48.74
C LEU P 51 55.42 13.97 49.58
N GLY P 52 56.33 13.01 49.37
CA GLY P 52 57.60 13.00 50.07
C GLY P 52 57.58 12.37 51.44
N ASP P 53 56.46 11.80 51.87
CA ASP P 53 56.38 11.20 53.18
C ASP P 53 57.04 9.83 53.20
N LYS P 54 57.33 9.37 54.41
CA LYS P 54 58.00 8.09 54.64
C LYS P 54 57.10 7.22 55.51
N PHE P 55 56.96 5.94 55.13
CA PHE P 55 56.16 5.04 55.94
C PHE P 55 56.75 3.65 56.01
N ARG P 56 56.70 3.09 57.21
CA ARG P 56 57.11 1.73 57.50
C ARG P 56 55.98 0.76 57.16
N LEU P 57 56.31 -0.30 56.42
CA LEU P 57 55.33 -1.23 55.91
C LEU P 57 55.74 -2.66 56.18
N VAL P 58 54.79 -3.46 56.67
CA VAL P 58 54.96 -4.88 56.94
C VAL P 58 53.81 -5.62 56.28
N LEU P 59 54.15 -6.57 55.41
CA LEU P 59 53.15 -7.43 54.75
C LEU P 59 53.29 -8.82 55.35
N ALA P 60 52.27 -9.25 56.08
CA ALA P 60 52.31 -10.50 56.82
C ALA P 60 51.13 -11.38 56.44
N THR P 61 51.16 -12.63 56.93
CA THR P 61 50.09 -13.57 56.68
C THR P 61 49.05 -13.61 57.80
N THR P 62 49.39 -13.12 59.00
CA THR P 62 48.46 -13.14 60.12
C THR P 62 48.88 -12.05 61.10
N LEU P 63 47.94 -11.69 61.98
CA LEU P 63 48.23 -10.76 63.06
C LEU P 63 48.77 -11.47 64.30
N ARG P 64 48.75 -12.80 64.33
CA ARG P 64 49.28 -13.54 65.47
C ARG P 64 50.80 -13.52 65.44
N GLU P 65 51.40 -13.23 66.60
CA GLU P 65 52.85 -13.11 66.68
C GLU P 65 53.56 -14.45 66.75
N ASP P 66 52.85 -15.53 67.02
CA ASP P 66 53.45 -16.86 67.05
C ASP P 66 53.37 -17.56 65.70
N GLY P 67 52.79 -16.94 64.69
CA GLY P 67 52.73 -17.50 63.35
C GLY P 67 51.52 -18.38 63.06
N CYS P 68 50.66 -18.62 64.04
CA CYS P 68 49.48 -19.42 63.79
C CYS P 68 48.46 -18.61 62.98
N PRO P 69 47.72 -19.25 62.09
CA PRO P 69 46.74 -18.51 61.28
C PRO P 69 45.52 -18.10 62.09
N ASP P 70 44.81 -17.09 61.56
CA ASP P 70 43.62 -16.57 62.20
C ASP P 70 42.41 -17.48 61.92
N SER P 71 41.31 -17.17 62.61
CA SER P 71 40.08 -17.93 62.43
C SER P 71 39.36 -17.58 61.13
N GLY P 72 39.67 -16.44 60.53
CA GLY P 72 39.03 -16.02 59.30
C GLY P 72 37.77 -15.21 59.47
N GLU P 73 37.30 -15.03 60.69
CA GLU P 73 36.07 -14.28 60.98
C GLU P 73 36.38 -13.08 61.85
N TYR P 74 35.59 -12.03 61.70
CA TYR P 74 35.80 -10.79 62.44
C TYR P 74 35.13 -10.85 63.80
N ASN P 75 35.91 -10.57 64.85
CA ASN P 75 35.39 -10.34 66.18
C ASN P 75 36.02 -9.07 66.78
N PRO P 76 35.26 -8.31 67.57
CA PRO P 76 35.79 -7.08 68.18
C PRO P 76 36.50 -7.31 69.51
N MET P 77 37.34 -8.35 69.57
CA MET P 77 38.17 -8.61 70.74
C MET P 77 39.65 -8.64 70.41
N GLU P 78 40.05 -9.36 69.37
CA GLU P 78 41.45 -9.63 69.09
C GLU P 78 41.98 -8.63 68.05
N HIS P 79 42.22 -7.41 68.52
CA HIS P 79 42.94 -6.41 67.73
C HIS P 79 44.00 -5.67 68.52
N GLU P 80 44.08 -5.86 69.84
CA GLU P 80 45.14 -5.30 70.67
C GLU P 80 45.96 -6.44 71.27
N GLY P 81 47.18 -6.10 71.68
CA GLY P 81 48.10 -7.10 72.16
C GLY P 81 48.76 -7.92 71.07
N THR P 82 48.71 -7.46 69.83
CA THR P 82 49.29 -8.17 68.70
C THR P 82 50.24 -7.28 67.93
N ARG P 83 50.67 -7.72 66.74
CA ARG P 83 51.58 -6.95 65.90
C ARG P 83 50.94 -5.71 65.29
N ALA P 84 49.61 -5.62 65.29
CA ALA P 84 48.92 -4.46 64.73
C ALA P 84 48.94 -3.24 65.64
N ASP P 85 49.36 -3.39 66.90
CA ASP P 85 49.40 -2.26 67.81
C ASP P 85 50.52 -1.28 67.49
N SER P 86 51.57 -1.73 66.82
CA SER P 86 52.70 -0.89 66.46
C SER P 86 52.52 -0.21 65.10
N PHE P 87 51.32 -0.27 64.53
CA PHE P 87 51.05 0.32 63.23
C PHE P 87 49.67 0.98 63.26
N GLU P 88 49.53 2.07 62.51
CA GLU P 88 48.30 2.84 62.49
C GLU P 88 47.40 2.54 61.31
N TYR P 89 47.79 1.61 60.43
CA TYR P 89 47.02 1.34 59.22
C TYR P 89 47.05 -0.17 58.97
N VAL P 90 45.96 -0.85 59.29
CA VAL P 90 45.90 -2.32 59.28
C VAL P 90 44.85 -2.74 58.27
N MET P 91 45.28 -3.25 57.13
CA MET P 91 44.42 -3.73 56.06
C MET P 91 44.42 -5.26 56.01
N TYR P 92 43.33 -5.82 55.49
CA TYR P 92 43.21 -7.27 55.31
C TYR P 92 42.58 -7.57 53.95
N GLY P 93 43.24 -8.40 53.16
CA GLY P 93 42.78 -8.67 51.81
C GLY P 93 43.31 -9.98 51.27
N LYS P 94 43.41 -10.05 49.94
CA LYS P 94 43.84 -11.27 49.28
C LYS P 94 44.49 -10.96 47.95
N ILE P 95 45.57 -11.67 47.64
CA ILE P 95 46.26 -11.52 46.36
C ILE P 95 45.45 -12.23 45.28
N TYR P 96 45.18 -11.54 44.18
CA TYR P 96 44.41 -12.17 43.11
C TYR P 96 45.25 -12.59 41.91
N ARG P 97 46.38 -11.94 41.65
CA ARG P 97 47.24 -12.39 40.55
C ARG P 97 48.69 -12.00 40.81
N ILE P 98 49.59 -12.75 40.17
CA ILE P 98 51.02 -12.53 40.22
C ILE P 98 51.55 -12.54 38.79
N GLU P 99 52.20 -11.46 38.39
CA GLU P 99 52.76 -11.32 37.06
C GLU P 99 54.29 -11.41 37.12
N GLY P 100 54.93 -11.45 35.96
CA GLY P 100 56.37 -11.57 35.90
C GLY P 100 56.85 -12.63 34.94
N ASP P 101 57.48 -13.68 35.47
CA ASP P 101 58.06 -14.72 34.61
C ASP P 101 56.99 -15.57 33.93
N GLU P 102 55.84 -15.77 34.59
CA GLU P 102 54.75 -16.64 34.16
C GLU P 102 55.23 -18.05 33.84
N ALA P 103 55.46 -18.32 32.55
CA ALA P 103 56.03 -19.61 32.16
C ALA P 103 57.21 -19.44 31.20
N HIS P 104 57.18 -18.40 30.37
CA HIS P 104 58.12 -18.28 29.26
C HIS P 104 58.99 -17.04 29.38
N ASN P 105 59.23 -16.57 30.60
CA ASN P 105 60.11 -15.43 30.84
C ASN P 105 61.03 -15.72 32.01
N GLU P 106 62.08 -14.91 32.11
CA GLU P 106 63.05 -15.05 33.19
C GLU P 106 62.45 -14.57 34.51
N ALA P 107 62.89 -15.19 35.61
CA ALA P 107 62.37 -14.92 36.94
C ALA P 107 63.17 -13.85 37.67
N SER P 108 63.77 -12.91 36.94
CA SER P 108 64.45 -11.78 37.58
C SER P 108 63.48 -10.63 37.86
N ARG P 109 62.27 -10.70 37.33
CA ARG P 109 61.30 -9.63 37.44
C ARG P 109 59.95 -10.21 37.83
N LEU P 110 59.32 -9.65 38.86
CA LEU P 110 58.06 -10.18 39.36
C LEU P 110 57.18 -9.04 39.86
N SER P 111 55.88 -9.30 39.93
CA SER P 111 54.89 -8.33 40.39
C SER P 111 53.76 -9.07 41.07
N ALA P 112 53.18 -8.45 42.09
CA ALA P 112 52.04 -9.01 42.81
C ALA P 112 50.93 -7.98 42.89
N TYR P 113 49.69 -8.42 42.70
CA TYR P 113 48.51 -7.56 42.71
C TYR P 113 47.61 -7.98 43.86
N VAL P 114 47.35 -7.07 44.79
CA VAL P 114 46.54 -7.35 45.97
C VAL P 114 45.32 -6.45 45.95
N SER P 115 44.16 -7.02 46.28
CA SER P 115 42.91 -6.28 46.32
C SER P 115 42.40 -6.20 47.75
N PHE P 116 42.34 -4.99 48.30
CA PHE P 116 41.66 -4.71 49.56
C PHE P 116 40.27 -4.15 49.22
N GLY P 117 39.39 -5.06 48.79
CA GLY P 117 37.99 -4.74 48.57
C GLY P 117 37.70 -3.74 47.46
N GLY P 118 38.67 -3.47 46.60
CA GLY P 118 38.55 -2.38 45.66
C GLY P 118 39.78 -1.50 45.68
N LEU P 119 40.41 -1.38 46.85
CA LEU P 119 41.72 -0.75 46.92
C LEU P 119 42.75 -1.66 46.27
N LEU P 120 43.69 -1.06 45.56
CA LEU P 120 44.62 -1.81 44.73
C LEU P 120 46.05 -1.63 45.21
N MET P 121 46.78 -2.73 45.22
CA MET P 121 48.19 -2.80 45.56
C MET P 121 48.93 -3.44 44.39
N ARG P 122 49.94 -2.75 43.87
CA ARG P 122 50.86 -3.37 42.94
C ARG P 122 52.26 -3.27 43.53
N LEU P 123 52.83 -4.43 43.87
CA LEU P 123 54.18 -4.51 44.43
C LEU P 123 55.07 -5.23 43.43
N GLN P 124 56.01 -4.52 42.83
CA GLN P 124 56.82 -5.07 41.75
C GLN P 124 58.31 -4.89 42.04
N GLY P 125 59.09 -5.85 41.57
CA GLY P 125 60.53 -5.83 41.76
C GLY P 125 61.18 -7.18 41.52
N ASP P 126 62.05 -7.59 42.44
CA ASP P 126 62.77 -8.85 42.33
C ASP P 126 61.93 -10.00 42.88
N ALA P 127 62.05 -11.16 42.23
CA ALA P 127 61.25 -12.31 42.60
C ALA P 127 61.72 -12.98 43.89
N ASN P 128 63.03 -12.90 44.19
CA ASN P 128 63.55 -13.49 45.41
C ASN P 128 63.12 -12.73 46.66
N ASN P 129 62.75 -11.46 46.51
CA ASN P 129 62.20 -10.68 47.62
C ASN P 129 60.69 -10.84 47.74
N LEU P 130 60.07 -11.62 46.87
CA LEU P 130 58.63 -11.84 46.87
C LEU P 130 58.29 -13.31 47.14
N HIS P 131 59.07 -13.95 48.00
CA HIS P 131 58.82 -15.34 48.35
C HIS P 131 57.60 -15.46 49.25
N GLY P 132 56.90 -16.58 49.12
CA GLY P 132 55.73 -16.86 49.93
C GLY P 132 54.43 -16.31 49.38
N PHE P 133 54.46 -15.56 48.28
CA PHE P 133 53.26 -15.00 47.69
C PHE P 133 52.66 -15.97 46.71
N GLU P 134 51.36 -16.23 46.85
CA GLU P 134 50.66 -17.17 45.97
C GLU P 134 49.27 -16.63 45.66
N VAL P 135 48.66 -17.19 44.63
CA VAL P 135 47.34 -16.76 44.18
C VAL P 135 46.29 -17.20 45.20
N ASP P 136 45.38 -16.27 45.53
CA ASP P 136 44.25 -16.47 46.46
C ASP P 136 44.75 -16.84 47.86
N GLN P 137 45.59 -15.96 48.43
CA GLN P 137 46.08 -16.10 49.79
C GLN P 137 45.76 -14.82 50.56
N HIS P 138 45.19 -14.98 51.75
CA HIS P 138 44.83 -13.83 52.56
C HIS P 138 46.07 -13.17 53.14
N MET P 139 45.99 -11.85 53.30
CA MET P 139 47.17 -11.03 53.51
C MET P 139 46.82 -9.88 54.45
N TYR P 140 47.78 -9.50 55.28
CA TYR P 140 47.63 -8.40 56.22
C TYR P 140 48.67 -7.32 55.92
N LEU P 141 48.23 -6.08 55.88
CA LEU P 141 49.08 -4.92 55.63
C LEU P 141 49.15 -4.08 56.90
N LEU P 142 50.37 -3.77 57.34
CA LEU P 142 50.61 -2.95 58.51
C LEU P 142 51.43 -1.75 58.07
N MET P 143 50.96 -0.54 58.38
CA MET P 143 51.58 0.66 57.86
C MET P 143 51.59 1.75 58.92
N LYS P 144 52.74 2.41 59.07
CA LYS P 144 52.94 3.46 60.06
C LYS P 144 53.71 4.62 59.43
N ARG P 145 53.21 5.84 59.61
CA ARG P 145 53.94 7.02 59.14
C ARG P 145 55.17 7.27 60.02
N LEU P 146 56.24 7.74 59.40
CA LEU P 146 57.47 8.05 60.10
C LEU P 146 57.86 9.50 59.85
N ALA P 147 58.56 10.08 60.81
CA ALA P 147 58.99 11.48 60.72
C ALA P 147 60.17 11.62 59.75
N GLY Q 1 16.38 28.37 -33.68
CA GLY Q 1 15.10 29.03 -33.84
C GLY Q 1 13.91 28.11 -33.61
N PHE Q 2 12.76 28.69 -33.30
CA PHE Q 2 11.54 27.94 -33.04
C PHE Q 2 10.38 28.60 -33.77
N VAL Q 3 9.43 27.78 -34.24
CA VAL Q 3 8.30 28.27 -35.01
C VAL Q 3 7.01 27.80 -34.37
N GLY Q 4 5.94 28.57 -34.61
CA GLY Q 4 4.60 28.23 -34.17
C GLY Q 4 3.72 27.81 -35.32
N ILE Q 5 2.40 27.98 -35.14
CA ILE Q 5 1.44 27.70 -36.20
C ILE Q 5 0.74 28.98 -36.59
N ARG Q 6 -0.03 28.92 -37.67
CA ARG Q 6 -0.81 30.06 -38.15
C ARG Q 6 -2.27 29.66 -38.25
N PHE Q 7 -3.14 30.67 -38.12
CA PHE Q 7 -4.58 30.46 -38.15
C PHE Q 7 -5.13 30.85 -39.51
N CYS Q 8 -6.22 30.18 -39.89
CA CYS Q 8 -6.86 30.45 -41.18
C CYS Q 8 -7.51 31.82 -41.18
N GLN Q 9 -7.43 32.49 -42.32
CA GLN Q 9 -8.04 33.81 -42.49
C GLN Q 9 -9.50 33.73 -42.89
N GLU Q 10 -10.04 32.53 -43.07
CA GLU Q 10 -11.43 32.34 -43.48
C GLU Q 10 -12.26 31.65 -42.41
N CYS Q 11 -11.73 30.65 -41.72
CA CYS Q 11 -12.49 29.94 -40.71
C CYS Q 11 -11.75 29.73 -39.39
N ASN Q 12 -10.52 30.26 -39.25
CA ASN Q 12 -9.74 30.30 -38.01
C ASN Q 12 -9.47 28.90 -37.44
N ASN Q 13 -8.99 28.02 -38.32
CA ASN Q 13 -8.56 26.68 -37.93
C ASN Q 13 -7.04 26.62 -38.03
N MET Q 14 -6.48 25.42 -37.82
CA MET Q 14 -5.05 25.25 -38.07
C MET Q 14 -4.74 25.27 -39.56
N LEU Q 15 -3.48 25.55 -39.87
CA LEU Q 15 -2.96 25.54 -41.23
C LEU Q 15 -1.82 24.53 -41.28
N TYR Q 16 -2.16 23.27 -41.51
CA TYR Q 16 -1.25 22.13 -41.47
C TYR Q 16 -0.26 22.18 -42.63
N PRO Q 17 0.96 21.67 -42.41
CA PRO Q 17 1.92 21.58 -43.52
C PRO Q 17 1.48 20.58 -44.57
N LYS Q 18 1.89 20.85 -45.81
CA LYS Q 18 1.58 20.00 -46.93
C LYS Q 18 2.68 20.19 -47.96
N GLU Q 19 3.00 19.12 -48.68
CA GLU Q 19 4.04 19.16 -49.70
C GLU Q 19 3.44 18.77 -51.05
N ASP Q 20 3.51 19.68 -52.00
CA ASP Q 20 3.17 19.42 -53.39
C ASP Q 20 4.43 19.46 -54.25
N LYS Q 21 4.39 18.73 -55.36
CA LYS Q 21 5.59 18.43 -56.13
C LYS Q 21 5.74 19.24 -57.40
N GLU Q 22 4.77 20.07 -57.77
CA GLU Q 22 4.89 20.85 -58.99
C GLU Q 22 5.75 22.09 -58.83
N ASN Q 23 6.06 22.50 -57.59
CA ASN Q 23 6.89 23.67 -57.36
C ASN Q 23 7.96 23.48 -56.29
N LYS Q 24 7.99 22.33 -55.60
CA LYS Q 24 9.01 21.96 -54.60
C LYS Q 24 9.02 22.96 -53.42
N ILE Q 25 7.83 23.42 -53.06
CA ILE Q 25 7.65 24.39 -51.98
C ILE Q 25 6.59 23.83 -51.02
N LEU Q 26 6.87 23.88 -49.72
CA LEU Q 26 5.85 23.59 -48.72
C LEU Q 26 4.73 24.61 -48.78
N LEU Q 27 3.49 24.13 -48.62
CA LEU Q 27 2.34 24.99 -48.47
C LEU Q 27 1.69 24.71 -47.13
N TYR Q 28 1.44 25.77 -46.38
CA TYR Q 28 0.71 25.67 -45.11
C TYR Q 28 -0.75 25.92 -45.44
N ALA Q 29 -1.56 24.87 -45.42
CA ALA Q 29 -2.90 24.90 -45.97
C ALA Q 29 -3.94 24.70 -44.88
N CYS Q 30 -5.20 24.83 -45.28
CA CYS Q 30 -6.34 24.66 -44.40
C CYS Q 30 -6.98 23.30 -44.68
N ARG Q 31 -7.38 22.61 -43.62
CA ARG Q 31 -7.90 21.25 -43.74
C ARG Q 31 -9.41 21.16 -43.65
N ASN Q 32 -10.08 22.16 -43.06
CA ASN Q 32 -11.53 22.29 -43.14
C ASN Q 32 -11.92 23.37 -44.14
N CYS Q 33 -10.93 24.07 -44.71
CA CYS Q 33 -11.17 25.21 -45.58
C CYS Q 33 -10.25 25.13 -46.79
N ASP Q 34 -10.24 26.17 -47.64
CA ASP Q 34 -9.44 26.17 -48.85
C ASP Q 34 -8.36 27.24 -48.83
N TYR Q 35 -7.94 27.69 -47.65
CA TYR Q 35 -6.91 28.70 -47.54
C TYR Q 35 -5.53 28.05 -47.49
N LYS Q 36 -4.54 28.73 -48.07
CA LYS Q 36 -3.17 28.25 -48.08
C LYS Q 36 -2.22 29.43 -48.16
N GLN Q 37 -0.99 29.21 -47.72
CA GLN Q 37 0.06 30.22 -47.83
C GLN Q 37 1.42 29.54 -47.94
N GLU Q 38 2.43 30.35 -48.24
CA GLU Q 38 3.79 29.87 -48.38
C GLU Q 38 4.43 29.71 -47.00
N ALA Q 39 5.61 29.10 -46.98
CA ALA Q 39 6.34 28.83 -45.76
C ALA Q 39 7.44 29.87 -45.58
N ASP Q 40 7.36 30.63 -44.48
CA ASP Q 40 8.42 31.57 -44.16
C ASP Q 40 9.65 30.87 -43.59
N SER Q 41 9.44 29.79 -42.84
CA SER Q 41 10.51 28.99 -42.27
C SER Q 41 10.41 27.56 -42.79
N ASN Q 42 11.22 26.67 -42.22
CA ASN Q 42 11.29 25.30 -42.69
C ASN Q 42 10.99 24.24 -41.63
N CYS Q 43 10.84 24.64 -40.36
CA CYS Q 43 10.56 23.68 -39.30
C CYS Q 43 9.06 23.49 -39.13
N ILE Q 44 8.67 22.27 -38.76
CA ILE Q 44 7.29 21.97 -38.43
C ILE Q 44 7.11 21.52 -36.99
N TYR Q 45 8.13 20.94 -36.37
CA TYR Q 45 8.04 20.46 -34.99
C TYR Q 45 9.44 20.38 -34.42
N VAL Q 46 9.72 21.18 -33.41
CA VAL Q 46 10.99 21.15 -32.69
C VAL Q 46 10.70 20.76 -31.25
N ASN Q 47 11.30 19.65 -30.81
CA ASN Q 47 11.14 19.16 -29.45
C ASN Q 47 12.48 19.22 -28.75
N LYS Q 48 12.54 19.93 -27.63
CA LYS Q 48 13.78 20.11 -26.88
C LYS Q 48 13.65 19.39 -25.54
N ILE Q 49 14.54 18.44 -25.31
CA ILE Q 49 14.55 17.71 -24.04
C ILE Q 49 15.19 18.56 -22.95
N MET Q 50 16.42 19.01 -23.19
CA MET Q 50 17.11 19.94 -22.29
C MET Q 50 16.97 21.33 -22.91
N HIS Q 51 15.82 21.95 -22.69
CA HIS Q 51 15.53 23.26 -23.27
C HIS Q 51 16.07 24.36 -22.38
N GLU Q 52 16.68 25.38 -23.00
CA GLU Q 52 17.24 26.51 -22.28
C GLU Q 52 16.13 27.53 -22.04
N ILE Q 53 15.65 27.59 -20.80
CA ILE Q 53 14.57 28.52 -20.46
C ILE Q 53 15.15 29.92 -20.33
N ASP Q 54 14.48 30.91 -20.91
CA ASP Q 54 14.76 32.31 -20.63
C ASP Q 54 13.76 32.75 -19.57
N GLU Q 55 14.02 32.34 -18.32
CA GLU Q 55 13.08 32.58 -17.23
C GLU Q 55 13.09 34.03 -16.75
N LEU Q 56 14.05 34.85 -17.18
CA LEU Q 56 14.06 36.26 -16.81
C LEU Q 56 12.86 37.00 -17.39
N THR Q 57 12.40 36.61 -18.58
CA THR Q 57 11.13 37.10 -19.10
C THR Q 57 9.94 36.40 -18.48
N HIS Q 58 10.14 35.22 -17.88
CA HIS Q 58 9.01 34.48 -17.31
C HIS Q 58 8.55 35.06 -15.98
N ILE Q 59 9.47 35.59 -15.18
CA ILE Q 59 9.11 36.13 -13.87
C ILE Q 59 8.44 37.49 -14.06
N VAL Q 60 7.37 37.71 -13.30
CA VAL Q 60 6.60 38.97 -13.39
C VAL Q 60 7.43 40.09 -12.77
N PRO Q 61 7.52 41.27 -13.40
CA PRO Q 61 8.24 42.40 -12.78
C PRO Q 61 7.47 43.07 -11.64
N ASP Q 62 6.26 42.63 -11.33
CA ASP Q 62 5.50 43.19 -10.21
C ASP Q 62 5.96 42.67 -8.85
N VAL Q 63 6.87 41.69 -8.83
CA VAL Q 63 7.29 41.04 -7.59
C VAL Q 63 8.24 41.92 -6.79
N ILE Q 64 8.59 43.10 -7.32
CA ILE Q 64 9.24 44.11 -6.52
C ILE Q 64 8.30 44.64 -5.43
N SER Q 65 6.99 44.58 -5.67
CA SER Q 65 6.01 44.94 -4.65
C SER Q 65 5.56 43.73 -3.85
N ASP Q 66 6.52 42.97 -3.32
CA ASP Q 66 6.24 41.77 -2.55
C ASP Q 66 7.02 41.84 -1.23
N PRO Q 67 6.35 41.93 -0.09
CA PRO Q 67 7.08 42.00 1.18
C PRO Q 67 7.71 40.69 1.62
N THR Q 68 7.29 39.57 1.03
CA THR Q 68 7.79 38.25 1.42
C THR Q 68 9.07 37.86 0.68
N LEU Q 69 9.55 38.71 -0.23
CA LEU Q 69 10.73 38.42 -1.02
C LEU Q 69 11.97 39.07 -0.40
N PRO Q 70 13.14 38.45 -0.54
CA PRO Q 70 14.36 39.05 0.05
C PRO Q 70 14.82 40.27 -0.72
N ARG Q 71 15.60 41.09 -0.02
CA ARG Q 71 16.17 42.31 -0.60
C ARG Q 71 17.67 42.33 -0.36
N THR Q 72 18.40 42.89 -1.32
CA THR Q 72 19.84 43.06 -1.22
C THR Q 72 20.21 44.47 -1.64
N GLU Q 73 21.35 44.95 -1.14
CA GLU Q 73 21.80 46.31 -1.42
C GLU Q 73 23.27 46.36 -1.81
N ASP Q 74 23.85 45.25 -2.26
CA ASP Q 74 25.23 45.21 -2.70
C ASP Q 74 25.41 44.98 -4.19
N HIS Q 75 24.50 44.22 -4.81
CA HIS Q 75 24.58 43.93 -6.24
C HIS Q 75 23.84 45.02 -6.99
N ALA Q 76 24.59 45.88 -7.68
CA ALA Q 76 24.02 47.00 -8.39
C ALA Q 76 23.32 46.55 -9.66
N CYS Q 77 22.37 47.36 -10.11
CA CYS Q 77 21.66 47.07 -11.35
C CYS Q 77 22.56 47.32 -12.55
N PRO Q 78 22.62 46.41 -13.53
CA PRO Q 78 23.44 46.65 -14.72
C PRO Q 78 22.87 47.72 -15.64
N LYS Q 79 21.60 48.11 -15.48
CA LYS Q 79 20.95 49.05 -16.39
C LYS Q 79 20.93 50.47 -15.84
N CYS Q 80 20.35 50.65 -14.64
CA CYS Q 80 20.16 51.97 -14.07
C CYS Q 80 20.99 52.21 -12.82
N SER Q 81 21.87 51.27 -12.46
CA SER Q 81 22.80 51.37 -11.32
C SER Q 81 22.06 51.56 -9.99
N HIS Q 82 20.94 50.86 -9.82
CA HIS Q 82 20.23 50.87 -8.56
C HIS Q 82 20.89 49.89 -7.59
N ARG Q 83 21.13 50.35 -6.36
CA ARG Q 83 21.80 49.50 -5.38
C ARG Q 83 20.86 48.42 -4.84
N GLU Q 84 19.59 48.77 -4.64
CA GLU Q 84 18.62 47.85 -4.06
C GLU Q 84 18.05 46.94 -5.14
N ALA Q 85 17.96 45.65 -4.84
CA ALA Q 85 17.40 44.67 -5.76
C ALA Q 85 16.77 43.55 -4.97
N VAL Q 86 15.91 42.77 -5.63
CA VAL Q 86 15.22 41.65 -5.02
C VAL Q 86 15.75 40.37 -5.65
N PHE Q 87 16.30 39.48 -4.84
CA PHE Q 87 16.86 38.23 -5.33
C PHE Q 87 16.00 37.06 -4.88
N PHE Q 88 15.73 36.14 -5.81
CA PHE Q 88 14.94 34.95 -5.50
C PHE Q 88 15.30 33.87 -6.50
N GLN Q 89 14.92 32.64 -6.14
CA GLN Q 89 15.13 31.50 -7.02
C GLN Q 89 13.94 31.33 -7.97
N ALA Q 90 14.19 30.64 -9.08
CA ALA Q 90 13.13 30.41 -10.05
C ALA Q 90 12.18 29.31 -9.56
N GLN Q 91 11.06 29.19 -10.26
CA GLN Q 91 9.99 28.28 -9.86
C GLN Q 91 9.89 27.03 -10.71
N THR Q 92 10.61 26.96 -11.84
CA THR Q 92 10.49 25.86 -12.77
C THR Q 92 11.13 24.58 -12.21
N ARG Q 93 10.89 23.47 -12.90
CA ARG Q 93 11.35 22.16 -12.44
C ARG Q 93 12.81 21.89 -12.81
N ARG Q 94 13.45 22.80 -13.54
CA ARG Q 94 14.86 22.64 -13.91
C ARG Q 94 15.80 23.40 -12.98
N ALA Q 95 15.35 24.50 -12.36
CA ALA Q 95 16.23 25.42 -11.68
C ALA Q 95 16.53 25.05 -10.22
N GLU Q 96 15.86 24.05 -9.66
CA GLU Q 96 16.13 23.68 -8.27
C GLU Q 96 17.37 22.82 -8.12
N GLU Q 97 17.97 22.36 -9.21
CA GLU Q 97 19.18 21.56 -9.17
C GLU Q 97 20.45 22.40 -9.35
N GLU Q 98 20.32 23.73 -9.29
CA GLU Q 98 21.44 24.62 -9.60
C GLU Q 98 21.77 25.57 -8.45
N MET Q 99 20.76 25.91 -7.64
CA MET Q 99 20.81 26.95 -6.62
C MET Q 99 21.29 28.28 -7.21
N ARG Q 100 20.52 28.75 -8.20
CA ARG Q 100 20.86 29.94 -8.96
C ARG Q 100 19.99 31.11 -8.50
N LEU Q 101 20.64 32.23 -8.21
CA LEU Q 101 19.93 33.42 -7.75
C LEU Q 101 19.57 34.32 -8.92
N TYR Q 102 18.36 34.89 -8.86
CA TYR Q 102 17.83 35.73 -9.92
C TYR Q 102 17.48 37.09 -9.33
N TYR Q 103 17.99 38.15 -9.96
CA TYR Q 103 17.93 39.49 -9.40
C TYR Q 103 16.98 40.35 -10.25
N VAL Q 104 16.08 41.06 -9.58
CA VAL Q 104 15.16 41.99 -10.23
C VAL Q 104 15.42 43.37 -9.63
N CYS Q 105 15.61 44.36 -10.50
CA CYS Q 105 15.84 45.72 -10.06
C CYS Q 105 14.56 46.29 -9.45
N THR Q 106 14.69 46.90 -8.26
CA THR Q 106 13.53 47.38 -7.52
C THR Q 106 12.99 48.70 -8.04
N ASN Q 107 13.68 49.36 -8.97
CA ASN Q 107 13.19 50.60 -9.54
C ASN Q 107 11.99 50.32 -10.44
N GLN Q 108 10.91 51.08 -10.24
CA GLN Q 108 9.70 50.88 -11.02
C GLN Q 108 9.83 51.35 -12.45
N ASN Q 109 10.75 52.28 -12.72
CA ASN Q 109 10.97 52.77 -14.08
C ASN Q 109 11.96 51.91 -14.86
N CYS Q 110 12.79 51.12 -14.19
CA CYS Q 110 13.79 50.30 -14.86
C CYS Q 110 13.35 48.84 -14.97
N THR Q 111 13.09 48.19 -13.83
CA THR Q 111 12.62 46.80 -13.73
C THR Q 111 13.53 45.81 -14.47
N HIS Q 112 14.84 46.00 -14.34
CA HIS Q 112 15.79 45.09 -14.97
C HIS Q 112 15.84 43.77 -14.21
N ARG Q 113 15.87 42.67 -14.97
CA ARG Q 113 15.97 41.33 -14.41
C ARG Q 113 17.19 40.64 -15.02
N TRP Q 114 18.03 40.07 -14.17
CA TRP Q 114 19.29 39.48 -14.61
C TRP Q 114 19.69 38.38 -13.63
N THR Q 115 20.89 37.84 -13.84
CA THR Q 115 21.38 36.69 -13.07
C THR Q 115 22.87 36.88 -12.81
N GLU Q 116 23.26 36.74 -11.55
CA GLU Q 116 24.68 36.76 -11.19
C GLU Q 116 25.10 35.44 -10.56
N MET R 1 -13.47 24.57 48.06
CA MET R 1 -14.35 25.74 48.02
C MET R 1 -14.20 26.56 49.30
N ILE R 2 -13.57 25.97 50.30
CA ILE R 2 -13.37 26.61 51.59
C ILE R 2 -11.93 26.36 52.04
N ILE R 3 -11.47 27.17 52.99
CA ILE R 3 -10.10 27.02 53.51
C ILE R 3 -10.01 25.73 54.32
N PRO R 4 -8.91 24.97 54.21
CA PRO R 4 -8.76 23.79 55.05
C PRO R 4 -8.47 24.17 56.50
N ILE R 5 -8.73 23.21 57.40
CA ILE R 5 -8.48 23.40 58.81
C ILE R 5 -6.97 23.44 59.09
N ARG R 6 -6.23 22.50 58.51
CA ARG R 6 -4.83 22.32 58.84
C ARG R 6 -3.97 22.28 57.58
N CYS R 7 -2.69 22.63 57.77
CA CYS R 7 -1.70 22.51 56.72
C CYS R 7 -1.43 21.03 56.43
N PHE R 8 -1.41 20.66 55.15
CA PHE R 8 -1.27 19.26 54.77
C PHE R 8 0.15 18.74 55.05
N THR R 9 1.16 19.49 54.62
CA THR R 9 2.54 19.07 54.84
C THR R 9 2.97 19.27 56.29
N CYS R 10 2.31 20.17 56.99
CA CYS R 10 2.85 20.78 58.20
C CYS R 10 2.01 20.55 59.44
N GLY R 11 0.68 20.51 59.32
CA GLY R 11 -0.17 20.35 60.47
C GLY R 11 -0.54 21.63 61.19
N LYS R 12 -0.03 22.77 60.74
CA LYS R 12 -0.38 24.05 61.36
C LYS R 12 -1.80 24.43 60.99
N VAL R 13 -2.52 24.99 61.97
CA VAL R 13 -3.92 25.34 61.77
C VAL R 13 -4.00 26.61 60.92
N ILE R 14 -4.69 26.51 59.78
CA ILE R 14 -4.81 27.60 58.84
C ILE R 14 -6.26 28.03 58.62
N GLY R 15 -7.21 27.46 59.34
CA GLY R 15 -8.60 27.81 59.14
C GLY R 15 -8.99 29.17 59.66
N ASN R 16 -8.21 29.73 60.59
CA ASN R 16 -8.50 31.03 61.17
C ASN R 16 -7.74 32.16 60.49
N LYS R 17 -6.98 31.86 59.44
CA LYS R 17 -6.07 32.84 58.85
C LYS R 17 -6.39 33.11 57.38
N TRP R 18 -7.66 32.98 56.99
CA TRP R 18 -8.08 33.25 55.61
C TRP R 18 -8.85 34.54 55.48
N GLU R 19 -9.83 34.77 56.37
CA GLU R 19 -10.54 36.04 56.36
C GLU R 19 -9.65 37.18 56.83
N SER R 20 -8.72 36.90 57.74
CA SER R 20 -7.73 37.90 58.14
C SER R 20 -6.76 38.17 56.99
N TYR R 21 -6.44 37.14 56.21
CA TYR R 21 -5.61 37.31 55.02
C TYR R 21 -6.31 38.18 53.99
N LEU R 22 -7.61 37.97 53.79
CA LEU R 22 -8.38 38.80 52.86
C LEU R 22 -8.47 40.24 53.35
N GLY R 23 -8.71 40.44 54.65
CA GLY R 23 -8.79 41.78 55.20
C GLY R 23 -7.46 42.52 55.17
N LEU R 24 -6.34 41.81 55.33
CA LEU R 24 -5.04 42.43 55.16
C LEU R 24 -4.78 42.75 53.70
N LEU R 25 -5.19 41.87 52.79
CA LEU R 25 -4.94 42.08 51.37
C LEU R 25 -5.73 43.26 50.81
N GLN R 26 -6.96 43.47 51.32
CA GLN R 26 -7.79 44.50 50.74
C GLN R 26 -7.36 45.91 51.15
N ALA R 27 -6.82 46.09 52.36
CA ALA R 27 -6.52 47.44 52.83
C ALA R 27 -5.38 48.11 52.07
N GLU R 28 -4.12 47.71 52.34
CA GLU R 28 -3.01 48.14 51.50
C GLU R 28 -1.87 47.14 51.40
N TYR R 29 -1.94 45.99 52.05
CA TYR R 29 -0.81 45.07 52.10
C TYR R 29 -0.68 44.29 50.80
N THR R 30 0.52 43.74 50.60
CA THR R 30 0.76 42.75 49.56
C THR R 30 0.51 41.36 50.15
N GLU R 31 0.77 40.33 49.34
CA GLU R 31 0.54 38.97 49.82
C GLU R 31 1.64 38.54 50.78
N GLY R 32 2.89 38.91 50.50
CA GLY R 32 3.99 38.52 51.36
C GLY R 32 3.95 39.17 52.73
N ASP R 33 3.60 40.47 52.78
CA ASP R 33 3.47 41.14 54.06
C ASP R 33 2.29 40.62 54.86
N ALA R 34 1.21 40.23 54.18
CA ALA R 34 0.06 39.64 54.87
C ALA R 34 0.41 38.27 55.43
N LEU R 35 1.19 37.48 54.68
CA LEU R 35 1.61 36.18 55.18
C LEU R 35 2.61 36.31 56.33
N ASP R 36 3.46 37.34 56.28
CA ASP R 36 4.39 37.59 57.37
C ASP R 36 3.67 38.11 58.62
N ALA R 37 2.60 38.87 58.43
CA ALA R 37 1.84 39.37 59.58
C ALA R 37 1.01 38.28 60.23
N LEU R 38 0.65 37.23 59.49
CA LEU R 38 -0.14 36.14 60.04
C LEU R 38 0.69 35.11 60.79
N GLY R 39 2.01 35.25 60.79
CA GLY R 39 2.87 34.30 61.48
C GLY R 39 3.23 33.06 60.70
N LEU R 40 2.81 32.97 59.43
CA LEU R 40 3.13 31.83 58.59
C LEU R 40 4.54 32.03 58.01
N LYS R 41 5.54 31.74 58.84
CA LYS R 41 6.92 31.93 58.45
C LYS R 41 7.42 30.88 57.47
N ARG R 42 6.77 29.71 57.42
CA ARG R 42 7.16 28.66 56.49
C ARG R 42 6.35 28.79 55.20
N TYR R 43 7.01 28.52 54.07
CA TYR R 43 6.35 28.63 52.77
C TYR R 43 5.36 27.50 52.53
N CYS R 44 5.44 26.41 53.31
CA CYS R 44 4.47 25.33 53.21
C CYS R 44 3.09 25.79 53.64
N CYS R 45 3.02 26.63 54.68
CA CYS R 45 1.75 27.25 55.05
C CYS R 45 1.41 28.45 54.18
N ARG R 46 2.42 29.09 53.57
CA ARG R 46 2.15 30.23 52.71
C ARG R 46 1.52 29.79 51.38
N ARG R 47 1.88 28.60 50.89
CA ARG R 47 1.30 28.12 49.65
C ARG R 47 -0.15 27.66 49.81
N MET R 48 -0.60 27.43 51.05
CA MET R 48 -2.01 27.18 51.30
C MET R 48 -2.86 28.44 51.19
N LEU R 49 -2.24 29.61 51.32
CA LEU R 49 -2.97 30.87 51.26
C LEU R 49 -2.75 31.65 49.98
N LEU R 50 -1.60 31.46 49.31
CA LEU R 50 -1.33 32.18 48.09
C LEU R 50 -2.24 31.71 46.95
N GLY R 51 -2.48 30.41 46.85
CA GLY R 51 -3.29 29.85 45.81
C GLY R 51 -4.69 29.44 46.20
N HIS R 52 -5.18 29.85 47.37
CA HIS R 52 -6.50 29.42 47.81
C HIS R 52 -7.60 30.17 47.08
N VAL R 53 -8.61 29.44 46.63
CA VAL R 53 -9.81 30.02 46.04
C VAL R 53 -10.98 29.74 46.97
N ASP R 54 -11.94 30.66 46.97
CA ASP R 54 -13.10 30.59 47.84
C ASP R 54 -14.33 30.41 46.95
N LEU R 55 -14.62 29.15 46.61
CA LEU R 55 -15.75 28.85 45.75
C LEU R 55 -17.07 28.70 46.50
N ILE R 56 -17.03 28.72 47.84
CA ILE R 56 -18.28 28.64 48.59
C ILE R 56 -19.02 29.97 48.58
N GLU R 57 -18.35 31.08 48.24
CA GLU R 57 -19.05 32.34 48.06
C GLU R 57 -19.95 32.30 46.83
N LYS R 58 -19.50 31.64 45.77
CA LYS R 58 -20.35 31.44 44.61
C LYS R 58 -21.43 30.41 44.88
N LEU R 59 -21.16 29.44 45.75
CA LEU R 59 -22.17 28.45 46.12
C LEU R 59 -23.26 29.06 46.99
N LEU R 60 -22.92 30.03 47.83
CA LEU R 60 -23.91 30.65 48.70
C LEU R 60 -24.80 31.65 47.96
N ASN R 61 -24.40 32.06 46.76
CA ASN R 61 -25.25 32.97 45.98
C ASN R 61 -26.49 32.27 45.43
N TYR R 62 -26.44 30.96 45.24
CA TYR R 62 -27.60 30.21 44.78
C TYR R 62 -28.67 30.16 45.86
N ALA R 63 -29.92 30.07 45.42
CA ALA R 63 -31.03 29.96 46.36
C ALA R 63 -31.02 28.59 47.03
N PRO R 64 -31.25 28.53 48.34
CA PRO R 64 -31.32 27.23 49.02
C PRO R 64 -32.58 26.47 48.65
N LEU R 65 -32.51 25.15 48.81
CA LEU R 65 -33.64 24.30 48.48
C LEU R 65 -34.77 24.47 49.48
N GLU R 66 -34.44 24.58 50.77
CA GLU R 66 -35.43 24.76 51.82
C GLU R 66 -35.46 26.23 52.24
N LYS R 67 -36.65 26.80 52.33
CA LYS R 67 -36.81 28.18 52.74
C LYS R 67 -36.62 28.34 54.24
N MET S 1 -12.08 -0.03 49.10
CA MET S 1 -12.86 -1.22 49.40
C MET S 1 -12.00 -2.32 50.04
N ASN S 2 -10.70 -2.28 49.75
CA ASN S 2 -9.73 -3.16 50.39
C ASN S 2 -8.84 -2.40 51.37
N ALA S 3 -9.30 -1.25 51.86
CA ALA S 3 -8.51 -0.46 52.79
C ALA S 3 -8.46 -1.15 54.15
N PRO S 4 -7.28 -1.44 54.69
CA PRO S 4 -7.20 -2.06 56.02
C PRO S 4 -7.59 -1.07 57.10
N PRO S 5 -8.04 -1.55 58.25
CA PRO S 5 -8.37 -0.64 59.37
C PRO S 5 -7.13 0.07 59.91
N THR S 6 -7.33 1.30 60.36
CA THR S 6 -6.22 2.14 60.79
C THR S 6 -5.74 1.82 62.20
N PHE S 7 -6.48 1.02 62.96
CA PHE S 7 -6.06 0.66 64.31
C PHE S 7 -5.26 -0.64 64.36
N GLU S 8 -5.04 -1.30 63.22
CA GLU S 8 -4.27 -2.53 63.19
C GLU S 8 -2.77 -2.29 63.24
N SER S 9 -2.33 -1.04 63.11
CA SER S 9 -0.91 -0.73 63.15
C SER S 9 -0.32 -0.77 64.55
N PHE S 10 -1.16 -0.80 65.58
CA PHE S 10 -0.67 -0.82 66.96
C PHE S 10 -1.41 -1.79 67.87
N LEU S 11 -2.41 -2.52 67.37
CA LEU S 11 -3.22 -3.42 68.19
C LEU S 11 -2.99 -4.85 67.75
N LEU S 12 -2.65 -5.71 68.71
CA LEU S 12 -2.56 -7.14 68.45
C LEU S 12 -3.95 -7.73 68.25
N TYR S 13 -4.01 -8.80 67.46
CA TYR S 13 -5.27 -9.50 67.21
C TYR S 13 -5.51 -10.52 68.32
N GLU S 14 -6.53 -11.35 68.15
CA GLU S 14 -6.87 -12.35 69.15
C GLU S 14 -5.90 -13.52 69.06
N GLY S 15 -5.27 -13.86 70.19
CA GLY S 15 -4.31 -14.95 70.21
C GLY S 15 -2.99 -14.65 69.54
N GLU S 16 -2.65 -13.39 69.37
CA GLU S 16 -1.40 -12.99 68.72
C GLU S 16 -0.39 -12.58 69.79
N LYS S 17 0.66 -13.38 69.95
CA LYS S 17 1.72 -13.03 70.88
C LYS S 17 2.55 -11.88 70.33
N LYS S 18 2.95 -10.96 71.22
CA LYS S 18 3.72 -9.80 70.80
C LYS S 18 5.14 -10.20 70.42
N ILE S 19 5.81 -10.98 71.26
CA ILE S 19 7.21 -11.34 71.08
C ILE S 19 7.30 -12.83 70.78
N ILE S 20 7.91 -13.17 69.66
CA ILE S 20 8.13 -14.56 69.26
C ILE S 20 9.63 -14.79 69.16
N LYS S 21 10.14 -15.77 69.89
CA LYS S 21 11.56 -16.07 69.93
C LYS S 21 11.85 -17.33 69.13
N GLU S 22 12.78 -17.24 68.19
CA GLU S 22 13.19 -18.37 67.35
C GLU S 22 14.69 -18.58 67.50
N LEU S 23 15.09 -19.82 67.76
CA LEU S 23 16.49 -20.14 67.96
C LEU S 23 17.17 -20.34 66.61
N ASP S 24 18.22 -19.57 66.35
CA ASP S 24 18.98 -19.70 65.11
C ASP S 24 19.89 -20.93 65.16
N THR S 25 20.02 -21.60 64.02
CA THR S 25 20.79 -22.83 63.93
C THR S 25 22.07 -22.70 63.12
N LYS S 26 22.30 -21.56 62.46
CA LYS S 26 23.52 -21.39 61.67
C LYS S 26 24.74 -21.22 62.57
N VAL S 27 24.63 -20.40 63.61
CA VAL S 27 25.71 -20.22 64.57
C VAL S 27 25.18 -20.50 65.97
N THR S 28 26.04 -20.38 66.97
CA THR S 28 25.68 -20.67 68.35
C THR S 28 25.35 -19.38 69.09
N ASN S 29 24.47 -19.52 70.10
CA ASN S 29 24.01 -18.43 70.97
C ASN S 29 23.39 -17.28 70.18
N ALA S 30 22.57 -17.62 69.20
CA ALA S 30 21.90 -16.63 68.35
C ALA S 30 20.40 -16.86 68.39
N ALA S 31 19.64 -15.77 68.36
CA ALA S 31 18.19 -15.82 68.44
C ALA S 31 17.59 -14.71 67.59
N ILE S 32 16.33 -14.90 67.22
CA ILE S 32 15.56 -13.93 66.44
C ILE S 32 14.30 -13.61 67.22
N PHE S 33 14.09 -12.33 67.51
CA PHE S 33 12.92 -11.85 68.23
C PHE S 33 12.02 -11.10 67.27
N THR S 34 10.77 -11.56 67.15
CA THR S 34 9.79 -10.99 66.25
C THR S 34 8.78 -10.21 67.08
N ILE S 35 8.60 -8.93 66.77
CA ILE S 35 7.68 -8.05 67.48
C ILE S 35 6.71 -7.47 66.47
N ASN S 36 5.42 -7.62 66.74
CA ASN S 36 4.34 -7.20 65.86
C ASN S 36 3.83 -5.82 66.25
N LYS S 37 3.09 -5.21 65.31
CA LYS S 37 2.26 -4.01 65.52
C LYS S 37 3.07 -2.79 65.97
N GLU S 38 4.30 -2.67 65.47
CA GLU S 38 5.17 -1.56 65.84
C GLU S 38 5.91 -1.11 64.59
N ASP S 39 6.98 -0.33 64.77
CA ASP S 39 7.68 0.30 63.66
C ASP S 39 9.17 0.36 63.98
N HIS S 40 9.89 1.21 63.26
CA HIS S 40 11.34 1.30 63.38
C HIS S 40 11.80 1.93 64.70
N THR S 41 10.89 2.54 65.45
CA THR S 41 11.23 3.26 66.67
C THR S 41 11.80 2.35 67.74
N LEU S 42 11.03 1.33 68.13
CA LEU S 42 11.45 0.44 69.21
C LEU S 42 12.63 -0.43 68.79
N GLY S 43 12.65 -0.89 67.54
CA GLY S 43 13.79 -1.66 67.05
C GLY S 43 15.07 -0.85 67.00
N ASN S 44 14.97 0.42 66.61
CA ASN S 44 16.13 1.30 66.60
C ASN S 44 16.63 1.57 68.02
N MET S 45 15.71 1.72 68.97
CA MET S 45 16.11 1.90 70.37
C MET S 45 16.81 0.66 70.93
N ILE S 46 16.23 -0.52 70.67
CA ILE S 46 16.81 -1.78 71.14
C ILE S 46 18.20 -1.99 70.54
N ARG S 47 18.32 -1.70 69.24
CA ARG S 47 19.59 -1.88 68.54
C ARG S 47 20.66 -0.92 69.01
N ASN S 48 20.34 0.38 69.08
CA ASN S 48 21.36 1.35 69.44
C ASN S 48 21.62 1.41 70.94
N GLN S 49 20.84 0.70 71.76
CA GLN S 49 21.29 0.42 73.10
C GLN S 49 22.10 -0.86 73.18
N LEU S 50 21.82 -1.84 72.31
CA LEU S 50 22.59 -3.08 72.31
C LEU S 50 24.00 -2.88 71.77
N LEU S 51 24.18 -1.95 70.82
CA LEU S 51 25.48 -1.76 70.19
C LEU S 51 26.53 -1.16 71.11
N LYS S 52 26.14 -0.56 72.23
CA LYS S 52 27.10 -0.10 73.21
C LYS S 52 27.67 -1.23 74.07
N ASP S 53 27.04 -2.41 74.04
CA ASP S 53 27.52 -3.54 74.83
C ASP S 53 28.67 -4.22 74.09
N PRO S 54 29.85 -4.35 74.72
CA PRO S 54 30.91 -5.16 74.10
C PRO S 54 30.66 -6.65 74.13
N ASN S 55 29.73 -7.12 74.96
CA ASN S 55 29.47 -8.55 75.08
C ASN S 55 28.69 -9.11 73.91
N VAL S 56 28.04 -8.27 73.12
CA VAL S 56 27.27 -8.73 71.97
C VAL S 56 28.15 -8.64 70.73
N LEU S 57 27.92 -9.56 69.78
CA LEU S 57 28.59 -9.54 68.50
C LEU S 57 27.64 -9.32 67.34
N PHE S 58 26.32 -9.41 67.57
CA PHE S 58 25.34 -9.27 66.51
C PHE S 58 24.04 -8.78 67.13
N ALA S 59 23.55 -7.64 66.67
CA ALA S 59 22.26 -7.12 67.10
C ALA S 59 21.67 -6.31 65.95
N GLY S 60 20.60 -6.82 65.36
CA GLY S 60 20.05 -6.14 64.19
C GLY S 60 18.57 -6.30 63.93
N TYR S 61 17.87 -5.18 63.66
CA TYR S 61 16.45 -5.20 63.38
C TYR S 61 16.22 -5.04 61.88
N LYS S 62 15.08 -5.56 61.43
CA LYS S 62 14.69 -5.53 60.03
C LYS S 62 13.17 -5.57 59.94
N VAL S 63 12.60 -4.68 59.14
CA VAL S 63 11.17 -4.68 58.83
C VAL S 63 11.01 -5.34 57.47
N PRO S 64 10.38 -6.51 57.38
CA PRO S 64 10.28 -7.19 56.08
C PRO S 64 9.33 -6.52 55.10
N HIS S 65 8.32 -5.78 55.58
CA HIS S 65 7.37 -5.15 54.69
C HIS S 65 6.79 -3.90 55.36
N PRO S 66 6.71 -2.78 54.64
CA PRO S 66 6.05 -1.60 55.21
C PRO S 66 4.56 -1.79 55.48
N LEU S 67 3.89 -2.66 54.72
CA LEU S 67 2.47 -2.92 54.92
C LEU S 67 2.19 -3.89 56.06
N GLU S 68 3.20 -4.61 56.54
CA GLU S 68 3.05 -5.54 57.65
C GLU S 68 3.80 -4.97 58.85
N HIS S 69 3.06 -4.53 59.86
CA HIS S 69 3.67 -3.94 61.04
C HIS S 69 4.31 -5.01 61.91
N LYS S 70 5.56 -5.35 61.59
CA LYS S 70 6.26 -6.47 62.20
C LYS S 70 7.74 -6.28 61.92
N PHE S 71 8.58 -6.56 62.93
CA PHE S 71 10.02 -6.43 62.74
C PHE S 71 10.74 -7.47 63.57
N VAL S 72 11.91 -7.89 63.05
CA VAL S 72 12.68 -8.97 63.66
C VAL S 72 14.07 -8.45 64.03
N ILE S 73 14.60 -8.97 65.14
CA ILE S 73 15.95 -8.64 65.58
C ILE S 73 16.73 -9.93 65.76
N ARG S 74 17.85 -10.05 65.06
CA ARG S 74 18.78 -11.15 65.25
C ARG S 74 19.87 -10.70 66.21
N ILE S 75 20.04 -11.44 67.30
CA ILE S 75 21.05 -11.16 68.33
C ILE S 75 21.89 -12.40 68.54
N GLN S 76 23.20 -12.26 68.40
CA GLN S 76 24.17 -13.27 68.76
C GLN S 76 25.22 -12.67 69.68
N THR S 77 25.49 -13.35 70.79
CA THR S 77 26.43 -12.89 71.80
C THR S 77 27.59 -13.88 71.90
N THR S 78 28.45 -13.65 72.91
CA THR S 78 29.49 -14.60 73.24
C THR S 78 28.91 -15.74 74.06
N ALA S 79 29.76 -16.71 74.41
CA ALA S 79 29.30 -17.87 75.16
C ALA S 79 29.44 -17.68 76.66
N ASP S 80 29.00 -16.51 77.14
CA ASP S 80 28.83 -16.30 78.58
C ASP S 80 27.62 -15.44 78.90
N TYR S 81 26.77 -15.13 77.92
CA TYR S 81 25.77 -14.07 78.07
C TYR S 81 24.64 -14.33 77.10
N SER S 82 23.42 -14.42 77.62
CA SER S 82 22.27 -14.74 76.79
C SER S 82 21.87 -13.55 75.94
N PRO S 83 21.41 -13.79 74.71
CA PRO S 83 20.82 -12.70 73.91
C PRO S 83 19.56 -12.10 74.52
N GLN S 84 18.75 -12.93 75.18
CA GLN S 84 17.56 -12.43 75.86
C GLN S 84 17.94 -11.55 77.04
N GLU S 85 18.96 -11.95 77.79
CA GLU S 85 19.48 -11.11 78.87
C GLU S 85 20.10 -9.83 78.33
N ALA S 86 20.73 -9.90 77.15
CA ALA S 86 21.27 -8.70 76.50
C ALA S 86 20.16 -7.73 76.13
N PHE S 87 19.05 -8.25 75.59
CA PHE S 87 17.92 -7.39 75.24
C PHE S 87 17.25 -6.83 76.48
N MET S 88 17.18 -7.62 77.56
CA MET S 88 16.64 -7.16 78.83
C MET S 88 17.48 -6.03 79.42
N ASN S 89 18.79 -6.17 79.38
CA ASN S 89 19.68 -5.10 79.86
C ASN S 89 19.59 -3.88 78.95
N ALA S 90 19.35 -4.09 77.65
CA ALA S 90 19.17 -2.97 76.72
C ALA S 90 17.93 -2.16 77.04
N ILE S 91 16.79 -2.84 77.28
CA ILE S 91 15.58 -2.07 77.57
C ILE S 91 15.63 -1.47 78.97
N THR S 92 16.32 -2.12 79.90
CA THR S 92 16.51 -1.52 81.23
C THR S 92 17.36 -0.25 81.16
N ASP S 93 18.43 -0.27 80.38
CA ASP S 93 19.27 0.91 80.21
C ASP S 93 18.54 2.01 79.45
N LEU S 94 17.69 1.63 78.48
CA LEU S 94 16.86 2.60 77.78
C LEU S 94 15.88 3.28 78.72
N LEU S 95 15.24 2.50 79.59
CA LEU S 95 14.29 3.05 80.55
C LEU S 95 14.98 3.98 81.54
N ALA S 96 16.18 3.61 82.01
CA ALA S 96 16.93 4.49 82.91
C ALA S 96 17.38 5.77 82.21
N GLU S 97 17.84 5.66 80.96
CA GLU S 97 18.31 6.83 80.21
C GLU S 97 17.20 7.80 79.93
N LEU S 98 16.03 7.32 79.49
CA LEU S 98 14.96 8.27 79.23
C LEU S 98 14.19 8.67 80.48
N SER S 99 14.34 7.94 81.60
CA SER S 99 13.90 8.48 82.88
C SER S 99 14.76 9.66 83.31
N LEU S 100 16.07 9.56 83.08
CA LEU S 100 16.97 10.69 83.29
C LEU S 100 16.62 11.85 82.35
N PHE S 101 16.24 11.52 81.11
CA PHE S 101 15.77 12.55 80.17
C PHE S 101 14.50 13.23 80.67
N GLU S 102 13.56 12.45 81.22
CA GLU S 102 12.32 13.02 81.74
C GLU S 102 12.58 13.95 82.91
N GLU S 103 13.45 13.54 83.85
CA GLU S 103 13.68 14.40 85.00
C GLU S 103 14.52 15.63 84.65
N ARG S 104 15.47 15.52 83.70
CA ARG S 104 16.21 16.71 83.29
C ARG S 104 15.34 17.65 82.49
N PHE S 105 14.37 17.12 81.72
CA PHE S 105 13.45 18.00 81.01
C PHE S 105 12.49 18.68 81.97
N LYS S 106 12.04 17.97 83.01
CA LYS S 106 11.17 18.58 84.01
C LYS S 106 11.89 19.67 84.78
N ASP S 107 13.16 19.43 85.14
CA ASP S 107 13.96 20.46 85.80
C ASP S 107 14.20 21.66 84.87
N ALA S 108 14.40 21.40 83.58
CA ALA S 108 14.60 22.48 82.62
C ALA S 108 13.34 23.34 82.45
N ILE S 109 12.17 22.71 82.38
CA ILE S 109 10.91 23.46 82.29
C ILE S 109 10.66 24.25 83.57
N LYS S 110 10.98 23.66 84.74
CA LYS S 110 10.80 24.38 85.99
C LYS S 110 11.72 25.60 86.10
N GLU S 111 13.00 25.45 85.72
CA GLU S 111 13.91 26.59 85.83
C GLU S 111 13.64 27.63 84.74
N LYS S 112 13.13 27.20 83.58
CA LYS S 112 12.82 28.17 82.52
C LYS S 112 11.56 28.95 82.85
N LYS S 113 10.58 28.29 83.49
CA LYS S 113 9.36 29.00 83.88
C LYS S 113 9.60 29.90 85.08
N GLU S 114 10.43 29.47 86.04
CA GLU S 114 10.71 30.30 87.20
C GLU S 114 11.67 31.44 86.89
N GLY S 115 12.57 31.25 85.92
CA GLY S 115 13.51 32.30 85.56
C GLY S 115 12.90 33.42 84.76
N GLY S 116 11.77 33.18 84.11
CA GLY S 116 11.11 34.19 83.30
C GLY S 116 11.79 34.44 81.97
N THR T 1 -48.31 6.71 54.23
CA THR T 1 -48.88 7.99 54.65
C THR T 1 -48.74 9.04 53.55
N ALA T 2 -49.50 10.13 53.69
CA ALA T 2 -49.42 11.25 52.77
C ALA T 2 -48.27 12.14 53.20
N MET T 3 -47.17 12.10 52.47
CA MET T 3 -45.94 12.75 52.89
C MET T 3 -45.64 13.95 51.99
N THR T 4 -44.50 14.59 52.23
CA THR T 4 -44.24 15.94 51.74
C THR T 4 -43.01 16.01 50.85
N TYR T 5 -42.98 17.06 50.04
CA TYR T 5 -41.89 17.42 49.14
C TYR T 5 -41.72 18.93 49.16
N ILE T 6 -40.68 19.40 48.49
CA ILE T 6 -40.34 20.81 48.41
C ILE T 6 -40.44 21.25 46.95
N CYS T 7 -41.20 22.31 46.70
CA CYS T 7 -41.33 22.86 45.36
C CYS T 7 -40.01 23.48 44.90
N GLY T 8 -39.81 23.48 43.58
CA GLY T 8 -38.54 23.93 43.03
C GLY T 8 -38.30 25.42 43.19
N GLU T 9 -39.36 26.23 43.00
CA GLU T 9 -39.22 27.67 43.13
C GLU T 9 -40.02 28.27 44.27
N CYS T 10 -41.06 27.59 44.76
CA CYS T 10 -41.79 28.07 45.93
C CYS T 10 -41.02 27.81 47.21
N HIS T 11 -40.23 26.72 47.26
CA HIS T 11 -39.63 26.17 48.46
C HIS T 11 -40.68 25.94 49.55
N HIS T 12 -41.80 25.33 49.14
CA HIS T 12 -42.98 25.19 49.96
C HIS T 12 -43.23 23.72 50.29
N GLU T 13 -43.67 23.45 51.52
CA GLU T 13 -43.96 22.11 51.98
C GLU T 13 -45.24 21.58 51.36
N ASN T 14 -45.15 20.90 50.21
CA ASN T 14 -46.32 20.31 49.59
C ASN T 14 -46.52 18.90 50.09
N GLU T 15 -47.73 18.58 50.53
CA GLU T 15 -48.01 17.25 51.07
C GLU T 15 -49.11 16.58 50.24
N MET T 16 -48.93 15.28 50.00
CA MET T 16 -49.89 14.53 49.21
C MET T 16 -49.72 13.03 49.48
N ARG T 17 -50.76 12.29 49.13
CA ARG T 17 -50.66 10.84 49.00
C ARG T 17 -49.89 10.51 47.72
N PRO T 18 -49.01 9.48 47.73
CA PRO T 18 -48.21 9.14 46.54
C PRO T 18 -48.97 8.45 45.39
N ARG T 19 -50.11 9.02 45.02
CA ARG T 19 -50.76 8.73 43.74
C ARG T 19 -51.09 9.99 42.95
N ASP T 20 -51.00 11.17 43.56
CA ASP T 20 -51.26 12.42 42.87
C ASP T 20 -50.15 12.73 41.87
N PRO T 21 -50.46 13.45 40.80
CA PRO T 21 -49.41 13.87 39.86
C PRO T 21 -48.48 14.90 40.48
N ILE T 22 -47.26 14.95 39.95
CA ILE T 22 -46.21 15.83 40.45
C ILE T 22 -46.53 17.25 39.99
N ARG T 23 -47.11 18.04 40.88
CA ARG T 23 -47.52 19.41 40.53
C ARG T 23 -47.60 20.24 41.80
N CYS T 24 -47.00 21.43 41.77
CA CYS T 24 -47.13 22.35 42.89
C CYS T 24 -48.53 22.94 42.94
N ARG T 25 -49.05 23.12 44.14
CA ARG T 25 -50.40 23.63 44.34
C ARG T 25 -50.44 25.14 44.56
N GLU T 26 -49.30 25.81 44.48
CA GLU T 26 -49.25 27.26 44.61
C GLU T 26 -48.85 27.97 43.32
N CYS T 27 -47.87 27.44 42.59
CA CYS T 27 -47.44 28.02 41.33
C CYS T 27 -47.53 27.07 40.16
N GLY T 28 -47.65 25.76 40.39
CA GLY T 28 -47.74 24.80 39.30
C GLY T 28 -46.39 24.52 38.67
N TYR T 29 -45.47 23.98 39.45
CA TYR T 29 -44.11 23.72 39.01
C TYR T 29 -43.85 22.23 39.09
N ARG T 30 -43.38 21.65 37.98
CA ARG T 30 -43.24 20.21 37.87
C ARG T 30 -42.05 19.65 38.65
N ILE T 31 -41.19 20.51 39.18
CA ILE T 31 -39.96 20.09 39.84
C ILE T 31 -40.20 20.15 41.35
N MET T 32 -40.00 19.00 42.02
CA MET T 32 -40.01 18.93 43.48
C MET T 32 -38.91 18.01 43.95
N TYR T 33 -38.42 18.29 45.15
CA TYR T 33 -37.36 17.51 45.79
C TYR T 33 -37.89 16.85 47.06
N LYS T 34 -37.25 15.75 47.45
CA LYS T 34 -37.64 15.02 48.65
C LYS T 34 -36.91 15.57 49.86
N LYS T 35 -37.60 15.61 50.99
CA LYS T 35 -37.02 16.10 52.23
C LYS T 35 -35.97 15.13 52.75
N ARG T 36 -34.94 15.68 53.40
CA ARG T 36 -33.94 14.89 54.10
C ARG T 36 -34.59 14.08 55.22
N THR T 37 -34.10 12.87 55.41
CA THR T 37 -34.70 11.93 56.34
C THR T 37 -34.45 12.34 57.79
N LYS T 38 -35.30 11.83 58.67
CA LYS T 38 -35.14 12.03 60.10
C LYS T 38 -34.32 10.93 60.76
N ARG T 39 -33.91 9.92 60.00
CA ARG T 39 -33.08 8.86 60.55
C ARG T 39 -31.65 9.35 60.75
N LEU T 40 -31.11 9.11 61.93
CA LEU T 40 -29.78 9.56 62.29
C LEU T 40 -28.78 8.47 61.95
N VAL T 41 -27.79 8.80 61.12
CA VAL T 41 -26.76 7.88 60.70
C VAL T 41 -25.40 8.41 61.14
N VAL T 42 -24.54 7.52 61.63
CA VAL T 42 -23.27 7.88 62.25
C VAL T 42 -22.23 8.12 61.16
N PHE T 43 -21.57 9.27 61.21
CA PHE T 43 -20.46 9.60 60.34
C PHE T 43 -19.17 9.66 61.15
N ASP T 44 -18.13 9.02 60.65
CA ASP T 44 -16.82 9.11 61.27
C ASP T 44 -16.09 10.34 60.76
N ALA T 45 -15.33 10.98 61.65
CA ALA T 45 -14.66 12.24 61.34
C ALA T 45 -13.27 12.04 60.77
N ARG T 46 -12.90 10.82 60.42
CA ARG T 46 -11.59 10.56 59.81
C ARG T 46 -11.54 11.06 58.38
N MET U 1 33.37 -7.49 -34.01
CA MET U 1 32.61 -7.27 -32.78
C MET U 1 31.70 -8.47 -32.55
N ASP U 2 30.91 -8.82 -33.56
CA ASP U 2 30.00 -9.96 -33.46
C ASP U 2 30.76 -11.27 -33.43
N ASP U 3 31.85 -11.37 -34.20
CA ASP U 3 32.62 -12.61 -34.28
C ASP U 3 33.35 -12.90 -32.97
N GLU U 4 34.00 -11.88 -32.39
CA GLU U 4 34.75 -12.08 -31.15
C GLU U 4 33.83 -12.38 -29.98
N ALA U 5 32.72 -11.64 -29.86
CA ALA U 5 31.75 -11.89 -28.79
C ALA U 5 31.07 -13.24 -28.97
N GLU U 6 30.79 -13.63 -30.22
CA GLU U 6 30.19 -14.93 -30.48
C GLU U 6 31.15 -16.07 -30.14
N THR U 7 32.44 -15.90 -30.46
CA THR U 7 33.44 -16.90 -30.09
C THR U 7 33.60 -16.99 -28.58
N TYR U 8 33.58 -15.84 -27.89
CA TYR U 8 33.70 -15.81 -26.44
C TYR U 8 32.51 -16.50 -25.77
N LYS U 9 31.29 -16.19 -26.23
CA LYS U 9 30.12 -16.81 -25.62
C LYS U 9 30.01 -18.29 -26.00
N LEU U 10 30.50 -18.69 -27.18
CA LEU U 10 30.52 -20.10 -27.54
C LEU U 10 31.51 -20.87 -26.68
N TRP U 11 32.68 -20.28 -26.42
CA TRP U 11 33.66 -20.91 -25.54
C TRP U 11 33.15 -21.01 -24.11
N ARG U 12 32.47 -19.97 -23.62
CA ARG U 12 31.89 -20.00 -22.28
C ARG U 12 30.78 -21.04 -22.18
N ILE U 13 29.93 -21.14 -23.20
CA ILE U 13 28.86 -22.12 -23.22
C ILE U 13 29.42 -23.53 -23.29
N ARG U 14 30.47 -23.75 -24.10
CA ARG U 14 31.11 -25.05 -24.18
C ARG U 14 31.78 -25.44 -22.87
N LYS U 15 32.40 -24.47 -22.18
CA LYS U 15 32.99 -24.74 -20.88
C LYS U 15 31.93 -25.08 -19.84
N THR U 16 30.79 -24.38 -19.88
CA THR U 16 29.68 -24.67 -18.96
C THR U 16 29.09 -26.05 -19.23
N ILE U 17 28.96 -26.43 -20.50
CA ILE U 17 28.46 -27.75 -20.88
C ILE U 17 29.44 -28.85 -20.44
N MET U 18 30.74 -28.59 -20.59
CA MET U 18 31.74 -29.58 -20.19
C MET U 18 31.78 -29.73 -18.67
N GLN U 19 31.60 -28.64 -17.93
CA GLN U 19 31.51 -28.72 -16.48
C GLN U 19 30.23 -29.41 -16.04
N LEU U 20 29.13 -29.22 -16.78
CA LEU U 20 27.89 -29.94 -16.51
C LEU U 20 28.06 -31.44 -16.73
N SER U 21 28.76 -31.81 -17.80
CA SER U 21 29.05 -33.22 -18.04
C SER U 21 29.98 -33.81 -16.99
N HIS U 22 30.95 -33.01 -16.52
CA HIS U 22 31.82 -33.45 -15.43
C HIS U 22 31.06 -33.61 -14.12
N ASP U 23 30.06 -32.76 -13.89
CA ASP U 23 29.26 -32.84 -12.67
C ASP U 23 28.25 -33.97 -12.70
N ARG U 24 27.97 -34.54 -13.87
CA ARG U 24 27.00 -35.63 -13.99
C ARG U 24 27.67 -37.00 -13.99
N GLY U 25 28.97 -37.07 -13.71
CA GLY U 25 29.65 -38.35 -13.65
C GLY U 25 30.12 -38.90 -14.97
N TYR U 26 30.18 -38.08 -16.01
CA TYR U 26 30.58 -38.55 -17.33
C TYR U 26 32.10 -38.45 -17.50
N LEU U 27 32.61 -39.17 -18.50
CA LEU U 27 34.06 -39.22 -18.75
C LEU U 27 34.51 -37.90 -19.36
N VAL U 28 35.09 -37.05 -18.52
CA VAL U 28 35.47 -35.69 -18.90
C VAL U 28 36.95 -35.51 -18.59
N THR U 29 37.72 -35.12 -19.61
CA THR U 29 39.14 -34.89 -19.42
C THR U 29 39.39 -33.52 -18.79
N GLN U 30 40.60 -33.37 -18.24
CA GLN U 30 40.94 -32.13 -17.53
C GLN U 30 41.24 -30.97 -18.48
N ASP U 31 41.73 -31.26 -19.68
CA ASP U 31 42.08 -30.19 -20.61
C ASP U 31 40.86 -29.53 -21.21
N GLU U 32 39.75 -30.28 -21.32
CA GLU U 32 38.51 -29.69 -21.80
C GLU U 32 37.85 -28.82 -20.73
N LEU U 33 38.05 -29.17 -19.46
CA LEU U 33 37.62 -28.30 -18.37
C LEU U 33 38.47 -27.03 -18.32
N ASP U 34 39.76 -27.15 -18.62
CA ASP U 34 40.69 -26.03 -18.58
C ASP U 34 40.99 -25.47 -19.97
N GLN U 35 40.05 -25.60 -20.90
CA GLN U 35 40.23 -25.07 -22.24
C GLN U 35 40.07 -23.56 -22.22
N THR U 36 41.12 -22.84 -22.60
CA THR U 36 41.09 -21.39 -22.61
C THR U 36 40.39 -20.88 -23.86
N LEU U 37 40.21 -19.56 -23.92
CA LEU U 37 39.63 -18.95 -25.11
C LEU U 37 40.57 -19.05 -26.30
N GLU U 38 41.87 -18.91 -26.07
CA GLU U 38 42.85 -19.08 -27.14
C GLU U 38 42.92 -20.54 -27.59
N GLN U 39 42.76 -21.47 -26.65
CA GLN U 39 42.70 -22.89 -27.01
C GLN U 39 41.48 -23.20 -27.84
N PHE U 40 40.34 -22.57 -27.52
CA PHE U 40 39.13 -22.74 -28.32
C PHE U 40 39.28 -22.10 -29.68
N LYS U 41 40.01 -20.99 -29.76
CA LYS U 41 40.25 -20.34 -31.06
C LYS U 41 41.20 -21.16 -31.93
N GLU U 42 42.17 -21.82 -31.31
CA GLU U 42 43.09 -22.65 -32.08
C GLU U 42 42.44 -23.95 -32.51
N MET U 43 41.64 -24.57 -31.63
CA MET U 43 41.05 -25.86 -31.92
C MET U 43 39.89 -25.75 -32.92
N PHE U 44 39.03 -24.73 -32.75
CA PHE U 44 37.80 -24.65 -33.51
C PHE U 44 37.71 -23.45 -34.46
N GLY U 45 38.38 -22.35 -34.16
CA GLY U 45 38.30 -21.15 -34.96
C GLY U 45 37.83 -19.96 -34.13
N ASP U 46 37.84 -18.80 -34.79
CA ASP U 46 37.48 -17.56 -34.12
C ASP U 46 36.46 -16.71 -34.88
N LYS U 47 36.04 -17.13 -36.08
CA LYS U 47 35.10 -16.37 -36.91
C LYS U 47 33.85 -17.21 -37.10
N PRO U 48 32.85 -17.08 -36.22
CA PRO U 48 31.63 -17.89 -36.35
C PRO U 48 30.75 -17.49 -37.53
N SER U 49 30.98 -16.33 -38.15
CA SER U 49 30.22 -15.96 -39.35
C SER U 49 30.56 -16.87 -40.53
N GLU U 50 31.85 -17.05 -40.81
CA GLU U 50 32.25 -17.92 -41.91
C GLU U 50 32.57 -19.34 -41.44
N LYS U 51 31.66 -19.89 -40.62
CA LYS U 51 31.60 -21.32 -40.25
C LYS U 51 32.90 -21.85 -39.63
N ARG U 52 33.66 -20.99 -38.95
CA ARG U 52 34.90 -21.40 -38.28
C ARG U 52 34.90 -20.90 -36.84
N PRO U 53 34.30 -21.67 -35.91
CA PRO U 53 33.60 -22.95 -36.10
C PRO U 53 32.13 -22.79 -36.48
N ALA U 54 31.55 -23.80 -37.12
CA ALA U 54 30.13 -23.81 -37.38
C ALA U 54 29.37 -24.22 -36.13
N ARG U 55 28.06 -23.95 -36.13
CA ARG U 55 27.22 -24.32 -35.00
C ARG U 55 27.04 -25.84 -34.90
N SER U 56 26.97 -26.52 -36.04
CA SER U 56 26.94 -27.98 -36.05
C SER U 56 28.33 -28.59 -35.92
N ASP U 57 29.38 -27.79 -36.05
CA ASP U 57 30.75 -28.30 -35.97
C ASP U 57 31.16 -28.63 -34.54
N LEU U 58 30.53 -28.03 -33.54
CA LEU U 58 31.02 -28.08 -32.16
C LEU U 58 30.42 -29.22 -31.36
N ILE U 59 29.90 -30.24 -32.03
CA ILE U 59 28.99 -31.19 -31.39
C ILE U 59 29.75 -32.10 -30.44
N VAL U 60 29.27 -32.21 -29.21
CA VAL U 60 29.98 -32.85 -28.11
C VAL U 60 29.29 -34.18 -27.80
N LEU U 61 30.06 -35.25 -27.88
CA LEU U 61 29.65 -36.57 -27.43
C LEU U 61 30.50 -36.95 -26.24
N VAL U 62 29.87 -37.30 -25.13
CA VAL U 62 30.57 -37.63 -23.89
C VAL U 62 30.02 -38.98 -23.40
N ALA U 63 30.86 -39.74 -22.72
CA ALA U 63 30.51 -41.07 -22.26
C ALA U 63 30.53 -41.12 -20.74
N HIS U 64 29.87 -42.13 -20.18
CA HIS U 64 29.84 -42.33 -18.74
C HIS U 64 30.99 -43.22 -18.30
N ASN U 65 31.48 -42.97 -17.08
CA ASN U 65 32.63 -43.70 -16.55
C ASN U 65 32.29 -45.17 -16.30
N ASP U 66 31.20 -45.42 -15.58
CA ASP U 66 30.86 -46.80 -15.22
C ASP U 66 30.28 -47.57 -16.41
N ASP U 67 29.41 -46.94 -17.18
CA ASP U 67 28.74 -47.59 -18.31
C ASP U 67 29.14 -46.88 -19.60
N PRO U 68 30.07 -47.43 -20.38
CA PRO U 68 30.57 -46.69 -21.55
C PRO U 68 29.58 -46.58 -22.70
N THR U 69 28.55 -47.43 -22.74
CA THR U 69 27.52 -47.32 -23.77
C THR U 69 26.43 -46.32 -23.41
N ASP U 70 26.43 -45.79 -22.18
CA ASP U 70 25.55 -44.69 -21.81
C ASP U 70 26.29 -43.40 -22.10
N GLN U 71 25.81 -42.65 -23.10
CA GLN U 71 26.49 -41.47 -23.62
C GLN U 71 25.49 -40.32 -23.73
N MET U 72 26.04 -39.11 -23.84
CA MET U 72 25.25 -37.90 -24.04
C MET U 72 25.73 -37.14 -25.26
N PHE U 73 24.78 -36.71 -26.08
CA PHE U 73 25.03 -35.73 -27.13
C PHE U 73 24.69 -34.33 -26.64
N VAL U 74 25.42 -33.35 -27.15
CA VAL U 74 25.08 -31.93 -26.97
C VAL U 74 24.94 -31.32 -28.36
N PHE U 75 23.80 -30.70 -28.62
CA PHE U 75 23.46 -30.14 -29.92
C PHE U 75 23.38 -28.62 -29.82
N PHE U 76 23.97 -27.93 -30.80
CA PHE U 76 23.88 -26.48 -30.93
C PHE U 76 23.24 -26.14 -32.27
N PRO U 77 21.92 -25.99 -32.32
CA PRO U 77 21.29 -25.46 -33.53
C PRO U 77 21.60 -23.98 -33.71
N GLU U 78 21.58 -23.54 -34.97
CA GLU U 78 21.91 -22.16 -35.31
C GLU U 78 20.70 -21.25 -35.34
N GLU U 79 19.52 -21.79 -35.62
CA GLU U 79 18.30 -21.00 -35.73
C GLU U 79 17.80 -20.58 -34.34
N PRO U 80 17.12 -19.42 -34.24
CA PRO U 80 16.62 -19.00 -32.93
C PRO U 80 15.42 -19.81 -32.45
N LYS U 81 14.48 -20.13 -33.34
CA LYS U 81 13.26 -20.85 -32.99
C LYS U 81 13.36 -22.28 -33.48
N ILE U 82 13.08 -23.23 -32.59
CA ILE U 82 13.27 -24.65 -32.87
C ILE U 82 11.93 -25.27 -33.21
N GLY U 83 11.80 -25.77 -34.45
CA GLY U 83 10.63 -26.48 -34.86
C GLY U 83 10.75 -27.98 -34.65
N ILE U 84 9.70 -28.70 -35.04
CA ILE U 84 9.70 -30.15 -34.91
C ILE U 84 10.56 -30.80 -36.00
N LYS U 85 10.90 -30.06 -37.06
CA LYS U 85 11.71 -30.61 -38.14
C LYS U 85 13.14 -30.89 -37.68
N THR U 86 13.76 -29.94 -36.97
CA THR U 86 15.12 -30.15 -36.48
C THR U 86 15.15 -31.11 -35.29
N ILE U 87 14.07 -31.12 -34.50
CA ILE U 87 13.94 -32.12 -33.43
C ILE U 87 13.87 -33.52 -34.03
N LYS U 88 13.11 -33.68 -35.12
CA LYS U 88 13.03 -34.97 -35.81
C LYS U 88 14.34 -35.31 -36.50
N THR U 89 15.08 -34.31 -36.98
CA THR U 89 16.39 -34.56 -37.56
C THR U 89 17.37 -35.07 -36.50
N TYR U 90 17.36 -34.45 -35.32
CA TYR U 90 18.18 -34.93 -34.20
C TYR U 90 17.74 -36.31 -33.76
N CYS U 91 16.43 -36.58 -33.80
CA CYS U 91 15.92 -37.91 -33.45
C CYS U 91 16.36 -38.97 -34.44
N THR U 92 16.27 -38.69 -35.74
CA THR U 92 16.68 -39.64 -36.77
C THR U 92 18.19 -39.86 -36.75
N ARG U 93 18.96 -38.85 -36.33
CA ARG U 93 20.36 -39.09 -35.97
C ARG U 93 20.47 -39.94 -34.69
N MET U 94 19.47 -39.83 -33.80
CA MET U 94 19.61 -40.34 -32.44
C MET U 94 19.34 -41.84 -32.36
N GLN U 95 18.38 -42.37 -33.14
CA GLN U 95 18.18 -43.83 -33.09
C GLN U 95 19.31 -44.59 -33.76
N GLU U 96 19.90 -44.05 -34.82
CA GLU U 96 20.84 -44.81 -35.62
C GLU U 96 22.23 -44.92 -34.97
N GLU U 97 22.40 -44.36 -33.78
CA GLU U 97 23.63 -44.48 -33.02
C GLU U 97 23.42 -45.07 -31.62
N ASN U 98 22.17 -45.40 -31.27
CA ASN U 98 21.79 -46.29 -30.16
C ASN U 98 22.24 -45.74 -28.79
N ILE U 99 21.82 -44.50 -28.53
CA ILE U 99 22.18 -43.74 -27.34
C ILE U 99 20.89 -43.11 -26.80
N HIS U 100 20.78 -42.97 -25.48
CA HIS U 100 19.53 -42.55 -24.84
C HIS U 100 19.62 -41.20 -24.12
N ARG U 101 20.56 -40.32 -24.47
CA ARG U 101 20.68 -39.07 -23.74
C ARG U 101 21.27 -37.96 -24.61
N ALA U 102 20.58 -36.83 -24.68
CA ALA U 102 21.06 -35.69 -25.45
C ALA U 102 20.45 -34.41 -24.88
N ILE U 103 21.17 -33.31 -25.09
CA ILE U 103 20.77 -31.98 -24.64
C ILE U 103 20.90 -31.03 -25.81
N VAL U 104 19.81 -30.35 -26.17
CA VAL U 104 19.82 -29.37 -27.25
C VAL U 104 19.80 -27.98 -26.63
N VAL U 105 20.77 -27.14 -27.00
CA VAL U 105 20.89 -25.80 -26.46
C VAL U 105 20.22 -24.85 -27.44
N VAL U 106 19.03 -24.35 -27.07
CA VAL U 106 18.32 -23.43 -27.94
C VAL U 106 18.86 -22.01 -27.73
N GLN U 107 18.67 -21.17 -28.75
CA GLN U 107 19.12 -19.79 -28.71
C GLN U 107 18.02 -18.81 -28.31
N GLY U 108 16.96 -18.72 -29.10
CA GLY U 108 15.90 -17.78 -28.83
C GLY U 108 14.65 -18.38 -28.21
N GLY U 109 14.18 -19.48 -28.78
CA GLY U 109 12.96 -20.11 -28.31
C GLY U 109 12.82 -21.50 -28.91
N MET U 110 11.79 -22.20 -28.44
CA MET U 110 11.61 -23.61 -28.79
C MET U 110 10.14 -23.94 -28.54
N THR U 111 9.44 -24.35 -29.60
CA THR U 111 7.99 -24.17 -29.71
C THR U 111 7.21 -25.09 -28.76
N PRO U 112 5.99 -24.68 -28.37
CA PRO U 112 5.13 -25.56 -27.55
C PRO U 112 4.72 -26.85 -28.24
N SER U 113 4.61 -26.86 -29.57
CA SER U 113 4.40 -28.11 -30.28
C SER U 113 5.59 -29.03 -30.12
N ALA U 114 6.80 -28.47 -30.20
CA ALA U 114 7.99 -29.27 -29.90
C ALA U 114 8.13 -29.54 -28.40
N LYS U 115 7.54 -28.71 -27.54
CA LYS U 115 7.46 -29.06 -26.12
C LYS U 115 6.65 -30.34 -25.92
N GLN U 116 5.49 -30.42 -26.57
CA GLN U 116 4.68 -31.64 -26.49
C GLN U 116 5.36 -32.82 -27.15
N SER U 117 6.15 -32.57 -28.21
CA SER U 117 6.94 -33.61 -28.83
C SER U 117 7.98 -34.17 -27.86
N LEU U 118 8.70 -33.29 -27.16
CA LEU U 118 9.68 -33.73 -26.17
C LEU U 118 9.02 -34.37 -24.95
N VAL U 119 7.77 -34.00 -24.66
CA VAL U 119 7.03 -34.66 -23.59
C VAL U 119 6.70 -36.10 -23.99
N ASP U 120 6.19 -36.31 -25.20
CA ASP U 120 5.74 -37.66 -25.52
C ASP U 120 6.80 -38.51 -26.24
N MET U 121 8.04 -38.04 -26.38
CA MET U 121 9.13 -38.94 -26.70
C MET U 121 10.00 -39.27 -25.49
N ALA U 122 9.58 -38.84 -24.29
CA ALA U 122 10.45 -38.91 -23.11
C ALA U 122 10.79 -40.32 -22.63
N PRO U 123 9.85 -41.29 -22.44
CA PRO U 123 10.31 -42.58 -21.89
C PRO U 123 10.81 -43.56 -22.94
N LYS U 124 11.55 -43.07 -23.94
CA LYS U 124 12.43 -43.93 -24.73
C LYS U 124 13.81 -43.31 -24.78
N TYR U 125 13.84 -41.99 -25.00
CA TYR U 125 15.06 -41.19 -25.09
C TYR U 125 14.86 -39.91 -24.29
N ILE U 126 15.90 -39.50 -23.57
CA ILE U 126 15.86 -38.27 -22.80
C ILE U 126 16.46 -37.16 -23.64
N LEU U 127 15.66 -36.14 -23.94
CA LEU U 127 16.06 -35.01 -24.79
C LEU U 127 15.76 -33.72 -24.03
N GLU U 128 16.71 -33.30 -23.21
CA GLU U 128 16.55 -32.06 -22.45
C GLU U 128 16.87 -30.85 -23.33
N GLN U 129 16.34 -29.71 -22.92
CA GLN U 129 16.57 -28.46 -23.63
C GLN U 129 17.10 -27.41 -22.66
N PHE U 130 17.86 -26.46 -23.20
CA PHE U 130 18.48 -25.43 -22.39
C PHE U 130 18.57 -24.14 -23.17
N LEU U 131 18.43 -23.02 -22.46
CA LEU U 131 18.57 -21.70 -23.07
C LEU U 131 20.04 -21.27 -23.05
N GLU U 132 20.44 -20.52 -24.08
CA GLU U 132 21.80 -20.03 -24.17
C GLU U 132 22.13 -19.02 -23.07
N SER U 133 21.14 -18.25 -22.63
CA SER U 133 21.38 -17.28 -21.56
C SER U 133 21.56 -17.97 -20.22
N GLU U 134 20.91 -19.12 -20.01
CA GLU U 134 21.05 -19.84 -18.75
C GLU U 134 22.39 -20.55 -18.64
N LEU U 135 23.07 -20.79 -19.76
CA LEU U 135 24.32 -21.54 -19.75
C LEU U 135 25.55 -20.63 -19.82
N LEU U 136 25.38 -19.33 -19.61
CA LEU U 136 26.52 -18.45 -19.51
C LEU U 136 27.05 -18.32 -18.08
N ILE U 137 26.33 -18.88 -17.10
CA ILE U 137 26.71 -18.83 -15.71
C ILE U 137 26.60 -20.23 -15.13
N ASN U 138 27.69 -20.71 -14.52
CA ASN U 138 27.65 -21.98 -13.80
C ASN U 138 26.83 -21.80 -12.53
N ILE U 139 25.77 -22.61 -12.39
CA ILE U 139 24.86 -22.48 -11.26
C ILE U 139 25.53 -22.93 -9.97
N THR U 140 26.22 -24.07 -10.01
CA THR U 140 26.82 -24.65 -8.82
C THR U 140 28.04 -23.88 -8.31
N GLU U 141 28.59 -22.96 -9.10
CA GLU U 141 29.74 -22.17 -8.68
C GLU U 141 29.35 -20.90 -7.92
N HIS U 142 28.06 -20.63 -7.78
CA HIS U 142 27.62 -19.45 -7.03
C HIS U 142 27.78 -19.68 -5.53
N GLU U 143 28.03 -18.58 -4.81
CA GLU U 143 28.24 -18.67 -3.37
C GLU U 143 26.94 -18.94 -2.60
N LEU U 144 25.78 -18.71 -3.22
CA LEU U 144 24.51 -18.98 -2.58
C LEU U 144 24.02 -20.40 -2.81
N VAL U 145 24.68 -21.16 -3.69
CA VAL U 145 24.27 -22.52 -4.04
C VAL U 145 25.19 -23.49 -3.30
N PRO U 146 24.66 -24.31 -2.40
CA PRO U 146 25.51 -25.30 -1.70
C PRO U 146 25.81 -26.52 -2.56
N GLU U 147 26.43 -27.54 -1.97
CA GLU U 147 26.79 -28.73 -2.72
C GLU U 147 25.57 -29.63 -2.91
N HIS U 148 25.32 -30.02 -4.15
CA HIS U 148 24.26 -30.95 -4.50
C HIS U 148 24.87 -32.24 -5.04
N VAL U 149 24.44 -33.38 -4.50
CA VAL U 149 24.95 -34.69 -4.88
C VAL U 149 23.76 -35.55 -5.28
N VAL U 150 23.81 -36.11 -6.50
CA VAL U 150 22.81 -37.07 -6.92
C VAL U 150 23.05 -38.38 -6.19
N MET U 151 21.97 -39.02 -5.74
CA MET U 151 22.05 -40.17 -4.86
C MET U 151 21.30 -41.35 -5.47
N THR U 152 21.89 -42.54 -5.34
CA THR U 152 21.36 -43.74 -5.96
C THR U 152 20.17 -44.29 -5.17
N VAL U 153 19.59 -45.38 -5.68
CA VAL U 153 18.38 -45.93 -5.07
C VAL U 153 18.71 -46.77 -3.84
N GLU U 154 19.91 -47.36 -3.77
CA GLU U 154 20.28 -48.14 -2.59
C GLU U 154 20.53 -47.25 -1.39
N GLU U 155 21.21 -46.13 -1.59
CA GLU U 155 21.39 -45.16 -0.52
C GLU U 155 20.09 -44.47 -0.16
N LYS U 156 19.18 -44.31 -1.13
CA LYS U 156 17.85 -43.80 -0.84
C LYS U 156 17.06 -44.77 0.03
N GLN U 157 17.16 -46.07 -0.26
CA GLN U 157 16.51 -47.08 0.58
C GLN U 157 17.12 -47.13 1.97
N GLU U 158 18.45 -46.94 2.07
CA GLU U 158 19.12 -46.87 3.36
C GLU U 158 18.66 -45.65 4.16
N LEU U 159 18.47 -44.52 3.48
CA LEU U 159 17.98 -43.30 4.13
C LEU U 159 16.54 -43.48 4.61
N LEU U 160 15.70 -44.14 3.80
CA LEU U 160 14.32 -44.39 4.22
C LEU U 160 14.25 -45.39 5.36
N SER U 161 15.15 -46.38 5.39
CA SER U 161 15.13 -47.37 6.46
C SER U 161 15.71 -46.82 7.75
N ARG U 162 16.71 -45.94 7.67
CA ARG U 162 17.38 -45.44 8.86
C ARG U 162 16.50 -44.47 9.62
N TYR U 163 15.88 -43.52 8.92
CA TYR U 163 15.12 -42.46 9.57
C TYR U 163 13.62 -42.74 9.60
N LYS U 164 13.20 -43.93 9.14
CA LYS U 164 11.80 -44.34 9.02
C LYS U 164 10.99 -43.35 8.18
N LEU U 165 11.59 -42.90 7.08
CA LEU U 165 11.01 -41.86 6.23
C LEU U 165 10.22 -42.49 5.09
N LYS U 166 9.17 -41.79 4.68
CA LYS U 166 8.43 -42.09 3.46
C LYS U 166 8.67 -40.99 2.45
N GLU U 167 8.44 -41.33 1.17
CA GLU U 167 8.82 -40.41 0.09
C GLU U 167 7.89 -39.21 -0.01
N ASN U 168 6.61 -39.36 0.37
CA ASN U 168 5.68 -38.25 0.28
C ASN U 168 5.91 -37.22 1.38
N MET U 169 6.48 -37.63 2.51
CA MET U 169 6.74 -36.74 3.63
C MET U 169 8.20 -36.28 3.68
N LEU U 170 8.92 -36.39 2.57
CA LEU U 170 10.27 -35.85 2.45
C LEU U 170 10.22 -34.36 2.12
N MET U 171 11.37 -33.71 2.23
CA MET U 171 11.55 -32.38 1.67
C MET U 171 11.53 -32.47 0.15
N ARG U 172 10.96 -31.46 -0.49
CA ARG U 172 10.72 -31.51 -1.92
C ARG U 172 11.56 -30.47 -2.65
N ILE U 173 11.81 -30.76 -3.93
CA ILE U 173 12.37 -29.80 -4.88
C ILE U 173 11.64 -30.01 -6.21
N GLN U 174 11.28 -28.91 -6.87
CA GLN U 174 10.60 -29.01 -8.15
C GLN U 174 11.54 -29.51 -9.24
N ALA U 175 10.97 -30.20 -10.23
CA ALA U 175 11.75 -30.72 -11.35
C ALA U 175 12.20 -29.62 -12.29
N GLY U 176 11.53 -28.46 -12.28
CA GLY U 176 11.90 -27.31 -13.07
C GLY U 176 12.94 -26.41 -12.42
N ASP U 177 13.53 -26.84 -11.30
CA ASP U 177 14.59 -26.08 -10.67
C ASP U 177 15.83 -26.08 -11.56
N PRO U 178 16.55 -24.95 -11.65
CA PRO U 178 17.80 -24.92 -12.43
C PRO U 178 18.88 -25.85 -11.91
N VAL U 179 18.91 -26.12 -10.60
CA VAL U 179 19.85 -27.10 -10.06
C VAL U 179 19.49 -28.51 -10.53
N ALA U 180 18.20 -28.84 -10.50
CA ALA U 180 17.75 -30.15 -10.97
C ALA U 180 17.92 -30.31 -12.47
N ARG U 181 17.77 -29.22 -13.23
CA ARG U 181 18.03 -29.26 -14.66
C ARG U 181 19.53 -29.37 -14.94
N TYR U 182 20.36 -28.78 -14.07
CA TYR U 182 21.82 -28.89 -14.23
C TYR U 182 22.29 -30.32 -14.05
N PHE U 183 21.74 -31.03 -13.07
CA PHE U 183 22.10 -32.43 -12.84
C PHE U 183 21.23 -33.40 -13.61
N GLY U 184 20.19 -32.92 -14.29
CA GLY U 184 19.28 -33.79 -15.02
C GLY U 184 18.46 -34.70 -14.13
N LEU U 185 17.97 -34.18 -13.01
CA LEU U 185 17.23 -35.00 -12.05
C LEU U 185 15.82 -35.25 -12.55
N LYS U 186 15.40 -36.52 -12.47
CA LYS U 186 14.06 -36.93 -12.84
C LYS U 186 13.21 -37.10 -11.59
N ARG U 187 11.90 -37.27 -11.80
CA ARG U 187 10.97 -37.35 -10.68
C ARG U 187 11.11 -38.69 -9.96
N GLY U 188 11.25 -38.62 -8.64
CA GLY U 188 11.47 -39.79 -7.81
C GLY U 188 12.86 -39.88 -7.24
N GLN U 189 13.83 -39.19 -7.84
CA GLN U 189 15.18 -39.15 -7.30
C GLN U 189 15.24 -38.25 -6.07
N VAL U 190 16.25 -38.51 -5.23
CA VAL U 190 16.49 -37.71 -4.03
C VAL U 190 17.90 -37.15 -4.11
N VAL U 191 18.02 -35.83 -4.01
CA VAL U 191 19.30 -35.14 -4.05
C VAL U 191 19.73 -34.82 -2.62
N LYS U 192 21.03 -34.93 -2.36
CA LYS U 192 21.59 -34.63 -1.05
C LYS U 192 22.25 -33.26 -1.09
N ILE U 193 21.88 -32.39 -0.17
CA ILE U 193 22.38 -31.03 -0.10
C ILE U 193 23.30 -30.93 1.11
N ILE U 194 24.56 -30.55 0.86
CA ILE U 194 25.53 -30.29 1.90
C ILE U 194 25.81 -28.79 1.90
N ARG U 195 25.56 -28.15 3.03
CA ARG U 195 25.67 -26.70 3.15
C ARG U 195 26.46 -26.35 4.41
N SER U 196 26.96 -25.11 4.43
CA SER U 196 27.70 -24.61 5.58
C SER U 196 26.74 -24.05 6.62
N SER U 197 26.91 -24.48 7.88
CA SER U 197 26.06 -24.07 8.98
C SER U 197 26.91 -23.30 9.98
N GLU U 198 26.40 -22.14 10.42
CA GLU U 198 27.12 -21.30 11.37
C GLU U 198 26.98 -21.77 12.80
N THR U 199 26.13 -22.76 13.08
CA THR U 199 25.96 -23.28 14.42
C THR U 199 26.46 -24.71 14.58
N ALA U 200 26.74 -25.41 13.48
CA ALA U 200 27.23 -26.78 13.58
C ALA U 200 28.35 -27.10 12.58
N GLY U 201 28.83 -26.12 11.82
CA GLY U 201 29.85 -26.40 10.82
C GLY U 201 29.26 -26.71 9.46
N ARG U 202 28.65 -27.89 9.32
CA ARG U 202 28.00 -28.25 8.07
C ARG U 202 26.72 -29.03 8.36
N TYR U 203 25.82 -29.01 7.38
CA TYR U 203 24.53 -29.67 7.50
C TYR U 203 24.21 -30.40 6.20
N ILE U 204 23.57 -31.57 6.33
CA ILE U 204 23.18 -32.39 5.20
C ILE U 204 21.67 -32.57 5.25
N SER U 205 21.00 -32.21 4.16
CA SER U 205 19.56 -32.40 3.99
C SER U 205 19.32 -33.23 2.73
N TYR U 206 18.08 -33.69 2.58
CA TYR U 206 17.68 -34.52 1.45
C TYR U 206 16.40 -33.98 0.86
N ARG U 207 16.38 -33.79 -0.47
CA ARG U 207 15.24 -33.24 -1.17
C ARG U 207 14.74 -34.23 -2.21
N LEU U 208 13.42 -34.30 -2.38
CA LEU U 208 12.79 -35.18 -3.35
C LEU U 208 12.42 -34.40 -4.60
N VAL U 209 12.87 -34.89 -5.75
CA VAL U 209 12.58 -34.25 -7.03
C VAL U 209 11.15 -34.58 -7.43
N CYS U 210 10.34 -33.55 -7.65
CA CYS U 210 8.94 -33.72 -8.03
C CYS U 210 8.56 -32.82 -9.20
#